data_5D0F
#
_entry.id   5D0F
#
_cell.length_a   158.070
_cell.length_b   202.010
_cell.length_c   135.240
_cell.angle_alpha   90.00
_cell.angle_beta   101.32
_cell.angle_gamma   90.00
#
_symmetry.space_group_name_H-M   'C 1 2 1'
#
loop_
_entity.id
_entity.type
_entity.pdbx_description
1 polymer 'Uncharacterized protein'
2 branched alpha-D-glucopyranose-(1-4)-alpha-D-glucopyranose-(1-4)-alpha-D-glucopyranose-(1-4)-alpha-D-glucopyranose
3 branched alpha-D-glucopyranose-(1-4)-alpha-D-glucopyranose-(1-4)-alpha-D-glucopyranose-(1-4)-alpha-D-glucopyranose-(1-4)-alpha-D-glucopyranose
4 branched alpha-D-glucopyranose-(1-4)-alpha-D-glucopyranose-(1-4)-alpha-D-glucopyranose
#
_entity_poly.entity_id   1
_entity_poly.type   'polypeptide(L)'
_entity_poly.pdbx_seq_one_letter_code
;MSAHRTLLLRLSDSGEPVTSCSYGQGVLTLPSLPLPQGKKLGDMPVYTVKLAIPAGSPVTRDGLIWTNCPPDFSTQFDRE
KFYKKIIKTSFHEDDHIDLDIYVPGTYCFYLSFKNDKDELETTRKFYFVVLPILSVNDKFIPLNSIAMQSVVSKWMGPTI
KDWEKVFARVASKKYNMIHFTPLQHRGESNSPYSIYDQLEFDPTVFKSEKEVADMVERLRTEHNILSLTDIVFNHTANNS
QWLLDHPEAGYNHKTSPHLISAIELDKKLLDFSEQMEALGYPVDLKTVDDLIKVMDGIKEHVIGELKLWEFYVVDVKQTV
SELREKWGNSKSWSDDNIPSKDDSTNLAQFVRDNATEPGFGSLGERGSNKINIDKFAAILKKLHSEDYNNGIEELATKIL
NDINLPFYKEYDDDINEVLEQLFNRIKYLRIDDHGPKQGPITKKLPLSEPYFTRFKAKDGEEYALANNGWIWDGNPLVDF
ASSQSKAYLRREVIVWGDCVKLRYGKGPSDSPYLWERMSKYVEMNARIFNGFRIDNCHSTPLHVGQYFLDVARRVNPNLY
VVAQLFSGSEAMDCLFVERLGISSLIREAMQAWSEEELSRLVHRHGGRPIGSYKFVPLDDFPYPADVKIDEEYCAYNPDD
HSVKCVSEIMIPKTLTATPPHALFMDCTHDNETPNQKRTVEDTLPNAALVAFCSSAIGSVYGYDEVFPQLLDLVQEKRTY
SCAENTGISKVKTLLNNMREEIASEAVDIEDSEMHVHHDGQYITFHRTNAKNGKGWYLVARTKFHSSGDQMLPRIKLSQT
KATFKAAFSLERTGDAPISDEIIEGIPTKLRELTGFDIGFDENTKETSILLPQDFPQGSIVIFETQQLGIDDSLDHFIRS
GAIKATEKLSLESINYVLYRAEQEEYDYSEGRSGAYDIPDYGKPVYCGLQGWVSILRKIIFYNDLAHPLSNNLRNGHWAV
DYVVNRLDLYKDKEGVAEVQEWLRSRMERIKQLPSYLVPSFFALVVGIMYGCCRLRAMQLMSDNVGKSTVFVQSLAMTSI
QMVSAMKSTSILPDQNIAAMAAGLPHFSTNYMRCWGRDVFISLRGLLLTTGRYEEAKEHILAFAKTLKHGLIPNLLDAGR
NPRYNARDAAWFFVQAIQDYVTIVPGGVSLLQEKVTRRFPLDDEYIPYDDPKAFSYSSTIEEIIYEILNRHAGGIKYREA
NAGPNLDRVMKDEGFNVEVNVDWETGLIHGGSQFNCGTWMDKMGESEKANSVGVPGTPRDGAAVEINGLLKSCLRFVLQL
SKDGKFKYTEVTKPDGSKISLSSWNDLLQENFERCFYVPKNKEDDNKFEIDATIINRRGIYKDLYRSGKPYEDYQFRPNF
TIAMVVAPELFTPDYAAGAIELADQVLRGPVGMRTLDPSDYNYRPYYNNGEDSDDFATSKGRNYHQGPEWVWCYGYFIRA
YHYFNFLTNPKCQVEGSAKKLKPSSYLYRKLYSRLLKHREWIENSPWAGLAELTNKDGEVCNDSSPTQAWSTGCLLDLFY
DLWISYEE
;
_entity_poly.pdbx_strand_id   A,B
#
# COMPACT_ATOMS: atom_id res chain seq x y z
N ALA A 3 30.91 -0.07 -32.50
CA ALA A 3 30.99 -1.54 -32.22
C ALA A 3 30.84 -1.82 -30.73
N HIS A 4 30.89 -3.11 -30.38
CA HIS A 4 30.34 -3.65 -29.14
C HIS A 4 30.85 -3.01 -27.81
N ARG A 5 30.01 -2.24 -27.10
CA ARG A 5 30.42 -1.51 -25.91
C ARG A 5 29.51 -1.62 -24.69
N THR A 6 29.10 -2.86 -24.47
CA THR A 6 28.20 -3.20 -23.41
C THR A 6 28.87 -4.12 -22.43
N LEU A 7 28.46 -3.97 -21.19
CA LEU A 7 28.80 -4.96 -20.22
C LEU A 7 27.63 -5.22 -19.31
N LEU A 8 27.66 -6.38 -18.66
CA LEU A 8 26.55 -7.07 -18.07
C LEU A 8 26.68 -7.08 -16.56
N LEU A 9 25.73 -6.42 -15.91
CA LEU A 9 25.70 -6.36 -14.45
C LEU A 9 24.59 -7.24 -13.92
N ARG A 10 24.83 -8.51 -13.62
CA ARG A 10 23.83 -9.33 -12.96
C ARG A 10 23.42 -8.81 -11.63
N LEU A 11 22.11 -8.60 -11.42
CA LEU A 11 21.53 -8.42 -10.07
C LEU A 11 21.10 -9.76 -9.45
N SER A 12 21.11 -9.81 -8.13
CA SER A 12 20.53 -10.91 -7.39
C SER A 12 19.02 -10.74 -7.24
N ASP A 13 18.41 -11.78 -6.69
CA ASP A 13 17.09 -11.69 -6.08
C ASP A 13 16.74 -10.42 -5.29
N SER A 14 17.67 -9.82 -4.57
CA SER A 14 17.31 -8.63 -3.81
C SER A 14 17.66 -7.37 -4.58
N GLY A 15 18.07 -7.53 -5.82
CA GLY A 15 18.47 -6.39 -6.67
C GLY A 15 19.85 -5.83 -6.40
N GLU A 16 20.65 -6.61 -5.65
CA GLU A 16 22.04 -6.29 -5.33
C GLU A 16 22.85 -6.75 -6.50
N PRO A 17 23.93 -6.03 -6.80
CA PRO A 17 24.86 -6.52 -7.84
C PRO A 17 25.59 -7.81 -7.44
N VAL A 18 26.08 -8.51 -8.45
CA VAL A 18 26.65 -9.82 -8.27
C VAL A 18 28.09 -9.72 -8.77
N THR A 19 29.05 -10.09 -7.92
CA THR A 19 30.49 -10.01 -8.31
C THR A 19 30.91 -11.30 -8.99
N SER A 20 31.66 -11.15 -10.08
CA SER A 20 32.02 -12.29 -10.90
C SER A 20 33.29 -12.93 -10.39
N CYS A 21 34.14 -12.08 -9.79
CA CYS A 21 35.46 -12.46 -9.20
C CYS A 21 35.64 -11.71 -7.95
N SER A 22 36.31 -12.35 -6.98
CA SER A 22 36.82 -11.63 -5.81
C SER A 22 38.09 -10.94 -6.19
N TYR A 23 38.05 -9.64 -6.36
CA TYR A 23 39.23 -8.82 -6.49
C TYR A 23 39.31 -8.01 -5.19
N GLY A 24 38.44 -8.31 -4.22
CA GLY A 24 38.41 -7.56 -2.97
C GLY A 24 37.80 -6.17 -3.05
N GLN A 25 37.70 -5.52 -1.90
CA GLN A 25 36.84 -4.35 -1.67
C GLN A 25 36.92 -3.27 -2.74
N GLY A 26 35.87 -3.14 -3.57
CA GLY A 26 35.95 -2.39 -4.82
C GLY A 26 34.75 -1.50 -5.13
N VAL A 27 34.47 -1.28 -6.40
CA VAL A 27 33.72 -0.12 -6.88
C VAL A 27 33.42 -0.50 -8.33
N LEU A 28 32.27 -0.15 -8.94
CA LEU A 28 31.97 -0.66 -10.28
C LEU A 28 32.41 0.38 -11.27
N THR A 29 33.61 0.20 -11.79
CA THR A 29 34.18 1.15 -12.66
C THR A 29 34.14 0.48 -14.00
N LEU A 30 33.80 1.26 -14.99
CA LEU A 30 33.80 0.77 -16.34
C LEU A 30 35.12 1.03 -17.02
N PRO A 31 35.55 0.08 -17.89
CA PRO A 31 36.75 0.08 -18.71
C PRO A 31 37.19 1.46 -19.14
N SER A 32 38.50 1.74 -19.09
CA SER A 32 38.99 3.03 -19.51
C SER A 32 39.54 2.74 -20.84
N LEU A 33 38.72 2.97 -21.86
CA LEU A 33 39.11 2.84 -23.26
C LEU A 33 38.92 4.16 -23.88
N PRO A 34 39.41 4.35 -25.09
CA PRO A 34 38.99 5.57 -25.74
C PRO A 34 37.67 5.34 -26.48
N LEU A 35 37.12 6.41 -27.05
CA LEU A 35 35.88 6.27 -27.79
C LEU A 35 36.26 5.66 -29.12
N PRO A 36 35.32 4.98 -29.79
CA PRO A 36 35.69 4.29 -31.02
C PRO A 36 36.05 5.24 -32.12
N GLN A 37 36.70 4.72 -33.15
CA GLN A 37 37.44 5.56 -34.05
C GLN A 37 36.48 6.55 -34.63
N GLY A 38 36.85 7.82 -34.56
CA GLY A 38 36.08 8.90 -35.15
C GLY A 38 35.06 9.55 -34.21
N LYS A 39 34.28 8.72 -33.50
CA LYS A 39 33.10 9.18 -32.74
C LYS A 39 33.51 10.17 -31.67
N LYS A 40 32.79 11.30 -31.59
CA LYS A 40 32.99 12.29 -30.52
C LYS A 40 31.90 12.07 -29.51
N LEU A 41 32.02 12.74 -28.38
CA LEU A 41 31.17 12.44 -27.23
C LEU A 41 29.75 12.83 -27.56
N GLY A 42 28.83 11.88 -27.34
CA GLY A 42 27.41 12.16 -27.56
C GLY A 42 26.84 11.69 -28.86
N ASP A 43 27.69 11.41 -29.84
CA ASP A 43 27.28 10.60 -30.98
C ASP A 43 26.65 9.27 -30.55
N MET A 44 27.05 8.73 -29.40
CA MET A 44 26.63 7.40 -29.08
C MET A 44 26.88 7.06 -27.63
N PRO A 45 26.22 6.00 -27.17
CA PRO A 45 26.57 5.52 -25.85
C PRO A 45 28.06 5.19 -25.72
N VAL A 46 28.62 5.65 -24.62
CA VAL A 46 29.98 5.40 -24.27
C VAL A 46 30.00 3.98 -23.81
N TYR A 47 29.27 3.67 -22.76
CA TYR A 47 28.92 2.28 -22.53
C TYR A 47 27.45 2.16 -22.20
N THR A 48 27.09 0.90 -22.11
CA THR A 48 25.79 0.47 -21.84
C THR A 48 25.89 -0.63 -20.84
N VAL A 49 25.32 -0.39 -19.66
CA VAL A 49 25.30 -1.40 -18.62
C VAL A 49 23.99 -2.18 -18.77
N LYS A 50 24.03 -3.46 -19.12
CA LYS A 50 22.86 -4.34 -19.09
C LYS A 50 22.64 -4.82 -17.70
N LEU A 51 21.51 -4.46 -17.10
CA LEU A 51 21.09 -5.08 -15.83
C LEU A 51 20.42 -6.41 -16.13
N ALA A 52 20.64 -7.44 -15.35
CA ALA A 52 19.97 -8.71 -15.60
C ALA A 52 19.29 -9.16 -14.35
N ILE A 53 17.93 -9.02 -14.35
CA ILE A 53 17.11 -9.33 -13.18
C ILE A 53 16.55 -10.72 -13.22
N PRO A 54 16.74 -11.49 -12.13
CA PRO A 54 16.38 -12.93 -12.24
C PRO A 54 14.89 -13.17 -12.17
N ALA A 55 14.44 -14.25 -12.78
CA ALA A 55 13.03 -14.39 -13.12
C ALA A 55 12.15 -14.89 -12.01
N GLY A 56 11.23 -14.09 -11.47
CA GLY A 56 10.41 -14.55 -10.36
C GLY A 56 10.93 -14.11 -9.00
N SER A 57 12.10 -13.49 -9.04
CA SER A 57 12.61 -12.85 -7.86
C SER A 57 11.54 -11.86 -7.29
N PRO A 58 11.42 -11.82 -5.98
CA PRO A 58 10.61 -10.86 -5.30
C PRO A 58 10.66 -9.43 -5.87
N VAL A 59 11.76 -9.10 -6.48
CA VAL A 59 12.04 -7.73 -6.83
C VAL A 59 11.39 -7.36 -8.14
N THR A 60 10.89 -8.39 -8.83
CA THR A 60 10.10 -8.26 -10.03
C THR A 60 8.59 -8.23 -9.85
N ARG A 61 8.13 -8.03 -8.64
CA ARG A 61 6.72 -7.97 -8.34
C ARG A 61 6.34 -6.49 -8.32
N ASP A 62 5.75 -6.00 -9.39
CA ASP A 62 5.53 -4.54 -9.56
C ASP A 62 6.88 -3.92 -9.49
N GLY A 63 7.79 -4.55 -10.22
CA GLY A 63 9.19 -4.17 -10.22
C GLY A 63 9.43 -2.95 -11.06
N LEU A 64 10.50 -2.25 -10.72
CA LEU A 64 10.85 -1.00 -11.37
C LEU A 64 12.31 -0.71 -11.10
N ILE A 65 13.02 -0.17 -12.09
CA ILE A 65 14.42 0.22 -11.94
C ILE A 65 14.49 1.73 -12.08
N TRP A 66 14.91 2.38 -11.03
CA TRP A 66 15.07 3.82 -11.03
C TRP A 66 16.54 4.06 -11.15
N THR A 67 16.94 5.05 -11.95
CA THR A 67 18.37 5.45 -12.12
C THR A 67 18.42 6.91 -12.51
N ASN A 68 19.53 7.56 -12.24
CA ASN A 68 19.76 8.90 -12.74
C ASN A 68 20.60 9.03 -14.00
N CYS A 69 20.83 7.97 -14.76
CA CYS A 69 21.51 8.19 -16.06
C CYS A 69 20.50 8.84 -16.94
N PRO A 70 20.83 10.02 -17.45
CA PRO A 70 19.89 10.60 -18.37
C PRO A 70 19.52 9.69 -19.53
N PRO A 71 18.32 9.86 -20.06
CA PRO A 71 17.87 9.10 -21.22
C PRO A 71 18.61 9.35 -22.52
N ASP A 72 18.99 10.60 -22.76
CA ASP A 72 19.68 10.98 -24.00
C ASP A 72 20.96 11.82 -23.75
N PHE A 73 21.74 12.09 -24.82
CA PHE A 73 22.93 12.96 -24.68
C PHE A 73 22.60 14.43 -24.29
N SER A 74 21.40 14.93 -24.61
CA SER A 74 21.00 16.33 -24.31
C SER A 74 20.56 16.56 -22.85
N THR A 75 19.88 15.61 -22.25
CA THR A 75 19.38 15.77 -20.92
C THR A 75 20.55 15.82 -19.99
N GLN A 76 20.88 17.00 -19.48
CA GLN A 76 21.82 17.10 -18.35
C GLN A 76 21.57 16.12 -17.21
N PHE A 77 22.64 15.74 -16.52
CA PHE A 77 22.49 14.98 -15.27
C PHE A 77 22.23 15.88 -14.09
N ASP A 78 21.34 15.41 -13.26
CA ASP A 78 21.01 15.99 -12.00
C ASP A 78 20.90 14.74 -11.21
N ARG A 79 21.51 14.74 -10.04
CA ARG A 79 21.78 13.48 -9.36
C ARG A 79 20.62 12.99 -8.64
N GLU A 80 19.68 13.91 -8.50
CA GLU A 80 18.48 13.70 -7.77
C GLU A 80 17.36 13.24 -8.68
N LYS A 81 17.43 13.52 -10.00
CA LYS A 81 16.29 13.21 -10.88
C LYS A 81 16.44 11.78 -11.25
N PHE A 82 15.40 10.99 -11.10
CA PHE A 82 15.49 9.57 -11.47
C PHE A 82 14.59 9.26 -12.63
N TYR A 83 14.66 8.04 -13.17
CA TYR A 83 13.92 7.64 -14.39
C TYR A 83 13.57 6.17 -14.27
N LYS A 84 12.35 5.84 -14.67
CA LYS A 84 11.66 4.58 -14.37
C LYS A 84 11.91 3.60 -15.51
N LYS A 85 11.93 2.31 -15.23
CA LYS A 85 12.02 1.34 -16.28
C LYS A 85 11.28 0.10 -15.83
N ILE A 86 10.29 -0.38 -16.58
CA ILE A 86 9.46 -1.46 -16.00
C ILE A 86 10.19 -2.76 -16.12
N ILE A 87 10.10 -3.59 -15.10
CA ILE A 87 10.70 -4.88 -15.19
C ILE A 87 9.65 -5.86 -15.71
N LYS A 88 9.94 -6.54 -16.82
CA LYS A 88 9.11 -7.61 -17.29
C LYS A 88 9.27 -8.92 -16.51
N THR A 89 8.30 -9.21 -15.63
CA THR A 89 8.16 -10.53 -14.95
C THR A 89 7.96 -11.71 -15.91
N SER A 90 8.81 -12.71 -15.86
CA SER A 90 8.39 -14.03 -16.28
C SER A 90 8.81 -14.87 -15.11
N PHE A 91 8.23 -16.04 -14.98
CA PHE A 91 8.66 -17.07 -14.03
C PHE A 91 9.72 -17.90 -14.70
N HIS A 92 9.84 -17.81 -16.01
CA HIS A 92 10.78 -18.58 -16.79
C HIS A 92 11.95 -17.73 -17.19
N GLU A 93 11.78 -16.43 -17.40
CA GLU A 93 12.63 -15.65 -18.35
C GLU A 93 13.14 -14.41 -17.62
N ASP A 94 14.47 -14.34 -17.39
CA ASP A 94 15.11 -13.25 -16.67
C ASP A 94 14.94 -12.01 -17.53
N ASP A 95 14.59 -10.88 -16.95
CA ASP A 95 14.54 -9.61 -17.70
C ASP A 95 15.95 -8.95 -17.75
N HIS A 96 16.13 -8.08 -18.75
CA HIS A 96 17.34 -7.34 -18.91
C HIS A 96 16.98 -5.96 -19.26
N ILE A 97 17.65 -4.98 -18.67
CA ILE A 97 17.40 -3.56 -18.91
C ILE A 97 18.72 -2.80 -19.23
N ASP A 98 18.86 -2.20 -20.42
CA ASP A 98 20.05 -1.39 -20.74
C ASP A 98 20.02 0.05 -20.22
N LEU A 99 20.99 0.44 -19.42
CA LEU A 99 21.24 1.84 -19.12
C LEU A 99 22.30 2.33 -20.06
N ASP A 100 21.98 3.20 -21.02
CA ASP A 100 23.01 3.83 -21.85
C ASP A 100 23.64 5.03 -21.13
N ILE A 101 24.98 5.05 -21.10
CA ILE A 101 25.73 6.22 -20.61
C ILE A 101 26.31 6.96 -21.84
N TYR A 102 26.04 8.25 -21.91
CA TYR A 102 26.43 9.08 -23.05
C TYR A 102 27.66 9.91 -22.72
N VAL A 103 27.90 10.08 -21.43
CA VAL A 103 28.88 10.99 -20.93
C VAL A 103 29.42 10.47 -19.59
N PRO A 104 30.71 10.73 -19.31
CA PRO A 104 31.26 10.10 -18.14
C PRO A 104 30.76 10.77 -16.89
N GLY A 105 30.70 9.96 -15.82
CA GLY A 105 30.59 10.46 -14.45
C GLY A 105 30.21 9.35 -13.51
N THR A 106 29.36 9.69 -12.53
CA THR A 106 28.90 8.74 -11.51
C THR A 106 27.38 8.69 -11.56
N TYR A 107 26.86 7.50 -11.37
CA TYR A 107 25.54 7.12 -11.73
C TYR A 107 25.01 6.11 -10.70
N CYS A 108 23.85 6.31 -10.06
CA CYS A 108 23.21 5.15 -9.38
C CYS A 108 21.91 4.67 -9.98
N PHE A 109 21.46 3.56 -9.41
CA PHE A 109 20.17 3.02 -9.66
C PHE A 109 19.69 2.25 -8.41
N TYR A 110 18.38 2.23 -8.15
CA TYR A 110 17.79 1.31 -7.16
C TYR A 110 16.63 0.60 -7.80
N LEU A 111 16.10 -0.41 -7.14
CA LEU A 111 14.81 -1.02 -7.53
C LEU A 111 13.69 -0.60 -6.59
N SER A 112 12.46 -0.33 -7.11
CA SER A 112 11.19 -0.31 -6.27
C SER A 112 10.41 -1.56 -6.59
N PHE A 113 9.72 -2.09 -5.61
CA PHE A 113 8.93 -3.26 -5.87
C PHE A 113 7.84 -3.46 -4.75
N LYS A 114 7.14 -4.58 -4.77
CA LYS A 114 6.13 -4.85 -3.82
C LYS A 114 6.44 -6.04 -2.93
N ASN A 115 6.32 -5.78 -1.63
CA ASN A 115 6.38 -6.73 -0.53
C ASN A 115 5.47 -7.94 -0.55
N ASP A 116 5.69 -8.80 0.43
CA ASP A 116 4.72 -9.86 0.80
C ASP A 116 3.79 -9.35 1.89
N LYS A 117 3.95 -8.10 2.31
CA LYS A 117 2.91 -7.26 2.89
C LYS A 117 2.18 -6.38 1.87
N ASP A 118 2.49 -6.52 0.58
CA ASP A 118 1.93 -5.66 -0.46
C ASP A 118 2.14 -4.15 -0.23
N GLU A 119 3.04 -3.77 0.68
CA GLU A 119 3.60 -2.42 0.76
C GLU A 119 4.76 -2.32 -0.22
N LEU A 120 5.20 -1.09 -0.45
CA LEU A 120 6.09 -0.79 -1.54
C LEU A 120 7.48 -0.50 -1.03
N GLU A 121 8.41 -1.39 -1.33
CA GLU A 121 9.75 -1.41 -0.79
C GLU A 121 10.74 -0.93 -1.80
N THR A 122 11.78 -0.29 -1.28
CA THR A 122 12.93 0.13 -2.11
C THR A 122 14.29 -0.62 -1.75
N THR A 123 15.13 -0.94 -2.75
CA THR A 123 16.57 -1.35 -2.52
C THR A 123 17.42 -0.10 -2.23
N ARG A 124 18.67 -0.34 -1.86
CA ARG A 124 19.60 0.79 -1.62
C ARG A 124 19.98 1.35 -2.97
N LYS A 125 20.73 2.44 -3.01
CA LYS A 125 21.28 2.81 -4.31
C LYS A 125 22.64 2.09 -4.64
N PHE A 126 22.90 1.81 -5.91
CA PHE A 126 24.03 1.03 -6.30
C PHE A 126 24.72 1.86 -7.32
N TYR A 127 25.92 2.40 -7.04
CA TYR A 127 26.55 3.32 -7.98
C TYR A 127 27.51 2.62 -8.94
N PHE A 128 27.85 3.32 -10.00
CA PHE A 128 28.85 2.82 -10.93
C PHE A 128 29.42 3.95 -11.70
N VAL A 129 30.69 3.87 -12.10
CA VAL A 129 31.43 5.06 -12.55
C VAL A 129 31.91 4.94 -13.97
N VAL A 130 31.93 6.08 -14.65
CA VAL A 130 32.49 6.12 -15.93
C VAL A 130 33.57 7.16 -15.94
N LEU A 131 34.76 6.67 -16.34
CA LEU A 131 36.00 7.42 -16.18
C LEU A 131 36.12 8.36 -17.33
N PRO A 132 36.83 9.46 -17.11
CA PRO A 132 37.08 10.29 -18.21
C PRO A 132 38.07 9.66 -19.26
N ILE A 133 37.83 10.09 -20.51
CA ILE A 133 38.76 9.95 -21.62
C ILE A 133 39.77 11.10 -21.52
N LEU A 134 40.94 10.79 -21.01
CA LEU A 134 41.98 11.77 -21.06
C LEU A 134 42.68 11.63 -22.37
N SER A 135 42.88 12.74 -23.08
CA SER A 135 43.60 12.70 -24.34
C SER A 135 44.19 14.06 -24.59
N VAL A 136 45.34 14.06 -25.23
CA VAL A 136 46.12 15.27 -25.34
C VAL A 136 46.03 15.94 -26.72
N ASN A 137 46.16 15.15 -27.80
CA ASN A 137 46.05 15.66 -29.17
C ASN A 137 45.18 14.73 -30.03
N ASP A 138 45.80 13.66 -30.51
CA ASP A 138 45.10 12.51 -31.11
C ASP A 138 45.66 11.30 -30.36
N LYS A 139 45.95 11.49 -29.07
CA LYS A 139 46.71 10.55 -28.29
C LYS A 139 45.93 10.27 -27.05
N PHE A 140 45.51 9.03 -26.88
CA PHE A 140 44.70 8.61 -25.74
C PHE A 140 45.64 8.29 -24.62
N ILE A 141 45.38 8.80 -23.43
CA ILE A 141 46.23 8.55 -22.28
C ILE A 141 45.47 7.66 -21.33
N PRO A 142 45.79 6.37 -21.29
CA PRO A 142 45.05 5.51 -20.34
C PRO A 142 45.32 5.93 -18.92
N LEU A 143 44.47 5.56 -17.98
CA LEU A 143 44.66 6.12 -16.66
C LEU A 143 45.81 5.51 -15.85
N ASN A 144 46.50 4.54 -16.41
CA ASN A 144 47.71 3.97 -15.85
C ASN A 144 48.99 4.47 -16.50
N SER A 145 48.87 5.38 -17.45
CA SER A 145 50.04 5.95 -18.09
C SER A 145 50.16 7.43 -17.76
N ILE A 146 49.36 7.88 -16.80
CA ILE A 146 49.56 9.20 -16.24
C ILE A 146 50.93 9.22 -15.49
N ALA A 147 51.58 10.36 -15.68
CA ALA A 147 52.76 10.74 -14.98
C ALA A 147 52.57 12.20 -14.66
N MET A 148 52.39 12.46 -13.39
CA MET A 148 51.93 13.75 -12.96
C MET A 148 53.02 14.39 -12.16
N GLN A 149 53.42 15.62 -12.53
CA GLN A 149 54.46 16.33 -11.78
C GLN A 149 53.82 17.49 -11.09
N SER A 150 53.72 17.38 -9.75
CA SER A 150 53.24 18.46 -8.89
C SER A 150 54.24 19.63 -8.99
N VAL A 151 53.77 20.82 -9.39
CA VAL A 151 54.57 22.08 -9.31
C VAL A 151 53.90 23.16 -8.43
N VAL A 152 54.69 23.78 -7.55
CA VAL A 152 54.22 24.85 -6.70
C VAL A 152 54.41 26.16 -7.44
N SER A 153 53.30 26.84 -7.67
CA SER A 153 53.26 28.08 -8.49
C SER A 153 54.33 29.17 -8.12
N LYS A 154 54.59 29.36 -6.83
CA LYS A 154 55.35 30.50 -6.35
C LYS A 154 56.83 30.29 -6.25
N TRP A 155 57.30 29.12 -6.66
CA TRP A 155 58.73 28.86 -6.86
C TRP A 155 59.02 28.60 -8.34
N MET A 156 58.38 29.38 -9.20
CA MET A 156 58.59 29.31 -10.62
C MET A 156 58.95 30.69 -11.16
N GLY A 157 59.11 31.71 -10.29
CA GLY A 157 59.50 33.07 -10.74
C GLY A 157 58.40 33.83 -11.45
N PRO A 158 58.52 35.15 -11.56
CA PRO A 158 57.33 35.99 -11.66
C PRO A 158 56.70 36.23 -13.05
N THR A 159 57.36 35.83 -14.13
CA THR A 159 56.77 35.88 -15.45
C THR A 159 56.16 34.54 -15.75
N ILE A 160 55.16 34.54 -16.62
CA ILE A 160 54.65 33.31 -17.23
C ILE A 160 55.72 32.71 -18.17
N LYS A 161 56.64 33.56 -18.63
CA LYS A 161 57.89 33.12 -19.30
C LYS A 161 58.77 32.20 -18.51
N ASP A 162 59.01 32.56 -17.25
CA ASP A 162 59.94 31.80 -16.40
C ASP A 162 59.33 30.47 -15.94
N TRP A 163 58.01 30.42 -15.98
CA TRP A 163 57.27 29.20 -15.80
C TRP A 163 57.47 28.22 -16.98
N GLU A 164 57.45 28.78 -18.20
CA GLU A 164 57.53 27.96 -19.43
C GLU A 164 58.83 27.15 -19.45
N LYS A 165 59.85 27.63 -18.74
CA LYS A 165 61.10 26.87 -18.54
C LYS A 165 60.91 25.68 -17.62
N VAL A 166 60.18 25.89 -16.52
CA VAL A 166 59.87 24.81 -15.59
C VAL A 166 59.04 23.74 -16.30
N PHE A 167 58.12 24.21 -17.13
CA PHE A 167 57.36 23.33 -18.01
C PHE A 167 58.29 22.52 -18.91
N ALA A 168 59.22 23.20 -19.59
CA ALA A 168 60.15 22.49 -20.47
C ALA A 168 60.92 21.37 -19.75
N ARG A 169 61.39 21.65 -18.54
CA ARG A 169 62.16 20.65 -17.79
C ARG A 169 61.32 19.41 -17.44
N VAL A 170 60.11 19.57 -16.92
CA VAL A 170 59.28 18.37 -16.66
C VAL A 170 59.05 17.67 -18.01
N ALA A 171 58.74 18.46 -19.04
CA ALA A 171 58.41 17.91 -20.34
C ALA A 171 59.46 16.95 -20.87
N SER A 172 60.72 17.18 -20.56
CA SER A 172 61.77 16.33 -21.09
C SER A 172 61.94 15.02 -20.34
N LYS A 173 61.33 14.89 -19.16
CA LYS A 173 61.35 13.63 -18.41
C LYS A 173 60.06 12.84 -18.72
N LYS A 174 59.25 13.41 -19.61
CA LYS A 174 58.09 12.72 -20.20
C LYS A 174 56.93 12.45 -19.26
N TYR A 175 56.79 13.39 -18.34
CA TYR A 175 55.57 13.63 -17.64
C TYR A 175 54.52 14.11 -18.66
N ASN A 176 53.28 13.71 -18.47
CA ASN A 176 52.16 14.10 -19.33
C ASN A 176 51.05 14.85 -18.57
N MET A 177 51.31 15.15 -17.31
CA MET A 177 50.37 15.84 -16.50
C MET A 177 51.08 16.59 -15.42
N ILE A 178 50.71 17.84 -15.25
CA ILE A 178 51.26 18.68 -14.24
C ILE A 178 50.12 19.02 -13.29
N HIS A 179 50.32 18.80 -12.01
CA HIS A 179 49.42 19.27 -10.96
C HIS A 179 49.96 20.59 -10.41
N PHE A 180 49.23 21.68 -10.65
CA PHE A 180 49.50 22.96 -9.96
C PHE A 180 48.84 22.99 -8.54
N THR A 181 49.58 23.42 -7.54
CA THR A 181 48.96 23.88 -6.31
C THR A 181 48.35 25.23 -6.62
N PRO A 182 47.25 25.58 -5.92
CA PRO A 182 46.32 26.57 -6.46
C PRO A 182 47.00 27.85 -6.82
N LEU A 183 46.51 28.46 -7.90
CA LEU A 183 47.17 29.63 -8.44
C LEU A 183 46.20 30.82 -8.44
N GLN A 184 45.53 31.01 -7.29
CA GLN A 184 44.53 32.07 -7.10
C GLN A 184 45.18 33.15 -6.24
N HIS A 185 44.48 34.27 -6.03
CA HIS A 185 45.03 35.33 -5.17
C HIS A 185 45.26 34.67 -3.82
N ARG A 186 46.50 34.69 -3.34
CA ARG A 186 46.82 34.09 -2.04
C ARG A 186 46.36 34.95 -0.84
N GLY A 187 46.25 34.29 0.32
CA GLY A 187 45.80 34.91 1.54
C GLY A 187 46.83 35.84 2.13
N GLU A 188 46.71 36.10 3.41
CA GLU A 188 47.64 36.96 4.12
C GLU A 188 48.87 36.18 4.45
N SER A 189 48.73 34.92 4.87
CA SER A 189 49.88 34.09 5.20
C SER A 189 50.69 33.70 4.00
N ASN A 190 50.12 33.84 2.78
CA ASN A 190 50.83 33.53 1.54
C ASN A 190 50.96 32.01 1.31
N SER A 191 50.12 31.21 1.99
CA SER A 191 50.03 29.77 1.72
C SER A 191 49.25 29.60 0.41
N PRO A 192 49.63 28.63 -0.46
CA PRO A 192 48.78 28.43 -1.63
C PRO A 192 47.41 27.80 -1.22
N TYR A 193 47.32 27.16 -0.06
CA TYR A 193 46.04 26.62 0.39
C TYR A 193 45.17 27.65 1.13
N SER A 194 45.71 28.83 1.40
CA SER A 194 44.93 29.92 2.00
C SER A 194 44.56 30.91 0.93
N ILE A 195 43.35 30.78 0.41
CA ILE A 195 42.95 31.49 -0.79
C ILE A 195 42.17 32.78 -0.46
N TYR A 196 42.69 33.95 -0.87
CA TYR A 196 42.00 35.24 -0.64
C TYR A 196 40.73 35.41 -1.46
N ASP A 197 40.78 34.95 -2.71
CA ASP A 197 39.63 35.01 -3.59
C ASP A 197 39.61 33.87 -4.59
N GLN A 198 38.70 32.92 -4.38
CA GLN A 198 38.62 31.75 -5.28
C GLN A 198 38.17 32.13 -6.68
N LEU A 199 37.45 33.25 -6.81
CA LEU A 199 37.14 33.77 -8.12
C LEU A 199 38.27 34.42 -8.90
N GLU A 200 39.35 34.95 -8.30
CA GLU A 200 40.43 35.61 -9.08
C GLU A 200 41.79 34.90 -9.07
N PHE A 201 42.43 34.84 -10.22
CA PHE A 201 43.74 34.24 -10.31
C PHE A 201 44.82 35.21 -9.82
N ASP A 202 45.88 34.67 -9.21
CA ASP A 202 47.03 35.44 -8.69
C ASP A 202 47.48 36.63 -9.59
N PRO A 203 47.33 37.88 -9.12
CA PRO A 203 47.75 39.08 -9.89
C PRO A 203 49.22 39.15 -10.26
N THR A 204 50.10 38.74 -9.34
CA THR A 204 51.57 38.71 -9.59
C THR A 204 51.96 38.12 -10.95
N VAL A 205 51.14 37.19 -11.44
CA VAL A 205 51.43 36.42 -12.65
C VAL A 205 50.40 36.67 -13.75
N PHE A 206 49.12 36.51 -13.44
CA PHE A 206 48.07 36.57 -14.45
C PHE A 206 47.22 37.81 -14.26
N LYS A 207 46.83 38.47 -15.35
CA LYS A 207 45.77 39.48 -15.28
C LYS A 207 44.44 38.74 -15.21
N SER A 208 44.05 38.07 -16.29
CA SER A 208 42.71 37.49 -16.44
C SER A 208 42.75 35.98 -16.26
N GLU A 209 41.60 35.35 -16.44
CA GLU A 209 41.56 33.90 -16.53
C GLU A 209 42.00 33.44 -17.91
N LYS A 210 41.69 34.23 -18.94
CA LYS A 210 42.23 33.96 -20.28
C LYS A 210 43.72 33.69 -20.22
N GLU A 211 44.46 34.61 -19.62
CA GLU A 211 45.92 34.50 -19.49
C GLU A 211 46.40 33.16 -18.82
N VAL A 212 45.56 32.55 -17.97
CA VAL A 212 45.87 31.23 -17.40
C VAL A 212 45.39 30.08 -18.29
N ALA A 213 44.23 30.26 -18.92
CA ALA A 213 43.70 29.24 -19.82
C ALA A 213 44.59 29.11 -21.06
N ASP A 214 45.06 30.24 -21.59
CA ASP A 214 45.96 30.21 -22.72
C ASP A 214 47.27 29.53 -22.28
N MET A 215 47.78 29.84 -21.09
CA MET A 215 49.02 29.21 -20.64
C MET A 215 48.92 27.70 -20.60
N VAL A 216 47.82 27.22 -20.01
CA VAL A 216 47.52 25.77 -19.92
C VAL A 216 47.37 25.14 -21.32
N GLU A 217 46.77 25.88 -22.24
CA GLU A 217 46.62 25.43 -23.61
C GLU A 217 47.99 25.43 -24.35
N ARG A 218 48.96 26.23 -23.91
CA ARG A 218 50.31 26.04 -24.40
C ARG A 218 50.78 24.65 -24.02
N LEU A 219 51.04 24.40 -22.74
CA LEU A 219 51.41 23.06 -22.27
C LEU A 219 50.82 21.91 -23.08
N ARG A 220 49.55 22.01 -23.46
CA ARG A 220 48.85 20.95 -24.23
C ARG A 220 49.53 20.73 -25.61
N THR A 221 49.64 21.81 -26.38
CA THR A 221 50.13 21.76 -27.74
C THR A 221 51.64 21.82 -27.79
N GLU A 222 52.22 22.52 -26.83
CA GLU A 222 53.64 22.70 -26.79
C GLU A 222 54.33 21.47 -26.23
N HIS A 223 53.85 20.86 -25.16
CA HIS A 223 54.60 19.73 -24.54
C HIS A 223 53.84 18.42 -24.35
N ASN A 224 52.64 18.34 -24.91
CA ASN A 224 51.79 17.19 -24.68
C ASN A 224 51.51 16.90 -23.21
N ILE A 225 51.02 17.95 -22.53
CA ILE A 225 50.75 17.94 -21.08
C ILE A 225 49.36 18.47 -20.64
N LEU A 226 48.68 17.60 -19.92
CA LEU A 226 47.39 17.92 -19.34
C LEU A 226 47.64 18.44 -17.90
N SER A 227 46.66 19.14 -17.34
CA SER A 227 46.87 20.03 -16.22
C SER A 227 45.73 19.88 -15.20
N LEU A 228 46.06 19.63 -13.94
CA LEU A 228 45.10 19.64 -12.82
C LEU A 228 45.24 20.91 -12.04
N THR A 229 44.25 21.24 -11.20
CA THR A 229 44.43 22.21 -10.09
C THR A 229 44.01 21.59 -8.79
N ASP A 230 44.69 21.95 -7.74
CA ASP A 230 44.14 21.76 -6.44
C ASP A 230 42.88 22.64 -6.39
N ILE A 231 41.81 22.03 -5.90
CA ILE A 231 40.66 22.78 -5.43
C ILE A 231 40.47 22.60 -3.94
N VAL A 232 40.11 23.68 -3.26
CA VAL A 232 40.05 23.72 -1.81
C VAL A 232 38.63 24.05 -1.34
N PHE A 233 37.95 23.01 -0.85
CA PHE A 233 36.54 23.11 -0.47
C PHE A 233 36.28 23.54 0.97
N ASN A 234 37.17 23.17 1.89
CA ASN A 234 36.91 23.34 3.33
C ASN A 234 37.20 24.70 3.91
N HIS A 235 38.03 25.53 3.27
CA HIS A 235 38.39 26.85 3.83
C HIS A 235 38.76 27.96 2.83
N THR A 236 38.44 29.20 3.23
CA THR A 236 39.00 30.39 2.59
C THR A 236 39.88 31.09 3.59
N ALA A 237 40.56 32.14 3.14
CA ALA A 237 41.63 32.72 3.91
C ALA A 237 41.09 33.74 4.88
N ASN A 238 41.74 33.86 6.05
CA ASN A 238 41.30 34.81 7.06
C ASN A 238 40.94 36.20 6.50
N ASN A 239 41.74 36.67 5.55
CA ASN A 239 41.64 38.05 5.07
C ASN A 239 40.67 38.33 3.91
N SER A 240 39.87 37.34 3.51
CA SER A 240 38.98 37.54 2.35
C SER A 240 37.92 38.58 2.74
N GLN A 241 37.71 39.58 1.89
CA GLN A 241 36.69 40.63 2.18
C GLN A 241 35.38 40.33 1.42
N TRP A 242 35.10 39.06 1.18
CA TRP A 242 33.72 38.66 1.06
C TRP A 242 33.26 38.16 2.43
N LEU A 243 34.18 37.80 3.33
CA LEU A 243 33.80 37.43 4.71
C LEU A 243 33.22 38.63 5.51
N LEU A 244 33.77 39.82 5.29
CA LEU A 244 33.13 41.04 5.78
C LEU A 244 31.67 41.10 5.26
N ASP A 245 31.51 40.87 3.95
CA ASP A 245 30.23 40.93 3.28
C ASP A 245 29.32 39.72 3.47
N HIS A 246 29.83 38.59 3.96
CA HIS A 246 28.99 37.42 4.19
C HIS A 246 29.52 36.55 5.33
N PRO A 247 29.50 37.08 6.57
CA PRO A 247 30.09 36.36 7.70
C PRO A 247 29.35 35.11 8.06
N GLU A 248 28.14 34.97 7.52
CA GLU A 248 27.41 33.72 7.68
C GLU A 248 28.13 32.44 7.15
N ALA A 249 28.91 32.58 6.08
CA ALA A 249 29.56 31.45 5.42
C ALA A 249 30.37 30.53 6.35
N GLY A 250 30.86 31.07 7.48
CA GLY A 250 31.62 30.28 8.49
C GLY A 250 30.82 29.96 9.73
N TYR A 251 31.51 29.52 10.79
CA TYR A 251 30.88 29.05 12.05
C TYR A 251 31.05 30.14 13.15
N ASN A 252 29.97 30.77 13.61
CA ASN A 252 30.01 32.02 14.46
C ASN A 252 29.07 31.91 15.65
N HIS A 253 28.76 33.03 16.35
CA HIS A 253 27.65 32.99 17.34
C HIS A 253 26.28 32.54 16.77
N LYS A 254 25.87 33.03 15.59
CA LYS A 254 24.52 32.73 15.06
C LYS A 254 24.39 31.29 14.50
N THR A 255 25.37 30.84 13.73
CA THR A 255 25.22 29.60 12.97
C THR A 255 25.56 28.44 13.86
N SER A 256 26.68 28.57 14.54
CA SER A 256 27.17 27.48 15.35
C SER A 256 27.28 27.90 16.82
N PRO A 257 26.14 27.91 17.52
CA PRO A 257 26.13 28.60 18.79
C PRO A 257 26.80 27.82 19.88
N HIS A 258 26.82 26.50 19.79
CA HIS A 258 27.59 25.65 20.72
C HIS A 258 29.00 26.14 20.95
N LEU A 259 29.59 26.70 19.90
CA LEU A 259 30.95 27.26 19.98
C LEU A 259 31.11 28.48 20.91
N ILE A 260 30.01 29.05 21.40
CA ILE A 260 30.03 30.30 22.17
C ILE A 260 30.90 30.14 23.40
N SER A 261 30.87 28.95 24.00
CA SER A 261 31.82 28.64 25.08
C SER A 261 33.29 28.61 24.58
N ALA A 262 33.54 27.95 23.45
CA ALA A 262 34.88 27.88 22.89
C ALA A 262 35.42 29.21 22.41
N ILE A 263 34.55 30.10 21.91
CA ILE A 263 34.98 31.42 21.43
C ILE A 263 35.49 32.23 22.60
N GLU A 264 34.68 32.30 23.66
CA GLU A 264 35.07 33.03 24.88
C GLU A 264 36.40 32.51 25.47
N LEU A 265 36.65 31.20 25.38
CA LEU A 265 37.91 30.61 25.84
C LEU A 265 39.08 31.16 25.02
N ASP A 266 38.90 31.22 23.71
CA ASP A 266 39.94 31.69 22.80
C ASP A 266 40.24 33.20 22.98
N LYS A 267 39.21 34.05 23.10
CA LYS A 267 39.45 35.50 23.30
C LYS A 267 40.14 35.73 24.61
N LYS A 268 39.79 34.89 25.59
CA LYS A 268 40.45 34.84 26.89
C LYS A 268 41.64 33.86 26.91
N LEU A 269 42.43 33.84 25.84
CA LEU A 269 43.77 33.24 25.86
C LEU A 269 44.78 34.15 25.15
N LEU A 270 44.41 34.79 24.04
CA LEU A 270 45.23 35.91 23.54
C LEU A 270 45.01 37.22 24.34
N ASP A 271 43.97 37.30 25.17
CA ASP A 271 43.93 38.31 26.24
C ASP A 271 45.01 38.03 27.29
N PHE A 272 45.27 36.75 27.60
CA PHE A 272 46.31 36.33 28.57
C PHE A 272 47.78 36.60 28.19
N SER A 273 48.30 36.03 27.09
CA SER A 273 49.73 36.21 26.72
C SER A 273 50.19 37.69 26.69
N GLU A 274 49.23 38.59 26.49
CA GLU A 274 49.44 40.05 26.60
C GLU A 274 49.85 40.46 28.02
N GLN A 275 48.98 40.15 28.99
CA GLN A 275 49.09 40.62 30.42
C GLN A 275 49.83 39.63 31.38
N MET A 276 49.99 38.41 30.88
CA MET A 276 50.99 37.40 31.34
C MET A 276 52.41 37.95 31.49
N GLU A 277 52.76 38.88 30.62
CA GLU A 277 54.03 39.61 30.72
C GLU A 277 54.16 40.30 32.05
N ALA A 278 53.12 41.04 32.42
CA ALA A 278 53.07 41.73 33.71
C ALA A 278 52.95 40.79 34.93
N LEU A 279 53.00 39.47 34.76
CA LEU A 279 52.73 38.51 35.84
C LEU A 279 53.40 37.15 35.57
N GLY A 280 54.17 36.66 36.54
CA GLY A 280 54.90 35.41 36.38
C GLY A 280 55.98 35.55 35.33
N TYR A 281 56.81 34.51 35.20
CA TYR A 281 58.02 34.53 34.34
C TYR A 281 57.94 33.62 33.11
N PRO A 282 56.83 33.65 32.34
CA PRO A 282 56.77 32.74 31.19
C PRO A 282 56.93 33.36 29.79
N VAL A 283 57.82 34.32 29.63
CA VAL A 283 58.10 34.89 28.30
C VAL A 283 58.60 33.76 27.34
N ASP A 284 59.76 33.20 27.69
CA ASP A 284 60.55 32.25 26.90
C ASP A 284 61.00 31.20 27.93
N LEU A 285 60.71 29.92 27.73
CA LEU A 285 61.13 28.91 28.72
C LEU A 285 61.70 27.63 28.11
N LYS A 286 62.45 26.91 28.94
CA LYS A 286 63.15 25.70 28.52
C LYS A 286 63.05 24.51 29.49
N THR A 287 62.18 24.53 30.48
CA THR A 287 62.07 23.40 31.44
C THR A 287 60.64 23.09 31.82
N VAL A 288 60.31 21.78 31.80
CA VAL A 288 58.96 21.26 32.10
C VAL A 288 58.44 21.71 33.48
N ASP A 289 59.32 22.00 34.45
CA ASP A 289 58.91 22.53 35.77
C ASP A 289 59.02 24.07 35.95
N ASP A 290 59.26 24.82 34.86
CA ASP A 290 58.90 26.26 34.80
C ASP A 290 57.86 26.59 33.70
N LEU A 291 57.35 25.54 33.03
CA LEU A 291 56.16 25.62 32.15
C LEU A 291 54.90 25.31 32.92
N ILE A 292 55.01 24.34 33.84
CA ILE A 292 53.99 24.10 34.87
C ILE A 292 53.72 25.39 35.70
N LYS A 293 54.72 26.29 35.75
CA LYS A 293 54.54 27.69 36.23
C LYS A 293 53.52 28.53 35.39
N VAL A 294 53.60 28.41 34.06
CA VAL A 294 52.61 29.03 33.14
C VAL A 294 51.23 28.36 33.29
N MET A 295 51.25 27.04 33.45
CA MET A 295 50.04 26.21 33.54
C MET A 295 49.10 26.66 34.67
N ASP A 296 49.65 26.87 35.86
CA ASP A 296 48.87 27.42 36.96
C ASP A 296 48.52 28.91 36.75
N GLY A 297 49.42 29.66 36.11
CA GLY A 297 49.10 31.01 35.60
C GLY A 297 47.87 31.05 34.68
N ILE A 298 47.69 30.00 33.87
CA ILE A 298 46.48 29.81 33.02
C ILE A 298 45.22 29.59 33.90
N LYS A 299 45.24 28.51 34.68
CA LYS A 299 44.16 28.10 35.58
C LYS A 299 43.57 29.24 36.38
N GLU A 300 44.41 30.18 36.84
CA GLU A 300 43.97 31.35 37.61
C GLU A 300 43.27 32.40 36.74
N HIS A 301 44.01 32.94 35.77
CA HIS A 301 43.53 34.07 34.97
C HIS A 301 42.55 33.78 33.79
N VAL A 302 42.32 32.51 33.44
CA VAL A 302 41.37 32.17 32.35
C VAL A 302 40.29 31.08 32.66
N ILE A 303 40.65 29.95 33.28
CA ILE A 303 39.66 28.97 33.74
C ILE A 303 38.87 29.61 34.86
N GLY A 304 39.56 29.92 35.98
CA GLY A 304 38.96 30.60 37.14
C GLY A 304 38.11 31.80 36.79
N GLU A 305 38.59 32.65 35.86
CA GLU A 305 37.92 33.92 35.47
C GLU A 305 36.67 33.77 34.55
N LEU A 306 36.34 32.52 34.15
CA LEU A 306 35.11 32.18 33.47
C LEU A 306 34.23 31.16 34.27
N LYS A 307 34.40 31.21 35.60
CA LYS A 307 33.35 31.00 36.67
C LYS A 307 32.66 29.60 36.89
N LEU A 308 33.44 28.54 37.20
CA LEU A 308 32.92 27.14 37.37
C LEU A 308 32.02 26.56 36.21
N TRP A 309 31.93 27.32 35.10
CA TRP A 309 31.27 26.95 33.84
C TRP A 309 29.80 26.62 33.91
N GLU A 310 29.15 27.77 34.08
CA GLU A 310 27.78 28.05 33.86
C GLU A 310 27.26 27.57 32.47
N PHE A 311 28.17 27.21 31.58
CA PHE A 311 27.82 26.62 30.28
C PHE A 311 27.23 25.18 30.33
N TYR A 312 27.46 24.45 31.43
CA TYR A 312 27.05 23.04 31.58
C TYR A 312 25.94 22.78 32.64
N VAL A 313 25.86 23.66 33.63
CA VAL A 313 25.37 23.32 34.94
C VAL A 313 24.23 24.28 35.33
N VAL A 314 23.29 23.86 36.18
CA VAL A 314 22.20 24.78 36.61
C VAL A 314 22.61 25.67 37.77
N ASP A 315 22.26 26.95 37.66
CA ASP A 315 22.63 27.91 38.67
C ASP A 315 21.74 27.65 39.90
N VAL A 316 22.16 26.80 40.84
CA VAL A 316 21.24 26.41 41.91
C VAL A 316 20.85 27.64 42.71
N LYS A 317 21.81 28.48 43.09
CA LYS A 317 21.47 29.70 43.85
C LYS A 317 20.43 30.58 43.16
N GLN A 318 20.50 30.66 41.84
CA GLN A 318 19.49 31.41 41.08
C GLN A 318 18.16 30.68 40.99
N THR A 319 18.18 29.42 40.55
CA THR A 319 16.97 28.61 40.53
C THR A 319 16.17 28.64 41.84
N VAL A 320 16.88 28.45 42.96
CA VAL A 320 16.28 28.40 44.30
C VAL A 320 15.65 29.72 44.67
N SER A 321 16.40 30.82 44.64
CA SER A 321 15.82 32.15 44.99
C SER A 321 14.69 32.66 44.04
N GLU A 322 14.68 32.21 42.79
CA GLU A 322 13.54 32.44 41.93
C GLU A 322 12.46 31.39 42.21
N LEU A 323 12.76 30.33 42.96
CA LEU A 323 11.68 29.50 43.51
C LEU A 323 10.90 30.21 44.61
N ARG A 324 11.62 30.89 45.50
CA ARG A 324 11.02 31.64 46.62
C ARG A 324 10.07 32.78 46.16
N GLU A 325 10.38 33.42 45.02
CA GLU A 325 9.56 34.51 44.46
C GLU A 325 8.34 33.99 43.68
N LYS A 326 8.50 32.89 42.94
CA LYS A 326 7.43 32.31 42.13
C LYS A 326 6.88 31.08 42.83
N TRP A 327 7.18 30.96 44.12
CA TRP A 327 6.55 29.93 44.94
C TRP A 327 5.10 30.29 44.96
N GLY A 328 4.28 29.25 44.96
CA GLY A 328 2.83 29.37 44.96
C GLY A 328 2.27 29.78 43.62
N ASN A 329 2.66 29.10 42.54
CA ASN A 329 2.16 29.51 41.23
C ASN A 329 1.67 28.39 40.36
N SER A 330 2.42 27.30 40.18
CA SER A 330 1.88 26.17 39.37
C SER A 330 1.13 25.15 40.26
N LYS A 331 0.43 25.69 41.28
CA LYS A 331 -0.43 24.92 42.16
C LYS A 331 0.38 23.70 42.59
N SER A 332 -0.14 22.50 42.35
CA SER A 332 0.52 21.26 42.72
C SER A 332 0.77 20.47 41.43
N TRP A 333 1.10 19.19 41.61
CA TRP A 333 1.34 18.27 40.52
C TRP A 333 0.47 17.09 40.89
N SER A 334 -0.52 16.79 40.05
CA SER A 334 -1.57 15.85 40.43
C SER A 334 -1.20 14.35 40.31
N ASP A 335 -0.14 14.05 39.56
CA ASP A 335 0.11 12.68 39.11
C ASP A 335 0.86 11.87 40.20
N ASP A 336 1.20 10.63 39.86
CA ASP A 336 1.84 9.68 40.76
C ASP A 336 3.28 9.42 40.32
N ASN A 337 3.82 10.33 39.51
CA ASN A 337 5.02 10.03 38.72
C ASN A 337 6.34 10.34 39.41
N ILE A 338 6.27 10.85 40.65
CA ILE A 338 7.45 11.27 41.41
C ILE A 338 7.96 10.11 42.27
N PRO A 339 9.22 9.71 42.11
CA PRO A 339 9.81 8.74 43.08
C PRO A 339 10.04 9.39 44.44
N SER A 340 9.87 8.63 45.53
CA SER A 340 9.92 9.24 46.87
C SER A 340 11.31 9.85 47.10
N LYS A 341 11.34 10.85 47.99
CA LYS A 341 12.58 11.61 48.30
C LYS A 341 13.77 10.71 48.57
N ASP A 342 13.51 9.53 49.15
CA ASP A 342 14.53 8.48 49.34
C ASP A 342 15.36 8.12 48.10
N ASP A 343 14.71 7.96 46.95
CA ASP A 343 15.41 7.66 45.68
C ASP A 343 16.18 8.88 45.11
N SER A 344 17.15 9.40 45.90
CA SER A 344 17.85 10.67 45.61
C SER A 344 18.09 10.86 44.10
N THR A 345 18.62 9.79 43.47
CA THR A 345 18.88 9.73 42.03
C THR A 345 17.62 9.60 41.17
N ASN A 346 16.91 8.46 41.24
CA ASN A 346 15.70 8.24 40.38
C ASN A 346 14.79 9.49 40.16
N LEU A 347 14.57 10.22 41.26
CA LEU A 347 13.83 11.50 41.30
C LEU A 347 14.50 12.64 40.51
N ALA A 348 15.76 12.92 40.82
CA ALA A 348 16.52 13.94 40.10
C ALA A 348 16.48 13.73 38.58
N GLN A 349 16.59 12.47 38.16
CA GLN A 349 16.34 12.08 36.76
C GLN A 349 14.91 12.38 36.32
N PHE A 350 13.94 12.10 37.18
CA PHE A 350 12.57 12.50 36.90
C PHE A 350 12.41 14.04 36.74
N VAL A 351 13.08 14.84 37.54
CA VAL A 351 12.92 16.31 37.43
C VAL A 351 13.55 16.82 36.13
N ARG A 352 14.67 16.21 35.79
CA ARG A 352 15.41 16.54 34.58
C ARG A 352 14.51 16.44 33.40
N ASP A 353 13.80 15.33 33.30
CA ASP A 353 12.92 15.06 32.18
C ASP A 353 11.68 15.97 32.15
N ASN A 354 11.07 16.22 33.31
CA ASN A 354 9.72 16.81 33.38
C ASN A 354 9.64 18.31 33.63
N ALA A 355 10.67 18.87 34.29
CA ALA A 355 10.64 20.28 34.72
C ALA A 355 11.89 21.06 34.29
N THR A 356 12.32 20.86 33.03
CA THR A 356 13.45 21.61 32.44
C THR A 356 13.08 22.33 31.13
N GLU A 357 13.68 23.51 30.95
CA GLU A 357 13.50 24.29 29.71
C GLU A 357 14.21 23.56 28.52
N PRO A 358 13.61 23.59 27.32
CA PRO A 358 14.12 22.89 26.14
C PRO A 358 15.58 23.24 25.86
N GLY A 359 16.38 22.26 25.42
CA GLY A 359 17.85 22.41 25.29
C GLY A 359 18.68 22.13 26.55
N PHE A 360 18.15 21.22 27.38
CA PHE A 360 18.76 20.89 28.66
C PHE A 360 19.70 19.74 28.38
N GLY A 361 20.92 19.87 28.87
CA GLY A 361 22.03 18.99 28.47
C GLY A 361 22.68 19.38 27.13
N SER A 362 22.44 20.63 26.71
CA SER A 362 23.07 21.19 25.55
C SER A 362 24.38 21.89 25.94
N LEU A 363 25.12 22.22 24.91
CA LEU A 363 26.07 23.31 24.96
C LEU A 363 25.48 24.45 24.13
N GLY A 364 25.77 25.66 24.59
CA GLY A 364 25.46 26.85 23.84
C GLY A 364 25.79 28.09 24.62
N GLU A 365 24.78 28.63 25.28
CA GLU A 365 24.80 29.98 25.82
C GLU A 365 25.52 30.01 27.13
N ARG A 366 25.83 31.23 27.58
CA ARG A 366 26.52 31.45 28.87
C ARG A 366 25.83 30.76 30.09
N GLY A 367 24.49 30.76 30.16
CA GLY A 367 23.82 30.12 31.30
C GLY A 367 22.52 29.44 30.95
N SER A 368 22.51 28.70 29.86
CA SER A 368 21.28 28.22 29.24
C SER A 368 20.90 26.81 29.58
N ASN A 369 21.13 26.40 30.80
CA ASN A 369 20.67 25.09 31.21
C ASN A 369 19.74 25.28 32.41
N LYS A 370 18.45 25.43 32.11
CA LYS A 370 17.46 25.99 33.06
C LYS A 370 16.40 25.03 33.54
N ILE A 371 15.98 25.21 34.79
CA ILE A 371 14.78 24.54 35.29
C ILE A 371 13.49 25.35 34.92
N ASN A 372 12.41 24.64 34.59
CA ASN A 372 11.05 25.25 34.64
C ASN A 372 10.62 25.48 36.11
N ILE A 373 10.90 26.69 36.60
CA ILE A 373 10.69 26.97 37.99
C ILE A 373 9.31 26.52 38.37
N ASP A 374 8.32 26.89 37.58
CA ASP A 374 6.95 26.63 37.99
C ASP A 374 6.62 25.11 38.05
N LYS A 375 7.11 24.31 37.11
CA LYS A 375 6.88 22.87 37.14
C LYS A 375 7.64 22.20 38.27
N PHE A 376 8.83 22.71 38.56
CA PHE A 376 9.63 22.27 39.73
C PHE A 376 8.79 22.45 40.99
N ALA A 377 8.41 23.70 41.27
CA ALA A 377 7.57 24.08 42.45
C ALA A 377 6.47 23.09 42.64
N ALA A 378 5.82 22.76 41.53
CA ALA A 378 4.73 21.81 41.57
C ALA A 378 5.20 20.47 42.11
N ILE A 379 6.29 19.97 41.55
CA ILE A 379 6.78 18.69 41.97
C ILE A 379 7.06 18.74 43.49
N LEU A 380 7.66 19.83 43.95
CA LEU A 380 8.06 19.93 45.35
C LEU A 380 6.85 20.01 46.25
N LYS A 381 5.84 20.78 45.81
CA LYS A 381 4.59 20.93 46.54
C LYS A 381 3.91 19.59 46.73
N LYS A 382 3.73 18.85 45.63
CA LYS A 382 3.13 17.53 45.68
C LYS A 382 3.92 16.55 46.55
N LEU A 383 5.25 16.59 46.40
CA LEU A 383 6.13 15.58 46.98
C LEU A 383 6.37 15.82 48.46
N HIS A 384 6.57 17.08 48.83
CA HIS A 384 7.01 17.38 50.18
C HIS A 384 6.05 18.19 50.98
N SER A 385 5.86 19.43 50.58
CA SER A 385 5.01 20.32 51.33
C SER A 385 4.58 21.48 50.50
N GLU A 386 3.35 21.94 50.72
CA GLU A 386 2.83 23.12 50.06
C GLU A 386 3.51 24.44 50.55
N ASP A 387 4.05 24.44 51.77
CA ASP A 387 4.53 25.63 52.45
C ASP A 387 6.01 25.62 52.25
N TYR A 388 6.54 26.61 51.52
CA TYR A 388 7.97 26.61 51.12
C TYR A 388 8.88 26.42 52.30
N ASN A 389 8.42 26.91 53.43
CA ASN A 389 9.25 27.02 54.57
C ASN A 389 9.44 25.75 55.40
N ASN A 390 8.99 24.61 54.90
CA ASN A 390 9.36 23.29 55.46
C ASN A 390 10.54 22.67 54.69
N GLY A 391 11.67 23.41 54.69
CA GLY A 391 12.93 22.98 54.08
C GLY A 391 12.82 22.57 52.63
N ILE A 392 12.08 23.36 51.87
CA ILE A 392 12.02 23.16 50.43
C ILE A 392 13.32 23.71 49.92
N GLU A 393 13.66 24.93 50.34
CA GLU A 393 14.93 25.57 49.96
C GLU A 393 16.04 24.57 50.05
N GLU A 394 16.03 23.79 51.12
CA GLU A 394 16.96 22.68 51.31
C GLU A 394 16.72 21.61 50.24
N LEU A 395 15.61 20.89 50.34
CA LEU A 395 15.29 19.77 49.42
C LEU A 395 15.39 20.12 47.93
N ALA A 396 15.03 21.34 47.55
CA ALA A 396 15.24 21.83 46.18
C ALA A 396 16.75 21.89 45.81
N THR A 397 17.63 22.31 46.73
CA THR A 397 19.07 22.39 46.45
C THR A 397 19.67 20.99 46.31
N LYS A 398 19.37 20.10 47.24
CA LYS A 398 19.74 18.70 47.08
C LYS A 398 19.40 18.11 45.69
N ILE A 399 18.15 18.25 45.24
CA ILE A 399 17.74 17.69 43.94
C ILE A 399 18.55 18.38 42.86
N LEU A 400 18.50 19.71 42.81
CA LEU A 400 19.29 20.47 41.86
C LEU A 400 20.75 20.03 41.81
N ASN A 401 21.39 19.80 42.97
CA ASN A 401 22.81 19.35 43.01
C ASN A 401 23.01 17.94 42.40
N ASP A 402 22.34 16.91 42.91
CA ASP A 402 22.25 15.60 42.23
C ASP A 402 22.08 15.65 40.69
N ILE A 403 21.27 16.60 40.22
CA ILE A 403 21.05 16.81 38.78
C ILE A 403 22.33 17.27 38.12
N ASN A 404 23.05 18.19 38.80
CA ASN A 404 24.36 18.72 38.35
C ASN A 404 25.54 17.75 38.45
N LEU A 405 25.35 16.56 39.02
CA LEU A 405 26.47 15.63 39.21
C LEU A 405 27.16 15.09 37.93
N PRO A 406 26.38 14.70 36.89
CA PRO A 406 27.02 14.33 35.62
C PRO A 406 27.45 15.56 34.82
N PHE A 407 26.75 16.68 35.00
CA PHE A 407 27.15 17.94 34.35
C PHE A 407 28.46 18.48 34.86
N TYR A 408 28.75 18.28 36.13
CA TYR A 408 30.04 18.66 36.66
C TYR A 408 31.17 17.69 36.24
N LYS A 409 30.91 16.38 36.21
CA LYS A 409 31.89 15.41 35.68
C LYS A 409 32.08 15.58 34.20
N GLU A 410 31.09 16.14 33.50
CA GLU A 410 31.24 16.49 32.10
C GLU A 410 32.19 17.66 31.94
N TYR A 411 32.04 18.67 32.76
CA TYR A 411 32.89 19.85 32.71
C TYR A 411 34.32 19.55 33.12
N ASP A 412 34.50 18.59 34.03
CA ASP A 412 35.83 18.22 34.52
C ASP A 412 36.60 17.38 33.50
N ASP A 413 35.95 16.38 32.92
CA ASP A 413 36.52 15.64 31.79
C ASP A 413 36.97 16.54 30.67
N ASP A 414 36.17 17.57 30.42
CA ASP A 414 36.42 18.54 29.35
C ASP A 414 37.57 19.45 29.63
N ILE A 415 37.65 19.98 30.83
CA ILE A 415 38.72 20.93 31.13
C ILE A 415 40.11 20.30 31.44
N ASN A 416 40.14 19.02 31.81
CA ASN A 416 41.41 18.30 31.94
C ASN A 416 42.01 18.07 30.60
N GLU A 417 41.17 17.63 29.67
CA GLU A 417 41.55 17.53 28.27
C GLU A 417 41.86 18.85 27.58
N VAL A 418 41.48 20.00 28.15
CA VAL A 418 41.89 21.33 27.67
C VAL A 418 43.33 21.61 28.09
N LEU A 419 43.60 21.33 29.36
CA LEU A 419 44.92 21.56 29.99
C LEU A 419 45.98 20.72 29.30
N GLU A 420 45.80 19.39 29.34
CA GLU A 420 46.70 18.43 28.66
C GLU A 420 46.94 18.76 27.18
N GLN A 421 45.92 19.29 26.49
CA GLN A 421 46.09 19.71 25.09
C GLN A 421 46.95 20.98 24.99
N LEU A 422 46.88 21.84 26.02
CA LEU A 422 47.74 23.03 26.12
C LEU A 422 49.17 22.82 26.71
N PHE A 423 49.33 21.89 27.66
CA PHE A 423 50.65 21.29 28.02
C PHE A 423 51.31 20.91 26.69
N ASN A 424 50.70 19.98 25.97
CA ASN A 424 51.35 19.29 24.87
C ASN A 424 51.40 20.02 23.54
N ARG A 425 50.91 21.27 23.47
CA ARG A 425 51.21 22.12 22.31
C ARG A 425 51.91 23.45 22.63
N ILE A 426 52.07 23.79 23.91
CA ILE A 426 53.08 24.82 24.27
C ILE A 426 54.48 24.13 24.39
N LYS A 427 54.50 22.88 24.88
CA LYS A 427 55.76 22.12 24.99
C LYS A 427 56.25 21.53 23.66
N TYR A 428 55.40 21.52 22.65
CA TYR A 428 55.82 21.21 21.28
C TYR A 428 56.16 22.49 20.47
N LEU A 429 55.32 23.51 20.59
CA LEU A 429 55.54 24.74 19.82
C LEU A 429 56.78 25.54 20.32
N ARG A 430 57.06 25.51 21.64
CA ARG A 430 58.12 26.36 22.29
C ARG A 430 59.35 25.63 22.91
N ILE A 431 59.39 24.30 22.79
CA ILE A 431 60.50 23.46 23.23
C ILE A 431 60.74 22.44 22.11
N ASP A 432 62.00 22.14 21.81
CA ASP A 432 62.32 21.00 20.92
C ASP A 432 61.78 19.71 21.54
N ASP A 433 60.99 18.99 20.76
CA ASP A 433 60.74 17.57 20.99
C ASP A 433 61.21 16.96 19.66
N HIS A 434 60.33 17.02 18.66
CA HIS A 434 60.64 16.71 17.27
C HIS A 434 60.79 18.03 16.47
N GLY A 435 60.17 19.14 16.91
CA GLY A 435 60.18 20.42 16.18
C GLY A 435 60.33 21.64 17.08
N PRO A 436 61.58 22.04 17.41
CA PRO A 436 61.74 23.30 18.17
C PRO A 436 61.27 24.49 17.34
N LYS A 437 60.62 25.46 17.95
CA LYS A 437 60.30 26.70 17.24
C LYS A 437 60.08 27.78 18.26
N GLN A 438 61.16 28.14 18.94
CA GLN A 438 61.07 28.75 20.27
C GLN A 438 60.80 30.28 20.32
N GLY A 439 60.26 30.88 19.25
CA GLY A 439 59.88 32.31 19.25
C GLY A 439 58.95 32.68 20.42
N PRO A 440 59.42 33.50 21.41
CA PRO A 440 58.71 33.68 22.73
C PRO A 440 57.21 34.18 22.80
N ILE A 441 56.93 35.49 22.67
CA ILE A 441 55.55 36.03 22.46
C ILE A 441 55.67 37.09 21.39
N THR A 442 54.58 37.43 20.73
CA THR A 442 54.57 38.59 19.85
C THR A 442 53.14 39.15 19.82
N LYS A 443 52.95 40.23 19.07
CA LYS A 443 51.68 40.48 18.38
C LYS A 443 51.27 39.14 17.71
N LYS A 444 52.15 38.63 16.83
CA LYS A 444 51.92 37.46 15.96
C LYS A 444 52.66 36.17 16.42
N LEU A 445 52.72 35.91 17.73
CA LEU A 445 53.19 34.60 18.23
C LEU A 445 52.82 34.38 19.71
N PRO A 446 51.51 34.44 20.04
CA PRO A 446 51.05 34.01 21.38
C PRO A 446 51.17 32.49 21.63
N LEU A 447 50.80 32.07 22.85
CA LEU A 447 50.72 30.62 23.19
C LEU A 447 49.59 29.94 22.43
N SER A 448 48.40 30.51 22.56
CA SER A 448 47.19 30.00 21.94
C SER A 448 47.25 30.35 20.48
N GLU A 449 47.18 29.34 19.61
CA GLU A 449 46.85 29.57 18.23
C GLU A 449 45.46 30.22 18.18
N PRO A 450 45.34 31.36 17.46
CA PRO A 450 44.02 31.79 17.03
C PRO A 450 43.19 30.66 16.45
N TYR A 451 42.17 30.24 17.21
CA TYR A 451 41.17 29.26 16.80
C TYR A 451 39.99 29.87 16.05
N PHE A 452 39.80 31.18 16.18
CA PHE A 452 38.75 31.88 15.47
C PHE A 452 39.35 33.13 14.89
N THR A 453 38.89 33.48 13.69
CA THR A 453 39.25 34.74 13.02
C THR A 453 38.24 35.83 13.48
N ARG A 454 38.74 37.01 13.84
CA ARG A 454 37.95 38.06 14.51
C ARG A 454 37.88 39.33 13.67
N PHE A 455 36.67 39.79 13.39
CA PHE A 455 36.50 41.03 12.61
C PHE A 455 35.11 41.65 12.71
N LYS A 456 35.06 42.96 12.49
CA LYS A 456 33.80 43.67 12.33
C LYS A 456 33.34 43.51 10.88
N ALA A 457 32.09 43.09 10.68
CA ALA A 457 31.52 42.90 9.33
C ALA A 457 31.04 44.19 8.72
N LYS A 458 30.70 44.12 7.44
CA LYS A 458 30.06 45.23 6.77
C LYS A 458 28.72 45.52 7.39
N ASP A 459 28.04 44.49 7.92
CA ASP A 459 26.77 44.72 8.64
C ASP A 459 26.96 45.29 10.04
N GLY A 460 28.21 45.57 10.42
CA GLY A 460 28.48 46.45 11.57
C GLY A 460 28.86 45.69 12.83
N GLU A 461 28.35 44.47 12.96
CA GLU A 461 28.56 43.68 14.16
C GLU A 461 29.93 43.01 14.15
N GLU A 462 30.39 42.67 15.36
CA GLU A 462 31.53 41.77 15.59
C GLU A 462 31.13 40.36 15.22
N TYR A 463 32.12 39.58 14.80
CA TYR A 463 31.90 38.16 14.48
C TYR A 463 33.15 37.38 14.83
N ALA A 464 33.06 36.06 14.78
CA ALA A 464 34.22 35.20 15.07
C ALA A 464 34.13 33.81 14.41
N LEU A 465 34.55 33.69 13.14
CA LEU A 465 34.35 32.45 12.38
C LEU A 465 35.42 31.46 12.78
N ALA A 466 35.02 30.21 13.00
CA ALA A 466 35.97 29.16 13.37
C ALA A 466 36.80 28.95 12.16
N ASN A 467 38.13 28.91 12.35
CA ASN A 467 39.08 28.55 11.28
C ASN A 467 39.47 27.08 11.42
N ASN A 468 39.97 26.51 10.33
CA ASN A 468 39.89 25.05 10.12
C ASN A 468 41.20 24.37 10.49
N GLY A 469 41.16 23.07 10.71
CA GLY A 469 42.37 22.34 11.05
C GLY A 469 42.21 20.85 10.89
N TRP A 470 42.79 20.09 11.83
CA TRP A 470 42.66 18.63 11.85
C TRP A 470 42.91 18.11 13.27
N ILE A 471 42.58 16.84 13.52
CA ILE A 471 42.50 16.30 14.87
C ILE A 471 43.22 14.98 14.95
N TRP A 472 44.08 14.79 15.94
CA TRP A 472 45.04 13.71 15.88
C TRP A 472 44.38 12.41 15.52
N ASP A 473 43.50 11.89 16.37
CA ASP A 473 43.07 10.52 16.20
C ASP A 473 41.59 10.44 15.93
N GLY A 474 41.04 11.44 15.25
CA GLY A 474 39.58 11.58 15.11
C GLY A 474 39.00 10.88 13.89
N ASN A 475 37.80 10.30 14.02
CA ASN A 475 37.00 9.92 12.87
C ASN A 475 36.89 11.16 11.96
N PRO A 476 37.55 11.12 10.80
CA PRO A 476 37.60 12.32 9.97
C PRO A 476 36.27 12.75 9.33
N LEU A 477 35.28 11.84 9.24
CA LEU A 477 33.97 12.13 8.60
C LEU A 477 33.00 13.01 9.44
N VAL A 478 33.40 13.39 10.65
CA VAL A 478 32.51 14.07 11.58
C VAL A 478 32.95 15.52 11.74
N ASP A 479 32.29 16.41 11.01
CA ASP A 479 32.62 17.83 11.11
C ASP A 479 32.89 18.18 12.57
N PHE A 480 34.09 18.63 12.88
CA PHE A 480 34.45 18.90 14.29
C PHE A 480 33.93 20.24 14.79
N ALA A 481 33.62 21.14 13.84
CA ALA A 481 32.94 22.41 14.11
C ALA A 481 31.43 22.28 14.29
N SER A 482 30.88 21.12 13.89
CA SER A 482 29.49 20.80 14.16
C SER A 482 29.24 20.59 15.68
N SER A 483 27.98 20.70 16.07
CA SER A 483 27.57 20.56 17.46
C SER A 483 27.65 19.13 17.93
N GLN A 484 28.03 18.20 17.07
CA GLN A 484 28.38 16.84 17.51
C GLN A 484 29.67 16.78 18.33
N SER A 485 30.63 17.66 18.03
CA SER A 485 32.00 17.60 18.62
C SER A 485 32.30 18.88 19.36
N LYS A 486 33.05 18.74 20.45
CA LYS A 486 33.46 19.88 21.28
C LYS A 486 34.94 20.18 21.07
N ALA A 487 35.46 19.88 19.89
CA ALA A 487 36.89 19.91 19.66
C ALA A 487 37.45 21.33 19.80
N TYR A 488 36.70 22.35 19.39
CA TYR A 488 37.19 23.73 19.50
C TYR A 488 37.28 24.22 20.96
N LEU A 489 36.45 23.62 21.82
CA LEU A 489 36.38 23.95 23.24
C LEU A 489 37.39 23.10 24.01
N ARG A 490 37.42 21.79 23.72
CA ARG A 490 38.43 20.87 24.28
C ARG A 490 39.90 21.11 23.81
N ARG A 491 40.09 22.05 22.85
CA ARG A 491 41.38 22.39 22.27
C ARG A 491 42.05 21.28 21.42
N GLU A 492 41.24 20.37 20.91
CA GLU A 492 41.70 19.22 20.19
C GLU A 492 42.04 19.53 18.75
N VAL A 493 41.89 20.78 18.33
CA VAL A 493 42.18 21.14 16.95
C VAL A 493 43.62 21.62 16.71
N ILE A 494 44.21 21.14 15.61
CA ILE A 494 45.56 21.50 15.21
C ILE A 494 45.29 22.50 14.11
N VAL A 495 45.62 23.76 14.35
CA VAL A 495 44.91 24.86 13.70
C VAL A 495 45.62 25.58 12.59
N TRP A 496 45.03 25.63 11.41
CA TRP A 496 45.53 26.54 10.37
C TRP A 496 44.89 27.92 10.57
N GLY A 497 45.44 28.69 11.51
CA GLY A 497 45.02 30.07 11.74
C GLY A 497 44.99 30.87 10.45
N ASP A 498 45.90 30.52 9.53
CA ASP A 498 45.88 30.89 8.13
C ASP A 498 44.50 31.03 7.46
N CYS A 499 43.65 30.04 7.73
CA CYS A 499 42.41 29.85 6.97
C CYS A 499 41.14 29.37 7.75
N VAL A 500 40.00 29.89 7.27
CA VAL A 500 38.69 29.95 7.93
C VAL A 500 37.79 28.83 7.42
N LYS A 501 37.12 28.13 8.31
CA LYS A 501 36.34 26.97 7.93
C LYS A 501 35.05 27.40 7.30
N LEU A 502 34.61 26.65 6.30
CA LEU A 502 33.44 26.98 5.54
C LEU A 502 32.30 26.02 5.86
N ARG A 503 31.27 26.63 6.45
CA ARG A 503 30.00 25.98 6.79
C ARG A 503 29.10 25.93 5.54
N TYR A 504 29.15 24.79 4.87
CA TYR A 504 28.11 24.44 3.94
C TYR A 504 27.03 23.90 4.86
N GLY A 505 25.90 23.59 4.29
CA GLY A 505 24.80 23.24 5.13
C GLY A 505 24.49 21.80 5.00
N LYS A 506 23.18 21.55 5.07
CA LYS A 506 22.52 20.38 4.53
C LYS A 506 22.54 20.47 3.01
N GLY A 507 22.27 21.66 2.50
CA GLY A 507 22.44 22.01 1.08
C GLY A 507 22.70 23.51 0.93
N PRO A 508 22.40 24.10 -0.24
CA PRO A 508 22.60 25.56 -0.37
C PRO A 508 21.71 26.47 0.51
N SER A 509 20.51 26.01 0.89
CA SER A 509 19.66 26.79 1.79
C SER A 509 20.37 27.35 2.98
N ASP A 510 21.25 26.57 3.62
CA ASP A 510 21.92 27.04 4.87
C ASP A 510 23.07 28.04 4.65
N SER A 511 23.62 28.20 3.44
CA SER A 511 24.77 29.10 3.24
C SER A 511 24.87 29.75 1.89
N PRO A 512 23.74 30.04 1.28
CA PRO A 512 23.54 30.13 -0.17
C PRO A 512 24.60 30.94 -0.93
N TYR A 513 25.12 31.99 -0.27
CA TYR A 513 26.17 32.79 -0.88
C TYR A 513 27.42 31.94 -1.08
N LEU A 514 27.80 31.23 -0.01
CA LEU A 514 28.91 30.29 -0.09
C LEU A 514 28.75 29.34 -1.27
N TRP A 515 27.65 28.60 -1.32
CA TRP A 515 27.47 27.60 -2.37
C TRP A 515 27.47 28.19 -3.74
N GLU A 516 27.16 29.47 -3.87
CA GLU A 516 27.30 30.13 -5.16
C GLU A 516 28.76 30.42 -5.55
N ARG A 517 29.56 30.99 -4.64
CA ARG A 517 31.05 31.23 -4.88
C ARG A 517 31.76 29.96 -5.28
N MET A 518 31.57 28.94 -4.46
CA MET A 518 32.12 27.65 -4.75
C MET A 518 31.61 27.11 -6.08
N SER A 519 30.37 27.37 -6.45
CA SER A 519 29.95 27.07 -7.83
C SER A 519 30.69 27.90 -8.89
N LYS A 520 30.67 29.23 -8.74
CA LYS A 520 31.45 30.15 -9.62
C LYS A 520 32.95 29.80 -9.74
N TYR A 521 33.51 29.28 -8.66
CA TYR A 521 34.92 28.89 -8.51
C TYR A 521 35.21 27.60 -9.25
N VAL A 522 34.45 26.58 -8.89
CA VAL A 522 34.64 25.26 -9.46
C VAL A 522 34.43 25.32 -10.99
N GLU A 523 33.42 26.05 -11.43
CA GLU A 523 33.17 26.23 -12.84
C GLU A 523 34.39 26.81 -13.51
N MET A 524 34.93 27.88 -12.94
CA MET A 524 35.99 28.61 -13.60
C MET A 524 37.20 27.72 -13.85
N ASN A 525 37.59 26.96 -12.84
CA ASN A 525 38.73 26.07 -12.99
C ASN A 525 38.39 24.94 -13.93
N ALA A 526 37.23 24.33 -13.77
CA ALA A 526 36.81 23.23 -14.65
C ALA A 526 36.92 23.51 -16.13
N ARG A 527 36.64 24.73 -16.56
CA ARG A 527 36.72 25.02 -18.00
C ARG A 527 38.11 25.29 -18.54
N ILE A 528 39.09 25.44 -17.64
CA ILE A 528 40.51 25.65 -17.96
C ILE A 528 41.28 24.34 -17.93
N PHE A 529 41.12 23.61 -16.84
CA PHE A 529 41.98 22.46 -16.52
C PHE A 529 41.35 21.15 -16.95
N ASN A 530 42.17 20.12 -17.10
CA ASN A 530 41.66 18.82 -17.49
C ASN A 530 41.13 18.08 -16.29
N GLY A 531 41.38 18.60 -15.09
CA GLY A 531 41.00 17.89 -13.89
C GLY A 531 41.37 18.62 -12.62
N PHE A 532 41.08 17.97 -11.49
CA PHE A 532 41.28 18.55 -10.15
C PHE A 532 41.98 17.57 -9.24
N ARG A 533 42.62 18.13 -8.24
CA ARG A 533 43.16 17.38 -7.13
C ARG A 533 42.42 17.90 -5.94
N ILE A 534 41.77 17.01 -5.21
CA ILE A 534 40.99 17.40 -4.07
C ILE A 534 41.80 17.07 -2.86
N ASP A 535 42.32 18.18 -2.38
CA ASP A 535 42.84 18.33 -1.07
C ASP A 535 41.88 17.78 0.01
N ASN A 536 42.31 16.80 0.80
CA ASN A 536 41.69 16.54 2.11
C ASN A 536 40.21 16.25 1.93
N CYS A 537 39.96 15.23 1.14
CA CYS A 537 38.62 14.97 0.61
C CYS A 537 37.76 14.41 1.67
N HIS A 538 38.25 13.35 2.30
CA HIS A 538 37.63 12.70 3.47
C HIS A 538 37.06 13.60 4.60
N SER A 539 37.55 14.84 4.68
CA SER A 539 36.99 15.88 5.55
C SER A 539 36.18 16.96 4.77
N THR A 540 35.41 16.50 3.78
CA THR A 540 34.57 17.37 2.98
C THR A 540 33.35 16.54 2.86
N PRO A 541 32.24 17.04 3.39
CA PRO A 541 31.09 16.15 3.47
C PRO A 541 30.70 15.65 2.10
N LEU A 542 30.39 14.35 1.99
CA LEU A 542 30.03 13.77 0.72
C LEU A 542 29.15 14.68 -0.07
N HIS A 543 28.02 15.06 0.49
CA HIS A 543 27.02 15.79 -0.26
C HIS A 543 27.56 17.06 -0.91
N VAL A 544 28.51 17.71 -0.25
CA VAL A 544 29.20 18.89 -0.77
C VAL A 544 30.08 18.54 -1.94
N GLY A 545 30.94 17.56 -1.74
CA GLY A 545 31.83 17.09 -2.77
C GLY A 545 31.08 16.71 -4.03
N GLN A 546 30.00 15.97 -3.83
CA GLN A 546 29.17 15.40 -4.92
C GLN A 546 28.61 16.51 -5.77
N TYR A 547 27.98 17.50 -5.13
CA TYR A 547 27.26 18.56 -5.83
C TYR A 547 28.27 19.42 -6.64
N PHE A 548 29.43 19.76 -6.07
CA PHE A 548 30.44 20.56 -6.79
C PHE A 548 31.23 19.84 -7.88
N LEU A 549 31.54 18.57 -7.68
CA LEU A 549 32.11 17.82 -8.77
C LEU A 549 31.16 17.65 -9.93
N ASP A 550 29.89 17.42 -9.62
CA ASP A 550 28.81 17.35 -10.63
C ASP A 550 28.71 18.57 -11.49
N VAL A 551 28.93 19.73 -10.84
CA VAL A 551 28.93 21.04 -11.50
C VAL A 551 30.05 21.17 -12.47
N ALA A 552 31.24 20.81 -12.01
CA ALA A 552 32.42 20.82 -12.85
C ALA A 552 32.25 19.89 -14.01
N ARG A 553 31.88 18.67 -13.68
CA ARG A 553 31.76 17.61 -14.65
C ARG A 553 30.63 17.93 -15.71
N ARG A 554 29.71 18.85 -15.36
CA ARG A 554 28.77 19.47 -16.33
C ARG A 554 29.52 20.40 -17.30
N VAL A 555 30.42 21.22 -16.73
CA VAL A 555 31.27 22.10 -17.53
C VAL A 555 32.32 21.36 -18.36
N ASN A 556 32.84 20.28 -17.79
CA ASN A 556 33.88 19.54 -18.45
C ASN A 556 33.58 18.06 -18.24
N PRO A 557 32.91 17.41 -19.20
CA PRO A 557 32.58 15.99 -18.99
C PRO A 557 33.79 15.04 -18.73
N ASN A 558 34.94 15.37 -19.31
CA ASN A 558 36.08 14.54 -19.12
C ASN A 558 36.96 15.05 -17.98
N LEU A 559 36.36 15.53 -16.90
CA LEU A 559 37.17 15.95 -15.76
C LEU A 559 37.89 14.76 -15.15
N TYR A 560 39.13 14.93 -14.74
CA TYR A 560 39.91 13.91 -14.00
C TYR A 560 40.00 14.37 -12.53
N VAL A 561 39.67 13.49 -11.59
CA VAL A 561 39.65 13.89 -10.20
C VAL A 561 40.53 12.92 -9.45
N VAL A 562 41.41 13.48 -8.62
CA VAL A 562 42.41 12.75 -7.86
C VAL A 562 42.30 13.12 -6.40
N ALA A 563 42.17 12.13 -5.51
CA ALA A 563 41.95 12.45 -4.11
C ALA A 563 43.11 12.08 -3.23
N GLN A 564 43.37 12.95 -2.28
CA GLN A 564 44.12 12.59 -1.07
C GLN A 564 42.99 12.15 -0.13
N LEU A 565 42.85 10.87 0.16
CA LEU A 565 41.70 10.39 0.90
C LEU A 565 41.99 9.18 1.75
N PHE A 566 42.19 9.42 3.05
CA PHE A 566 42.16 8.33 4.00
C PHE A 566 41.03 8.66 4.90
N SER A 567 39.93 8.00 4.61
CA SER A 567 38.91 7.78 5.57
C SER A 567 39.24 6.52 6.35
N GLY A 568 38.41 6.24 7.35
CA GLY A 568 38.53 5.02 8.18
C GLY A 568 38.89 3.69 7.51
N SER A 569 38.18 3.31 6.45
CA SER A 569 38.33 1.99 5.84
C SER A 569 38.45 2.04 4.37
N GLU A 570 38.86 0.91 3.82
CA GLU A 570 38.85 0.72 2.40
C GLU A 570 37.38 0.84 2.03
N ALA A 571 36.58 0.12 2.79
CA ALA A 571 35.15 0.19 2.64
C ALA A 571 34.68 1.62 2.42
N MET A 572 35.10 2.57 3.23
CA MET A 572 34.67 3.97 3.04
C MET A 572 35.25 4.62 1.84
N ASP A 573 36.51 4.34 1.59
CA ASP A 573 37.19 5.01 0.49
C ASP A 573 36.55 4.60 -0.81
N CYS A 574 36.03 3.37 -0.86
CA CYS A 574 35.20 2.92 -1.99
C CYS A 574 33.97 3.78 -2.09
N LEU A 575 33.23 3.98 -0.97
CA LEU A 575 32.00 4.77 -0.95
C LEU A 575 32.27 6.15 -1.48
N PHE A 576 33.34 6.80 -1.07
CA PHE A 576 33.60 8.15 -1.52
C PHE A 576 33.87 8.17 -3.00
N VAL A 577 34.65 7.22 -3.48
CA VAL A 577 35.02 7.13 -4.91
C VAL A 577 33.74 6.90 -5.77
N GLU A 578 32.94 5.93 -5.36
CA GLU A 578 31.59 5.73 -5.86
C GLU A 578 30.85 7.00 -6.09
N ARG A 579 30.65 7.74 -5.03
CA ARG A 579 29.69 8.77 -5.11
C ARG A 579 30.22 10.03 -5.69
N LEU A 580 31.48 10.34 -5.46
CA LEU A 580 32.02 11.55 -6.01
C LEU A 580 32.44 11.38 -7.47
N GLY A 581 32.55 10.15 -7.94
CA GLY A 581 33.21 9.87 -9.22
C GLY A 581 34.70 10.18 -9.18
N ILE A 582 35.34 9.83 -8.07
CA ILE A 582 36.76 10.02 -8.00
C ILE A 582 37.33 9.05 -8.98
N SER A 583 38.36 9.50 -9.69
CA SER A 583 38.96 8.68 -10.69
C SER A 583 40.13 8.01 -10.10
N SER A 584 40.89 8.69 -9.23
CA SER A 584 42.19 8.19 -8.75
C SER A 584 42.42 8.47 -7.30
N LEU A 585 42.77 7.46 -6.55
CA LEU A 585 43.32 7.68 -5.23
C LEU A 585 44.90 7.83 -5.16
N ILE A 586 45.37 8.83 -4.43
CA ILE A 586 46.81 9.13 -4.27
C ILE A 586 47.49 8.25 -3.23
N ARG A 587 48.64 7.72 -3.57
CA ARG A 587 49.47 6.94 -2.63
C ARG A 587 50.93 7.49 -2.57
N GLU A 588 51.58 7.33 -1.42
CA GLU A 588 52.84 7.99 -1.08
C GLU A 588 53.80 6.88 -0.74
N ALA A 589 54.89 6.80 -1.49
CA ALA A 589 55.97 5.83 -1.24
C ALA A 589 56.82 6.27 -0.05
N MET A 590 56.99 7.59 0.04
CA MET A 590 57.76 8.21 1.13
C MET A 590 57.27 7.93 2.52
N GLN A 591 56.14 7.25 2.61
CA GLN A 591 55.55 6.91 3.87
C GLN A 591 56.06 5.59 4.36
N ALA A 592 56.75 4.86 3.50
CA ALA A 592 57.26 3.56 3.90
C ALA A 592 58.40 3.79 4.87
N TRP A 593 58.34 3.16 6.03
CA TRP A 593 59.35 3.36 7.07
C TRP A 593 60.59 2.57 6.66
N SER A 594 60.40 1.26 6.47
CA SER A 594 61.46 0.30 6.23
C SER A 594 61.52 -0.11 4.77
N GLU A 595 62.36 -1.09 4.46
CA GLU A 595 62.38 -1.66 3.12
C GLU A 595 61.17 -2.51 2.88
N GLU A 596 60.83 -3.34 3.86
CA GLU A 596 59.66 -4.20 3.72
C GLU A 596 58.39 -3.39 3.62
N GLU A 597 58.27 -2.33 4.40
CA GLU A 597 57.07 -1.49 4.33
C GLU A 597 56.89 -1.01 2.88
N LEU A 598 57.97 -0.80 2.17
CA LEU A 598 57.90 -0.43 0.75
C LEU A 598 57.64 -1.61 -0.19
N SER A 599 58.20 -2.77 0.09
CA SER A 599 57.99 -3.88 -0.80
C SER A 599 56.53 -4.23 -0.77
N ARG A 600 55.88 -4.00 0.38
CA ARG A 600 54.44 -4.19 0.55
C ARG A 600 53.63 -3.14 -0.19
N LEU A 601 53.87 -1.84 0.02
CA LEU A 601 53.13 -0.83 -0.77
C LEU A 601 53.21 -1.15 -2.23
N VAL A 602 54.37 -1.58 -2.69
CA VAL A 602 54.60 -1.75 -4.11
C VAL A 602 53.77 -2.94 -4.60
N HIS A 603 53.64 -3.94 -3.76
CA HIS A 603 52.89 -5.12 -4.07
C HIS A 603 51.38 -4.85 -4.03
N ARG A 604 50.91 -3.88 -3.24
CA ARG A 604 49.49 -3.46 -3.39
C ARG A 604 49.31 -2.90 -4.77
N HIS A 605 50.13 -1.95 -5.19
CA HIS A 605 49.92 -1.30 -6.50
C HIS A 605 50.64 -1.94 -7.69
N GLY A 606 51.08 -3.20 -7.51
CA GLY A 606 51.67 -4.00 -8.57
C GLY A 606 50.67 -4.36 -9.65
N GLY A 607 49.80 -5.32 -9.37
CA GLY A 607 48.96 -5.96 -10.39
C GLY A 607 48.74 -7.34 -9.80
N ARG A 608 48.23 -8.29 -10.57
CA ARG A 608 47.77 -9.57 -9.98
C ARG A 608 48.88 -10.51 -10.01
N PRO A 609 48.81 -11.63 -9.30
CA PRO A 609 49.79 -12.69 -9.41
C PRO A 609 50.26 -13.12 -10.81
N ILE A 610 51.40 -13.77 -10.90
CA ILE A 610 51.73 -14.32 -12.17
C ILE A 610 50.99 -15.64 -12.26
N GLY A 611 50.26 -15.74 -13.35
CA GLY A 611 49.54 -16.94 -13.74
C GLY A 611 48.20 -17.08 -13.10
N SER A 612 47.75 -15.96 -12.48
CA SER A 612 46.37 -15.75 -11.92
C SER A 612 45.29 -16.34 -12.84
N TYR A 613 44.21 -16.85 -12.23
CA TYR A 613 43.13 -17.45 -13.00
C TYR A 613 42.38 -16.43 -13.79
N LYS A 614 41.84 -16.88 -14.93
CA LYS A 614 41.07 -16.00 -15.77
C LYS A 614 39.57 -16.31 -15.75
N PHE A 615 38.75 -15.30 -15.63
CA PHE A 615 37.33 -15.52 -15.70
C PHE A 615 36.78 -15.94 -17.09
N VAL A 616 35.93 -16.97 -16.99
CA VAL A 616 35.03 -17.45 -18.03
C VAL A 616 33.66 -17.61 -17.31
N PRO A 617 32.55 -17.45 -18.09
CA PRO A 617 31.27 -17.97 -17.74
C PRO A 617 31.33 -19.43 -17.82
N LEU A 618 30.82 -20.03 -16.78
CA LEU A 618 30.78 -21.45 -16.62
C LEU A 618 29.33 -21.90 -16.46
N ASP A 619 28.89 -22.44 -15.30
CA ASP A 619 27.60 -23.16 -15.19
C ASP A 619 26.61 -22.40 -14.31
N ASP A 620 26.79 -21.10 -14.22
CA ASP A 620 25.97 -20.21 -13.37
C ASP A 620 25.43 -19.10 -14.23
N PHE A 621 25.51 -19.31 -15.55
CA PHE A 621 24.96 -18.41 -16.53
C PHE A 621 23.79 -19.10 -17.31
N PRO A 622 22.95 -18.26 -17.84
CA PRO A 622 22.01 -18.79 -18.79
C PRO A 622 22.65 -18.72 -20.12
N TYR A 623 22.61 -19.84 -20.82
CA TYR A 623 22.96 -19.88 -22.26
C TYR A 623 21.68 -19.79 -23.13
N PRO A 624 21.36 -18.58 -23.56
CA PRO A 624 20.21 -18.45 -24.42
C PRO A 624 20.43 -19.21 -25.65
N ALA A 625 19.45 -19.96 -26.13
CA ALA A 625 19.60 -20.65 -27.38
C ALA A 625 19.79 -19.67 -28.50
N ASP A 626 19.35 -18.44 -28.31
CA ASP A 626 19.37 -17.46 -29.39
C ASP A 626 20.42 -16.39 -29.19
N VAL A 627 21.37 -16.60 -28.28
CA VAL A 627 22.44 -15.60 -28.02
C VAL A 627 23.31 -15.54 -29.25
N LYS A 628 23.94 -14.40 -29.47
CA LYS A 628 24.87 -14.23 -30.60
C LYS A 628 26.07 -15.17 -30.50
N ILE A 629 26.70 -15.44 -31.62
CA ILE A 629 27.93 -16.16 -31.64
C ILE A 629 28.91 -15.35 -32.49
N ASP A 630 30.17 -15.41 -32.13
CA ASP A 630 31.23 -14.73 -32.87
C ASP A 630 32.04 -15.85 -33.44
N GLU A 631 31.74 -16.26 -34.67
CA GLU A 631 31.96 -17.65 -35.09
C GLU A 631 33.39 -18.09 -34.99
N GLU A 632 34.34 -17.22 -35.37
CA GLU A 632 35.77 -17.51 -35.06
C GLU A 632 36.43 -16.27 -34.43
N TYR A 633 35.84 -15.84 -33.34
CA TYR A 633 36.28 -14.68 -32.56
C TYR A 633 36.85 -13.50 -33.32
N CYS A 634 36.10 -13.01 -34.29
CA CYS A 634 36.57 -11.94 -35.18
C CYS A 634 35.77 -10.66 -35.17
N ALA A 635 34.96 -10.46 -34.13
CA ALA A 635 34.06 -9.31 -34.06
C ALA A 635 34.82 -8.01 -33.81
N TYR A 636 35.78 -8.07 -32.91
CA TYR A 636 36.28 -6.88 -32.25
C TYR A 636 37.39 -6.32 -33.18
N ASN A 637 37.21 -5.06 -33.57
CA ASN A 637 38.09 -4.39 -34.50
C ASN A 637 38.84 -3.32 -33.73
N PRO A 638 40.19 -3.30 -33.81
CA PRO A 638 41.04 -2.56 -32.85
C PRO A 638 40.73 -1.07 -32.70
N ASP A 639 40.33 -0.45 -33.80
CA ASP A 639 39.87 0.94 -33.80
C ASP A 639 38.51 1.17 -33.20
N ASP A 640 37.70 0.12 -33.05
CA ASP A 640 36.36 0.26 -32.48
C ASP A 640 36.33 0.29 -30.95
N HIS A 641 37.42 -0.20 -30.34
CA HIS A 641 37.60 -0.10 -28.89
C HIS A 641 36.51 -0.81 -28.09
N SER A 642 36.25 -1.98 -28.57
CA SER A 642 35.10 -2.69 -28.19
C SER A 642 35.39 -3.37 -26.88
N VAL A 643 34.55 -3.26 -25.86
CA VAL A 643 34.77 -4.15 -24.71
C VAL A 643 34.38 -5.58 -25.10
N LYS A 644 35.33 -6.51 -25.00
CA LYS A 644 35.22 -7.86 -25.57
C LYS A 644 34.66 -8.93 -24.67
N CYS A 645 33.97 -9.85 -25.27
CA CYS A 645 33.48 -11.01 -24.53
C CYS A 645 34.59 -11.97 -24.38
N VAL A 646 34.49 -12.83 -23.38
CA VAL A 646 35.48 -13.86 -23.19
C VAL A 646 35.55 -14.77 -24.41
N SER A 647 34.41 -15.19 -24.95
CA SER A 647 34.45 -16.24 -25.97
C SER A 647 33.82 -15.89 -27.34
N GLU A 648 33.66 -16.97 -28.11
CA GLU A 648 32.86 -16.93 -29.29
C GLU A 648 31.44 -16.59 -28.92
N ILE A 649 30.97 -17.14 -27.82
CA ILE A 649 29.57 -16.94 -27.46
C ILE A 649 29.41 -15.60 -26.72
N MET A 650 28.51 -14.75 -27.15
CA MET A 650 28.60 -13.34 -26.82
C MET A 650 27.97 -12.80 -25.51
N ILE A 651 28.04 -13.56 -24.43
CA ILE A 651 27.66 -13.06 -23.11
C ILE A 651 28.50 -11.86 -22.87
N PRO A 652 27.99 -10.77 -22.33
CA PRO A 652 29.00 -9.69 -22.23
C PRO A 652 30.03 -9.71 -21.08
N LYS A 653 31.03 -8.88 -21.26
CA LYS A 653 32.02 -8.67 -20.25
C LYS A 653 31.30 -8.33 -19.00
N THR A 654 31.47 -9.11 -17.95
CA THR A 654 30.84 -8.71 -16.70
C THR A 654 31.34 -7.38 -16.16
N LEU A 655 30.50 -6.68 -15.41
CA LEU A 655 30.91 -5.46 -14.69
C LEU A 655 31.02 -5.82 -13.23
N THR A 656 32.23 -6.11 -12.72
CA THR A 656 32.46 -6.36 -11.29
C THR A 656 33.29 -5.29 -10.68
N ALA A 657 33.06 -5.14 -9.39
CA ALA A 657 33.93 -4.38 -8.52
C ALA A 657 35.41 -4.79 -8.62
N THR A 658 36.17 -3.75 -8.98
CA THR A 658 37.59 -3.65 -8.93
C THR A 658 37.93 -2.49 -7.99
N PRO A 659 39.06 -2.55 -7.27
CA PRO A 659 39.38 -1.53 -6.28
C PRO A 659 39.72 -0.23 -6.96
N PRO A 660 39.65 0.92 -6.27
CA PRO A 660 39.83 2.18 -6.97
C PRO A 660 41.25 2.43 -7.45
N HIS A 661 41.33 3.12 -8.56
CA HIS A 661 42.56 3.40 -9.23
C HIS A 661 43.45 4.26 -8.38
N ALA A 662 44.72 3.86 -8.43
CA ALA A 662 45.78 4.37 -7.60
C ALA A 662 46.62 5.29 -8.44
N LEU A 663 47.08 6.36 -7.81
CA LEU A 663 48.10 7.23 -8.39
C LEU A 663 49.25 7.33 -7.38
N PHE A 664 50.34 6.59 -7.65
CA PHE A 664 51.48 6.41 -6.73
C PHE A 664 52.51 7.56 -6.89
N MET A 665 52.71 8.30 -5.82
CA MET A 665 53.67 9.39 -5.81
C MET A 665 55.00 8.92 -5.20
N ASP A 666 56.05 8.89 -6.03
CA ASP A 666 57.41 8.58 -5.50
C ASP A 666 57.73 9.50 -4.36
N CYS A 667 57.24 10.73 -4.45
CA CYS A 667 57.33 11.68 -3.37
C CYS A 667 56.36 12.86 -3.63
N THR A 668 55.53 13.19 -2.64
CA THR A 668 54.61 14.34 -2.73
C THR A 668 55.25 15.63 -2.31
N HIS A 669 54.50 16.71 -2.42
CA HIS A 669 54.96 18.04 -1.98
C HIS A 669 54.76 18.35 -0.48
N ASP A 670 54.32 17.37 0.29
CA ASP A 670 54.22 17.44 1.75
C ASP A 670 55.12 16.40 2.39
N ASN A 671 55.91 15.68 1.55
CA ASN A 671 56.83 14.61 1.97
C ASN A 671 58.29 15.12 2.24
N GLU A 672 58.82 14.78 3.43
CA GLU A 672 60.23 14.90 3.73
C GLU A 672 61.00 14.09 2.71
N THR A 673 62.11 14.65 2.24
CA THR A 673 62.78 14.21 1.03
C THR A 673 63.61 12.98 1.33
N PRO A 674 63.96 12.16 0.30
CA PRO A 674 64.81 11.00 0.58
C PRO A 674 66.15 11.42 1.19
N ASN A 675 66.63 12.60 0.81
CA ASN A 675 67.70 13.21 1.57
C ASN A 675 67.41 13.26 3.08
N GLN A 676 66.21 13.68 3.45
CA GLN A 676 65.83 13.79 4.87
C GLN A 676 65.52 12.46 5.58
N LYS A 677 64.72 11.62 4.94
CA LYS A 677 64.16 10.42 5.55
C LYS A 677 64.98 9.15 5.26
N ARG A 678 65.66 9.10 4.11
CA ARG A 678 66.58 8.01 3.81
C ARG A 678 67.95 8.55 3.39
N THR A 679 68.28 8.59 2.08
CA THR A 679 69.59 9.09 1.58
C THR A 679 69.30 9.55 0.14
N VAL A 680 69.97 10.58 -0.42
CA VAL A 680 69.60 11.00 -1.81
C VAL A 680 69.68 9.86 -2.79
N GLU A 681 70.50 8.87 -2.45
CA GLU A 681 70.79 7.77 -3.36
C GLU A 681 69.59 6.86 -3.63
N ASP A 682 68.71 6.77 -2.63
CA ASP A 682 67.47 6.04 -2.73
C ASP A 682 66.55 6.76 -3.71
N THR A 683 66.68 8.08 -3.91
CA THR A 683 65.84 8.77 -4.94
C THR A 683 65.65 7.90 -6.24
N LEU A 684 66.65 7.13 -6.64
CA LEU A 684 66.56 6.29 -7.84
C LEU A 684 65.75 5.05 -7.62
N PRO A 685 66.20 4.12 -6.80
CA PRO A 685 65.49 2.86 -6.76
C PRO A 685 64.06 3.00 -6.24
N ASN A 686 63.86 3.90 -5.30
CA ASN A 686 62.54 4.16 -4.83
C ASN A 686 61.64 4.56 -6.02
N ALA A 687 62.13 5.55 -6.81
CA ALA A 687 61.38 6.06 -8.02
C ALA A 687 61.10 5.07 -9.15
N ALA A 688 61.94 4.06 -9.24
CA ALA A 688 61.81 3.02 -10.24
C ALA A 688 60.79 2.00 -9.79
N LEU A 689 60.92 1.59 -8.54
CA LEU A 689 59.97 0.69 -7.97
C LEU A 689 58.51 1.17 -8.23
N VAL A 690 58.28 2.43 -7.88
CA VAL A 690 57.00 3.05 -8.05
C VAL A 690 56.67 3.02 -9.50
N ALA A 691 57.55 3.55 -10.34
CA ALA A 691 57.31 3.55 -11.77
C ALA A 691 56.99 2.18 -12.35
N PHE A 692 57.56 1.14 -11.77
CA PHE A 692 57.29 -0.25 -12.19
C PHE A 692 55.93 -0.80 -11.77
N CYS A 693 55.24 -0.09 -10.88
CA CYS A 693 53.85 -0.43 -10.57
C CYS A 693 52.96 -0.24 -11.79
N SER A 694 51.85 -0.98 -11.80
CA SER A 694 50.80 -0.82 -12.79
C SER A 694 49.72 0.08 -12.28
N SER A 695 49.84 1.38 -12.52
CA SER A 695 49.04 2.40 -11.87
C SER A 695 49.54 3.73 -12.39
N ALA A 696 48.88 4.82 -12.13
CA ALA A 696 49.46 6.10 -12.52
C ALA A 696 50.51 6.41 -11.51
N ILE A 697 51.41 7.31 -11.90
CA ILE A 697 52.46 7.77 -11.02
C ILE A 697 52.67 9.25 -11.16
N GLY A 698 53.29 9.80 -10.14
CA GLY A 698 53.67 11.18 -10.18
C GLY A 698 54.77 11.51 -9.20
N SER A 699 55.18 12.77 -9.22
CA SER A 699 56.30 13.21 -8.43
C SER A 699 56.23 14.71 -8.32
N VAL A 700 56.61 15.19 -7.15
CA VAL A 700 56.81 16.62 -6.95
C VAL A 700 58.11 17.10 -7.62
N TYR A 701 58.02 18.32 -8.14
CA TYR A 701 59.21 18.97 -8.63
C TYR A 701 60.23 19.01 -7.54
N GLY A 702 61.46 18.81 -7.97
CA GLY A 702 62.56 18.75 -7.06
C GLY A 702 62.90 17.32 -6.67
N TYR A 703 62.02 16.33 -6.81
CA TYR A 703 62.40 15.04 -6.26
C TYR A 703 63.44 14.46 -7.10
N ASP A 704 63.11 14.36 -8.40
CA ASP A 704 64.07 13.97 -9.46
C ASP A 704 65.34 14.85 -9.40
N GLU A 705 65.15 16.14 -9.15
CA GLU A 705 66.25 17.12 -9.07
C GLU A 705 67.12 17.06 -7.80
N VAL A 706 66.79 16.13 -6.91
CA VAL A 706 67.53 15.87 -5.71
C VAL A 706 67.66 17.12 -4.85
N PHE A 707 66.51 17.72 -4.51
CA PHE A 707 66.48 18.85 -3.54
C PHE A 707 66.71 18.25 -2.16
N PRO A 708 67.33 19.03 -1.27
CA PRO A 708 67.73 18.57 0.05
C PRO A 708 66.63 18.51 1.12
N GLN A 709 65.98 19.64 1.38
CA GLN A 709 64.97 19.69 2.44
C GLN A 709 63.68 19.82 1.67
N LEU A 710 62.61 19.19 2.16
CA LEU A 710 61.25 19.50 1.76
C LEU A 710 61.08 21.00 1.85
N LEU A 711 60.41 21.57 0.84
CA LEU A 711 60.18 23.02 0.76
C LEU A 711 58.89 23.48 1.49
N ASP A 712 59.06 24.27 2.54
CA ASP A 712 57.97 24.78 3.43
C ASP A 712 57.04 25.67 2.63
N LEU A 713 55.78 25.25 2.49
CA LEU A 713 54.86 25.89 1.53
C LEU A 713 54.62 27.39 1.72
N VAL A 714 54.90 27.87 2.94
CA VAL A 714 54.55 29.20 3.37
C VAL A 714 55.77 30.06 3.24
N GLN A 715 56.78 29.72 4.04
CA GLN A 715 57.95 30.58 4.28
C GLN A 715 58.91 30.69 3.07
N GLU A 716 58.83 29.74 2.15
CA GLU A 716 59.75 29.69 1.02
C GLU A 716 59.59 30.84 0.08
N LYS A 717 60.74 31.24 -0.43
CA LYS A 717 60.92 32.51 -1.07
C LYS A 717 61.36 32.39 -2.51
N ARG A 718 62.18 31.39 -2.83
CA ARG A 718 63.03 31.44 -4.04
C ARG A 718 62.37 30.82 -5.29
N THR A 719 63.08 30.84 -6.40
CA THR A 719 62.69 30.10 -7.59
C THR A 719 63.38 28.73 -7.61
N TYR A 720 62.83 27.84 -8.42
CA TYR A 720 63.48 26.59 -8.80
C TYR A 720 64.71 26.89 -9.69
N SER A 721 65.81 26.14 -9.52
CA SER A 721 67.00 26.24 -10.42
C SER A 721 66.67 25.97 -11.85
N CYS A 722 67.35 26.66 -12.77
CA CYS A 722 67.23 26.33 -14.20
C CYS A 722 68.14 25.17 -14.63
N ALA A 723 68.92 24.66 -13.67
CA ALA A 723 69.87 23.58 -13.91
C ALA A 723 69.24 22.34 -14.58
N GLU A 724 69.38 22.26 -15.89
CA GLU A 724 68.78 21.17 -16.65
C GLU A 724 69.44 19.79 -16.42
N ASN A 725 68.69 18.73 -16.67
CA ASN A 725 69.12 17.34 -16.58
C ASN A 725 69.79 16.88 -15.30
N THR A 726 69.53 17.58 -14.19
CA THR A 726 69.97 17.22 -12.82
C THR A 726 69.56 15.77 -12.42
N GLY A 727 70.13 15.25 -11.34
CA GLY A 727 69.66 14.04 -10.69
C GLY A 727 69.15 12.92 -11.56
N ILE A 728 67.84 12.73 -11.53
CA ILE A 728 67.20 11.52 -12.00
C ILE A 728 66.52 11.70 -13.34
N SER A 729 66.52 12.92 -13.86
CA SER A 729 65.99 13.24 -15.18
C SER A 729 66.22 12.17 -16.22
N LYS A 730 67.46 11.85 -16.54
CA LYS A 730 67.65 10.81 -17.54
C LYS A 730 66.81 9.55 -17.20
N VAL A 731 66.80 9.14 -15.93
CA VAL A 731 66.14 7.89 -15.54
C VAL A 731 64.60 7.93 -15.62
N LYS A 732 63.97 9.08 -15.32
CA LYS A 732 62.49 9.20 -15.49
C LYS A 732 62.13 9.18 -16.95
N THR A 733 62.77 10.02 -17.77
CA THR A 733 62.63 9.94 -19.24
C THR A 733 62.56 8.50 -19.73
N LEU A 734 63.41 7.66 -19.18
CA LEU A 734 63.46 6.28 -19.59
C LEU A 734 62.25 5.54 -19.06
N LEU A 735 61.98 5.70 -17.77
CA LEU A 735 60.86 5.01 -17.11
C LEU A 735 59.49 5.44 -17.74
N ASN A 736 59.24 6.73 -17.80
CA ASN A 736 58.11 7.25 -18.51
C ASN A 736 58.00 6.85 -20.00
N ASN A 737 59.08 6.96 -20.79
CA ASN A 737 59.01 6.52 -22.19
C ASN A 737 58.77 5.03 -22.26
N MET A 738 59.29 4.29 -21.29
CA MET A 738 59.14 2.85 -21.28
C MET A 738 57.70 2.48 -21.08
N ARG A 739 57.05 3.10 -20.07
CA ARG A 739 55.63 2.89 -19.77
C ARG A 739 54.71 3.25 -20.89
N GLU A 740 54.91 4.42 -21.51
CA GLU A 740 54.29 4.69 -22.80
C GLU A 740 54.29 3.53 -23.82
N GLU A 741 55.42 2.96 -24.18
CA GLU A 741 55.36 1.74 -24.99
C GLU A 741 54.36 0.65 -24.45
N ILE A 742 54.38 0.38 -23.15
CA ILE A 742 53.43 -0.54 -22.55
C ILE A 742 51.95 -0.04 -22.60
N ALA A 743 51.72 1.28 -22.58
CA ALA A 743 50.39 1.90 -22.39
C ALA A 743 49.32 1.23 -23.18
N SER A 744 49.55 1.19 -24.49
CA SER A 744 48.58 0.62 -25.44
C SER A 744 47.94 -0.67 -24.88
N GLU A 745 48.79 -1.66 -24.56
CA GLU A 745 48.44 -3.08 -24.44
C GLU A 745 47.45 -3.34 -23.31
N ALA A 746 47.89 -3.36 -22.06
CA ALA A 746 47.03 -3.81 -20.95
C ALA A 746 45.84 -2.89 -20.50
N VAL A 747 44.63 -3.40 -20.62
CA VAL A 747 43.38 -2.64 -20.42
C VAL A 747 42.75 -2.94 -19.02
N ASP A 748 42.38 -4.20 -18.85
CA ASP A 748 41.63 -4.67 -17.72
C ASP A 748 42.55 -5.29 -16.61
N ILE A 749 42.07 -5.26 -15.38
CA ILE A 749 42.72 -5.85 -14.19
C ILE A 749 43.38 -7.23 -14.39
N GLU A 750 42.77 -8.11 -15.18
CA GLU A 750 43.28 -9.46 -15.38
C GLU A 750 44.59 -9.49 -16.21
N ASP A 751 44.96 -8.34 -16.81
CA ASP A 751 45.99 -8.29 -17.87
C ASP A 751 47.40 -8.08 -17.49
N SER A 752 47.62 -7.25 -16.46
CA SER A 752 48.98 -7.05 -16.03
C SER A 752 49.21 -7.70 -14.69
N GLU A 753 49.99 -8.78 -14.75
CA GLU A 753 50.43 -9.57 -13.61
C GLU A 753 51.84 -9.10 -13.16
N MET A 754 52.28 -9.63 -12.02
CA MET A 754 53.49 -9.20 -11.35
C MET A 754 53.95 -10.10 -10.21
N HIS A 755 55.25 -9.94 -9.91
CA HIS A 755 55.90 -10.54 -8.74
C HIS A 755 56.87 -9.58 -8.08
N VAL A 756 56.69 -9.40 -6.76
CA VAL A 756 57.60 -8.59 -5.93
C VAL A 756 58.28 -9.38 -4.81
N HIS A 757 59.54 -9.06 -4.55
CA HIS A 757 60.39 -9.80 -3.58
C HIS A 757 61.36 -8.81 -2.93
N HIS A 758 61.37 -8.81 -1.60
CA HIS A 758 62.27 -8.01 -0.78
C HIS A 758 63.30 -8.96 -0.20
N ASP A 759 64.57 -8.64 -0.34
CA ASP A 759 65.62 -9.45 0.29
C ASP A 759 66.64 -8.49 0.83
N GLY A 760 66.62 -8.37 2.14
CA GLY A 760 67.41 -7.38 2.77
C GLY A 760 67.07 -6.03 2.21
N GLN A 761 68.01 -5.46 1.47
CA GLN A 761 67.90 -4.08 1.03
C GLN A 761 67.59 -4.04 -0.44
N TYR A 762 67.46 -5.23 -1.02
CA TYR A 762 67.09 -5.39 -2.42
C TYR A 762 65.60 -5.58 -2.50
N ILE A 763 64.99 -4.94 -3.50
CA ILE A 763 63.65 -5.26 -3.95
C ILE A 763 63.71 -5.66 -5.42
N THR A 764 62.93 -6.69 -5.76
CA THR A 764 62.91 -7.33 -7.06
C THR A 764 61.45 -7.28 -7.65
N PHE A 765 61.23 -6.50 -8.70
CA PHE A 765 59.89 -6.28 -9.26
C PHE A 765 59.73 -6.80 -10.70
N HIS A 766 59.17 -8.00 -10.86
CA HIS A 766 58.80 -8.54 -12.19
C HIS A 766 57.43 -7.97 -12.61
N ARG A 767 57.34 -7.28 -13.74
CA ARG A 767 56.19 -6.65 -14.23
C ARG A 767 55.86 -7.30 -15.56
N THR A 768 55.18 -8.41 -15.53
CA THR A 768 54.60 -9.05 -16.74
C THR A 768 53.37 -8.38 -17.38
N ASN A 769 53.15 -8.73 -18.65
CA ASN A 769 51.81 -8.74 -19.38
C ASN A 769 51.25 -10.16 -19.58
N ALA A 770 49.99 -10.41 -19.21
CA ALA A 770 49.44 -11.81 -19.17
C ALA A 770 48.89 -12.37 -20.47
N LYS A 771 48.72 -11.50 -21.46
CA LYS A 771 48.27 -11.86 -22.79
C LYS A 771 49.38 -12.45 -23.63
N ASN A 772 50.53 -11.75 -23.66
CA ASN A 772 51.67 -11.93 -24.62
C ASN A 772 53.04 -12.31 -24.05
N GLY A 773 53.31 -12.21 -22.77
CA GLY A 773 54.57 -12.70 -22.21
C GLY A 773 55.72 -11.70 -22.01
N LYS A 774 55.58 -10.47 -22.49
CA LYS A 774 56.60 -9.44 -22.23
C LYS A 774 56.66 -9.08 -20.76
N GLY A 775 57.87 -9.20 -20.21
CA GLY A 775 58.17 -8.81 -18.80
C GLY A 775 59.10 -7.63 -18.73
N TRP A 776 59.16 -6.95 -17.60
CA TRP A 776 60.28 -6.15 -17.23
C TRP A 776 60.64 -6.56 -15.85
N TYR A 777 61.94 -6.67 -15.60
CA TYR A 777 62.43 -7.12 -14.34
C TYR A 777 63.27 -5.99 -13.86
N LEU A 778 63.17 -5.71 -12.57
CA LEU A 778 63.87 -4.61 -11.97
C LEU A 778 64.50 -5.10 -10.70
N VAL A 779 65.79 -4.83 -10.57
CA VAL A 779 66.48 -5.02 -9.29
C VAL A 779 66.85 -3.66 -8.79
N ALA A 780 66.32 -3.36 -7.62
CA ALA A 780 66.50 -2.08 -6.98
C ALA A 780 67.15 -2.39 -5.69
N ARG A 781 68.28 -1.77 -5.45
CA ARG A 781 68.96 -1.95 -4.20
C ARG A 781 68.79 -0.65 -3.47
N THR A 782 68.06 -0.69 -2.40
CA THR A 782 67.66 0.52 -1.72
C THR A 782 68.75 1.08 -0.79
N LYS A 783 68.70 2.39 -0.56
CA LYS A 783 69.53 3.04 0.46
C LYS A 783 68.58 3.61 1.49
N PHE A 784 67.96 2.72 2.28
CA PHE A 784 67.24 3.25 3.46
C PHE A 784 68.24 3.85 4.49
N HIS A 785 69.39 3.19 4.65
CA HIS A 785 70.48 3.63 5.52
C HIS A 785 71.77 3.30 4.83
N SER A 786 72.89 3.86 5.28
CA SER A 786 74.15 3.31 4.83
C SER A 786 74.37 2.05 5.64
N SER A 787 73.93 0.88 5.18
CA SER A 787 73.99 -0.34 6.02
C SER A 787 74.84 -1.50 5.45
N GLY A 788 75.93 -1.15 4.80
CA GLY A 788 76.93 -2.15 4.42
C GLY A 788 76.71 -3.02 3.19
N ASP A 789 77.37 -4.18 3.20
CA ASP A 789 77.59 -5.00 2.02
C ASP A 789 76.66 -6.19 2.07
N GLN A 790 75.90 -6.34 0.99
CA GLN A 790 74.98 -7.44 0.85
C GLN A 790 74.90 -7.93 -0.55
N MET A 791 74.83 -9.24 -0.64
CA MET A 791 75.01 -9.94 -1.87
C MET A 791 73.72 -10.68 -2.13
N LEU A 792 72.91 -10.08 -2.99
CA LEU A 792 71.75 -10.76 -3.52
C LEU A 792 72.11 -12.05 -4.27
N PRO A 793 71.29 -13.10 -4.05
CA PRO A 793 71.53 -14.40 -4.68
C PRO A 793 71.08 -14.53 -6.12
N ARG A 794 71.66 -15.53 -6.75
CA ARG A 794 71.47 -15.76 -8.17
C ARG A 794 70.01 -15.74 -8.33
N ILE A 795 69.50 -14.73 -9.04
CA ILE A 795 68.08 -14.61 -9.45
C ILE A 795 67.70 -15.66 -10.48
N LYS A 796 66.66 -16.45 -10.27
CA LYS A 796 66.22 -17.45 -11.31
C LYS A 796 64.80 -17.26 -11.97
N LEU A 797 64.72 -17.02 -13.29
CA LEU A 797 63.43 -16.98 -14.04
C LEU A 797 63.13 -18.33 -14.67
N SER A 798 61.89 -18.64 -14.97
CA SER A 798 61.59 -19.93 -15.58
C SER A 798 60.95 -19.84 -16.94
N GLN A 799 61.32 -20.75 -17.81
CA GLN A 799 60.96 -20.61 -19.18
C GLN A 799 60.88 -19.12 -19.57
N THR A 800 61.93 -18.38 -19.29
CA THR A 800 62.00 -16.97 -19.64
C THR A 800 63.39 -16.55 -20.15
N LYS A 801 63.37 -15.51 -20.97
CA LYS A 801 64.56 -15.01 -21.62
C LYS A 801 64.74 -13.65 -21.04
N ALA A 802 66.01 -13.22 -20.95
CA ALA A 802 66.32 -11.88 -20.45
C ALA A 802 67.29 -11.07 -21.33
N THR A 803 67.21 -9.76 -21.16
CA THR A 803 67.89 -8.77 -21.96
C THR A 803 68.24 -7.63 -21.05
N PHE A 804 69.51 -7.29 -20.99
CA PHE A 804 69.90 -6.09 -20.28
C PHE A 804 69.27 -4.92 -21.01
N LYS A 805 68.69 -4.00 -20.27
CA LYS A 805 68.13 -2.77 -20.82
C LYS A 805 68.91 -1.57 -20.27
N ALA A 806 69.00 -1.45 -18.95
CA ALA A 806 69.78 -0.35 -18.35
C ALA A 806 70.18 -0.64 -16.92
N ALA A 807 71.20 0.11 -16.47
CA ALA A 807 71.63 0.07 -15.08
C ALA A 807 72.23 1.40 -14.73
N PHE A 808 72.06 1.78 -13.48
CA PHE A 808 72.47 3.08 -12.99
C PHE A 808 72.79 3.01 -11.50
N SER A 809 73.55 3.99 -11.08
CA SER A 809 73.82 4.15 -9.70
C SER A 809 73.83 5.63 -9.44
N LEU A 810 73.05 6.05 -8.46
CA LEU A 810 73.07 7.42 -8.03
C LEU A 810 74.06 7.50 -6.87
N GLU A 811 74.95 8.48 -6.98
CA GLU A 811 76.12 8.64 -6.09
C GLU A 811 76.21 10.10 -5.67
N ARG A 812 76.52 10.31 -4.39
CA ARG A 812 76.60 11.67 -3.85
C ARG A 812 78.00 12.33 -4.08
N THR A 813 78.00 13.36 -4.94
CA THR A 813 79.16 14.19 -5.31
C THR A 813 79.52 15.20 -4.17
N GLY A 814 78.59 15.43 -3.23
CA GLY A 814 78.78 16.38 -2.12
C GLY A 814 77.45 17.03 -1.66
N ASP A 815 77.56 18.13 -0.94
CA ASP A 815 76.41 18.81 -0.41
C ASP A 815 75.81 19.80 -1.38
N ALA A 816 74.56 20.13 -1.07
CA ALA A 816 73.76 21.19 -1.69
C ALA A 816 74.40 22.60 -1.66
N PRO A 817 74.34 23.36 -2.80
CA PRO A 817 74.72 24.78 -2.74
C PRO A 817 73.77 25.56 -1.86
N ILE A 818 74.15 26.78 -1.50
CA ILE A 818 73.31 27.61 -0.59
C ILE A 818 73.10 29.01 -1.19
N SER A 819 71.91 29.27 -1.73
CA SER A 819 71.56 30.55 -2.35
C SER A 819 70.33 31.20 -1.70
N ASP A 820 70.37 32.52 -1.59
CA ASP A 820 69.30 33.30 -1.01
C ASP A 820 68.12 33.41 -1.93
N GLU A 821 68.40 33.41 -3.24
CA GLU A 821 67.32 33.51 -4.25
C GLU A 821 67.27 32.39 -5.31
N ILE A 822 67.74 31.18 -5.00
CA ILE A 822 67.57 30.03 -5.93
C ILE A 822 67.76 28.68 -5.23
N ILE A 823 66.85 27.76 -5.52
CA ILE A 823 66.72 26.52 -4.78
C ILE A 823 67.35 25.50 -5.65
N GLU A 824 68.40 24.83 -5.17
CA GLU A 824 69.12 23.82 -5.99
C GLU A 824 69.37 22.46 -5.40
N GLY A 825 69.73 21.55 -6.28
CA GLY A 825 69.94 20.19 -5.92
C GLY A 825 71.24 19.92 -5.18
N ILE A 826 71.27 18.74 -4.58
CA ILE A 826 72.49 18.06 -4.25
C ILE A 826 73.19 17.73 -5.57
N PRO A 827 74.52 17.85 -5.58
CA PRO A 827 75.43 17.28 -6.56
C PRO A 827 75.34 15.74 -6.68
N THR A 828 75.10 15.25 -7.89
CA THR A 828 74.92 13.82 -8.08
C THR A 828 75.45 13.39 -9.43
N LYS A 829 76.32 12.38 -9.37
CA LYS A 829 76.62 11.48 -10.51
C LYS A 829 75.41 10.56 -10.72
N LEU A 830 75.19 10.18 -11.97
CA LEU A 830 74.34 9.06 -12.28
C LEU A 830 75.14 8.21 -13.27
N ARG A 831 75.80 7.19 -12.74
CA ARG A 831 76.78 6.42 -13.48
C ARG A 831 76.19 5.08 -13.89
N GLU A 832 76.42 4.72 -15.14
CA GLU A 832 75.83 3.53 -15.76
C GLU A 832 76.64 2.33 -15.34
N LEU A 833 76.00 1.18 -15.22
CA LEU A 833 76.63 0.00 -14.69
C LEU A 833 76.61 -1.17 -15.64
N THR A 834 77.37 -2.21 -15.25
CA THR A 834 77.71 -3.36 -16.08
C THR A 834 78.18 -4.52 -15.18
N GLY A 835 78.31 -5.68 -15.84
CA GLY A 835 78.89 -6.87 -15.27
C GLY A 835 77.84 -7.85 -14.84
N PHE A 836 76.61 -7.64 -15.37
CA PHE A 836 75.38 -8.42 -15.07
C PHE A 836 75.38 -9.62 -15.95
N ASP A 837 75.55 -10.84 -15.38
CA ASP A 837 75.76 -12.08 -16.12
C ASP A 837 74.46 -12.85 -16.28
N ILE A 838 73.92 -12.81 -17.51
CA ILE A 838 72.60 -13.39 -17.85
C ILE A 838 72.91 -14.75 -18.39
N GLY A 839 72.28 -15.78 -17.89
CA GLY A 839 72.63 -17.15 -18.23
C GLY A 839 71.40 -18.00 -18.47
N PHE A 840 71.19 -18.40 -19.72
CA PHE A 840 70.06 -19.24 -20.07
C PHE A 840 70.43 -20.72 -20.19
N ASP A 841 69.90 -21.61 -19.38
CA ASP A 841 70.17 -23.06 -19.53
C ASP A 841 69.31 -23.72 -20.62
N GLU A 842 69.86 -24.12 -21.77
CA GLU A 842 69.01 -24.60 -22.92
C GLU A 842 68.19 -25.83 -22.63
N ASN A 843 68.39 -26.44 -21.47
CA ASN A 843 67.74 -27.70 -21.12
C ASN A 843 66.75 -27.54 -19.99
N THR A 844 67.03 -26.68 -19.03
CA THR A 844 66.03 -26.24 -18.05
C THR A 844 65.09 -25.20 -18.63
N LYS A 845 65.58 -24.46 -19.63
CA LYS A 845 64.98 -23.22 -20.10
C LYS A 845 64.93 -22.15 -19.03
N GLU A 846 65.91 -22.15 -18.12
CA GLU A 846 65.95 -21.27 -16.94
C GLU A 846 66.89 -20.15 -17.24
N THR A 847 66.57 -18.94 -16.84
CA THR A 847 67.52 -17.86 -16.94
C THR A 847 68.02 -17.58 -15.52
N SER A 848 69.35 -17.43 -15.36
CA SER A 848 69.96 -17.08 -14.06
C SER A 848 70.48 -15.68 -14.19
N ILE A 849 70.32 -14.83 -13.21
CA ILE A 849 70.87 -13.49 -13.34
C ILE A 849 71.79 -13.27 -12.14
N LEU A 850 73.06 -12.91 -12.43
CA LEU A 850 74.09 -12.60 -11.40
C LEU A 850 74.47 -11.14 -11.44
N LEU A 851 74.46 -10.56 -10.26
CA LEU A 851 74.79 -9.17 -10.13
C LEU A 851 76.29 -9.08 -9.94
N PRO A 852 76.91 -8.05 -10.52
CA PRO A 852 78.26 -7.75 -10.21
C PRO A 852 78.38 -7.20 -8.81
N GLN A 853 79.56 -7.33 -8.20
CA GLN A 853 79.79 -6.84 -6.86
C GLN A 853 79.76 -5.33 -6.87
N ASP A 854 80.08 -4.72 -8.01
CA ASP A 854 79.85 -3.30 -8.12
C ASP A 854 78.40 -3.11 -8.42
N PHE A 855 77.68 -2.85 -7.33
CA PHE A 855 76.26 -2.51 -7.38
C PHE A 855 75.88 -1.81 -6.08
N PRO A 856 76.29 -0.57 -5.92
CA PRO A 856 76.14 0.07 -4.64
C PRO A 856 74.67 0.37 -4.32
N GLN A 857 74.28 0.25 -3.05
CA GLN A 857 72.99 0.66 -2.65
C GLN A 857 72.76 2.04 -3.25
N GLY A 858 71.59 2.19 -3.86
CA GLY A 858 71.20 3.33 -4.69
C GLY A 858 71.23 2.98 -6.17
N SER A 859 70.89 1.76 -6.52
CA SER A 859 71.10 1.30 -7.90
C SER A 859 69.94 0.50 -8.53
N ILE A 860 70.03 0.32 -9.83
CA ILE A 860 68.99 -0.30 -10.59
C ILE A 860 69.63 -1.15 -11.69
N VAL A 861 69.03 -2.29 -11.98
CA VAL A 861 69.17 -2.87 -13.30
C VAL A 861 67.78 -3.24 -13.84
N ILE A 862 67.47 -2.82 -15.06
CA ILE A 862 66.25 -3.22 -15.72
C ILE A 862 66.61 -4.22 -16.80
N PHE A 863 65.98 -5.37 -16.73
CA PHE A 863 65.98 -6.31 -17.86
C PHE A 863 64.61 -6.22 -18.57
N GLU A 864 64.57 -6.49 -19.86
CA GLU A 864 63.33 -6.82 -20.52
C GLU A 864 63.30 -8.34 -20.53
N THR A 865 62.10 -8.88 -20.36
CA THR A 865 61.82 -10.32 -20.26
C THR A 865 60.87 -10.79 -21.36
N GLN A 866 60.84 -12.09 -21.60
CA GLN A 866 59.82 -12.66 -22.45
C GLN A 866 59.61 -14.14 -22.12
N GLN A 867 58.42 -14.48 -21.64
CA GLN A 867 58.06 -15.85 -21.27
C GLN A 867 58.00 -16.74 -22.47
N LEU A 868 58.34 -18.01 -22.30
CA LEU A 868 58.59 -18.87 -23.43
C LEU A 868 57.41 -19.75 -23.66
N GLY A 869 56.79 -19.58 -24.82
CA GLY A 869 55.53 -20.25 -25.20
C GLY A 869 54.34 -19.34 -25.40
N ILE A 870 54.50 -18.05 -25.17
CA ILE A 870 53.44 -17.09 -25.37
C ILE A 870 53.77 -15.98 -26.32
N ASP A 871 52.89 -15.73 -27.30
CA ASP A 871 52.99 -14.63 -28.28
C ASP A 871 51.67 -13.94 -28.27
N ASP A 872 51.48 -12.98 -29.17
CA ASP A 872 50.15 -12.33 -29.31
C ASP A 872 49.13 -13.38 -29.73
N SER A 873 49.54 -14.16 -30.75
CA SER A 873 48.77 -15.29 -31.28
C SER A 873 47.94 -16.13 -30.27
N LEU A 874 48.59 -16.73 -29.29
CA LEU A 874 47.91 -17.60 -28.27
C LEU A 874 46.54 -17.14 -27.85
N ASP A 875 46.41 -15.85 -27.52
CA ASP A 875 45.16 -15.45 -26.86
C ASP A 875 43.96 -15.84 -27.67
N HIS A 876 43.93 -15.32 -28.90
CA HIS A 876 42.89 -15.65 -29.86
C HIS A 876 42.68 -17.14 -30.10
N PHE A 877 43.73 -17.88 -30.34
CA PHE A 877 43.62 -19.30 -30.66
C PHE A 877 42.87 -20.10 -29.56
N ILE A 878 43.03 -19.65 -28.34
CA ILE A 878 42.37 -20.29 -27.22
C ILE A 878 40.86 -19.96 -27.17
N ARG A 879 40.56 -18.73 -27.55
CA ARG A 879 39.22 -18.26 -27.58
C ARG A 879 38.51 -18.59 -28.89
N SER A 880 38.88 -19.60 -29.69
CA SER A 880 38.19 -19.80 -30.99
C SER A 880 38.04 -21.22 -31.54
N GLY A 881 37.09 -21.35 -32.46
CA GLY A 881 36.69 -22.65 -33.03
C GLY A 881 36.02 -23.71 -32.15
N ALA A 882 35.61 -23.34 -30.92
CA ALA A 882 35.01 -24.28 -29.97
C ALA A 882 33.56 -24.50 -30.39
N ILE A 883 32.88 -23.39 -30.69
CA ILE A 883 31.68 -23.44 -31.50
C ILE A 883 31.77 -24.39 -32.70
N LYS A 884 32.63 -24.15 -33.70
CA LYS A 884 32.56 -25.08 -34.81
C LYS A 884 32.84 -26.54 -34.43
N ALA A 885 33.56 -26.82 -33.34
CA ALA A 885 33.77 -28.24 -32.89
C ALA A 885 32.52 -28.93 -32.45
N THR A 886 31.82 -28.21 -31.59
CA THR A 886 30.55 -28.67 -31.03
C THR A 886 29.38 -28.73 -31.98
N GLU A 887 29.39 -27.91 -33.02
CA GLU A 887 28.48 -28.02 -34.14
C GLU A 887 27.98 -29.42 -34.50
N LYS A 888 28.74 -30.49 -34.27
CA LYS A 888 28.19 -31.80 -34.60
C LYS A 888 27.65 -32.57 -33.43
N LEU A 889 27.57 -31.95 -32.28
CA LEU A 889 27.11 -32.67 -31.07
C LEU A 889 25.60 -32.95 -31.10
N SER A 890 25.22 -34.07 -30.51
CA SER A 890 23.84 -34.35 -30.19
C SER A 890 23.67 -34.28 -28.68
N LEU A 891 22.46 -34.50 -28.22
CA LEU A 891 22.20 -34.47 -26.78
C LEU A 891 22.58 -35.82 -26.16
N GLU A 892 22.85 -36.80 -27.01
CA GLU A 892 23.52 -37.99 -26.51
C GLU A 892 24.98 -37.63 -26.36
N SER A 893 25.59 -37.20 -27.45
CA SER A 893 27.02 -37.09 -27.47
C SER A 893 27.52 -36.02 -26.44
N ILE A 894 26.69 -35.01 -26.17
CA ILE A 894 27.03 -34.06 -25.10
C ILE A 894 27.25 -34.78 -23.77
N ASN A 895 26.60 -35.92 -23.52
CA ASN A 895 26.84 -36.65 -22.25
C ASN A 895 28.32 -37.02 -22.09
N TYR A 896 28.85 -37.55 -23.19
CA TYR A 896 30.19 -38.10 -23.22
C TYR A 896 31.23 -37.02 -22.98
N VAL A 897 31.08 -35.87 -23.63
CA VAL A 897 31.99 -34.76 -23.43
C VAL A 897 31.93 -34.19 -22.01
N LEU A 898 30.76 -34.24 -21.38
CA LEU A 898 30.57 -33.43 -20.20
C LEU A 898 30.39 -34.16 -18.90
N TYR A 899 29.83 -35.36 -18.93
CA TYR A 899 29.25 -35.90 -17.70
C TYR A 899 29.93 -37.23 -17.45
N ARG A 900 29.26 -38.38 -17.49
CA ARG A 900 29.92 -39.69 -17.26
C ARG A 900 30.49 -39.82 -15.85
N ALA A 901 29.64 -40.27 -14.93
CA ALA A 901 30.04 -40.73 -13.62
C ALA A 901 31.08 -41.81 -13.80
N GLU A 902 31.87 -42.07 -12.77
CA GLU A 902 33.05 -42.92 -12.95
C GLU A 902 32.71 -44.32 -13.44
N GLN A 903 31.63 -44.89 -12.92
CA GLN A 903 31.28 -46.24 -13.29
C GLN A 903 30.72 -46.31 -14.65
N GLU A 904 30.09 -45.22 -15.06
CA GLU A 904 29.66 -45.07 -16.43
C GLU A 904 30.92 -45.17 -17.31
N GLU A 905 32.03 -44.56 -16.89
CA GLU A 905 33.29 -44.64 -17.63
C GLU A 905 34.07 -45.97 -17.49
N TYR A 906 34.05 -46.66 -16.35
CA TYR A 906 34.56 -48.03 -16.33
C TYR A 906 33.75 -48.91 -17.27
N ASP A 907 32.45 -48.66 -17.40
CA ASP A 907 31.61 -49.42 -18.34
C ASP A 907 32.03 -49.30 -19.82
N TYR A 908 32.50 -48.13 -20.23
CA TYR A 908 32.95 -47.95 -21.61
C TYR A 908 34.36 -48.48 -21.92
N SER A 909 35.16 -48.55 -20.86
CA SER A 909 36.57 -48.86 -20.95
C SER A 909 36.86 -50.24 -20.39
N GLU A 910 35.85 -51.10 -20.29
CA GLU A 910 35.99 -52.43 -19.66
C GLU A 910 36.93 -52.49 -18.41
N GLY A 911 36.86 -51.48 -17.55
CA GLY A 911 37.55 -51.52 -16.26
C GLY A 911 38.77 -50.63 -16.08
N ARG A 912 39.45 -50.29 -17.16
CA ARG A 912 40.78 -49.66 -17.07
C ARG A 912 40.84 -48.11 -17.01
N SER A 913 39.73 -47.41 -17.28
CA SER A 913 39.84 -45.93 -17.44
C SER A 913 39.39 -45.09 -16.28
N GLY A 914 38.11 -44.82 -16.15
CA GLY A 914 37.68 -43.96 -15.04
C GLY A 914 38.14 -42.51 -14.97
N ALA A 915 38.10 -41.99 -13.73
CA ALA A 915 38.18 -40.57 -13.39
C ALA A 915 39.49 -40.15 -12.74
N TYR A 916 39.91 -38.92 -12.97
CA TYR A 916 41.27 -38.49 -12.63
C TYR A 916 41.39 -38.14 -11.18
N ASP A 917 42.28 -38.78 -10.45
CA ASP A 917 42.47 -38.47 -9.03
C ASP A 917 43.42 -37.28 -8.86
N ILE A 918 42.84 -36.12 -8.55
CA ILE A 918 43.66 -34.96 -8.24
C ILE A 918 44.34 -35.24 -6.91
N PRO A 919 45.69 -35.20 -6.86
CA PRO A 919 46.48 -35.36 -5.65
C PRO A 919 46.16 -34.37 -4.58
N ASP A 920 45.82 -34.92 -3.42
CA ASP A 920 45.36 -34.19 -2.22
C ASP A 920 43.98 -33.58 -2.25
N TYR A 921 43.18 -33.96 -3.22
CA TYR A 921 41.77 -33.51 -3.31
C TYR A 921 40.86 -34.71 -3.40
N GLY A 922 41.08 -35.55 -4.40
CA GLY A 922 40.30 -36.73 -4.61
C GLY A 922 39.84 -36.57 -6.02
N LYS A 923 39.03 -37.53 -6.45
CA LYS A 923 38.37 -37.46 -7.78
C LYS A 923 37.16 -36.47 -7.94
N PRO A 924 37.12 -35.80 -9.11
CA PRO A 924 35.85 -35.25 -9.49
C PRO A 924 34.86 -36.40 -9.82
N VAL A 925 33.71 -35.97 -10.25
CA VAL A 925 32.47 -36.69 -10.06
C VAL A 925 31.97 -37.19 -11.40
N TYR A 926 32.08 -36.32 -12.39
CA TYR A 926 32.06 -36.67 -13.78
C TYR A 926 33.50 -36.68 -14.33
N CYS A 927 33.81 -37.74 -15.06
CA CYS A 927 35.04 -37.80 -15.84
C CYS A 927 35.13 -36.61 -16.86
N GLY A 928 34.00 -36.33 -17.49
CA GLY A 928 33.85 -35.22 -18.44
C GLY A 928 33.95 -33.80 -17.90
N LEU A 929 33.82 -32.80 -18.78
CA LEU A 929 34.16 -31.46 -18.33
C LEU A 929 33.38 -30.95 -17.07
N GLN A 930 32.11 -31.34 -16.86
CA GLN A 930 31.35 -30.87 -15.70
C GLN A 930 32.17 -31.05 -14.44
N GLY A 931 32.82 -32.20 -14.34
CA GLY A 931 33.66 -32.55 -13.18
C GLY A 931 34.64 -31.45 -12.82
N TRP A 932 35.32 -30.96 -13.85
CA TRP A 932 36.33 -29.93 -13.70
C TRP A 932 35.64 -28.63 -13.38
N VAL A 933 34.57 -28.31 -14.10
CA VAL A 933 33.92 -26.99 -13.95
C VAL A 933 33.37 -26.89 -12.55
N SER A 934 32.88 -28.00 -12.02
CA SER A 934 32.34 -27.96 -10.69
C SER A 934 33.40 -27.52 -9.70
N ILE A 935 34.63 -28.01 -9.89
CA ILE A 935 35.81 -27.62 -9.04
C ILE A 935 36.41 -26.25 -9.38
N LEU A 936 36.49 -25.93 -10.66
CA LEU A 936 37.20 -24.72 -11.06
C LEU A 936 36.60 -23.41 -10.68
N ARG A 937 35.33 -23.44 -10.35
CA ARG A 937 34.50 -22.23 -10.40
C ARG A 937 34.75 -21.35 -9.23
N LYS A 938 34.67 -21.97 -8.06
CA LYS A 938 35.10 -21.33 -6.84
C LYS A 938 36.59 -20.92 -6.98
N ILE A 939 37.43 -21.85 -7.50
CA ILE A 939 38.87 -21.56 -7.80
C ILE A 939 39.09 -20.26 -8.63
N ILE A 940 38.45 -20.14 -9.79
CA ILE A 940 38.62 -18.94 -10.61
C ILE A 940 38.14 -17.71 -9.82
N PHE A 941 37.04 -17.90 -9.06
CA PHE A 941 36.44 -16.84 -8.31
C PHE A 941 37.43 -16.32 -7.30
N TYR A 942 38.09 -17.19 -6.54
CA TYR A 942 38.99 -16.73 -5.45
C TYR A 942 40.51 -16.54 -5.82
N ASN A 943 40.80 -16.65 -7.13
CA ASN A 943 42.13 -16.85 -7.65
C ASN A 943 42.97 -17.77 -6.85
N ASP A 944 42.43 -18.90 -6.42
CA ASP A 944 43.15 -19.84 -5.55
C ASP A 944 44.20 -20.64 -6.32
N LEU A 945 45.44 -20.10 -6.38
CA LEU A 945 46.59 -20.76 -7.09
C LEU A 945 47.15 -21.78 -6.20
N ALA A 946 46.81 -21.71 -4.92
CA ALA A 946 47.15 -22.76 -3.94
C ALA A 946 46.36 -24.07 -4.05
N HIS A 947 45.29 -24.14 -4.82
CA HIS A 947 44.43 -25.33 -4.77
C HIS A 947 45.20 -26.58 -5.27
N PRO A 948 44.94 -27.77 -4.67
CA PRO A 948 45.55 -29.00 -5.10
C PRO A 948 45.51 -29.23 -6.59
N LEU A 949 44.35 -28.97 -7.21
CA LEU A 949 44.24 -28.83 -8.67
C LEU A 949 45.19 -27.80 -9.26
N SER A 950 45.12 -26.55 -8.82
CA SER A 950 46.17 -25.58 -9.21
C SER A 950 47.63 -26.16 -9.15
N ASN A 951 47.97 -26.82 -8.04
CA ASN A 951 49.27 -27.43 -7.90
C ASN A 951 49.51 -28.49 -8.98
N ASN A 952 48.83 -29.65 -8.90
CA ASN A 952 48.97 -30.71 -9.90
C ASN A 952 49.01 -30.22 -11.36
N LEU A 953 48.30 -29.14 -11.62
CA LEU A 953 48.29 -28.58 -12.97
C LEU A 953 49.57 -27.94 -13.42
N ARG A 954 50.44 -27.58 -12.50
CA ARG A 954 51.85 -27.19 -12.90
C ARG A 954 52.89 -28.18 -12.47
N ASN A 955 52.69 -28.86 -11.33
CA ASN A 955 53.46 -30.07 -11.07
C ASN A 955 53.61 -30.97 -12.29
N GLY A 956 52.67 -30.95 -13.22
CA GLY A 956 52.83 -31.51 -14.55
C GLY A 956 51.65 -31.20 -15.48
N HIS A 957 51.52 -32.03 -16.51
CA HIS A 957 50.62 -31.85 -17.63
C HIS A 957 49.68 -33.06 -17.73
N TRP A 958 49.39 -33.76 -16.62
CA TRP A 958 48.69 -35.04 -16.76
C TRP A 958 47.24 -34.81 -16.90
N ALA A 959 46.71 -33.92 -16.08
CA ALA A 959 45.31 -33.57 -16.33
C ALA A 959 45.09 -33.09 -17.78
N VAL A 960 45.99 -32.25 -18.26
CA VAL A 960 45.86 -31.66 -19.59
C VAL A 960 45.62 -32.78 -20.58
N ASP A 961 46.37 -33.85 -20.42
CA ASP A 961 46.29 -34.96 -21.35
C ASP A 961 45.10 -35.88 -21.06
N TYR A 962 44.72 -36.04 -19.80
CA TYR A 962 43.51 -36.84 -19.42
C TYR A 962 42.26 -36.33 -20.08
N VAL A 963 42.13 -35.01 -20.08
CA VAL A 963 41.01 -34.36 -20.74
C VAL A 963 40.85 -34.77 -22.19
N VAL A 964 41.98 -34.80 -22.91
CA VAL A 964 41.95 -35.12 -24.33
C VAL A 964 41.94 -36.61 -24.60
N ASN A 965 42.41 -37.43 -23.69
CA ASN A 965 42.49 -38.87 -23.95
C ASN A 965 41.26 -39.68 -23.59
N ARG A 966 40.48 -39.22 -22.57
CA ARG A 966 39.16 -39.83 -22.21
C ARG A 966 38.35 -40.10 -23.46
N LEU A 967 38.30 -39.06 -24.30
CA LEU A 967 37.44 -39.04 -25.47
C LEU A 967 37.77 -40.13 -26.48
N ASP A 968 38.93 -40.77 -26.37
CA ASP A 968 39.23 -42.00 -27.18
C ASP A 968 38.11 -43.00 -27.00
N LEU A 969 37.60 -43.12 -25.79
CA LEU A 969 36.53 -44.04 -25.51
C LEU A 969 35.22 -43.78 -26.29
N TYR A 970 34.92 -42.50 -26.49
CA TYR A 970 33.66 -42.09 -27.05
C TYR A 970 33.90 -41.36 -28.36
N LYS A 971 34.90 -41.80 -29.10
CA LYS A 971 35.41 -41.02 -30.24
C LYS A 971 34.47 -41.07 -31.45
N ASP A 972 33.84 -42.22 -31.64
CA ASP A 972 32.94 -42.40 -32.75
C ASP A 972 31.59 -41.67 -32.52
N LYS A 973 31.19 -41.39 -31.28
CA LYS A 973 29.90 -40.73 -31.02
C LYS A 973 29.88 -39.34 -31.65
N GLU A 974 28.70 -38.93 -32.14
CA GLU A 974 28.59 -37.83 -33.10
C GLU A 974 29.23 -36.56 -32.57
N GLY A 975 30.25 -36.10 -33.31
CA GLY A 975 30.84 -34.79 -33.11
C GLY A 975 31.78 -34.71 -31.94
N VAL A 976 32.09 -35.88 -31.35
CA VAL A 976 33.00 -35.97 -30.19
C VAL A 976 34.42 -35.84 -30.70
N ALA A 977 34.72 -36.67 -31.71
CA ALA A 977 35.95 -36.53 -32.48
C ALA A 977 36.36 -35.07 -32.64
N GLU A 978 35.46 -34.27 -33.24
CA GLU A 978 35.80 -32.88 -33.55
C GLU A 978 36.05 -32.08 -32.29
N VAL A 979 35.30 -32.34 -31.23
CA VAL A 979 35.54 -31.68 -29.93
C VAL A 979 36.90 -31.98 -29.31
N GLN A 980 37.23 -33.26 -29.33
CA GLN A 980 38.50 -33.75 -28.84
C GLN A 980 39.64 -33.08 -29.59
N GLU A 981 39.62 -33.13 -30.92
CA GLU A 981 40.61 -32.40 -31.69
C GLU A 981 40.69 -30.86 -31.34
N TRP A 982 39.58 -30.17 -31.06
CA TRP A 982 39.72 -28.76 -30.56
C TRP A 982 40.52 -28.73 -29.28
N LEU A 983 40.18 -29.65 -28.38
CA LEU A 983 40.81 -29.71 -27.07
C LEU A 983 42.27 -30.14 -27.16
N ARG A 984 42.60 -31.17 -27.97
CA ARG A 984 44.02 -31.48 -28.25
C ARG A 984 44.82 -30.28 -28.76
N SER A 985 44.34 -29.61 -29.79
CA SER A 985 45.09 -28.47 -30.32
C SER A 985 45.37 -27.39 -29.26
N ARG A 986 44.41 -27.17 -28.41
CA ARG A 986 44.55 -26.10 -27.45
C ARG A 986 45.36 -26.61 -26.31
N MET A 987 45.20 -27.88 -25.96
CA MET A 987 45.94 -28.47 -24.87
C MET A 987 47.40 -28.61 -25.27
N GLU A 988 47.65 -29.28 -26.39
CA GLU A 988 48.97 -29.30 -27.00
C GLU A 988 49.72 -27.97 -26.85
N ARG A 989 49.04 -26.88 -27.14
CA ARG A 989 49.67 -25.56 -27.23
C ARG A 989 49.99 -24.93 -25.89
N ILE A 990 49.06 -25.19 -24.99
CA ILE A 990 49.14 -24.82 -23.58
C ILE A 990 50.35 -25.46 -22.95
N LYS A 991 50.62 -26.71 -23.28
CA LYS A 991 51.76 -27.45 -22.71
C LYS A 991 53.13 -26.86 -23.11
N GLN A 992 53.16 -26.09 -24.19
CA GLN A 992 54.29 -25.25 -24.47
C GLN A 992 54.43 -24.02 -23.57
N LEU A 993 53.71 -23.94 -22.46
CA LEU A 993 53.81 -22.80 -21.56
C LEU A 993 54.55 -23.14 -20.29
N PRO A 994 55.13 -22.10 -19.70
CA PRO A 994 55.79 -22.23 -18.45
C PRO A 994 54.90 -22.99 -17.51
N SER A 995 55.43 -23.94 -16.74
CA SER A 995 54.65 -24.67 -15.72
C SER A 995 53.59 -23.76 -15.08
N TYR A 996 54.06 -22.61 -14.62
CA TYR A 996 53.22 -21.73 -13.83
C TYR A 996 52.07 -21.08 -14.59
N LEU A 997 51.97 -21.16 -15.92
CA LEU A 997 50.80 -20.60 -16.61
C LEU A 997 49.73 -21.67 -16.91
N VAL A 998 50.10 -22.94 -16.82
CA VAL A 998 49.15 -24.00 -17.16
C VAL A 998 47.93 -24.10 -16.24
N PRO A 999 47.92 -23.50 -15.02
CA PRO A 999 46.59 -23.61 -14.38
C PRO A 999 45.56 -22.70 -15.02
N SER A 1000 45.96 -21.45 -15.19
CA SER A 1000 45.15 -20.41 -15.78
C SER A 1000 44.53 -20.88 -17.09
N PHE A 1001 45.37 -21.29 -18.03
CA PHE A 1001 44.97 -21.59 -19.41
C PHE A 1001 44.15 -22.87 -19.52
N PHE A 1002 44.44 -23.89 -18.72
CA PHE A 1002 43.59 -25.09 -18.67
C PHE A 1002 42.16 -24.80 -18.20
N ALA A 1003 42.02 -23.93 -17.18
CA ALA A 1003 40.71 -23.44 -16.73
C ALA A 1003 39.93 -22.87 -17.92
N LEU A 1004 40.57 -21.94 -18.60
CA LEU A 1004 39.92 -21.22 -19.68
C LEU A 1004 39.57 -22.19 -20.84
N VAL A 1005 40.43 -23.15 -21.11
CA VAL A 1005 40.26 -24.01 -22.31
C VAL A 1005 39.10 -24.95 -22.06
N VAL A 1006 38.86 -25.23 -20.80
CA VAL A 1006 37.81 -26.12 -20.43
C VAL A 1006 36.53 -25.30 -20.40
N GLY A 1007 36.60 -24.24 -19.61
CA GLY A 1007 35.44 -23.37 -19.43
C GLY A 1007 34.82 -22.99 -20.76
N ILE A 1008 35.66 -22.78 -21.76
CA ILE A 1008 35.18 -22.34 -23.06
C ILE A 1008 34.38 -23.43 -23.74
N MET A 1009 35.01 -24.60 -23.85
CA MET A 1009 34.36 -25.76 -24.45
C MET A 1009 33.16 -26.19 -23.62
N TYR A 1010 33.18 -26.01 -22.32
CA TYR A 1010 31.97 -26.32 -21.54
C TYR A 1010 30.82 -25.43 -21.95
N GLY A 1011 31.01 -24.12 -21.97
CA GLY A 1011 29.98 -23.17 -22.47
C GLY A 1011 29.49 -23.47 -23.90
N CYS A 1012 30.36 -23.41 -24.88
CA CYS A 1012 29.98 -23.97 -26.14
C CYS A 1012 29.13 -25.26 -26.06
N CYS A 1013 29.56 -26.20 -25.23
CA CYS A 1013 28.87 -27.50 -25.17
C CYS A 1013 27.46 -27.32 -24.66
N ARG A 1014 27.29 -26.38 -23.73
CA ARG A 1014 26.03 -26.17 -23.00
C ARG A 1014 25.09 -25.30 -23.83
N LEU A 1015 25.57 -24.19 -24.38
CA LEU A 1015 24.84 -23.45 -25.42
C LEU A 1015 24.34 -24.39 -26.51
N ARG A 1016 25.13 -25.39 -26.85
CA ARG A 1016 24.75 -26.41 -27.82
C ARG A 1016 23.60 -27.28 -27.29
N ALA A 1017 23.57 -27.57 -26.00
CA ALA A 1017 22.43 -28.26 -25.44
C ALA A 1017 21.15 -27.39 -25.52
N MET A 1018 21.17 -26.12 -25.12
CA MET A 1018 19.94 -25.33 -25.15
C MET A 1018 19.45 -25.15 -26.57
N GLN A 1019 20.34 -25.06 -27.50
CA GLN A 1019 19.92 -24.92 -28.88
C GLN A 1019 19.14 -26.11 -29.42
N LEU A 1020 19.39 -27.31 -28.93
CA LEU A 1020 18.75 -28.50 -29.47
C LEU A 1020 17.50 -28.84 -28.72
N MET A 1021 17.42 -28.36 -27.48
CA MET A 1021 16.19 -28.47 -26.70
C MET A 1021 15.20 -27.38 -27.07
N SER A 1022 13.99 -27.60 -26.68
CA SER A 1022 12.87 -26.70 -26.90
C SER A 1022 13.07 -25.27 -26.41
N ASP A 1023 12.28 -24.34 -26.92
CA ASP A 1023 12.41 -22.93 -26.57
C ASP A 1023 12.09 -22.66 -25.14
N ASN A 1024 11.17 -23.42 -24.58
CA ASN A 1024 10.74 -23.13 -23.24
C ASN A 1024 11.93 -23.24 -22.27
N VAL A 1025 12.86 -24.15 -22.66
CA VAL A 1025 14.13 -24.35 -21.98
C VAL A 1025 15.15 -23.35 -22.54
N GLY A 1026 15.33 -23.38 -23.83
CA GLY A 1026 16.19 -22.41 -24.46
C GLY A 1026 16.15 -20.99 -23.98
N LYS A 1027 15.08 -20.46 -23.44
CA LYS A 1027 15.08 -19.00 -23.18
C LYS A 1027 14.72 -18.66 -21.80
N SER A 1028 14.94 -19.63 -20.94
CA SER A 1028 14.58 -19.49 -19.58
C SER A 1028 15.81 -19.23 -18.78
N THR A 1029 15.57 -19.07 -17.48
CA THR A 1029 16.54 -18.95 -16.41
C THR A 1029 17.48 -20.09 -16.36
N VAL A 1030 18.58 -19.76 -15.67
CA VAL A 1030 19.57 -20.70 -15.23
C VAL A 1030 18.95 -21.87 -14.54
N PHE A 1031 18.20 -21.62 -13.49
CA PHE A 1031 17.71 -22.70 -12.66
C PHE A 1031 17.15 -23.82 -13.50
N VAL A 1032 16.48 -23.40 -14.56
CA VAL A 1032 15.74 -24.32 -15.40
C VAL A 1032 16.67 -25.09 -16.35
N GLN A 1033 17.58 -24.38 -17.02
CA GLN A 1033 18.55 -25.03 -17.90
C GLN A 1033 19.35 -26.03 -17.08
N SER A 1034 19.80 -25.57 -15.94
CA SER A 1034 20.45 -26.45 -15.03
C SER A 1034 19.62 -27.72 -14.87
N LEU A 1035 18.34 -27.59 -14.57
CA LEU A 1035 17.45 -28.76 -14.44
C LEU A 1035 17.48 -29.53 -15.74
N ALA A 1036 17.23 -28.82 -16.85
CA ALA A 1036 17.20 -29.46 -18.19
C ALA A 1036 18.41 -30.32 -18.50
N MET A 1037 19.61 -29.88 -18.06
CA MET A 1037 20.89 -30.57 -18.42
C MET A 1037 20.96 -31.94 -17.74
N THR A 1038 20.35 -31.98 -16.58
CA THR A 1038 20.24 -33.19 -15.84
C THR A 1038 19.70 -34.35 -16.71
N SER A 1039 18.93 -33.99 -17.76
CA SER A 1039 18.49 -34.94 -18.80
C SER A 1039 19.65 -35.57 -19.47
N ILE A 1040 20.59 -34.71 -19.87
CA ILE A 1040 21.79 -35.13 -20.60
C ILE A 1040 22.74 -35.94 -19.67
N GLN A 1041 22.70 -35.74 -18.36
CA GLN A 1041 23.39 -36.69 -17.47
C GLN A 1041 22.90 -38.15 -17.57
N MET A 1042 21.59 -38.24 -17.71
CA MET A 1042 20.85 -39.48 -17.52
C MET A 1042 20.71 -40.29 -18.77
N VAL A 1043 20.74 -39.62 -19.92
CA VAL A 1043 20.50 -40.27 -21.20
C VAL A 1043 21.78 -40.29 -22.03
N SER A 1044 22.37 -41.50 -22.03
CA SER A 1044 23.60 -41.89 -22.74
C SER A 1044 23.57 -43.39 -23.09
N ALA A 1045 24.36 -43.81 -24.08
CA ALA A 1045 24.44 -45.23 -24.46
C ALA A 1045 25.44 -45.97 -23.60
N MET A 1046 25.33 -47.29 -23.51
CA MET A 1046 26.27 -48.02 -22.66
C MET A 1046 26.88 -49.18 -23.41
N LYS A 1047 27.76 -49.93 -22.72
CA LYS A 1047 28.23 -51.22 -23.22
C LYS A 1047 27.53 -52.34 -22.49
N SER A 1048 27.40 -52.22 -21.18
CA SER A 1048 26.81 -53.31 -20.40
C SER A 1048 25.30 -53.40 -20.47
N THR A 1049 24.63 -52.41 -21.08
CA THR A 1049 23.16 -52.33 -21.02
C THR A 1049 22.51 -51.35 -22.00
N SER A 1050 21.20 -51.48 -22.10
CA SER A 1050 20.40 -50.71 -23.03
C SER A 1050 18.86 -50.85 -22.71
N ILE A 1051 18.03 -50.71 -23.74
CA ILE A 1051 16.56 -50.82 -23.67
C ILE A 1051 16.00 -51.75 -24.75
N LEU A 1052 16.63 -51.72 -25.91
CA LEU A 1052 16.54 -52.80 -26.89
C LEU A 1052 17.62 -53.83 -26.52
N PRO A 1053 17.37 -55.14 -26.74
CA PRO A 1053 18.34 -56.17 -26.35
C PRO A 1053 19.41 -56.57 -27.38
N ASP A 1054 19.15 -56.34 -28.66
CA ASP A 1054 20.09 -56.65 -29.75
C ASP A 1054 21.05 -55.49 -30.03
N GLN A 1055 20.63 -54.26 -29.70
CA GLN A 1055 21.46 -53.06 -29.82
C GLN A 1055 21.70 -52.43 -28.47
N ASN A 1056 22.70 -51.57 -28.45
CA ASN A 1056 22.95 -50.68 -27.33
C ASN A 1056 22.73 -49.24 -27.78
N ILE A 1057 21.67 -48.61 -27.27
CA ILE A 1057 21.39 -47.23 -27.61
C ILE A 1057 21.19 -46.42 -26.36
N ALA A 1058 20.88 -45.15 -26.58
CA ALA A 1058 20.62 -44.21 -25.53
C ALA A 1058 19.52 -44.71 -24.62
N ALA A 1059 19.92 -44.97 -23.38
CA ALA A 1059 19.05 -45.47 -22.35
C ALA A 1059 19.17 -44.63 -21.08
N MET A 1060 18.03 -44.43 -20.40
CA MET A 1060 17.91 -43.40 -19.37
C MET A 1060 18.10 -44.06 -18.06
N ALA A 1061 19.00 -43.49 -17.29
CA ALA A 1061 19.32 -44.03 -16.00
C ALA A 1061 18.41 -43.43 -14.96
N ALA A 1062 18.16 -44.19 -13.92
CA ALA A 1062 17.38 -43.71 -12.81
C ALA A 1062 18.06 -42.62 -12.06
N GLY A 1063 19.38 -42.72 -11.94
CA GLY A 1063 20.18 -41.81 -11.11
C GLY A 1063 21.64 -42.19 -11.13
N LEU A 1064 22.53 -41.20 -10.95
CA LEU A 1064 24.00 -41.37 -10.91
C LEU A 1064 24.57 -41.24 -9.49
N PRO A 1065 25.49 -42.11 -9.05
CA PRO A 1065 26.06 -43.22 -9.76
C PRO A 1065 25.50 -44.59 -9.38
N HIS A 1066 24.57 -44.68 -8.44
CA HIS A 1066 24.08 -45.98 -7.98
C HIS A 1066 23.20 -46.74 -9.01
N PHE A 1067 22.59 -46.05 -9.96
CA PHE A 1067 21.72 -46.70 -10.96
C PHE A 1067 22.15 -46.26 -12.34
N SER A 1068 23.32 -46.72 -12.76
CA SER A 1068 23.84 -46.35 -14.06
C SER A 1068 24.29 -47.50 -14.94
N THR A 1069 24.40 -48.71 -14.41
CA THR A 1069 25.16 -49.74 -15.10
C THR A 1069 24.58 -51.12 -14.92
N ASN A 1070 24.98 -52.01 -15.81
CA ASN A 1070 24.62 -53.42 -15.80
C ASN A 1070 23.10 -53.52 -15.67
N TYR A 1071 22.63 -54.24 -14.65
CA TYR A 1071 21.28 -54.80 -14.62
C TYR A 1071 20.43 -53.87 -13.79
N MET A 1072 20.78 -52.58 -13.79
CA MET A 1072 20.40 -51.60 -12.76
C MET A 1072 20.23 -50.15 -13.22
N ARG A 1073 20.30 -49.89 -14.52
CA ARG A 1073 20.26 -48.51 -15.02
C ARG A 1073 18.80 -48.15 -15.17
N CYS A 1074 18.06 -48.95 -15.95
CA CYS A 1074 16.69 -48.64 -16.34
C CYS A 1074 15.68 -49.26 -15.39
N TRP A 1075 14.76 -48.45 -14.87
CA TRP A 1075 13.58 -48.97 -14.16
C TRP A 1075 12.29 -48.41 -14.77
N GLY A 1076 11.36 -49.27 -15.15
CA GLY A 1076 10.14 -48.82 -15.84
C GLY A 1076 9.43 -47.71 -15.09
N ARG A 1077 9.26 -47.91 -13.79
CA ARG A 1077 8.78 -46.85 -12.91
C ARG A 1077 9.49 -45.48 -13.16
N ASP A 1078 10.81 -45.48 -12.94
CA ASP A 1078 11.66 -44.30 -13.03
C ASP A 1078 11.70 -43.65 -14.44
N VAL A 1079 11.61 -44.44 -15.50
CA VAL A 1079 11.74 -43.89 -16.84
C VAL A 1079 10.53 -43.05 -17.16
N PHE A 1080 9.36 -43.61 -16.85
CA PHE A 1080 8.11 -43.02 -17.28
C PHE A 1080 7.62 -41.89 -16.37
N ILE A 1081 7.95 -41.90 -15.07
CA ILE A 1081 7.81 -40.69 -14.26
C ILE A 1081 8.73 -39.59 -14.79
N SER A 1082 9.90 -39.97 -15.29
CA SER A 1082 10.86 -38.98 -15.79
C SER A 1082 10.52 -38.46 -17.18
N LEU A 1083 9.99 -39.36 -18.03
CA LEU A 1083 9.86 -39.08 -19.47
C LEU A 1083 9.27 -37.70 -19.82
N ARG A 1084 8.25 -37.26 -19.09
CA ARG A 1084 7.63 -35.97 -19.40
C ARG A 1084 8.58 -34.82 -19.17
N GLY A 1085 9.18 -34.81 -17.97
CA GLY A 1085 10.08 -33.73 -17.57
C GLY A 1085 11.29 -33.56 -18.44
N LEU A 1086 12.03 -34.68 -18.59
CA LEU A 1086 13.41 -34.66 -19.13
C LEU A 1086 13.45 -34.78 -20.64
N LEU A 1087 12.52 -35.58 -21.18
CA LEU A 1087 12.42 -35.81 -22.62
C LEU A 1087 11.38 -34.94 -23.33
N LEU A 1088 10.21 -34.68 -22.74
CA LEU A 1088 9.13 -34.00 -23.49
C LEU A 1088 9.13 -32.52 -23.36
N THR A 1089 9.20 -32.07 -22.11
CA THR A 1089 9.41 -30.65 -21.74
C THR A 1089 10.56 -29.98 -22.51
N THR A 1090 11.57 -30.80 -22.85
CA THR A 1090 12.86 -30.39 -23.40
C THR A 1090 12.98 -30.54 -24.89
N GLY A 1091 12.07 -31.27 -25.52
CA GLY A 1091 12.07 -31.35 -27.00
C GLY A 1091 12.61 -32.62 -27.57
N ARG A 1092 12.90 -33.56 -26.68
CA ARG A 1092 13.51 -34.87 -27.04
C ARG A 1092 12.45 -35.90 -27.35
N TYR A 1093 11.59 -35.56 -28.29
CA TYR A 1093 10.41 -36.35 -28.54
C TYR A 1093 10.86 -37.69 -29.12
N GLU A 1094 11.77 -37.62 -30.10
CA GLU A 1094 12.32 -38.83 -30.73
C GLU A 1094 12.83 -39.84 -29.70
N GLU A 1095 13.40 -39.32 -28.61
CA GLU A 1095 13.93 -40.17 -27.56
C GLU A 1095 12.81 -40.85 -26.75
N ALA A 1096 11.91 -40.02 -26.27
CA ALA A 1096 10.73 -40.48 -25.57
C ALA A 1096 10.12 -41.68 -26.32
N LYS A 1097 9.95 -41.51 -27.63
CA LYS A 1097 9.38 -42.56 -28.45
C LYS A 1097 10.16 -43.83 -28.33
N GLU A 1098 11.50 -43.75 -28.45
CA GLU A 1098 12.36 -44.95 -28.40
C GLU A 1098 12.22 -45.71 -27.10
N HIS A 1099 12.00 -44.98 -25.99
CA HIS A 1099 11.85 -45.57 -24.67
C HIS A 1099 10.53 -46.26 -24.47
N ILE A 1100 9.45 -45.56 -24.84
CA ILE A 1100 8.05 -46.09 -24.76
C ILE A 1100 7.93 -47.44 -25.54
N LEU A 1101 8.32 -47.39 -26.81
CA LEU A 1101 8.37 -48.56 -27.68
C LEU A 1101 9.31 -49.64 -27.20
N ALA A 1102 10.41 -49.27 -26.57
CA ALA A 1102 11.35 -50.29 -26.10
C ALA A 1102 10.77 -51.05 -24.90
N PHE A 1103 10.10 -50.33 -23.99
CA PHE A 1103 9.45 -50.99 -22.86
C PHE A 1103 8.16 -51.72 -23.27
N ALA A 1104 7.46 -51.19 -24.27
CA ALA A 1104 6.27 -51.86 -24.80
C ALA A 1104 6.51 -53.34 -25.03
N LYS A 1105 7.60 -53.65 -25.76
CA LYS A 1105 8.05 -55.04 -26.06
C LYS A 1105 7.93 -56.04 -24.88
N THR A 1106 8.28 -55.50 -23.69
CA THR A 1106 8.43 -56.24 -22.45
C THR A 1106 7.20 -56.75 -21.79
N LEU A 1107 6.07 -56.09 -22.05
CA LEU A 1107 4.79 -56.38 -21.37
C LEU A 1107 4.50 -57.90 -21.22
N LYS A 1108 3.85 -58.25 -20.10
CA LYS A 1108 3.54 -59.63 -19.67
C LYS A 1108 2.79 -59.47 -18.36
N HIS A 1109 1.94 -60.44 -18.01
CA HIS A 1109 1.07 -60.33 -16.83
C HIS A 1109 0.19 -59.08 -16.97
N GLY A 1110 -0.09 -58.71 -18.23
CA GLY A 1110 -0.71 -57.44 -18.57
C GLY A 1110 -0.15 -56.18 -17.93
N LEU A 1111 1.11 -56.21 -17.49
CA LEU A 1111 1.73 -55.00 -16.98
C LEU A 1111 3.21 -54.94 -17.39
N ILE A 1112 3.88 -53.86 -17.01
CA ILE A 1112 5.19 -53.54 -17.49
C ILE A 1112 6.17 -53.76 -16.32
N PRO A 1113 7.43 -54.08 -16.66
CA PRO A 1113 8.34 -54.62 -15.67
C PRO A 1113 9.01 -53.51 -14.94
N ASN A 1114 9.54 -53.84 -13.77
CA ASN A 1114 10.19 -52.89 -12.91
C ASN A 1114 11.55 -52.58 -13.43
N LEU A 1115 12.38 -53.62 -13.48
CA LEU A 1115 13.76 -53.58 -13.93
C LEU A 1115 13.69 -54.19 -15.33
N LEU A 1116 14.44 -53.66 -16.30
CA LEU A 1116 14.39 -54.15 -17.68
C LEU A 1116 15.80 -54.46 -18.13
N ASP A 1117 16.15 -55.73 -18.34
CA ASP A 1117 17.53 -56.06 -18.75
C ASP A 1117 17.59 -55.80 -20.21
N ALA A 1118 17.56 -54.54 -20.61
CA ALA A 1118 17.42 -54.19 -22.03
C ALA A 1118 16.35 -55.02 -22.75
N GLY A 1119 15.32 -55.43 -21.99
CA GLY A 1119 14.31 -56.34 -22.48
C GLY A 1119 14.90 -57.71 -22.78
N ARG A 1120 15.36 -58.40 -21.75
CA ARG A 1120 15.70 -59.83 -21.81
C ARG A 1120 15.98 -60.34 -20.40
N ASN A 1121 15.14 -61.23 -19.90
CA ASN A 1121 15.07 -61.50 -18.46
C ASN A 1121 14.94 -60.21 -17.60
N PRO A 1122 13.83 -59.45 -17.82
CA PRO A 1122 13.36 -58.44 -16.86
C PRO A 1122 12.51 -59.08 -15.77
N ARG A 1123 12.08 -58.24 -14.81
CA ARG A 1123 11.39 -58.69 -13.60
C ARG A 1123 10.11 -57.90 -13.41
N TYR A 1124 9.03 -58.61 -13.06
CA TYR A 1124 7.70 -58.04 -12.97
C TYR A 1124 7.25 -58.15 -11.55
N ASN A 1125 7.92 -57.38 -10.70
CA ASN A 1125 7.54 -57.25 -9.29
C ASN A 1125 6.90 -55.89 -9.05
N ALA A 1126 6.38 -55.30 -10.13
CA ALA A 1126 5.97 -53.91 -10.15
C ALA A 1126 4.60 -53.74 -10.74
N ARG A 1127 3.69 -53.32 -9.85
CA ARG A 1127 2.32 -52.88 -10.18
C ARG A 1127 2.25 -51.40 -10.63
N ASP A 1128 3.00 -50.51 -9.94
CA ASP A 1128 3.17 -49.08 -10.29
C ASP A 1128 3.25 -48.77 -11.76
N ALA A 1129 4.10 -49.57 -12.38
CA ALA A 1129 4.80 -49.20 -13.61
C ALA A 1129 3.89 -49.05 -14.81
N ALA A 1130 3.12 -50.11 -15.08
CA ALA A 1130 2.18 -50.13 -16.20
C ALA A 1130 1.43 -48.82 -16.35
N TRP A 1131 1.06 -48.24 -15.20
CA TRP A 1131 0.22 -47.07 -15.16
C TRP A 1131 1.03 -45.80 -15.39
N PHE A 1132 2.16 -45.68 -14.71
CA PHE A 1132 3.06 -44.57 -15.01
C PHE A 1132 3.48 -44.54 -16.48
N PHE A 1133 3.58 -45.75 -17.05
CA PHE A 1133 3.87 -46.00 -18.47
C PHE A 1133 2.81 -45.34 -19.36
N VAL A 1134 1.59 -45.78 -19.16
CA VAL A 1134 0.45 -45.40 -19.97
C VAL A 1134 0.18 -43.88 -19.93
N GLN A 1135 0.42 -43.32 -18.75
CA GLN A 1135 0.39 -41.89 -18.50
C GLN A 1135 1.43 -41.12 -19.34
N ALA A 1136 2.61 -41.71 -19.52
CA ALA A 1136 3.61 -41.14 -20.41
C ALA A 1136 3.18 -41.21 -21.88
N ILE A 1137 2.59 -42.34 -22.24
CA ILE A 1137 1.99 -42.49 -23.59
C ILE A 1137 0.98 -41.33 -23.88
N GLN A 1138 0.20 -40.99 -22.86
CA GLN A 1138 -0.73 -39.87 -22.97
C GLN A 1138 0.04 -38.57 -23.17
N ASP A 1139 0.89 -38.28 -22.19
CA ASP A 1139 1.78 -37.13 -22.16
C ASP A 1139 2.47 -36.91 -23.51
N TYR A 1140 2.91 -38.00 -24.11
CA TYR A 1140 3.52 -37.96 -25.43
C TYR A 1140 2.51 -37.50 -26.52
N VAL A 1141 1.36 -38.17 -26.55
CA VAL A 1141 0.33 -37.88 -27.56
C VAL A 1141 -0.16 -36.45 -27.39
N THR A 1142 -0.32 -36.02 -26.15
CA THR A 1142 -0.59 -34.62 -25.86
C THR A 1142 0.45 -33.64 -26.41
N ILE A 1143 1.73 -33.83 -26.05
CA ILE A 1143 2.79 -32.79 -26.25
C ILE A 1143 3.46 -32.89 -27.61
N VAL A 1144 3.74 -34.10 -28.05
CA VAL A 1144 4.50 -34.31 -29.28
C VAL A 1144 3.55 -33.85 -30.38
N PRO A 1145 4.04 -33.10 -31.38
CA PRO A 1145 3.13 -32.78 -32.48
C PRO A 1145 2.69 -34.01 -33.30
N GLY A 1146 1.38 -34.16 -33.50
CA GLY A 1146 0.83 -35.33 -34.16
C GLY A 1146 1.24 -36.66 -33.55
N GLY A 1147 1.49 -36.66 -32.25
CA GLY A 1147 1.99 -37.84 -31.57
C GLY A 1147 1.03 -39.01 -31.55
N VAL A 1148 -0.26 -38.75 -31.79
CA VAL A 1148 -1.27 -39.84 -31.93
C VAL A 1148 -0.69 -41.05 -32.68
N SER A 1149 0.04 -40.76 -33.75
CA SER A 1149 0.67 -41.73 -34.61
C SER A 1149 1.62 -42.70 -33.91
N LEU A 1150 2.04 -42.40 -32.69
CA LEU A 1150 2.68 -43.38 -31.82
C LEU A 1150 1.88 -44.67 -31.72
N LEU A 1151 0.56 -44.52 -31.55
CA LEU A 1151 -0.39 -45.62 -31.33
C LEU A 1151 -0.29 -46.71 -32.37
N GLN A 1152 -0.16 -46.33 -33.64
CA GLN A 1152 -0.08 -47.29 -34.74
C GLN A 1152 1.30 -47.93 -34.89
N GLU A 1153 2.29 -47.46 -34.15
CA GLU A 1153 3.66 -47.99 -34.27
C GLU A 1153 3.77 -49.44 -33.73
N LYS A 1154 4.18 -50.35 -34.61
CA LYS A 1154 4.35 -51.77 -34.26
C LYS A 1154 5.60 -51.95 -33.40
N VAL A 1155 5.60 -52.95 -32.52
CA VAL A 1155 6.84 -53.45 -31.93
C VAL A 1155 6.84 -54.96 -31.89
N THR A 1156 8.03 -55.54 -31.77
CA THR A 1156 8.19 -56.96 -31.50
C THR A 1156 7.87 -57.16 -30.04
N ARG A 1157 6.82 -57.91 -29.78
CA ARG A 1157 6.57 -58.33 -28.44
C ARG A 1157 7.63 -59.40 -28.17
N ARG A 1158 8.42 -59.25 -27.11
CA ARG A 1158 9.49 -60.26 -26.82
C ARG A 1158 9.18 -61.04 -25.58
N PHE A 1159 7.95 -61.55 -25.59
CA PHE A 1159 7.39 -62.46 -24.59
C PHE A 1159 5.94 -62.84 -25.09
N PRO A 1160 5.49 -64.13 -24.91
CA PRO A 1160 4.18 -64.55 -25.48
C PRO A 1160 2.93 -63.95 -24.79
N LEU A 1161 1.75 -64.27 -25.33
CA LEU A 1161 0.50 -63.54 -25.00
C LEU A 1161 -0.24 -64.04 -23.73
N ASP A 1162 -0.24 -65.36 -23.48
CA ASP A 1162 -0.36 -65.86 -22.09
C ASP A 1162 0.90 -65.42 -21.37
N ASP A 1163 0.96 -65.59 -20.07
CA ASP A 1163 2.10 -65.09 -19.33
C ASP A 1163 3.07 -66.23 -19.19
N GLU A 1164 3.56 -66.69 -20.34
CA GLU A 1164 4.33 -67.94 -20.39
C GLU A 1164 5.71 -67.67 -19.88
N TYR A 1165 6.42 -68.76 -19.57
CA TYR A 1165 7.72 -68.73 -18.90
C TYR A 1165 8.70 -67.96 -19.78
N ILE A 1166 9.94 -67.81 -19.31
CA ILE A 1166 10.95 -67.09 -20.07
C ILE A 1166 11.65 -67.88 -21.21
N PRO A 1167 11.06 -67.89 -22.45
CA PRO A 1167 11.96 -68.25 -23.56
C PRO A 1167 12.84 -67.04 -23.96
N TYR A 1168 14.11 -66.95 -23.54
CA TYR A 1168 14.87 -65.71 -23.82
C TYR A 1168 15.07 -65.49 -25.32
N ASP A 1169 15.61 -66.48 -26.02
CA ASP A 1169 15.98 -66.28 -27.44
C ASP A 1169 15.61 -67.51 -28.27
N ASP A 1170 14.33 -67.89 -28.17
CA ASP A 1170 13.74 -68.95 -29.00
C ASP A 1170 13.36 -68.35 -30.34
N PRO A 1171 12.78 -69.17 -31.22
CA PRO A 1171 11.91 -68.61 -32.26
C PRO A 1171 10.73 -67.78 -31.68
N LYS A 1172 10.33 -68.11 -30.45
CA LYS A 1172 9.20 -67.48 -29.74
C LYS A 1172 9.44 -66.08 -29.18
N ALA A 1173 10.52 -65.39 -29.54
CA ALA A 1173 10.79 -64.03 -29.05
C ALA A 1173 10.46 -62.91 -30.08
N PHE A 1174 11.23 -62.83 -31.18
CA PHE A 1174 10.87 -61.96 -32.35
C PHE A 1174 9.73 -62.61 -33.16
N SER A 1175 8.73 -63.12 -32.46
CA SER A 1175 7.77 -64.03 -33.07
C SER A 1175 6.54 -63.32 -33.62
N TYR A 1176 5.98 -62.42 -32.82
CA TYR A 1176 4.78 -61.69 -33.21
C TYR A 1176 4.87 -60.28 -32.70
N SER A 1177 3.97 -59.43 -33.19
CA SER A 1177 4.04 -57.99 -32.98
C SER A 1177 2.81 -57.40 -32.22
N SER A 1178 2.79 -56.08 -32.05
CA SER A 1178 1.75 -55.38 -31.29
C SER A 1178 1.83 -53.88 -31.59
N THR A 1179 0.72 -53.28 -32.00
CA THR A 1179 0.62 -51.82 -32.07
C THR A 1179 0.62 -51.28 -30.63
N ILE A 1180 1.15 -50.09 -30.40
CA ILE A 1180 1.03 -49.45 -29.06
C ILE A 1180 -0.45 -49.33 -28.65
N GLU A 1181 -1.32 -49.02 -29.62
CA GLU A 1181 -2.79 -49.10 -29.48
C GLU A 1181 -3.22 -50.37 -28.73
N GLU A 1182 -2.97 -51.53 -29.33
CA GLU A 1182 -3.39 -52.79 -28.71
C GLU A 1182 -2.56 -53.22 -27.47
N ILE A 1183 -1.47 -52.49 -27.14
CA ILE A 1183 -0.72 -52.64 -25.88
C ILE A 1183 -1.37 -51.90 -24.70
N ILE A 1184 -1.91 -50.72 -24.98
CA ILE A 1184 -2.65 -49.95 -23.98
C ILE A 1184 -3.87 -50.77 -23.61
N TYR A 1185 -4.61 -51.17 -24.64
CA TYR A 1185 -5.78 -52.01 -24.44
C TYR A 1185 -5.36 -53.18 -23.57
N GLU A 1186 -4.36 -53.93 -24.07
CA GLU A 1186 -3.83 -55.15 -23.45
C GLU A 1186 -3.69 -55.05 -21.93
N ILE A 1187 -3.30 -53.86 -21.45
CA ILE A 1187 -3.17 -53.59 -20.01
C ILE A 1187 -4.58 -53.59 -19.38
N LEU A 1188 -5.40 -52.60 -19.78
CA LEU A 1188 -6.74 -52.41 -19.26
C LEU A 1188 -7.54 -53.71 -19.21
N ASN A 1189 -7.58 -54.41 -20.33
CA ASN A 1189 -8.33 -55.63 -20.42
C ASN A 1189 -7.81 -56.70 -19.48
N ARG A 1190 -6.50 -56.90 -19.43
CA ARG A 1190 -5.94 -57.95 -18.60
C ARG A 1190 -6.24 -57.72 -17.11
N HIS A 1191 -6.19 -56.45 -16.70
CA HIS A 1191 -6.52 -56.05 -15.34
C HIS A 1191 -7.99 -56.34 -15.08
N ALA A 1192 -8.86 -55.79 -15.93
CA ALA A 1192 -10.31 -55.99 -15.85
C ALA A 1192 -10.65 -57.44 -15.48
N GLY A 1193 -10.15 -58.37 -16.28
CA GLY A 1193 -10.36 -59.81 -16.06
C GLY A 1193 -9.47 -60.51 -15.03
N GLY A 1194 -8.85 -59.74 -14.13
CA GLY A 1194 -7.99 -60.29 -13.10
C GLY A 1194 -6.64 -60.69 -13.65
N ILE A 1195 -5.57 -60.33 -12.93
CA ILE A 1195 -4.23 -60.92 -13.14
C ILE A 1195 -3.87 -61.72 -11.90
N LYS A 1196 -3.05 -62.75 -12.13
CA LYS A 1196 -2.65 -63.67 -11.10
C LYS A 1196 -1.49 -64.49 -11.62
N TYR A 1197 -0.35 -64.42 -10.94
CA TYR A 1197 0.86 -65.08 -11.42
C TYR A 1197 1.91 -65.25 -10.32
N ARG A 1198 2.67 -66.34 -10.43
CA ARG A 1198 3.86 -66.57 -9.61
C ARG A 1198 5.06 -66.06 -10.37
N GLU A 1199 5.69 -65.00 -9.87
CA GLU A 1199 6.84 -64.41 -10.58
C GLU A 1199 7.69 -65.44 -11.32
N ALA A 1200 7.77 -65.31 -12.64
CA ALA A 1200 8.60 -66.18 -13.45
C ALA A 1200 10.00 -66.28 -12.83
N ASN A 1201 10.44 -67.52 -12.63
CA ASN A 1201 11.79 -67.90 -12.11
C ASN A 1201 12.05 -67.58 -10.63
N ALA A 1202 11.04 -67.78 -9.78
CA ALA A 1202 11.12 -67.49 -8.33
C ALA A 1202 12.22 -68.26 -7.58
N GLY A 1203 12.44 -67.85 -6.33
CA GLY A 1203 13.41 -68.48 -5.42
C GLY A 1203 14.63 -67.62 -5.20
N PRO A 1204 15.46 -67.96 -4.18
CA PRO A 1204 16.70 -67.25 -3.78
C PRO A 1204 17.47 -66.61 -4.92
N ASN A 1205 17.50 -67.30 -6.06
CA ASN A 1205 18.19 -66.84 -7.26
C ASN A 1205 17.74 -65.46 -7.77
N LEU A 1206 16.50 -65.37 -8.27
CA LEU A 1206 15.96 -64.12 -8.84
C LEU A 1206 15.74 -63.06 -7.77
N ASP A 1207 15.44 -63.47 -6.55
CA ASP A 1207 15.42 -62.56 -5.41
C ASP A 1207 15.92 -63.27 -4.14
N ARG A 1208 16.90 -62.65 -3.48
CA ARG A 1208 17.53 -63.26 -2.33
C ARG A 1208 16.73 -63.15 -1.04
N VAL A 1209 15.73 -62.28 -0.98
CA VAL A 1209 15.03 -62.02 0.31
C VAL A 1209 13.54 -62.24 0.33
N MET A 1210 12.84 -61.95 -0.77
CA MET A 1210 11.42 -62.29 -0.93
C MET A 1210 11.10 -63.62 -0.24
N LYS A 1211 10.07 -63.65 0.60
CA LYS A 1211 9.64 -64.90 1.22
C LYS A 1211 8.93 -65.70 0.14
N ASP A 1212 8.77 -66.99 0.35
CA ASP A 1212 8.08 -67.80 -0.65
C ASP A 1212 6.64 -67.29 -0.95
N GLU A 1213 5.89 -66.96 0.12
CA GLU A 1213 4.52 -66.40 0.05
C GLU A 1213 4.40 -65.22 -0.94
N GLY A 1214 5.34 -64.28 -0.84
CA GLY A 1214 5.26 -63.03 -1.56
C GLY A 1214 5.37 -63.21 -3.06
N PHE A 1215 6.41 -63.89 -3.51
CA PHE A 1215 6.70 -64.05 -4.94
C PHE A 1215 5.48 -64.05 -5.89
N ASN A 1216 4.47 -64.87 -5.58
CA ASN A 1216 3.24 -64.91 -6.41
C ASN A 1216 2.29 -63.76 -6.07
N VAL A 1217 1.81 -63.06 -7.09
CA VAL A 1217 1.11 -61.77 -6.91
C VAL A 1217 -0.21 -61.67 -7.65
N GLU A 1218 -1.04 -60.76 -7.17
CA GLU A 1218 -2.36 -60.58 -7.70
C GLU A 1218 -2.71 -59.12 -7.83
N VAL A 1219 -3.51 -58.83 -8.87
CA VAL A 1219 -4.25 -57.59 -9.01
C VAL A 1219 -5.66 -57.91 -9.55
N ASN A 1220 -6.68 -57.34 -8.90
CA ASN A 1220 -8.08 -57.61 -9.23
C ASN A 1220 -8.90 -56.33 -9.06
N VAL A 1221 -9.77 -56.03 -10.03
CA VAL A 1221 -10.54 -54.78 -10.08
C VAL A 1221 -11.85 -54.92 -9.32
N ASP A 1222 -11.99 -54.20 -8.20
CA ASP A 1222 -13.22 -54.24 -7.42
C ASP A 1222 -14.31 -53.50 -8.19
N TRP A 1223 -15.19 -54.28 -8.82
CA TRP A 1223 -16.22 -53.73 -9.74
C TRP A 1223 -17.34 -52.93 -9.09
N GLU A 1224 -17.37 -52.98 -7.76
CA GLU A 1224 -18.23 -52.12 -6.95
C GLU A 1224 -17.75 -50.66 -7.01
N THR A 1225 -16.45 -50.44 -7.03
CA THR A 1225 -15.89 -49.08 -7.05
C THR A 1225 -15.16 -48.71 -8.35
N GLY A 1226 -14.75 -49.73 -9.10
CA GLY A 1226 -13.94 -49.53 -10.30
C GLY A 1226 -12.43 -49.43 -10.04
N LEU A 1227 -11.98 -49.60 -8.80
CA LEU A 1227 -10.57 -49.35 -8.51
C LEU A 1227 -9.73 -50.63 -8.38
N ILE A 1228 -8.42 -50.46 -8.66
CA ILE A 1228 -7.42 -51.55 -8.69
C ILE A 1228 -6.79 -51.81 -7.31
N HIS A 1229 -7.23 -52.91 -6.70
CA HIS A 1229 -6.58 -53.49 -5.53
C HIS A 1229 -5.61 -54.55 -5.98
N GLY A 1230 -4.47 -54.66 -5.29
CA GLY A 1230 -3.52 -55.76 -5.52
C GLY A 1230 -2.33 -55.92 -4.57
N GLY A 1231 -1.56 -56.99 -4.77
CA GLY A 1231 -0.32 -57.22 -4.06
C GLY A 1231 -0.57 -58.13 -2.89
N SER A 1232 0.31 -58.04 -1.90
CA SER A 1232 0.20 -58.82 -0.67
C SER A 1232 1.07 -58.19 0.40
N GLN A 1233 0.96 -58.69 1.63
CA GLN A 1233 1.68 -58.13 2.76
C GLN A 1233 3.19 -58.43 2.76
N PHE A 1234 3.62 -59.41 1.95
CA PHE A 1234 5.07 -59.73 1.72
C PHE A 1234 5.59 -59.19 0.36
N ASN A 1235 5.10 -58.01 -0.06
CA ASN A 1235 5.30 -57.46 -1.43
C ASN A 1235 5.35 -55.94 -1.61
N CYS A 1236 6.10 -55.53 -2.63
CA CYS A 1236 6.30 -54.12 -2.94
C CYS A 1236 6.11 -53.86 -4.40
N GLY A 1237 4.87 -53.80 -4.84
CA GLY A 1237 4.53 -53.34 -6.19
C GLY A 1237 4.64 -51.84 -6.38
N THR A 1238 4.67 -51.08 -5.30
CA THR A 1238 4.79 -49.64 -5.39
C THR A 1238 6.24 -49.19 -5.33
N TRP A 1239 6.44 -47.93 -5.68
CA TRP A 1239 7.73 -47.30 -5.58
C TRP A 1239 8.25 -47.24 -4.16
N MET A 1240 7.42 -47.41 -3.15
CA MET A 1240 7.91 -47.50 -1.78
C MET A 1240 8.31 -48.94 -1.44
N ASP A 1241 9.40 -49.39 -2.07
CA ASP A 1241 9.73 -50.82 -2.15
C ASP A 1241 11.02 -51.28 -1.46
N LYS A 1242 11.15 -51.02 -0.17
CA LYS A 1242 12.31 -51.55 0.52
C LYS A 1242 11.88 -52.91 1.01
N MET A 1243 12.60 -53.96 0.58
CA MET A 1243 12.37 -55.32 1.10
C MET A 1243 13.36 -55.59 2.23
N GLY A 1244 12.91 -55.47 3.48
CA GLY A 1244 13.77 -55.54 4.66
C GLY A 1244 14.72 -56.73 4.66
N GLU A 1245 15.95 -56.49 5.11
CA GLU A 1245 17.04 -57.46 4.96
C GLU A 1245 17.85 -57.74 6.22
N SER A 1246 17.77 -56.90 7.24
CA SER A 1246 18.64 -57.03 8.41
C SER A 1246 18.36 -58.28 9.24
N GLU A 1247 19.45 -58.81 9.79
CA GLU A 1247 19.45 -60.02 10.59
C GLU A 1247 19.26 -59.68 12.08
N LYS A 1248 20.10 -58.78 12.59
CA LYS A 1248 20.09 -58.42 14.02
C LYS A 1248 18.82 -57.69 14.48
N ALA A 1249 18.11 -57.03 13.57
CA ALA A 1249 16.79 -56.40 13.86
C ALA A 1249 15.59 -57.29 13.53
N ASN A 1250 15.83 -58.40 12.82
CA ASN A 1250 14.86 -59.45 12.58
C ASN A 1250 13.82 -59.13 11.50
N SER A 1251 14.25 -58.43 10.45
CA SER A 1251 13.31 -57.88 9.45
C SER A 1251 13.44 -58.48 8.05
N VAL A 1252 13.92 -59.72 7.96
CA VAL A 1252 14.25 -60.33 6.66
C VAL A 1252 12.99 -60.74 5.88
N GLY A 1253 12.92 -60.34 4.62
CA GLY A 1253 11.75 -60.68 3.75
C GLY A 1253 10.42 -60.04 4.13
N VAL A 1254 10.49 -59.11 5.08
CA VAL A 1254 9.33 -58.45 5.65
C VAL A 1254 9.46 -56.99 5.21
N PRO A 1255 8.74 -56.59 4.14
CA PRO A 1255 8.92 -55.26 3.59
C PRO A 1255 8.46 -54.17 4.55
N GLY A 1256 9.05 -52.97 4.46
CA GLY A 1256 8.72 -51.84 5.33
C GLY A 1256 7.48 -51.03 4.91
N THR A 1257 7.10 -51.13 3.65
CA THR A 1257 5.96 -50.38 3.09
C THR A 1257 5.30 -51.24 2.04
N PRO A 1258 4.68 -52.34 2.49
CA PRO A 1258 3.84 -52.99 1.51
C PRO A 1258 2.75 -51.96 1.19
N ARG A 1259 2.35 -51.89 -0.08
CA ARG A 1259 1.29 -50.97 -0.44
C ARG A 1259 0.28 -51.69 -1.30
N ASP A 1260 -0.34 -52.66 -0.62
CA ASP A 1260 -1.33 -53.56 -1.21
C ASP A 1260 -2.73 -52.96 -1.15
N GLY A 1261 -3.62 -53.56 -1.92
CA GLY A 1261 -4.91 -52.99 -2.17
C GLY A 1261 -4.81 -51.76 -3.05
N ALA A 1262 -5.81 -50.90 -2.86
CA ALA A 1262 -6.02 -49.73 -3.71
C ALA A 1262 -5.01 -48.63 -3.41
N ALA A 1263 -3.93 -48.64 -4.19
CA ALA A 1263 -2.95 -47.57 -4.16
C ALA A 1263 -3.56 -46.34 -4.81
N VAL A 1264 -3.29 -45.16 -4.25
CA VAL A 1264 -3.95 -43.92 -4.68
C VAL A 1264 -3.55 -43.49 -6.06
N GLU A 1265 -2.23 -43.39 -6.25
CA GLU A 1265 -1.60 -43.01 -7.53
C GLU A 1265 -2.10 -43.89 -8.68
N ILE A 1266 -2.06 -45.20 -8.45
CA ILE A 1266 -2.46 -46.21 -9.45
C ILE A 1266 -3.85 -45.95 -10.00
N ASN A 1267 -4.77 -45.67 -9.10
CA ASN A 1267 -6.16 -45.43 -9.49
C ASN A 1267 -6.35 -44.06 -10.11
N GLY A 1268 -5.68 -43.04 -9.59
CA GLY A 1268 -5.62 -41.77 -10.29
C GLY A 1268 -5.10 -41.96 -11.70
N LEU A 1269 -4.14 -42.86 -11.86
CA LEU A 1269 -3.50 -43.05 -13.17
C LEU A 1269 -4.40 -43.80 -14.11
N LEU A 1270 -5.08 -44.79 -13.56
CA LEU A 1270 -6.12 -45.51 -14.27
C LEU A 1270 -7.20 -44.55 -14.80
N LYS A 1271 -7.61 -43.60 -13.96
CA LYS A 1271 -8.60 -42.60 -14.33
C LYS A 1271 -8.14 -41.77 -15.54
N SER A 1272 -7.02 -41.08 -15.40
CA SER A 1272 -6.38 -40.44 -16.54
C SER A 1272 -6.45 -41.30 -17.81
N CYS A 1273 -6.09 -42.58 -17.68
CA CYS A 1273 -5.90 -43.47 -18.83
C CYS A 1273 -7.19 -43.74 -19.56
N LEU A 1274 -8.22 -44.06 -18.77
CA LEU A 1274 -9.63 -44.19 -19.24
C LEU A 1274 -10.09 -42.93 -19.94
N ARG A 1275 -9.97 -41.80 -19.24
CA ARG A 1275 -10.31 -40.54 -19.83
C ARG A 1275 -9.72 -40.35 -21.24
N PHE A 1276 -8.45 -40.67 -21.37
CA PHE A 1276 -7.66 -40.40 -22.59
C PHE A 1276 -8.14 -41.30 -23.74
N VAL A 1277 -8.18 -42.61 -23.50
CA VAL A 1277 -8.65 -43.58 -24.50
C VAL A 1277 -10.11 -43.33 -24.95
N LEU A 1278 -10.93 -42.79 -24.06
CA LEU A 1278 -12.28 -42.39 -24.42
C LEU A 1278 -12.18 -41.24 -25.39
N GLN A 1279 -11.59 -40.13 -24.95
CA GLN A 1279 -11.33 -39.01 -25.83
C GLN A 1279 -10.68 -39.43 -27.16
N LEU A 1280 -9.89 -40.50 -27.13
CA LEU A 1280 -9.32 -41.06 -28.37
C LEU A 1280 -10.29 -41.91 -29.18
N SER A 1281 -11.10 -42.74 -28.51
CA SER A 1281 -12.18 -43.50 -29.20
C SER A 1281 -12.97 -42.51 -30.06
N LYS A 1282 -13.39 -41.41 -29.44
CA LYS A 1282 -14.01 -40.27 -30.11
C LYS A 1282 -13.38 -39.74 -31.41
N ASP A 1283 -12.09 -39.96 -31.66
CA ASP A 1283 -11.44 -39.41 -32.86
C ASP A 1283 -10.84 -40.44 -33.82
N GLY A 1284 -11.29 -41.69 -33.74
CA GLY A 1284 -10.81 -42.78 -34.63
C GLY A 1284 -9.51 -43.49 -34.25
N LYS A 1285 -8.81 -42.98 -33.25
CA LYS A 1285 -7.43 -43.37 -32.98
C LYS A 1285 -7.33 -44.59 -32.06
N PHE A 1286 -8.27 -44.68 -31.12
CA PHE A 1286 -8.48 -45.91 -30.34
C PHE A 1286 -9.75 -46.56 -30.85
N LYS A 1287 -9.82 -47.88 -30.72
CA LYS A 1287 -10.90 -48.67 -31.32
C LYS A 1287 -11.28 -49.77 -30.36
N TYR A 1288 -11.67 -49.38 -29.15
CA TYR A 1288 -12.04 -50.34 -28.10
C TYR A 1288 -12.98 -49.67 -27.06
N THR A 1289 -14.05 -50.41 -26.67
CA THR A 1289 -14.87 -50.10 -25.46
C THR A 1289 -15.06 -51.31 -24.55
N GLU A 1290 -14.17 -52.26 -24.76
CA GLU A 1290 -14.36 -53.65 -24.47
C GLU A 1290 -13.54 -54.06 -23.24
N VAL A 1291 -14.16 -54.69 -22.25
CA VAL A 1291 -13.41 -55.29 -21.14
C VAL A 1291 -14.17 -56.45 -20.57
N THR A 1292 -13.61 -57.65 -20.72
CA THR A 1292 -14.18 -58.85 -20.12
C THR A 1292 -13.72 -58.95 -18.67
N LYS A 1293 -14.65 -59.34 -17.81
CA LYS A 1293 -14.42 -59.46 -16.37
C LYS A 1293 -14.23 -60.93 -16.02
N PRO A 1294 -13.69 -61.22 -14.81
CA PRO A 1294 -13.28 -62.61 -14.51
C PRO A 1294 -14.40 -63.68 -14.54
N ASP A 1295 -15.68 -63.24 -14.52
CA ASP A 1295 -16.80 -64.15 -14.78
C ASP A 1295 -17.09 -64.34 -16.28
N GLY A 1296 -16.92 -63.29 -17.08
CA GLY A 1296 -17.24 -63.32 -18.50
C GLY A 1296 -18.03 -62.10 -18.95
N SER A 1297 -18.90 -61.58 -18.09
CA SER A 1297 -19.58 -60.28 -18.29
C SER A 1297 -18.68 -59.11 -18.81
N LYS A 1298 -19.26 -58.13 -19.54
CA LYS A 1298 -18.47 -57.08 -20.28
C LYS A 1298 -18.84 -55.57 -20.07
N ILE A 1299 -17.90 -54.74 -19.56
CA ILE A 1299 -18.15 -53.29 -19.28
C ILE A 1299 -17.61 -52.31 -20.33
N SER A 1300 -18.43 -51.30 -20.63
CA SER A 1300 -17.99 -50.17 -21.45
C SER A 1300 -16.85 -49.50 -20.70
N LEU A 1301 -15.72 -49.28 -21.37
CA LEU A 1301 -14.67 -48.46 -20.79
C LEU A 1301 -15.27 -47.15 -20.23
N SER A 1302 -16.24 -46.60 -20.97
CA SER A 1302 -16.93 -45.38 -20.57
C SER A 1302 -17.62 -45.50 -19.20
N SER A 1303 -18.23 -46.66 -18.92
CA SER A 1303 -18.80 -46.95 -17.57
C SER A 1303 -17.70 -46.88 -16.50
N TRP A 1304 -16.63 -47.68 -16.68
CA TRP A 1304 -15.44 -47.71 -15.77
C TRP A 1304 -15.02 -46.31 -15.36
N ASN A 1305 -14.96 -45.42 -16.35
CA ASN A 1305 -14.66 -44.01 -16.12
C ASN A 1305 -15.67 -43.33 -15.18
N ASP A 1306 -16.96 -43.53 -15.48
CA ASP A 1306 -18.03 -42.99 -14.66
C ASP A 1306 -18.08 -43.65 -13.28
N LEU A 1307 -17.69 -44.93 -13.21
CA LEU A 1307 -17.55 -45.67 -11.95
C LEU A 1307 -16.57 -45.00 -10.97
N LEU A 1308 -15.30 -44.93 -11.36
CA LEU A 1308 -14.31 -44.28 -10.50
C LEU A 1308 -14.74 -42.85 -10.15
N GLN A 1309 -15.13 -42.09 -11.19
CA GLN A 1309 -15.54 -40.69 -11.08
C GLN A 1309 -16.47 -40.36 -9.90
N GLU A 1310 -17.26 -41.36 -9.44
CA GLU A 1310 -18.13 -41.23 -8.25
C GLU A 1310 -17.58 -41.95 -7.00
N ASN A 1311 -17.08 -43.16 -7.19
CA ASN A 1311 -16.56 -43.99 -6.09
C ASN A 1311 -15.22 -43.63 -5.47
N PHE A 1312 -14.30 -43.06 -6.27
CA PHE A 1312 -12.91 -42.75 -5.83
C PHE A 1312 -12.86 -41.86 -4.58
N GLU A 1313 -13.23 -40.58 -4.73
CA GLU A 1313 -13.15 -39.61 -3.63
C GLU A 1313 -13.83 -40.17 -2.38
N ARG A 1314 -15.01 -40.78 -2.56
CA ARG A 1314 -15.73 -41.56 -1.54
C ARG A 1314 -14.81 -42.50 -0.73
N CYS A 1315 -14.23 -43.50 -1.41
CA CYS A 1315 -13.30 -44.45 -0.79
C CYS A 1315 -12.07 -43.83 -0.10
N PHE A 1316 -11.49 -42.79 -0.72
CA PHE A 1316 -10.19 -42.21 -0.30
C PHE A 1316 -10.27 -40.98 0.64
N TYR A 1317 -11.31 -40.14 0.51
CA TYR A 1317 -11.39 -38.91 1.32
C TYR A 1317 -11.68 -39.23 2.81
N VAL A 1318 -11.16 -38.37 3.69
CA VAL A 1318 -11.41 -38.44 5.13
C VAL A 1318 -11.83 -37.02 5.48
N PRO A 1319 -13.13 -36.82 5.80
CA PRO A 1319 -13.60 -35.45 5.98
C PRO A 1319 -13.27 -34.86 7.33
N LYS A 1320 -13.36 -33.53 7.36
CA LYS A 1320 -12.86 -32.75 8.46
C LYS A 1320 -13.89 -32.80 9.56
N ASN A 1321 -15.14 -32.66 9.14
CA ASN A 1321 -16.31 -32.75 10.03
C ASN A 1321 -16.60 -34.24 10.29
N LYS A 1322 -16.53 -34.61 11.56
CA LYS A 1322 -16.87 -35.95 12.03
C LYS A 1322 -18.24 -36.53 11.55
N GLU A 1323 -19.22 -35.66 11.29
CA GLU A 1323 -20.58 -36.06 10.88
C GLU A 1323 -20.65 -36.60 9.44
N ASP A 1324 -19.87 -36.02 8.53
CA ASP A 1324 -19.85 -36.45 7.12
C ASP A 1324 -19.26 -37.85 6.88
N ASP A 1325 -18.55 -38.39 7.89
CA ASP A 1325 -18.01 -39.77 7.89
C ASP A 1325 -18.89 -40.86 7.23
N ASN A 1326 -20.20 -40.78 7.42
CA ASN A 1326 -21.18 -41.72 6.81
C ASN A 1326 -20.84 -41.99 5.37
N LYS A 1327 -20.73 -40.93 4.60
CA LYS A 1327 -20.64 -41.05 3.15
C LYS A 1327 -19.29 -41.59 2.63
N PHE A 1328 -18.26 -41.69 3.49
CA PHE A 1328 -16.85 -41.83 3.05
C PHE A 1328 -16.09 -43.10 3.51
N GLU A 1329 -16.79 -44.06 4.11
CA GLU A 1329 -16.23 -45.41 4.34
C GLU A 1329 -15.05 -45.47 5.31
N ILE A 1330 -15.28 -45.34 6.64
CA ILE A 1330 -14.20 -45.41 7.63
C ILE A 1330 -14.46 -45.88 9.10
N ASP A 1331 -13.36 -45.96 9.85
CA ASP A 1331 -13.29 -46.28 11.28
C ASP A 1331 -12.64 -45.07 11.92
N ALA A 1332 -13.22 -44.54 12.99
CA ALA A 1332 -12.68 -43.39 13.72
C ALA A 1332 -11.37 -43.67 14.47
N THR A 1333 -11.31 -44.74 15.28
CA THR A 1333 -10.13 -45.04 16.13
C THR A 1333 -8.91 -45.47 15.33
N ILE A 1334 -9.13 -45.88 14.07
CA ILE A 1334 -8.05 -46.18 13.11
C ILE A 1334 -7.99 -45.02 12.11
N ILE A 1335 -7.53 -43.89 12.63
CA ILE A 1335 -7.44 -42.62 11.91
C ILE A 1335 -6.26 -41.89 12.52
N ASN A 1336 -5.69 -40.95 11.78
CA ASN A 1336 -4.83 -39.98 12.41
C ASN A 1336 -5.44 -38.62 12.23
N ARG A 1337 -5.26 -38.03 11.07
CA ARG A 1337 -5.64 -36.66 10.86
C ARG A 1337 -6.82 -36.72 9.92
N ARG A 1338 -7.40 -35.54 9.68
CA ARG A 1338 -8.49 -35.41 8.73
C ARG A 1338 -8.33 -34.19 7.82
N GLY A 1339 -9.04 -34.25 6.70
CA GLY A 1339 -8.78 -33.38 5.55
C GLY A 1339 -7.78 -34.00 4.61
N ILE A 1340 -7.44 -35.26 4.86
CA ILE A 1340 -6.48 -36.04 4.08
C ILE A 1340 -7.24 -36.70 2.92
N TYR A 1341 -6.57 -37.00 1.81
CA TYR A 1341 -6.99 -38.12 0.95
C TYR A 1341 -6.06 -39.28 1.29
N LYS A 1342 -6.60 -40.38 1.81
CA LYS A 1342 -5.75 -41.45 2.36
C LYS A 1342 -4.78 -42.05 1.31
N ASP A 1343 -3.63 -42.54 1.77
CA ASP A 1343 -2.58 -43.13 0.91
C ASP A 1343 -2.91 -44.53 0.34
N LEU A 1344 -3.72 -45.32 1.04
CA LEU A 1344 -4.16 -46.64 0.56
C LEU A 1344 -5.64 -46.82 0.89
N TYR A 1345 -6.37 -47.58 0.06
CA TYR A 1345 -7.72 -48.07 0.45
C TYR A 1345 -7.72 -49.58 0.56
N ARG A 1346 -8.02 -50.07 1.76
CA ARG A 1346 -8.13 -51.49 2.10
C ARG A 1346 -6.86 -52.31 1.86
N SER A 1347 -5.77 -51.82 2.43
CA SER A 1347 -4.46 -52.46 2.33
C SER A 1347 -4.41 -53.57 3.37
N GLY A 1348 -3.24 -54.16 3.54
CA GLY A 1348 -3.06 -55.27 4.44
C GLY A 1348 -3.18 -54.93 5.91
N LYS A 1349 -2.81 -53.71 6.31
CA LYS A 1349 -2.94 -53.33 7.72
C LYS A 1349 -3.74 -52.04 7.90
N PRO A 1350 -4.79 -52.08 8.77
CA PRO A 1350 -5.84 -51.06 8.89
C PRO A 1350 -5.34 -49.63 8.76
N TYR A 1351 -4.50 -49.18 9.68
CA TYR A 1351 -4.10 -47.77 9.76
C TYR A 1351 -3.24 -47.31 8.60
N GLU A 1352 -2.54 -48.24 7.92
CA GLU A 1352 -1.64 -47.85 6.81
C GLU A 1352 -2.40 -47.22 5.64
N ASP A 1353 -3.71 -47.41 5.61
CA ASP A 1353 -4.61 -46.58 4.82
C ASP A 1353 -4.56 -45.13 5.28
N TYR A 1354 -4.69 -44.88 6.57
CA TYR A 1354 -5.02 -43.52 7.08
C TYR A 1354 -3.84 -42.61 7.38
N GLN A 1355 -2.68 -42.97 6.83
CA GLN A 1355 -1.47 -42.23 7.02
C GLN A 1355 -1.36 -41.11 6.00
N PHE A 1356 -0.95 -39.94 6.47
CA PHE A 1356 -0.75 -38.80 5.59
C PHE A 1356 0.57 -39.00 4.82
N ARG A 1357 0.48 -39.03 3.49
CA ARG A 1357 1.63 -39.35 2.63
C ARG A 1357 1.52 -38.76 1.23
N PRO A 1358 2.67 -38.39 0.64
CA PRO A 1358 2.70 -37.45 -0.48
C PRO A 1358 2.28 -38.01 -1.84
N ASN A 1359 1.62 -39.17 -1.84
CA ASN A 1359 1.30 -39.92 -3.06
C ASN A 1359 0.01 -39.50 -3.77
N PHE A 1360 -1.04 -39.34 -2.97
CA PHE A 1360 -2.26 -38.75 -3.47
C PHE A 1360 -2.04 -37.55 -4.42
N THR A 1361 -0.92 -36.81 -4.25
CA THR A 1361 -0.67 -35.65 -5.11
C THR A 1361 -0.58 -36.07 -6.54
N ILE A 1362 -0.16 -37.31 -6.76
CA ILE A 1362 0.00 -37.87 -8.12
C ILE A 1362 -1.34 -37.92 -8.83
N ALA A 1363 -2.34 -38.50 -8.14
CA ALA A 1363 -3.75 -38.54 -8.58
C ALA A 1363 -4.29 -37.15 -8.84
N MET A 1364 -4.01 -36.24 -7.92
CA MET A 1364 -4.48 -34.88 -8.08
C MET A 1364 -3.93 -34.19 -9.32
N VAL A 1365 -2.77 -34.61 -9.78
CA VAL A 1365 -2.20 -34.01 -10.98
C VAL A 1365 -2.73 -34.67 -12.25
N VAL A 1366 -2.66 -36.00 -12.29
CA VAL A 1366 -2.97 -36.75 -13.49
C VAL A 1366 -4.45 -36.80 -13.84
N ALA A 1367 -5.33 -36.54 -12.85
CA ALA A 1367 -6.79 -36.78 -13.00
C ALA A 1367 -7.58 -36.05 -11.90
N PRO A 1368 -7.53 -34.70 -11.90
CA PRO A 1368 -8.14 -33.86 -10.88
C PRO A 1368 -9.71 -33.81 -10.88
N GLU A 1369 -10.31 -34.27 -11.97
CA GLU A 1369 -11.74 -34.53 -12.01
C GLU A 1369 -12.26 -35.40 -10.89
N LEU A 1370 -11.44 -36.30 -10.36
CA LEU A 1370 -11.87 -37.10 -9.23
C LEU A 1370 -12.15 -36.28 -7.95
N PHE A 1371 -11.60 -35.07 -7.89
CA PHE A 1371 -11.46 -34.34 -6.63
C PHE A 1371 -12.36 -33.13 -6.60
N THR A 1372 -13.09 -32.98 -5.50
CA THR A 1372 -13.91 -31.78 -5.31
C THR A 1372 -12.92 -30.69 -4.88
N PRO A 1373 -12.81 -29.63 -5.69
CA PRO A 1373 -11.81 -28.60 -5.41
C PRO A 1373 -11.57 -28.28 -3.93
N ASP A 1374 -12.55 -27.72 -3.23
CA ASP A 1374 -12.32 -27.29 -1.85
C ASP A 1374 -11.73 -28.37 -0.94
N TYR A 1375 -12.16 -29.62 -1.13
CA TYR A 1375 -11.63 -30.77 -0.35
C TYR A 1375 -10.13 -31.03 -0.58
N ALA A 1376 -9.72 -31.01 -1.85
CA ALA A 1376 -8.31 -31.19 -2.23
C ALA A 1376 -7.47 -30.02 -1.75
N ALA A 1377 -7.89 -28.79 -2.03
CA ALA A 1377 -7.12 -27.60 -1.61
C ALA A 1377 -6.86 -27.56 -0.10
N GLY A 1378 -7.74 -28.14 0.71
CA GLY A 1378 -7.45 -28.29 2.13
C GLY A 1378 -6.38 -29.32 2.45
N ALA A 1379 -6.35 -30.40 1.66
CA ALA A 1379 -5.38 -31.51 1.86
C ALA A 1379 -3.97 -31.14 1.43
N ILE A 1380 -3.89 -30.73 0.18
CA ILE A 1380 -2.69 -30.21 -0.38
C ILE A 1380 -2.08 -29.06 0.43
N GLU A 1381 -2.88 -28.34 1.20
CA GLU A 1381 -2.38 -27.30 2.08
C GLU A 1381 -1.82 -27.88 3.36
N LEU A 1382 -2.39 -28.99 3.82
CA LEU A 1382 -1.81 -29.67 4.99
C LEU A 1382 -0.49 -30.26 4.63
N ALA A 1383 -0.40 -30.84 3.44
CA ALA A 1383 0.89 -31.36 2.93
C ALA A 1383 1.95 -30.25 3.02
N ASP A 1384 1.63 -29.11 2.45
CA ASP A 1384 2.49 -27.94 2.50
C ASP A 1384 2.97 -27.56 3.91
N GLN A 1385 2.20 -27.84 4.95
CA GLN A 1385 2.64 -27.54 6.31
C GLN A 1385 3.19 -28.72 7.08
N VAL A 1386 3.27 -29.90 6.48
CA VAL A 1386 3.48 -31.12 7.30
C VAL A 1386 4.37 -32.12 6.61
N LEU A 1387 3.98 -32.49 5.39
CA LEU A 1387 4.77 -33.35 4.52
C LEU A 1387 5.95 -32.65 3.76
N ARG A 1388 5.84 -31.35 3.49
CA ARG A 1388 6.82 -30.65 2.67
C ARG A 1388 8.05 -30.31 3.44
N GLY A 1389 9.12 -31.02 3.10
CA GLY A 1389 10.46 -30.68 3.55
C GLY A 1389 11.04 -29.54 2.75
N PRO A 1390 12.31 -29.23 2.97
CA PRO A 1390 12.84 -28.05 2.31
C PRO A 1390 13.22 -28.34 0.81
N VAL A 1391 13.69 -29.54 0.49
CA VAL A 1391 13.88 -29.90 -0.91
C VAL A 1391 13.10 -31.14 -1.38
N GLY A 1392 12.59 -31.90 -0.42
CA GLY A 1392 11.80 -33.08 -0.72
C GLY A 1392 10.58 -33.20 0.21
N MET A 1393 9.78 -34.23 -0.07
CA MET A 1393 8.50 -34.43 0.51
C MET A 1393 8.67 -35.52 1.49
N ARG A 1394 8.36 -35.28 2.75
CA ARG A 1394 8.39 -36.33 3.76
C ARG A 1394 7.54 -37.51 3.31
N THR A 1395 8.13 -38.69 3.31
CA THR A 1395 7.44 -39.91 2.89
C THR A 1395 6.46 -40.44 3.92
N LEU A 1396 6.44 -39.81 5.10
CA LEU A 1396 5.46 -40.13 6.11
C LEU A 1396 5.31 -39.02 7.19
N ASP A 1397 4.07 -38.84 7.64
CA ASP A 1397 3.67 -37.86 8.64
C ASP A 1397 4.52 -37.93 9.92
N PRO A 1398 5.41 -36.93 10.17
CA PRO A 1398 6.27 -36.82 11.37
C PRO A 1398 5.66 -37.19 12.71
N SER A 1399 4.34 -36.97 12.85
CA SER A 1399 3.61 -37.37 14.04
C SER A 1399 3.59 -38.88 14.31
N ASP A 1400 3.77 -39.69 13.26
CA ASP A 1400 3.56 -41.13 13.35
C ASP A 1400 4.61 -41.86 14.19
N TYR A 1401 4.17 -42.90 14.90
CA TYR A 1401 5.04 -43.70 15.81
C TYR A 1401 6.28 -44.24 15.08
N ASN A 1402 6.07 -44.69 13.84
CA ASN A 1402 7.18 -45.16 12.97
C ASN A 1402 7.54 -44.13 11.88
N TYR A 1403 7.74 -42.90 12.35
CA TYR A 1403 8.44 -41.86 11.60
C TYR A 1403 9.84 -41.94 12.11
N ARG A 1404 10.70 -42.53 11.31
CA ARG A 1404 12.13 -42.56 11.60
C ARG A 1404 12.80 -41.97 10.32
N PRO A 1405 13.15 -40.67 10.33
CA PRO A 1405 13.46 -39.94 9.09
C PRO A 1405 14.93 -39.90 8.66
N TYR A 1406 15.70 -40.90 9.04
CA TYR A 1406 17.10 -40.93 8.72
C TYR A 1406 17.39 -42.22 8.01
N TYR A 1407 17.71 -42.15 6.71
CA TYR A 1407 18.00 -43.36 5.92
C TYR A 1407 19.45 -43.70 6.15
N ASN A 1408 19.67 -44.80 6.85
CA ASN A 1408 21.00 -45.36 7.00
C ASN A 1408 21.02 -46.80 6.59
N ASN A 1409 21.45 -46.98 5.35
CA ASN A 1409 21.47 -48.26 4.69
C ASN A 1409 22.60 -49.18 5.15
N GLY A 1410 23.56 -48.63 5.89
CA GLY A 1410 24.64 -49.41 6.50
C GLY A 1410 24.32 -50.05 7.84
N GLU A 1411 23.38 -49.45 8.58
CA GLU A 1411 23.05 -49.83 9.94
C GLU A 1411 22.85 -51.35 10.10
N ASP A 1412 23.66 -51.99 10.95
CA ASP A 1412 23.57 -53.45 11.22
C ASP A 1412 22.87 -53.71 12.57
N SER A 1413 22.01 -52.79 13.00
CA SER A 1413 21.45 -52.81 14.35
C SER A 1413 20.33 -53.81 14.62
N ASP A 1414 19.88 -53.81 15.88
CA ASP A 1414 18.65 -54.49 16.34
C ASP A 1414 17.41 -53.58 16.44
N ASP A 1415 17.34 -52.56 15.58
CA ASP A 1415 16.19 -51.68 15.43
C ASP A 1415 15.37 -52.09 14.20
N PHE A 1416 14.24 -52.74 14.42
CA PHE A 1416 13.34 -53.23 13.34
C PHE A 1416 13.03 -52.16 12.30
N ALA A 1417 12.95 -50.90 12.75
CA ALA A 1417 12.74 -49.74 11.87
C ALA A 1417 13.99 -49.27 11.10
N THR A 1418 15.07 -48.92 11.79
CA THR A 1418 16.23 -48.26 11.17
C THR A 1418 17.23 -49.24 10.48
N SER A 1419 17.21 -50.52 10.84
CA SER A 1419 18.26 -51.45 10.40
C SER A 1419 18.15 -51.81 8.93
N LYS A 1420 19.31 -51.79 8.26
CA LYS A 1420 19.47 -51.95 6.80
C LYS A 1420 18.41 -51.20 6.03
N GLY A 1421 18.29 -49.92 6.38
CA GLY A 1421 17.49 -49.01 5.61
C GLY A 1421 16.04 -49.40 5.35
N ARG A 1422 15.38 -50.09 6.27
CA ARG A 1422 13.91 -50.26 6.22
C ARG A 1422 13.20 -48.89 6.11
N ASN A 1423 13.84 -47.90 6.72
CA ASN A 1423 13.39 -46.54 6.68
C ASN A 1423 13.03 -45.90 5.38
N TYR A 1424 13.69 -46.33 4.32
CA TYR A 1424 13.75 -45.62 3.01
C TYR A 1424 12.47 -44.78 2.68
N HIS A 1425 11.31 -45.34 3.01
CA HIS A 1425 10.07 -44.73 2.65
C HIS A 1425 9.20 -44.37 3.86
N GLN A 1426 9.86 -43.92 4.94
CA GLN A 1426 9.18 -43.62 6.22
C GLN A 1426 9.59 -42.30 6.89
N GLY A 1427 9.88 -41.27 6.08
CA GLY A 1427 10.15 -39.91 6.58
C GLY A 1427 11.27 -39.15 5.90
N PRO A 1428 12.26 -39.89 5.34
CA PRO A 1428 13.10 -39.44 4.27
C PRO A 1428 12.34 -38.65 3.23
N GLU A 1429 12.97 -37.60 2.76
CA GLU A 1429 12.29 -36.59 2.02
C GLU A 1429 12.71 -36.70 0.56
N TRP A 1430 11.82 -37.25 -0.24
CA TRP A 1430 12.07 -37.53 -1.64
C TRP A 1430 11.76 -36.32 -2.53
N VAL A 1431 12.34 -36.22 -3.71
CA VAL A 1431 12.32 -34.94 -4.38
C VAL A 1431 11.36 -34.95 -5.55
N TRP A 1432 11.19 -36.08 -6.20
CA TRP A 1432 10.15 -36.16 -7.23
C TRP A 1432 8.80 -35.95 -6.61
N CYS A 1433 8.64 -36.41 -5.37
CA CYS A 1433 7.41 -36.14 -4.63
C CYS A 1433 7.08 -34.64 -4.51
N TYR A 1434 8.07 -33.80 -4.30
CA TYR A 1434 7.84 -32.36 -4.31
C TYR A 1434 7.30 -31.92 -5.65
N GLY A 1435 7.81 -32.51 -6.73
CA GLY A 1435 7.35 -32.14 -8.08
C GLY A 1435 5.87 -32.37 -8.31
N TYR A 1436 5.34 -33.50 -7.85
CA TYR A 1436 3.90 -33.72 -7.87
C TYR A 1436 3.25 -32.75 -6.88
N PHE A 1437 3.61 -32.80 -5.60
CA PHE A 1437 3.10 -31.81 -4.65
C PHE A 1437 2.96 -30.40 -5.18
N ILE A 1438 4.00 -29.86 -5.79
CA ILE A 1438 4.01 -28.43 -6.15
C ILE A 1438 3.13 -28.17 -7.37
N ARG A 1439 3.10 -29.10 -8.31
CA ARG A 1439 2.22 -28.99 -9.47
C ARG A 1439 0.78 -28.91 -9.01
N ALA A 1440 0.46 -29.87 -8.14
CA ALA A 1440 -0.84 -30.00 -7.59
C ALA A 1440 -1.17 -28.75 -6.78
N TYR A 1441 -0.22 -28.27 -5.99
CA TYR A 1441 -0.46 -27.12 -5.06
C TYR A 1441 -0.82 -25.87 -5.83
N HIS A 1442 -0.25 -25.76 -7.02
CA HIS A 1442 -0.50 -24.65 -7.89
C HIS A 1442 -1.84 -24.79 -8.51
N TYR A 1443 -2.17 -26.00 -9.02
CA TYR A 1443 -3.46 -26.20 -9.69
C TYR A 1443 -4.65 -25.83 -8.78
N PHE A 1444 -4.65 -26.42 -7.60
CA PHE A 1444 -5.73 -26.23 -6.70
C PHE A 1444 -5.68 -24.90 -5.95
N ASN A 1445 -4.57 -24.19 -5.88
CA ASN A 1445 -4.64 -22.84 -5.29
C ASN A 1445 -5.12 -21.88 -6.35
N PHE A 1446 -5.01 -22.26 -7.61
CA PHE A 1446 -5.51 -21.45 -8.69
C PHE A 1446 -7.04 -21.58 -8.93
N LEU A 1447 -7.63 -22.76 -8.70
CA LEU A 1447 -9.12 -22.92 -8.68
C LEU A 1447 -9.69 -22.34 -7.38
N THR A 1448 -9.39 -23.00 -6.27
CA THR A 1448 -9.81 -22.59 -4.93
C THR A 1448 -9.63 -21.13 -4.52
N ASN A 1449 -8.43 -20.58 -4.57
CA ASN A 1449 -8.22 -19.29 -3.89
C ASN A 1449 -8.44 -18.04 -4.76
N PRO A 1450 -9.23 -17.06 -4.25
CA PRO A 1450 -9.39 -15.87 -5.10
C PRO A 1450 -8.08 -15.09 -5.35
N LYS A 1451 -7.32 -14.82 -4.29
CA LYS A 1451 -6.13 -13.94 -4.41
C LYS A 1451 -4.85 -14.58 -5.05
N CYS A 1452 -4.92 -15.89 -5.32
CA CYS A 1452 -4.10 -16.60 -6.27
C CYS A 1452 -4.48 -16.40 -7.73
N GLN A 1453 -5.47 -15.58 -8.06
CA GLN A 1453 -5.86 -15.41 -9.45
C GLN A 1453 -5.89 -13.95 -9.78
N VAL A 1454 -5.86 -13.69 -11.09
CA VAL A 1454 -6.01 -12.35 -11.59
C VAL A 1454 -6.47 -12.29 -13.05
N GLU A 1455 -7.10 -11.17 -13.41
CA GLU A 1455 -7.57 -10.95 -14.79
C GLU A 1455 -6.42 -10.88 -15.85
N GLY A 1456 -6.23 -11.98 -16.58
CA GLY A 1456 -5.17 -12.13 -17.60
C GLY A 1456 -5.40 -11.49 -18.95
N SER A 1457 -4.57 -11.92 -19.90
CA SER A 1457 -4.72 -11.64 -21.34
C SER A 1457 -6.07 -12.22 -21.84
N ALA A 1458 -6.88 -11.41 -22.52
CA ALA A 1458 -8.19 -11.84 -23.10
C ALA A 1458 -9.31 -12.01 -22.07
N LYS A 1459 -9.28 -11.22 -21.01
CA LYS A 1459 -10.29 -11.31 -19.94
C LYS A 1459 -10.49 -12.75 -19.38
N LYS A 1460 -9.51 -13.66 -19.59
CA LYS A 1460 -9.49 -15.01 -18.99
C LYS A 1460 -8.49 -15.04 -17.84
N LEU A 1461 -8.68 -15.96 -16.91
CA LEU A 1461 -7.94 -15.91 -15.66
C LEU A 1461 -6.48 -16.48 -15.84
N LYS A 1462 -5.51 -15.79 -15.21
CA LYS A 1462 -4.09 -16.26 -15.06
C LYS A 1462 -3.65 -16.04 -13.58
N PRO A 1463 -2.60 -16.75 -13.14
CA PRO A 1463 -2.33 -16.71 -11.69
C PRO A 1463 -1.85 -15.33 -11.27
N SER A 1464 -2.03 -14.96 -10.01
CA SER A 1464 -1.60 -13.62 -9.58
C SER A 1464 -0.16 -13.70 -9.17
N SER A 1465 0.46 -12.53 -9.00
CA SER A 1465 1.81 -12.47 -8.47
C SER A 1465 1.83 -13.17 -7.10
N TYR A 1466 0.87 -12.92 -6.25
CA TYR A 1466 0.77 -13.64 -4.95
C TYR A 1466 1.03 -15.17 -5.02
N LEU A 1467 0.56 -15.84 -6.06
CA LEU A 1467 0.65 -17.30 -6.12
C LEU A 1467 2.04 -17.69 -6.60
N TYR A 1468 2.54 -17.02 -7.65
CA TYR A 1468 3.89 -17.20 -8.12
C TYR A 1468 4.89 -17.01 -7.01
N ARG A 1469 4.89 -15.84 -6.37
CA ARG A 1469 5.61 -15.66 -5.09
C ARG A 1469 5.58 -16.90 -4.18
N LYS A 1470 4.46 -17.50 -3.93
CA LYS A 1470 4.45 -18.71 -3.12
C LYS A 1470 5.09 -19.90 -3.83
N LEU A 1471 4.99 -19.98 -5.15
CA LEU A 1471 5.65 -21.08 -5.87
C LEU A 1471 7.16 -20.92 -5.89
N TYR A 1472 7.61 -19.71 -6.22
CA TYR A 1472 9.01 -19.35 -6.21
C TYR A 1472 9.65 -19.65 -4.88
N SER A 1473 9.15 -19.09 -3.79
CA SER A 1473 9.61 -19.48 -2.47
C SER A 1473 9.78 -20.96 -2.23
N ARG A 1474 8.92 -21.82 -2.76
CA ARG A 1474 9.03 -23.25 -2.48
C ARG A 1474 9.96 -23.94 -3.43
N LEU A 1475 10.71 -23.16 -4.21
CA LEU A 1475 11.77 -23.68 -5.07
C LEU A 1475 13.14 -23.06 -4.88
N LEU A 1476 13.31 -22.16 -3.92
CA LEU A 1476 14.63 -21.65 -3.57
C LEU A 1476 15.59 -22.75 -3.10
N LYS A 1477 15.17 -23.63 -2.21
CA LYS A 1477 16.07 -24.66 -1.77
C LYS A 1477 16.45 -25.64 -2.88
N HIS A 1478 15.83 -25.55 -4.04
CA HIS A 1478 16.20 -26.40 -5.22
C HIS A 1478 17.18 -25.67 -6.15
N ARG A 1479 16.95 -24.39 -6.29
CA ARG A 1479 17.90 -23.55 -6.92
C ARG A 1479 19.22 -23.70 -6.20
N GLU A 1480 19.22 -23.62 -4.87
CA GLU A 1480 20.48 -23.63 -4.11
C GLU A 1480 21.05 -25.03 -4.18
N TRP A 1481 20.23 -26.05 -3.99
CA TRP A 1481 20.76 -27.41 -4.01
C TRP A 1481 21.54 -27.71 -5.28
N ILE A 1482 21.10 -27.17 -6.40
CA ILE A 1482 21.69 -27.52 -7.68
C ILE A 1482 22.91 -26.64 -7.97
N GLU A 1483 22.94 -25.39 -7.50
CA GLU A 1483 24.18 -24.60 -7.54
C GLU A 1483 25.28 -25.32 -6.76
N ASN A 1484 24.97 -25.95 -5.64
CA ASN A 1484 26.00 -26.40 -4.78
C ASN A 1484 26.10 -27.84 -4.80
N SER A 1485 25.44 -28.52 -5.71
CA SER A 1485 25.84 -29.91 -5.83
C SER A 1485 27.11 -29.97 -6.69
N PRO A 1486 28.08 -30.83 -6.29
CA PRO A 1486 29.20 -31.17 -7.16
C PRO A 1486 28.74 -31.78 -8.45
N TRP A 1487 27.57 -32.49 -8.44
CA TRP A 1487 26.92 -33.04 -9.67
C TRP A 1487 25.99 -31.94 -10.21
N ALA A 1488 25.44 -31.95 -11.42
CA ALA A 1488 24.59 -30.74 -11.69
C ALA A 1488 23.45 -30.86 -10.69
N GLY A 1489 22.85 -32.03 -10.56
CA GLY A 1489 21.44 -32.16 -10.13
C GLY A 1489 20.93 -32.09 -8.70
N LEU A 1490 19.67 -32.54 -8.54
CA LEU A 1490 19.02 -32.63 -7.22
C LEU A 1490 19.15 -34.06 -6.85
N ALA A 1491 19.03 -34.26 -5.56
CA ALA A 1491 19.32 -35.52 -4.96
C ALA A 1491 18.19 -36.45 -5.20
N GLU A 1492 18.35 -37.69 -4.80
CA GLU A 1492 17.29 -38.66 -4.82
C GLU A 1492 16.31 -38.30 -3.77
N LEU A 1493 16.90 -37.82 -2.67
CA LEU A 1493 16.43 -38.15 -1.35
C LEU A 1493 17.26 -37.42 -0.28
N THR A 1494 16.57 -36.87 0.68
CA THR A 1494 17.18 -36.09 1.73
C THR A 1494 16.78 -36.68 3.08
N ASN A 1495 17.49 -36.32 4.14
CA ASN A 1495 17.12 -36.78 5.47
C ASN A 1495 16.42 -35.71 6.23
N LYS A 1496 16.04 -36.00 7.45
CA LYS A 1496 15.20 -35.08 8.20
C LYS A 1496 15.58 -33.62 7.97
N ASP A 1497 14.61 -32.85 7.49
CA ASP A 1497 14.70 -31.41 7.28
C ASP A 1497 15.92 -30.99 6.49
N GLY A 1498 16.19 -31.67 5.39
CA GLY A 1498 17.18 -31.16 4.41
C GLY A 1498 18.58 -31.67 4.54
N GLU A 1499 18.89 -32.29 5.67
CA GLU A 1499 20.20 -32.88 5.94
C GLU A 1499 20.51 -33.89 4.86
N VAL A 1500 21.76 -33.91 4.43
CA VAL A 1500 22.19 -34.68 3.27
C VAL A 1500 22.28 -36.12 3.66
N CYS A 1501 21.71 -36.97 2.81
CA CYS A 1501 21.67 -38.40 3.07
C CYS A 1501 22.78 -39.04 2.27
N ASN A 1502 23.74 -39.64 2.96
CA ASN A 1502 24.97 -40.06 2.29
C ASN A 1502 24.76 -41.20 1.31
N ASP A 1503 23.69 -41.96 1.51
CA ASP A 1503 23.36 -43.08 0.65
C ASP A 1503 22.51 -42.65 -0.58
N SER A 1504 21.79 -41.54 -0.45
CA SER A 1504 21.03 -40.99 -1.57
C SER A 1504 21.90 -40.85 -2.80
N SER A 1505 21.49 -41.44 -3.91
CA SER A 1505 22.06 -41.07 -5.20
C SER A 1505 22.03 -39.52 -5.28
N PRO A 1506 23.17 -38.84 -5.51
CA PRO A 1506 23.18 -37.38 -5.40
C PRO A 1506 22.68 -36.68 -6.61
N THR A 1507 22.46 -37.43 -7.70
CA THR A 1507 21.60 -36.98 -8.81
C THR A 1507 20.66 -38.05 -9.26
N GLN A 1508 19.38 -37.76 -9.14
CA GLN A 1508 18.33 -38.68 -9.52
C GLN A 1508 17.68 -38.06 -10.72
N ALA A 1509 17.08 -38.93 -11.55
CA ALA A 1509 16.46 -38.54 -12.83
C ALA A 1509 15.15 -37.90 -12.55
N TRP A 1510 14.31 -38.64 -11.84
CA TRP A 1510 12.99 -38.15 -11.53
C TRP A 1510 12.94 -36.93 -10.58
N SER A 1511 14.06 -36.55 -9.98
CA SER A 1511 13.99 -35.46 -9.01
C SER A 1511 13.84 -34.16 -9.74
N THR A 1512 14.46 -34.08 -10.90
CA THR A 1512 14.40 -32.92 -11.71
C THR A 1512 13.31 -33.06 -12.78
N GLY A 1513 13.02 -34.28 -13.21
CA GLY A 1513 11.94 -34.44 -14.17
C GLY A 1513 10.58 -33.93 -13.70
N CYS A 1514 10.26 -34.24 -12.46
CA CYS A 1514 9.08 -33.73 -11.84
C CYS A 1514 9.12 -32.23 -11.57
N LEU A 1515 10.24 -31.58 -11.34
CA LEU A 1515 10.18 -30.11 -11.27
C LEU A 1515 10.13 -29.51 -12.64
N LEU A 1516 10.59 -30.23 -13.66
CA LEU A 1516 10.51 -29.66 -15.00
C LEU A 1516 9.07 -29.56 -15.45
N ASP A 1517 8.28 -30.62 -15.10
CA ASP A 1517 6.81 -30.72 -15.31
C ASP A 1517 6.16 -29.40 -14.88
N LEU A 1518 6.35 -29.02 -13.62
CA LEU A 1518 5.79 -27.75 -13.13
C LEU A 1518 6.14 -26.60 -14.06
N PHE A 1519 7.41 -26.44 -14.40
CA PHE A 1519 7.72 -25.32 -15.26
C PHE A 1519 6.83 -25.44 -16.52
N TYR A 1520 6.69 -26.64 -17.07
CA TYR A 1520 6.09 -26.83 -18.40
C TYR A 1520 4.65 -26.48 -18.33
N ASP A 1521 4.01 -26.90 -17.25
CA ASP A 1521 2.63 -26.49 -16.91
C ASP A 1521 2.53 -24.98 -16.98
N LEU A 1522 3.08 -24.24 -16.04
CA LEU A 1522 3.05 -22.76 -16.15
C LEU A 1522 3.33 -22.20 -17.59
N TRP A 1523 4.14 -22.91 -18.39
CA TRP A 1523 4.58 -22.40 -19.70
C TRP A 1523 3.42 -22.61 -20.61
N ILE A 1524 3.02 -23.87 -20.76
CA ILE A 1524 1.98 -24.28 -21.73
C ILE A 1524 0.63 -23.66 -21.31
N SER A 1525 0.28 -23.80 -20.05
CA SER A 1525 -0.90 -23.18 -19.51
C SER A 1525 -1.06 -21.68 -19.67
N TYR A 1526 -0.03 -20.86 -19.59
CA TYR A 1526 -0.28 -19.42 -19.48
C TYR A 1526 0.57 -18.52 -20.34
N GLU A 1527 1.45 -19.05 -21.17
CA GLU A 1527 2.50 -18.18 -21.74
C GLU A 1527 2.31 -17.81 -23.24
N GLU A 1528 1.17 -17.20 -23.53
CA GLU A 1528 0.92 -16.48 -24.79
C GLU A 1528 -0.15 -15.38 -24.56
N ALA B 3 -26.01 -6.44 -19.43
CA ALA B 3 -27.09 -6.75 -18.40
C ALA B 3 -27.13 -5.88 -17.07
N HIS B 4 -27.22 -4.53 -17.16
CA HIS B 4 -26.86 -3.58 -16.06
C HIS B 4 -27.53 -3.80 -14.68
N ARG B 5 -26.78 -4.28 -13.67
CA ARG B 5 -27.33 -4.62 -12.36
C ARG B 5 -26.59 -4.09 -11.14
N THR B 6 -26.26 -2.82 -11.25
CA THR B 6 -25.54 -2.11 -10.25
C THR B 6 -26.37 -0.98 -9.70
N LEU B 7 -26.12 -0.72 -8.44
CA LEU B 7 -26.61 0.50 -7.86
C LEU B 7 -25.57 1.10 -6.93
N LEU B 8 -25.72 2.38 -6.64
CA LEU B 8 -24.70 3.27 -6.15
C LEU B 8 -25.01 3.73 -4.75
N LEU B 9 -24.13 3.35 -3.81
CA LEU B 9 -24.30 3.73 -2.42
C LEU B 9 -23.29 4.78 -2.01
N ARG B 10 -23.58 6.06 -2.17
CA ARG B 10 -22.69 7.11 -1.69
C ARG B 10 -22.48 7.02 -0.25
N LEU B 11 -21.19 6.97 0.17
CA LEU B 11 -20.82 7.23 1.56
C LEU B 11 -20.46 8.68 1.75
N SER B 12 -20.63 9.12 2.99
CA SER B 12 -20.20 10.45 3.44
C SER B 12 -18.72 10.42 3.81
N ASP B 13 -18.21 11.61 4.10
CA ASP B 13 -17.01 11.81 4.89
C ASP B 13 -16.77 10.88 6.08
N SER B 14 -17.79 10.48 6.82
CA SER B 14 -17.54 9.58 7.91
C SER B 14 -17.82 8.13 7.54
N GLY B 15 -18.03 7.89 6.27
CA GLY B 15 -18.23 6.55 5.80
C GLY B 15 -19.62 6.02 6.04
N GLU B 16 -20.54 6.96 6.37
CA GLU B 16 -21.96 6.67 6.60
C GLU B 16 -22.63 6.71 5.28
N PRO B 17 -23.66 5.89 5.10
CA PRO B 17 -24.43 5.96 3.87
C PRO B 17 -25.20 7.20 3.75
N VAL B 18 -25.58 7.52 2.53
CA VAL B 18 -26.16 8.81 2.22
C VAL B 18 -27.55 8.52 1.62
N THR B 19 -28.61 9.09 2.20
CA THR B 19 -29.96 8.82 1.66
C THR B 19 -30.32 9.79 0.54
N SER B 20 -30.94 9.28 -0.51
CA SER B 20 -31.25 10.08 -1.69
C SER B 20 -32.57 10.77 -1.55
N CYS B 21 -33.47 10.12 -0.83
CA CYS B 21 -34.85 10.57 -0.55
C CYS B 21 -35.24 10.17 0.83
N SER B 22 -36.03 11.03 1.48
CA SER B 22 -36.68 10.65 2.74
C SER B 22 -37.89 9.84 2.38
N TYR B 23 -37.81 8.54 2.60
CA TYR B 23 -38.93 7.67 2.56
C TYR B 23 -39.23 7.31 4.01
N GLY B 24 -38.50 7.94 4.98
CA GLY B 24 -38.65 7.61 6.39
C GLY B 24 -37.95 6.32 6.84
N GLN B 25 -37.97 6.09 8.15
CA GLN B 25 -37.13 5.14 8.85
C GLN B 25 -37.06 3.79 8.17
N GLY B 26 -35.93 3.48 7.55
CA GLY B 26 -35.78 2.34 6.58
C GLY B 26 -34.50 1.48 6.71
N VAL B 27 -34.04 0.90 5.61
CA VAL B 27 -33.23 -0.28 5.61
C VAL B 27 -32.78 -0.35 4.19
N LEU B 28 -31.57 -0.81 3.87
CA LEU B 28 -31.07 -0.70 2.48
C LEU B 28 -31.38 -2.03 1.84
N THR B 29 -32.51 -2.07 1.15
CA THR B 29 -32.93 -3.29 0.53
C THR B 29 -32.74 -3.09 -0.95
N LEU B 30 -32.24 -4.12 -1.58
CA LEU B 30 -32.03 -4.05 -2.99
C LEU B 30 -33.23 -4.56 -3.72
N PRO B 31 -33.53 -3.95 -4.90
CA PRO B 31 -34.61 -4.30 -5.83
C PRO B 31 -34.97 -5.77 -5.81
N SER B 32 -36.27 -6.07 -5.83
CA SER B 32 -36.71 -7.45 -5.91
C SER B 32 -37.07 -7.63 -7.38
N LEU B 33 -36.11 -8.09 -8.18
CA LEU B 33 -36.30 -8.39 -9.59
C LEU B 33 -35.99 -9.82 -9.76
N PRO B 34 -36.32 -10.37 -10.91
CA PRO B 34 -35.83 -11.72 -11.05
C PRO B 34 -34.40 -11.67 -11.63
N LEU B 35 -33.75 -12.83 -11.74
CA LEU B 35 -32.42 -12.88 -12.37
C LEU B 35 -32.62 -12.73 -13.87
N PRO B 36 -31.58 -12.28 -14.60
CA PRO B 36 -31.77 -11.99 -16.02
C PRO B 36 -31.96 -13.23 -16.82
N GLN B 37 -32.50 -13.09 -18.01
CA GLN B 37 -33.14 -14.23 -18.65
C GLN B 37 -32.09 -15.31 -18.76
N GLY B 38 -32.47 -16.51 -18.35
CA GLY B 38 -31.60 -17.67 -18.51
C GLY B 38 -30.69 -17.94 -17.33
N LYS B 39 -30.02 -16.89 -16.83
CA LYS B 39 -28.97 -17.02 -15.81
C LYS B 39 -29.51 -17.67 -14.54
N LYS B 40 -28.81 -18.67 -14.02
CA LYS B 40 -29.16 -19.28 -12.74
C LYS B 40 -28.21 -18.70 -11.72
N LEU B 41 -28.49 -18.98 -10.44
CA LEU B 41 -27.82 -18.29 -9.32
C LEU B 41 -26.36 -18.70 -9.32
N GLY B 42 -25.49 -17.70 -9.29
CA GLY B 42 -24.03 -17.96 -9.26
C GLY B 42 -23.27 -17.88 -10.58
N ASP B 43 -23.98 -17.96 -11.71
CA ASP B 43 -23.43 -17.52 -12.99
C ASP B 43 -22.88 -16.09 -12.92
N MET B 44 -23.43 -15.25 -12.06
CA MET B 44 -23.09 -13.84 -12.13
C MET B 44 -23.59 -13.07 -10.91
N PRO B 45 -23.04 -11.86 -10.73
CA PRO B 45 -23.53 -11.07 -9.65
C PRO B 45 -25.02 -10.82 -9.84
N VAL B 46 -25.73 -10.95 -8.72
CA VAL B 46 -27.12 -10.67 -8.62
C VAL B 46 -27.23 -9.18 -8.60
N TYR B 47 -26.70 -8.52 -7.58
CA TYR B 47 -26.36 -7.10 -7.76
C TYR B 47 -24.91 -6.80 -7.32
N THR B 48 -24.56 -5.56 -7.61
CA THR B 48 -23.30 -4.99 -7.36
C THR B 48 -23.56 -3.63 -6.75
N VAL B 49 -23.20 -3.49 -5.48
CA VAL B 49 -23.30 -2.23 -4.82
C VAL B 49 -21.96 -1.47 -5.04
N LYS B 50 -21.99 -0.35 -5.77
CA LYS B 50 -20.81 0.57 -5.86
C LYS B 50 -20.78 1.46 -4.68
N LEU B 51 -19.74 1.36 -3.87
CA LEU B 51 -19.54 2.33 -2.77
C LEU B 51 -18.90 3.53 -3.39
N ALA B 52 -19.19 4.75 -2.94
CA ALA B 52 -18.50 5.90 -3.51
C ALA B 52 -18.00 6.70 -2.37
N ILE B 53 -16.67 6.65 -2.17
CA ILE B 53 -16.03 7.36 -1.09
C ILE B 53 -15.53 8.73 -1.53
N PRO B 54 -15.91 9.79 -0.82
CA PRO B 54 -15.53 11.12 -1.29
C PRO B 54 -14.01 11.43 -1.08
N ALA B 55 -13.48 12.28 -1.93
CA ALA B 55 -12.06 12.41 -2.07
C ALA B 55 -11.39 13.32 -1.03
N GLY B 56 -10.57 12.75 -0.15
CA GLY B 56 -9.90 13.55 0.85
C GLY B 56 -10.54 13.48 2.20
N SER B 57 -11.67 12.78 2.19
CA SER B 57 -12.37 12.53 3.43
C SER B 57 -11.42 11.79 4.39
N PRO B 58 -11.57 12.07 5.66
CA PRO B 58 -10.74 11.52 6.70
C PRO B 58 -10.64 10.04 6.62
N VAL B 59 -11.64 9.48 5.99
CA VAL B 59 -11.84 8.10 6.05
C VAL B 59 -11.00 7.38 5.04
N THR B 60 -10.40 8.17 4.13
CA THR B 60 -9.46 7.72 3.12
C THR B 60 -8.02 7.83 3.48
N ARG B 61 -7.71 8.06 4.75
CA ARG B 61 -6.35 8.20 5.24
C ARG B 61 -5.91 6.81 5.76
N ASP B 62 -5.19 6.05 4.96
CA ASP B 62 -4.95 4.63 5.24
C ASP B 62 -6.27 3.93 5.32
N GLY B 63 -7.08 4.24 4.32
CA GLY B 63 -8.47 3.83 4.31
C GLY B 63 -8.60 2.39 3.87
N LEU B 64 -9.71 1.77 4.27
CA LEU B 64 -9.96 0.37 4.03
C LEU B 64 -11.41 0.10 4.23
N ILE B 65 -11.95 -0.79 3.41
CA ILE B 65 -13.39 -1.15 3.46
C ILE B 65 -13.41 -2.62 3.78
N TRP B 66 -14.00 -2.94 4.91
CA TRP B 66 -14.12 -4.32 5.32
C TRP B 66 -15.55 -4.69 5.06
N THR B 67 -15.81 -5.89 4.53
CA THR B 67 -17.14 -6.38 4.32
C THR B 67 -17.13 -7.87 4.40
N ASN B 68 -18.25 -8.46 4.71
CA ASN B 68 -18.43 -9.93 4.60
C ASN B 68 -19.09 -10.48 3.32
N CYS B 69 -19.23 -9.71 2.22
CA CYS B 69 -19.72 -10.34 0.99
C CYS B 69 -18.63 -11.17 0.49
N PRO B 70 -18.90 -12.46 0.33
CA PRO B 70 -17.84 -13.25 -0.24
C PRO B 70 -17.35 -12.77 -1.59
N PRO B 71 -16.07 -13.04 -1.89
CA PRO B 71 -15.48 -12.61 -3.16
C PRO B 71 -16.01 -13.27 -4.43
N ASP B 72 -16.35 -14.54 -4.31
CA ASP B 72 -16.85 -15.32 -5.45
C ASP B 72 -18.17 -16.10 -5.08
N PHE B 73 -18.78 -16.76 -6.06
CA PHE B 73 -19.95 -17.61 -5.78
C PHE B 73 -19.65 -18.85 -4.90
N SER B 74 -18.40 -19.34 -4.91
CA SER B 74 -18.01 -20.57 -4.17
C SER B 74 -17.79 -20.34 -2.69
N THR B 75 -17.23 -19.21 -2.35
CA THR B 75 -16.93 -18.91 -0.98
C THR B 75 -18.23 -18.75 -0.22
N GLN B 76 -18.58 -19.72 0.62
CA GLN B 76 -19.66 -19.52 1.60
C GLN B 76 -19.58 -18.23 2.41
N PHE B 77 -20.75 -17.74 2.83
CA PHE B 77 -20.81 -16.61 3.75
C PHE B 77 -20.71 -17.10 5.17
N ASP B 78 -19.95 -16.34 5.92
CA ASP B 78 -19.78 -16.48 7.35
C ASP B 78 -19.81 -15.02 7.70
N ARG B 79 -20.59 -14.70 8.73
CA ARG B 79 -21.00 -13.32 8.98
C ARG B 79 -19.87 -12.59 9.61
N GLU B 80 -18.92 -13.39 10.12
CA GLU B 80 -17.82 -12.91 10.90
C GLU B 80 -16.60 -12.72 10.08
N LYS B 81 -16.50 -13.37 8.92
CA LYS B 81 -15.30 -13.28 8.11
C LYS B 81 -15.42 -12.02 7.31
N PHE B 82 -14.41 -11.14 7.34
CA PHE B 82 -14.42 -9.92 6.55
C PHE B 82 -13.35 -9.94 5.49
N TYR B 83 -13.34 -8.96 4.62
CA TYR B 83 -12.49 -8.93 3.43
C TYR B 83 -12.16 -7.44 3.16
N LYS B 84 -10.89 -7.18 2.86
CA LYS B 84 -10.28 -5.85 2.87
C LYS B 84 -10.36 -5.28 1.47
N LYS B 85 -10.42 -3.99 1.34
CA LYS B 85 -10.37 -3.42 0.02
C LYS B 85 -9.72 -2.10 0.17
N ILE B 86 -8.64 -1.81 -0.56
CA ILE B 86 -7.92 -0.55 -0.27
C ILE B 86 -8.64 0.63 -0.90
N ILE B 87 -8.68 1.73 -0.18
CA ILE B 87 -9.28 2.90 -0.76
C ILE B 87 -8.20 3.74 -1.40
N LYS B 88 -8.33 4.04 -2.67
CA LYS B 88 -7.47 4.98 -3.36
C LYS B 88 -7.77 6.45 -3.08
N THR B 89 -6.96 7.04 -2.20
CA THR B 89 -6.94 8.51 -1.97
C THR B 89 -6.61 9.34 -3.22
N SER B 90 -7.47 10.26 -3.60
CA SER B 90 -7.01 11.41 -4.35
C SER B 90 -7.61 12.55 -3.56
N PHE B 91 -7.04 13.73 -3.70
CA PHE B 91 -7.58 14.95 -3.16
C PHE B 91 -8.55 15.47 -4.19
N HIS B 92 -8.49 14.99 -5.42
CA HIS B 92 -9.36 15.45 -6.50
C HIS B 92 -10.43 14.45 -6.81
N GLU B 93 -10.24 13.17 -6.59
CA GLU B 93 -10.93 12.13 -7.32
C GLU B 93 -11.51 11.14 -6.31
N ASP B 94 -12.86 11.04 -6.26
CA ASP B 94 -13.58 10.15 -5.32
C ASP B 94 -13.24 8.70 -5.74
N ASP B 95 -12.97 7.81 -4.78
CA ASP B 95 -12.79 6.37 -5.06
C ASP B 95 -14.15 5.64 -5.07
N HIS B 96 -14.20 4.51 -5.78
CA HIS B 96 -15.41 3.69 -5.88
C HIS B 96 -15.00 2.30 -5.75
N ILE B 97 -15.71 1.51 -4.98
CA ILE B 97 -15.38 0.11 -4.72
C ILE B 97 -16.61 -0.81 -4.94
N ASP B 98 -16.57 -1.75 -5.88
CA ASP B 98 -17.71 -2.62 -6.12
C ASP B 98 -17.77 -3.81 -5.17
N LEU B 99 -18.85 -3.97 -4.42
CA LEU B 99 -19.12 -5.23 -3.78
C LEU B 99 -20.08 -6.00 -4.68
N ASP B 100 -19.65 -7.09 -5.28
CA ASP B 100 -20.58 -7.98 -5.98
C ASP B 100 -21.29 -8.94 -4.98
N ILE B 101 -22.63 -9.06 -5.13
CA ILE B 101 -23.40 -10.07 -4.41
C ILE B 101 -23.77 -11.16 -5.37
N TYR B 102 -23.47 -12.40 -5.02
CA TYR B 102 -23.72 -13.57 -5.87
C TYR B 102 -25.00 -14.34 -5.50
N VAL B 103 -25.42 -14.13 -4.27
CA VAL B 103 -26.42 -14.91 -3.59
C VAL B 103 -27.15 -14.01 -2.57
N PRO B 104 -28.46 -14.25 -2.36
CA PRO B 104 -29.17 -13.32 -1.52
C PRO B 104 -28.83 -13.53 -0.07
N GLY B 105 -28.88 -12.43 0.68
CA GLY B 105 -28.94 -12.46 2.11
C GLY B 105 -28.68 -11.08 2.71
N THR B 106 -28.00 -11.08 3.85
CA THR B 106 -27.70 -9.84 4.58
C THR B 106 -26.16 -9.73 4.71
N TYR B 107 -25.68 -8.51 4.57
CA TYR B 107 -24.29 -8.19 4.27
C TYR B 107 -23.93 -6.86 4.97
N CYS B 108 -22.88 -6.80 5.79
CA CYS B 108 -22.40 -5.47 6.21
C CYS B 108 -21.01 -5.13 5.69
N PHE B 109 -20.64 -3.88 5.95
CA PHE B 109 -19.35 -3.38 5.70
C PHE B 109 -19.07 -2.24 6.70
N TYR B 110 -17.80 -2.09 7.13
CA TYR B 110 -17.34 -0.87 7.85
C TYR B 110 -16.10 -0.35 7.18
N LEU B 111 -15.68 0.86 7.57
CA LEU B 111 -14.37 1.41 7.13
C LEU B 111 -13.37 1.41 8.28
N SER B 112 -12.09 1.03 8.03
CA SER B 112 -11.00 1.30 8.99
C SER B 112 -10.17 2.41 8.40
N PHE B 113 -9.57 3.23 9.24
CA PHE B 113 -8.77 4.32 8.74
C PHE B 113 -7.88 4.90 9.84
N LYS B 114 -7.19 6.00 9.56
CA LYS B 114 -6.28 6.58 10.52
C LYS B 114 -6.64 7.99 10.94
N ASN B 115 -6.64 8.15 12.27
CA ASN B 115 -6.86 9.38 12.98
C ASN B 115 -5.98 10.54 12.69
N ASP B 116 -6.33 11.65 13.34
CA ASP B 116 -5.45 12.84 13.45
C ASP B 116 -4.63 12.75 14.73
N LYS B 117 -4.84 11.69 15.51
CA LYS B 117 -3.87 11.14 16.47
C LYS B 117 -2.97 10.04 15.86
N ASP B 118 -3.13 9.76 14.56
CA ASP B 118 -2.47 8.61 13.89
C ASP B 118 -2.71 7.23 14.56
N GLU B 119 -3.72 7.11 15.44
CA GLU B 119 -4.29 5.83 15.88
C GLU B 119 -5.31 5.37 14.85
N LEU B 120 -5.71 4.12 14.98
CA LEU B 120 -6.60 3.48 14.00
C LEU B 120 -8.03 3.47 14.45
N GLU B 121 -8.90 4.06 13.66
CA GLU B 121 -10.28 4.18 13.99
C GLU B 121 -11.13 3.34 13.05
N THR B 122 -12.23 2.84 13.60
CA THR B 122 -13.24 2.13 12.83
C THR B 122 -14.63 2.90 12.76
N THR B 123 -15.36 2.81 11.61
CA THR B 123 -16.81 3.16 11.51
C THR B 123 -17.69 2.03 12.07
N ARG B 124 -19.00 2.29 12.17
CA ARG B 124 -19.97 1.26 12.63
C ARG B 124 -20.16 0.33 11.46
N LYS B 125 -20.83 -0.79 11.65
CA LYS B 125 -21.19 -1.61 10.48
C LYS B 125 -22.50 -1.10 9.81
N PHE B 126 -22.61 -1.24 8.51
CA PHE B 126 -23.69 -0.68 7.78
C PHE B 126 -24.20 -1.82 6.97
N TYR B 127 -25.43 -2.31 7.24
CA TYR B 127 -25.90 -3.52 6.57
C TYR B 127 -26.72 -3.21 5.31
N PHE B 128 -26.90 -4.21 4.46
CA PHE B 128 -27.79 -4.07 3.33
C PHE B 128 -28.24 -5.42 2.91
N VAL B 129 -29.46 -5.52 2.34
CA VAL B 129 -30.11 -6.80 2.19
C VAL B 129 -30.39 -7.15 0.75
N VAL B 130 -30.31 -8.43 0.45
CA VAL B 130 -30.72 -8.91 -0.84
C VAL B 130 -31.80 -9.96 -0.65
N LEU B 131 -32.94 -9.65 -1.28
CA LEU B 131 -34.14 -10.39 -1.04
C LEU B 131 -34.12 -11.64 -1.87
N PRO B 132 -34.91 -12.62 -1.46
CA PRO B 132 -34.98 -13.81 -2.25
C PRO B 132 -35.81 -13.61 -3.51
N ILE B 133 -35.41 -14.40 -4.53
CA ILE B 133 -36.17 -14.61 -5.76
C ILE B 133 -37.17 -15.70 -5.45
N LEU B 134 -38.43 -15.31 -5.22
CA LEU B 134 -39.45 -16.31 -5.04
C LEU B 134 -39.99 -16.64 -6.39
N SER B 135 -40.08 -17.92 -6.72
CA SER B 135 -40.62 -18.33 -7.99
C SER B 135 -41.18 -19.74 -7.86
N VAL B 136 -42.25 -20.01 -8.61
CA VAL B 136 -43.02 -21.22 -8.40
C VAL B 136 -42.84 -22.30 -9.46
N ASN B 137 -42.84 -21.91 -10.73
CA ASN B 137 -42.47 -22.84 -11.78
C ASN B 137 -41.28 -22.33 -12.55
N ASP B 138 -41.54 -21.49 -13.54
CA ASP B 138 -40.51 -20.67 -14.15
C ASP B 138 -41.10 -19.27 -14.17
N LYS B 139 -41.85 -18.95 -13.10
CA LYS B 139 -42.60 -17.72 -13.02
C LYS B 139 -42.37 -17.03 -11.67
N PHE B 140 -42.07 -15.73 -11.80
CA PHE B 140 -41.51 -14.94 -10.75
C PHE B 140 -42.62 -14.36 -9.91
N ILE B 141 -42.53 -14.46 -8.59
CA ILE B 141 -43.52 -13.89 -7.68
C ILE B 141 -42.93 -12.69 -6.99
N PRO B 142 -43.30 -11.46 -7.38
CA PRO B 142 -42.65 -10.32 -6.69
C PRO B 142 -43.04 -10.28 -5.26
N LEU B 143 -42.31 -9.62 -4.38
CA LEU B 143 -42.66 -9.74 -2.96
C LEU B 143 -43.91 -8.96 -2.52
N ASN B 144 -44.57 -8.26 -3.44
CA ASN B 144 -45.87 -7.62 -3.22
C ASN B 144 -47.01 -8.37 -3.78
N SER B 145 -46.75 -9.50 -4.40
CA SER B 145 -47.83 -10.30 -4.98
C SER B 145 -47.95 -11.62 -4.22
N ILE B 146 -47.28 -11.72 -3.08
CA ILE B 146 -47.58 -12.79 -2.17
C ILE B 146 -49.03 -12.63 -1.60
N ALA B 147 -49.66 -13.79 -1.51
CA ALA B 147 -50.94 -13.99 -0.86
C ALA B 147 -50.79 -15.28 -0.06
N MET B 148 -50.75 -15.12 1.25
CA MET B 148 -50.34 -16.18 2.11
C MET B 148 -51.56 -16.60 2.91
N GLN B 149 -51.93 -17.88 2.90
CA GLN B 149 -53.03 -18.37 3.73
C GLN B 149 -52.48 -19.23 4.84
N SER B 150 -52.55 -18.72 6.08
CA SER B 150 -52.12 -19.45 7.28
C SER B 150 -53.06 -20.63 7.45
N VAL B 151 -52.54 -21.87 7.51
CA VAL B 151 -53.34 -23.05 7.88
C VAL B 151 -52.78 -23.76 9.11
N VAL B 152 -53.68 -24.12 10.02
CA VAL B 152 -53.31 -24.86 11.22
C VAL B 152 -53.40 -26.36 10.93
N SER B 153 -52.26 -27.03 11.07
CA SER B 153 -52.10 -28.44 10.67
C SER B 153 -53.15 -29.42 11.24
N LYS B 154 -53.60 -29.20 12.48
CA LYS B 154 -54.44 -30.17 13.21
C LYS B 154 -55.93 -30.01 13.06
N TRP B 155 -56.36 -29.03 12.26
CA TRP B 155 -57.76 -28.91 11.83
C TRP B 155 -57.84 -29.13 10.31
N MET B 156 -57.09 -30.11 9.83
CA MET B 156 -57.13 -30.52 8.45
C MET B 156 -57.43 -32.02 8.32
N GLY B 157 -57.71 -32.72 9.43
CA GLY B 157 -58.04 -34.16 9.39
C GLY B 157 -56.84 -35.03 9.10
N PRO B 158 -56.90 -36.30 9.44
CA PRO B 158 -55.69 -37.06 9.75
C PRO B 158 -54.89 -37.71 8.58
N THR B 159 -55.44 -37.71 7.36
CA THR B 159 -54.68 -38.16 6.19
C THR B 159 -54.06 -36.95 5.52
N ILE B 160 -52.93 -37.18 4.84
CA ILE B 160 -52.36 -36.16 3.92
C ILE B 160 -53.31 -35.96 2.73
N LYS B 161 -54.16 -36.96 2.44
CA LYS B 161 -55.32 -36.84 1.53
C LYS B 161 -56.30 -35.74 1.90
N ASP B 162 -56.69 -35.68 3.17
CA ASP B 162 -57.73 -34.72 3.63
C ASP B 162 -57.19 -33.31 3.70
N TRP B 163 -55.88 -33.22 3.81
CA TRP B 163 -55.15 -31.96 3.68
C TRP B 163 -55.18 -31.41 2.23
N GLU B 164 -55.01 -32.32 1.26
CA GLU B 164 -54.96 -31.95 -0.17
C GLU B 164 -56.26 -31.26 -0.60
N LYS B 165 -57.37 -31.55 0.12
CA LYS B 165 -58.63 -30.81 -0.05
C LYS B 165 -58.57 -29.37 0.45
N VAL B 166 -58.01 -29.20 1.63
CA VAL B 166 -57.81 -27.84 2.19
C VAL B 166 -56.89 -27.00 1.29
N PHE B 167 -55.86 -27.67 0.76
CA PHE B 167 -55.02 -27.09 -0.26
C PHE B 167 -55.82 -26.66 -1.47
N ALA B 168 -56.65 -27.55 -1.99
CA ALA B 168 -57.46 -27.19 -3.14
C ALA B 168 -58.34 -25.95 -2.91
N ARG B 169 -58.98 -25.88 -1.75
CA ARG B 169 -59.83 -24.72 -1.47
C ARG B 169 -59.03 -23.42 -1.44
N VAL B 170 -57.88 -23.34 -0.76
CA VAL B 170 -57.13 -22.07 -0.77
C VAL B 170 -56.74 -21.83 -2.22
N ALA B 171 -56.33 -22.88 -2.90
CA ALA B 171 -55.83 -22.73 -4.25
C ALA B 171 -56.80 -22.01 -5.15
N SER B 172 -58.09 -22.20 -4.93
CA SER B 172 -59.08 -21.63 -5.83
C SER B 172 -59.43 -20.18 -5.54
N LYS B 173 -58.97 -19.67 -4.40
CA LYS B 173 -59.04 -18.23 -4.11
C LYS B 173 -57.71 -17.53 -4.49
N LYS B 174 -56.77 -18.30 -5.05
CA LYS B 174 -55.56 -17.77 -5.70
C LYS B 174 -54.55 -17.15 -4.76
N TYR B 175 -54.49 -17.75 -3.60
CA TYR B 175 -53.36 -17.70 -2.73
C TYR B 175 -52.21 -18.44 -3.40
N ASN B 176 -51.01 -17.91 -3.22
CA ASN B 176 -49.76 -18.49 -3.79
C ASN B 176 -48.72 -18.89 -2.69
N MET B 177 -49.15 -18.81 -1.43
CA MET B 177 -48.31 -19.20 -0.36
C MET B 177 -49.15 -19.58 0.80
N ILE B 178 -48.79 -20.71 1.41
CA ILE B 178 -49.48 -21.23 2.56
C ILE B 178 -48.50 -21.25 3.68
N HIS B 179 -48.85 -20.66 4.80
CA HIS B 179 -48.05 -20.67 6.01
C HIS B 179 -48.62 -21.75 6.88
N PHE B 180 -47.85 -22.82 7.08
CA PHE B 180 -48.18 -23.85 8.08
C PHE B 180 -47.72 -23.45 9.49
N THR B 181 -48.58 -23.60 10.49
CA THR B 181 -48.12 -23.60 11.86
C THR B 181 -47.45 -24.93 12.05
N PRO B 182 -46.47 -24.98 12.93
CA PRO B 182 -45.49 -26.06 12.82
C PRO B 182 -46.13 -27.39 12.80
N LEU B 183 -45.51 -28.26 12.03
CA LEU B 183 -46.04 -29.59 11.83
C LEU B 183 -45.04 -30.68 12.31
N GLN B 184 -44.55 -30.50 13.53
CA GLN B 184 -43.59 -31.40 14.18
C GLN B 184 -44.33 -32.19 15.26
N HIS B 185 -43.66 -33.14 15.91
CA HIS B 185 -44.29 -33.90 16.99
C HIS B 185 -44.70 -32.87 18.04
N ARG B 186 -45.98 -32.79 18.35
CA ARG B 186 -46.46 -31.82 19.33
C ARG B 186 -46.17 -32.23 20.77
N GLY B 187 -46.24 -31.24 21.65
CA GLY B 187 -45.95 -31.43 23.07
C GLY B 187 -47.03 -32.21 23.80
N GLU B 188 -47.05 -32.06 25.12
CA GLU B 188 -48.06 -32.68 25.96
C GLU B 188 -49.34 -31.86 25.86
N SER B 189 -49.23 -30.53 25.88
CA SER B 189 -50.39 -29.67 25.81
C SER B 189 -51.06 -29.71 24.44
N ASN B 190 -50.36 -30.22 23.42
CA ASN B 190 -50.93 -30.34 22.06
C ASN B 190 -51.05 -28.98 21.39
N SER B 191 -50.30 -28.00 21.86
CA SER B 191 -50.17 -26.71 21.15
C SER B 191 -49.25 -26.95 19.95
N PRO B 192 -49.55 -26.35 18.78
CA PRO B 192 -48.54 -26.45 17.74
C PRO B 192 -47.23 -25.64 18.08
N TYR B 193 -47.30 -24.65 18.98
CA TYR B 193 -46.10 -23.93 19.38
C TYR B 193 -45.29 -24.65 20.50
N SER B 194 -45.85 -25.72 21.05
CA SER B 194 -45.17 -26.51 22.05
C SER B 194 -44.65 -27.77 21.39
N ILE B 195 -43.40 -27.74 21.00
CA ILE B 195 -42.82 -28.80 20.15
C ILE B 195 -42.09 -29.87 20.97
N TYR B 196 -42.55 -31.12 20.90
CA TYR B 196 -41.90 -32.25 21.58
C TYR B 196 -40.51 -32.58 20.99
N ASP B 197 -40.40 -32.53 19.67
CA ASP B 197 -39.15 -32.83 18.99
C ASP B 197 -39.02 -32.06 17.68
N GLN B 198 -38.14 -31.07 17.69
CA GLN B 198 -37.97 -30.26 16.51
C GLN B 198 -37.36 -31.03 15.34
N LEU B 199 -36.62 -32.09 15.65
CA LEU B 199 -36.13 -32.95 14.60
C LEU B 199 -37.14 -33.87 13.93
N GLU B 200 -38.27 -34.24 14.57
CA GLU B 200 -39.26 -35.20 13.92
C GLU B 200 -40.61 -34.60 13.55
N PHE B 201 -41.09 -34.92 12.37
CA PHE B 201 -42.39 -34.44 11.93
C PHE B 201 -43.49 -35.25 12.58
N ASP B 202 -44.62 -34.60 12.86
CA ASP B 202 -45.82 -35.22 13.48
C ASP B 202 -46.13 -36.65 12.94
N PRO B 203 -46.03 -37.70 13.80
CA PRO B 203 -46.32 -39.07 13.40
C PRO B 203 -47.76 -39.34 12.90
N THR B 204 -48.75 -38.69 13.54
CA THR B 204 -50.16 -38.81 13.13
C THR B 204 -50.39 -38.69 11.61
N VAL B 205 -49.51 -37.95 10.93
CA VAL B 205 -49.69 -37.62 9.54
C VAL B 205 -48.57 -38.14 8.67
N PHE B 206 -47.34 -37.81 9.02
CA PHE B 206 -46.16 -38.13 8.22
C PHE B 206 -45.32 -39.22 8.89
N LYS B 207 -44.81 -40.17 8.09
CA LYS B 207 -43.78 -41.08 8.57
C LYS B 207 -42.46 -40.29 8.56
N SER B 208 -41.96 -39.95 7.37
CA SER B 208 -40.63 -39.37 7.20
C SER B 208 -40.67 -37.88 6.92
N GLU B 209 -39.51 -37.29 6.69
CA GLU B 209 -39.45 -35.94 6.19
C GLU B 209 -39.70 -35.94 4.71
N LYS B 210 -39.26 -36.99 4.02
CA LYS B 210 -39.67 -37.18 2.61
C LYS B 210 -41.16 -36.95 2.39
N GLU B 211 -41.97 -37.68 3.14
CA GLU B 211 -43.42 -37.59 3.08
C GLU B 211 -43.98 -36.14 3.25
N VAL B 212 -43.26 -35.28 3.96
CA VAL B 212 -43.66 -33.86 4.05
C VAL B 212 -43.05 -33.02 2.90
N ALA B 213 -41.82 -33.34 2.49
CA ALA B 213 -41.18 -32.62 1.38
C ALA B 213 -41.89 -32.91 0.08
N ASP B 214 -42.28 -34.16 -0.12
CA ASP B 214 -43.08 -34.53 -1.30
C ASP B 214 -44.43 -33.82 -1.25
N MET B 215 -45.08 -33.75 -0.08
CA MET B 215 -46.37 -33.05 0.04
C MET B 215 -46.28 -31.59 -0.36
N VAL B 216 -45.28 -30.90 0.16
CA VAL B 216 -45.02 -29.52 -0.20
C VAL B 216 -44.72 -29.36 -1.70
N GLU B 217 -44.00 -30.33 -2.28
CA GLU B 217 -43.68 -30.30 -3.70
C GLU B 217 -44.92 -30.57 -4.53
N ARG B 218 -45.95 -31.23 -3.98
CA ARG B 218 -47.25 -31.27 -4.67
C ARG B 218 -47.72 -29.85 -4.78
N LEU B 219 -48.09 -29.23 -3.67
CA LEU B 219 -48.54 -27.86 -3.68
C LEU B 219 -47.88 -26.97 -4.72
N ARG B 220 -46.58 -27.11 -4.89
CA ARG B 220 -45.80 -26.34 -5.87
C ARG B 220 -46.32 -26.59 -7.32
N THR B 221 -46.32 -27.86 -7.72
CA THR B 221 -46.67 -28.26 -9.11
C THR B 221 -48.19 -28.40 -9.34
N GLU B 222 -48.89 -28.79 -8.28
CA GLU B 222 -50.29 -29.01 -8.38
C GLU B 222 -51.01 -27.70 -8.29
N HIS B 223 -50.66 -26.78 -7.38
CA HIS B 223 -51.48 -25.55 -7.19
C HIS B 223 -50.74 -24.21 -7.33
N ASN B 224 -49.51 -24.24 -7.80
CA ASN B 224 -48.69 -23.06 -7.84
C ASN B 224 -48.59 -22.30 -6.52
N ILE B 225 -48.19 -23.06 -5.48
CA ILE B 225 -48.13 -22.60 -4.10
C ILE B 225 -46.78 -22.89 -3.33
N LEU B 226 -46.20 -21.81 -2.85
CA LEU B 226 -44.99 -21.90 -2.07
C LEU B 226 -45.41 -21.98 -0.59
N SER B 227 -44.49 -22.43 0.25
CA SER B 227 -44.82 -22.92 1.56
C SER B 227 -43.79 -22.40 2.59
N LEU B 228 -44.29 -21.77 3.67
CA LEU B 228 -43.48 -21.37 4.85
C LEU B 228 -43.70 -22.35 5.98
N THR B 229 -42.83 -22.36 6.98
CA THR B 229 -43.17 -22.95 8.28
C THR B 229 -42.91 -21.97 9.36
N ASP B 230 -43.72 -22.04 10.38
CA ASP B 230 -43.36 -21.42 11.63
C ASP B 230 -42.11 -22.18 12.09
N ILE B 231 -41.13 -21.40 12.49
CA ILE B 231 -40.04 -21.91 13.32
C ILE B 231 -40.05 -21.26 14.68
N VAL B 232 -39.77 -22.06 15.71
CA VAL B 232 -39.92 -21.65 17.10
C VAL B 232 -38.58 -21.73 17.80
N PHE B 233 -37.97 -20.56 18.03
CA PHE B 233 -36.62 -20.47 18.60
C PHE B 233 -36.54 -20.41 20.12
N ASN B 234 -37.53 -19.80 20.77
CA ASN B 234 -37.46 -19.51 22.21
C ASN B 234 -37.83 -20.61 23.16
N HIS B 235 -38.58 -21.65 22.72
CA HIS B 235 -38.98 -22.73 23.62
C HIS B 235 -39.20 -24.12 22.98
N THR B 236 -38.89 -25.16 23.76
CA THR B 236 -39.35 -26.50 23.45
C THR B 236 -40.36 -26.91 24.51
N ALA B 237 -40.97 -28.08 24.33
CA ALA B 237 -42.14 -28.46 25.10
C ALA B 237 -41.73 -29.12 26.39
N ASN B 238 -42.51 -28.90 27.46
CA ASN B 238 -42.18 -29.46 28.80
C ASN B 238 -41.73 -30.92 28.75
N ASN B 239 -42.40 -31.70 27.92
CA ASN B 239 -42.24 -33.15 27.89
C ASN B 239 -41.15 -33.70 26.97
N SER B 240 -40.33 -32.85 26.35
CA SER B 240 -39.30 -33.36 25.43
C SER B 240 -38.27 -34.18 26.25
N GLN B 241 -37.93 -35.37 25.76
CA GLN B 241 -36.94 -36.20 26.44
C GLN B 241 -35.56 -36.13 25.79
N TRP B 242 -35.24 -34.99 25.20
CA TRP B 242 -33.85 -34.58 25.17
C TRP B 242 -33.57 -33.66 26.36
N LEU B 243 -34.60 -33.07 26.99
CA LEU B 243 -34.40 -32.29 28.25
C LEU B 243 -33.92 -33.17 29.43
N LEU B 244 -34.44 -34.39 29.52
CA LEU B 244 -33.88 -35.38 30.42
C LEU B 244 -32.38 -35.55 30.10
N ASP B 245 -32.06 -35.73 28.83
CA ASP B 245 -30.69 -35.94 28.36
C ASP B 245 -29.82 -34.68 28.30
N HIS B 246 -30.40 -33.49 28.33
CA HIS B 246 -29.60 -32.25 28.28
C HIS B 246 -30.30 -31.10 29.03
N PRO B 247 -30.46 -31.25 30.35
CA PRO B 247 -31.15 -30.22 31.11
C PRO B 247 -30.45 -28.86 31.13
N GLU B 248 -29.17 -28.81 30.70
CA GLU B 248 -28.44 -27.52 30.57
C GLU B 248 -29.13 -26.54 29.64
N ALA B 249 -29.76 -27.05 28.59
CA ALA B 249 -30.35 -26.21 27.57
C ALA B 249 -31.27 -25.08 28.07
N GLY B 250 -31.91 -25.26 29.23
CA GLY B 250 -32.78 -24.24 29.86
C GLY B 250 -32.15 -23.51 31.05
N TYR B 251 -32.97 -22.81 31.82
CA TYR B 251 -32.49 -21.96 32.93
C TYR B 251 -32.81 -22.67 34.28
N ASN B 252 -31.79 -23.09 35.04
CA ASN B 252 -31.94 -24.01 36.21
C ASN B 252 -31.15 -23.49 37.41
N HIS B 253 -30.92 -24.32 38.44
CA HIS B 253 -29.94 -23.95 39.49
C HIS B 253 -28.56 -23.57 38.92
N LYS B 254 -27.99 -24.37 38.00
CA LYS B 254 -26.57 -24.22 37.59
C LYS B 254 -26.34 -23.02 36.65
N THR B 255 -27.20 -22.89 35.65
CA THR B 255 -26.97 -21.91 34.61
C THR B 255 -27.44 -20.56 35.09
N SER B 256 -28.66 -20.52 35.64
CA SER B 256 -29.27 -19.25 36.00
C SER B 256 -29.56 -19.23 37.50
N PRO B 257 -28.51 -18.99 38.31
CA PRO B 257 -28.65 -19.25 39.73
C PRO B 257 -29.44 -18.19 40.44
N HIS B 258 -29.47 -16.97 39.93
CA HIS B 258 -30.36 -15.89 40.44
C HIS B 258 -31.82 -16.35 40.64
N LEU B 259 -32.28 -17.22 39.74
CA LEU B 259 -33.62 -17.79 39.83
C LEU B 259 -33.88 -18.68 41.08
N ILE B 260 -32.84 -19.04 41.85
CA ILE B 260 -32.97 -19.99 42.97
C ILE B 260 -34.01 -19.50 43.98
N SER B 261 -34.07 -18.18 44.17
CA SER B 261 -35.13 -17.58 44.98
C SER B 261 -36.53 -17.76 44.35
N ALA B 262 -36.62 -17.49 43.05
CA ALA B 262 -37.87 -17.65 42.31
C ALA B 262 -38.35 -19.08 42.18
N ILE B 263 -37.41 -20.06 42.10
CA ILE B 263 -37.77 -21.48 42.03
C ILE B 263 -38.41 -21.91 43.34
N GLU B 264 -37.75 -21.59 44.46
CA GLU B 264 -38.28 -21.92 45.80
C GLU B 264 -39.67 -21.31 46.05
N LEU B 265 -39.91 -20.10 45.52
CA LEU B 265 -41.23 -19.46 45.62
C LEU B 265 -42.27 -20.28 44.86
N ASP B 266 -41.92 -20.74 43.65
CA ASP B 266 -42.84 -21.54 42.80
C ASP B 266 -43.16 -22.93 43.39
N LYS B 267 -42.15 -23.67 43.90
CA LYS B 267 -42.41 -24.99 44.52
C LYS B 267 -43.28 -24.82 45.77
N LYS B 268 -43.05 -23.71 46.49
CA LYS B 268 -43.88 -23.29 47.62
C LYS B 268 -45.08 -22.40 47.20
N LEU B 269 -45.73 -22.75 46.08
CA LEU B 269 -47.07 -22.22 45.75
C LEU B 269 -47.98 -23.34 45.23
N LEU B 270 -47.47 -24.27 44.42
CA LEU B 270 -48.23 -25.53 44.19
C LEU B 270 -48.13 -26.51 45.37
N ASP B 271 -47.19 -26.30 46.31
CA ASP B 271 -47.28 -26.93 47.64
C ASP B 271 -48.48 -26.38 48.42
N PHE B 272 -48.78 -25.09 48.26
CA PHE B 272 -49.95 -24.42 48.93
C PHE B 272 -51.36 -24.85 48.46
N SER B 273 -51.72 -24.65 47.18
CA SER B 273 -53.11 -24.99 46.71
C SER B 273 -53.55 -26.42 47.05
N GLU B 274 -52.58 -27.32 47.25
CA GLU B 274 -52.81 -28.68 47.77
C GLU B 274 -53.40 -28.68 49.21
N GLN B 275 -52.66 -28.08 50.15
CA GLN B 275 -52.96 -28.11 51.62
C GLN B 275 -53.81 -26.90 52.13
N MET B 276 -53.90 -25.87 51.28
CA MET B 276 -54.94 -24.81 51.29
C MET B 276 -56.38 -25.35 51.39
N GLU B 277 -56.61 -26.52 50.79
CA GLU B 277 -57.87 -27.24 50.95
C GLU B 277 -58.19 -27.51 52.42
N ALA B 278 -57.21 -28.07 53.13
CA ALA B 278 -57.32 -28.33 54.56
C ALA B 278 -57.37 -27.08 55.46
N LEU B 279 -57.38 -25.86 54.88
CA LEU B 279 -57.24 -24.61 55.64
C LEU B 279 -57.89 -23.40 54.91
N GLY B 280 -58.81 -22.71 55.59
CA GLY B 280 -59.56 -21.60 54.98
C GLY B 280 -60.50 -22.11 53.89
N TYR B 281 -61.32 -21.21 53.35
CA TYR B 281 -62.35 -21.57 52.36
C TYR B 281 -62.10 -20.99 50.96
N PRO B 282 -60.88 -21.17 50.40
CA PRO B 282 -60.67 -20.65 49.05
C PRO B 282 -60.65 -21.66 47.88
N VAL B 283 -61.54 -22.65 47.90
CA VAL B 283 -61.63 -23.63 46.80
C VAL B 283 -61.98 -22.86 45.48
N ASP B 284 -63.18 -22.28 45.47
CA ASP B 284 -63.76 -21.51 44.35
C ASP B 284 -64.37 -20.27 44.99
N LEU B 285 -64.10 -19.09 44.46
CA LEU B 285 -64.67 -17.87 45.06
C LEU B 285 -65.16 -16.87 44.02
N LYS B 286 -66.01 -15.96 44.49
CA LYS B 286 -66.66 -14.96 43.64
C LYS B 286 -66.69 -13.53 44.20
N THR B 287 -65.94 -13.22 45.27
CA THR B 287 -65.95 -11.85 45.84
C THR B 287 -64.57 -11.37 46.28
N VAL B 288 -64.23 -10.12 45.90
CA VAL B 288 -62.94 -9.49 46.18
C VAL B 288 -62.58 -9.48 47.70
N ASP B 289 -63.59 -9.51 48.60
CA ASP B 289 -63.36 -9.61 50.06
C ASP B 289 -63.47 -11.03 50.69
N ASP B 290 -63.58 -12.08 49.87
CA ASP B 290 -63.22 -13.45 50.28
C ASP B 290 -62.05 -14.05 49.46
N LEU B 291 -61.46 -13.23 48.58
CA LEU B 291 -60.17 -13.53 47.89
C LEU B 291 -59.01 -12.95 48.69
N ILE B 292 -59.23 -11.75 49.24
CA ILE B 292 -58.33 -11.18 50.26
C ILE B 292 -58.18 -12.16 51.46
N LYS B 293 -59.17 -13.04 51.67
CA LYS B 293 -59.06 -14.22 52.57
C LYS B 293 -57.94 -15.22 52.15
N VAL B 294 -57.84 -15.50 50.86
CA VAL B 294 -56.76 -16.34 50.29
C VAL B 294 -55.42 -15.62 50.41
N MET B 295 -55.46 -14.31 50.16
CA MET B 295 -54.28 -13.44 50.15
C MET B 295 -53.48 -13.49 51.43
N ASP B 296 -54.17 -13.37 52.57
CA ASP B 296 -53.54 -13.52 53.88
C ASP B 296 -53.17 -14.98 54.17
N GLY B 297 -53.98 -15.92 53.68
CA GLY B 297 -53.60 -17.34 53.63
C GLY B 297 -52.27 -17.62 52.92
N ILE B 298 -52.00 -16.86 51.85
CA ILE B 298 -50.68 -16.89 51.15
C ILE B 298 -49.55 -16.36 52.06
N LYS B 299 -49.69 -15.10 52.47
CA LYS B 299 -48.72 -14.39 53.33
C LYS B 299 -48.22 -15.23 54.51
N GLU B 300 -49.11 -16.01 55.11
CA GLU B 300 -48.76 -16.87 56.25
C GLU B 300 -47.96 -18.12 55.83
N HIS B 301 -48.56 -18.94 54.97
CA HIS B 301 -47.99 -20.25 54.62
C HIS B 301 -46.87 -20.28 53.55
N VAL B 302 -46.60 -19.17 52.86
CA VAL B 302 -45.51 -19.14 51.84
C VAL B 302 -44.49 -17.97 51.93
N ILE B 303 -44.94 -16.73 52.15
CA ILE B 303 -44.02 -15.61 52.41
C ILE B 303 -43.35 -15.85 53.76
N GLY B 304 -44.17 -15.84 54.83
CA GLY B 304 -43.72 -16.10 56.19
C GLY B 304 -42.82 -17.32 56.31
N GLU B 305 -43.19 -18.42 55.63
CA GLU B 305 -42.48 -19.73 55.74
C GLU B 305 -41.10 -19.81 54.99
N LEU B 306 -40.74 -18.72 54.28
CA LEU B 306 -39.41 -18.56 53.66
C LEU B 306 -38.63 -17.33 54.21
N LYS B 307 -38.95 -16.98 55.47
CA LYS B 307 -38.04 -16.41 56.52
C LYS B 307 -37.39 -14.99 56.35
N LEU B 308 -38.21 -13.92 56.24
CA LEU B 308 -37.73 -12.49 56.04
C LEU B 308 -36.71 -12.25 54.87
N TRP B 309 -36.47 -13.31 54.08
CA TRP B 309 -35.67 -13.31 52.84
C TRP B 309 -34.23 -12.90 53.00
N GLU B 310 -33.61 -13.92 53.56
CA GLU B 310 -32.19 -14.18 53.60
C GLU B 310 -31.51 -14.09 52.20
N PHE B 311 -32.31 -14.07 51.14
CA PHE B 311 -31.80 -13.89 49.78
C PHE B 311 -31.24 -12.50 49.45
N TYR B 312 -31.62 -11.49 50.25
CA TYR B 312 -31.24 -10.08 50.03
C TYR B 312 -30.28 -9.47 51.07
N VAL B 313 -30.34 -9.99 52.29
CA VAL B 313 -30.01 -9.24 53.50
C VAL B 313 -28.93 -9.99 54.28
N VAL B 314 -28.09 -9.29 55.07
CA VAL B 314 -27.04 -9.97 55.87
C VAL B 314 -27.59 -10.50 57.17
N ASP B 315 -27.23 -11.74 57.49
CA ASP B 315 -27.70 -12.39 58.68
C ASP B 315 -26.92 -11.77 59.85
N VAL B 316 -27.45 -10.69 60.44
CA VAL B 316 -26.67 -9.95 61.46
C VAL B 316 -26.36 -10.88 62.64
N LYS B 317 -27.34 -11.64 63.13
CA LYS B 317 -27.09 -12.60 64.23
C LYS B 317 -25.96 -13.58 63.92
N GLN B 318 -25.87 -14.03 62.67
CA GLN B 318 -24.77 -14.90 62.28
C GLN B 318 -23.44 -14.16 62.17
N THR B 319 -23.43 -13.08 61.39
CA THR B 319 -22.22 -12.25 61.25
C THR B 319 -21.58 -11.87 62.60
N VAL B 320 -22.42 -11.39 63.52
CA VAL B 320 -21.99 -10.93 64.84
C VAL B 320 -21.38 -12.09 65.61
N SER B 321 -22.11 -13.18 65.80
CA SER B 321 -21.57 -14.30 66.59
C SER B 321 -20.33 -14.98 65.96
N GLU B 322 -20.18 -14.92 64.65
CA GLU B 322 -18.93 -15.34 64.06
C GLU B 322 -17.89 -14.23 64.18
N LEU B 323 -18.29 -13.02 64.54
CA LEU B 323 -17.29 -12.03 64.90
C LEU B 323 -16.65 -12.37 66.24
N ARG B 324 -17.47 -12.78 67.22
CA ARG B 324 -16.99 -13.15 68.57
C ARG B 324 -16.00 -14.32 68.56
N GLU B 325 -16.17 -15.26 67.62
CA GLU B 325 -15.28 -16.44 67.49
C GLU B 325 -13.99 -16.13 66.73
N LYS B 326 -14.09 -15.29 65.70
CA LYS B 326 -12.94 -14.91 64.87
C LYS B 326 -12.50 -13.48 65.24
N TRP B 327 -12.95 -13.01 66.40
CA TRP B 327 -12.40 -11.79 66.95
C TRP B 327 -10.93 -12.07 67.23
N GLY B 328 -10.12 -11.03 67.05
CA GLY B 328 -8.68 -11.08 67.25
C GLY B 328 -7.97 -11.83 66.15
N ASN B 329 -8.26 -11.52 64.89
CA ASN B 329 -7.60 -12.25 63.81
C ASN B 329 -7.01 -11.41 62.69
N SER B 330 -7.73 -10.44 62.12
CA SER B 330 -7.09 -9.56 61.10
C SER B 330 -6.48 -8.32 61.75
N LYS B 331 -5.90 -8.50 62.95
CA LYS B 331 -5.16 -7.46 63.68
C LYS B 331 -6.00 -6.19 63.66
N SER B 332 -5.46 -5.08 63.15
CA SER B 332 -6.18 -3.82 63.06
C SER B 332 -6.29 -3.44 61.59
N TRP B 333 -6.68 -2.20 61.35
CA TRP B 333 -6.80 -1.65 60.03
C TRP B 333 -5.98 -0.37 60.14
N SER B 334 -4.89 -0.30 59.39
CA SER B 334 -3.88 0.77 59.60
C SER B 334 -4.25 2.12 58.97
N ASP B 335 -5.22 2.15 58.05
CA ASP B 335 -5.41 3.30 57.18
C ASP B 335 -6.29 4.36 57.90
N ASP B 336 -6.58 5.43 57.16
CA ASP B 336 -7.36 6.56 57.65
C ASP B 336 -8.76 6.63 57.02
N ASN B 337 -9.21 5.51 56.44
CA ASN B 337 -10.31 5.53 55.46
C ASN B 337 -11.70 5.35 56.06
N ILE B 338 -11.76 5.22 57.38
CA ILE B 338 -13.02 4.99 58.07
C ILE B 338 -13.63 6.33 58.49
N PRO B 339 -14.88 6.62 58.07
CA PRO B 339 -15.59 7.79 58.65
C PRO B 339 -15.95 7.57 60.12
N SER B 340 -15.92 8.61 60.94
CA SER B 340 -16.15 8.43 62.37
C SER B 340 -17.54 7.83 62.62
N LYS B 341 -17.67 7.12 63.74
CA LYS B 341 -18.91 6.45 64.14
C LYS B 341 -20.14 7.36 64.00
N ASP B 342 -19.97 8.66 64.22
CA ASP B 342 -21.02 9.67 64.01
C ASP B 342 -21.70 9.64 62.63
N ASP B 343 -20.92 9.48 61.56
CA ASP B 343 -21.47 9.37 60.18
C ASP B 343 -22.18 8.01 59.92
N SER B 344 -23.22 7.70 60.71
CA SER B 344 -23.86 6.36 60.76
C SER B 344 -23.91 5.74 59.33
N THR B 345 -24.36 6.56 58.36
CA THR B 345 -24.46 6.19 56.94
C THR B 345 -23.12 6.11 56.22
N ASN B 346 -22.43 7.22 56.03
CA ASN B 346 -21.15 7.24 55.29
C ASN B 346 -20.22 6.01 55.56
N LEU B 347 -20.11 5.64 56.83
CA LEU B 347 -19.36 4.46 57.32
C LEU B 347 -19.92 3.13 56.83
N ALA B 348 -21.22 2.91 57.07
CA ALA B 348 -21.89 1.67 56.61
C ALA B 348 -21.65 1.44 55.12
N GLN B 349 -21.70 2.52 54.35
CA GLN B 349 -21.31 2.49 52.93
C GLN B 349 -19.83 2.14 52.77
N PHE B 350 -18.97 2.70 53.61
CA PHE B 350 -17.55 2.31 53.60
C PHE B 350 -17.35 0.81 53.93
N VAL B 351 -18.10 0.24 54.86
CA VAL B 351 -17.95 -1.21 55.19
C VAL B 351 -18.42 -2.10 54.04
N ARG B 352 -19.51 -1.67 53.41
CA ARG B 352 -20.07 -2.36 52.26
C ARG B 352 -19.03 -2.56 51.21
N ASP B 353 -18.32 -1.49 50.88
CA ASP B 353 -17.32 -1.51 49.83
C ASP B 353 -16.09 -2.30 50.20
N ASN B 354 -15.63 -2.19 51.44
CA ASN B 354 -14.30 -2.69 51.82
C ASN B 354 -14.24 -4.06 52.49
N ALA B 355 -15.33 -4.44 53.15
CA ALA B 355 -15.36 -5.67 53.97
C ALA B 355 -16.53 -6.59 53.67
N THR B 356 -16.79 -6.81 52.37
CA THR B 356 -17.82 -7.77 51.92
C THR B 356 -17.30 -8.83 50.95
N GLU B 357 -17.88 -10.03 51.05
CA GLU B 357 -17.57 -11.13 50.16
C GLU B 357 -18.13 -10.85 48.74
N PRO B 358 -17.37 -11.21 47.68
CA PRO B 358 -17.73 -10.87 46.29
C PRO B 358 -19.12 -11.33 45.94
N GLY B 359 -19.86 -10.54 45.15
CA GLY B 359 -21.30 -10.80 44.90
C GLY B 359 -22.28 -10.24 45.93
N PHE B 360 -21.89 -9.11 46.51
CA PHE B 360 -22.66 -8.46 47.56
C PHE B 360 -23.59 -7.52 46.84
N GLY B 361 -24.87 -7.57 47.20
CA GLY B 361 -25.92 -6.87 46.47
C GLY B 361 -26.40 -7.67 45.27
N SER B 362 -26.09 -8.97 45.27
CA SER B 362 -26.58 -9.89 44.23
C SER B 362 -27.89 -10.54 44.64
N LEU B 363 -28.49 -11.22 43.66
CA LEU B 363 -29.43 -12.28 43.92
C LEU B 363 -28.78 -13.60 43.53
N GLY B 364 -29.10 -14.63 44.31
CA GLY B 364 -28.66 -15.97 44.00
C GLY B 364 -29.06 -16.96 45.07
N GLU B 365 -28.13 -17.21 45.98
CA GLU B 365 -28.21 -18.34 46.91
C GLU B 365 -29.08 -18.00 48.10
N ARG B 366 -29.44 -19.03 48.86
CA ARG B 366 -30.28 -18.88 50.06
C ARG B 366 -29.75 -17.82 51.07
N GLY B 367 -28.44 -17.74 51.28
CA GLY B 367 -27.91 -16.78 52.25
C GLY B 367 -26.57 -16.22 51.84
N SER B 368 -26.44 -15.83 50.59
CA SER B 368 -25.15 -15.46 50.00
C SER B 368 -24.83 -13.97 49.94
N ASN B 369 -25.21 -13.21 50.95
CA ASN B 369 -24.83 -11.81 51.00
C ASN B 369 -24.06 -11.58 52.29
N LYS B 370 -22.73 -11.74 52.19
CA LYS B 370 -21.88 -11.95 53.37
C LYS B 370 -20.87 -10.84 53.64
N ILE B 371 -20.59 -10.64 54.92
CA ILE B 371 -19.46 -9.79 55.33
C ILE B 371 -18.14 -10.61 55.37
N ASN B 372 -17.02 -9.97 54.98
CA ASN B 372 -15.68 -10.48 55.32
C ASN B 372 -15.43 -10.24 56.81
N ILE B 373 -15.76 -11.26 57.60
CA ILE B 373 -15.71 -11.12 59.05
C ILE B 373 -14.37 -10.53 59.48
N ASP B 374 -13.28 -11.06 58.93
CA ASP B 374 -11.97 -10.63 59.37
C ASP B 374 -11.66 -9.16 59.02
N LYS B 375 -12.03 -8.70 57.83
CA LYS B 375 -11.86 -7.28 57.48
C LYS B 375 -12.76 -6.34 58.28
N PHE B 376 -13.99 -6.80 58.59
CA PHE B 376 -14.95 -6.08 59.49
C PHE B 376 -14.29 -5.85 60.85
N ALA B 377 -13.93 -6.96 61.51
CA ALA B 377 -13.18 -6.96 62.80
C ALA B 377 -12.10 -5.88 62.81
N ALA B 378 -11.32 -5.84 61.73
CA ALA B 378 -10.25 -4.88 61.62
C ALA B 378 -10.76 -3.47 61.67
N ILE B 379 -11.77 -3.20 60.88
CA ILE B 379 -12.36 -1.87 60.88
C ILE B 379 -12.82 -1.50 62.31
N LEU B 380 -13.48 -2.43 63.01
CA LEU B 380 -14.06 -2.16 64.33
C LEU B 380 -12.95 -1.94 65.33
N LYS B 381 -11.91 -2.75 65.24
CA LYS B 381 -10.75 -2.62 66.12
C LYS B 381 -10.12 -1.24 65.98
N LYS B 382 -9.82 -0.84 64.75
CA LYS B 382 -9.23 0.49 64.47
C LYS B 382 -10.12 1.64 64.90
N LEU B 383 -11.41 1.49 64.61
CA LEU B 383 -12.38 2.59 64.80
C LEU B 383 -12.83 2.77 66.27
N HIS B 384 -13.06 1.65 66.96
CA HIS B 384 -13.63 1.73 68.31
C HIS B 384 -12.74 1.20 69.41
N SER B 385 -12.49 -0.10 69.41
CA SER B 385 -11.69 -0.70 70.47
C SER B 385 -11.15 -2.04 70.06
N GLU B 386 -9.95 -2.37 70.54
CA GLU B 386 -9.34 -3.68 70.28
C GLU B 386 -10.05 -4.84 71.04
N ASP B 387 -10.73 -4.52 72.14
CA ASP B 387 -11.28 -5.53 73.07
C ASP B 387 -12.72 -5.62 72.71
N TYR B 388 -13.16 -6.80 72.25
CA TYR B 388 -14.53 -6.99 71.71
C TYR B 388 -15.59 -6.54 72.69
N ASN B 389 -15.25 -6.65 73.96
CA ASN B 389 -16.22 -6.50 74.98
C ASN B 389 -16.57 -5.06 75.33
N ASN B 390 -16.06 -4.07 74.60
CA ASN B 390 -16.47 -2.66 74.74
C ASN B 390 -17.53 -2.35 73.71
N GLY B 391 -18.65 -3.07 73.79
CA GLY B 391 -19.82 -2.83 72.94
C GLY B 391 -19.55 -2.83 71.44
N ILE B 392 -18.72 -3.77 71.04
CA ILE B 392 -18.50 -4.00 69.63
C ILE B 392 -19.72 -4.73 69.16
N GLU B 393 -20.10 -5.81 69.87
CA GLU B 393 -21.33 -6.57 69.56
C GLU B 393 -22.49 -5.63 69.22
N GLU B 394 -22.62 -4.58 70.02
CA GLU B 394 -23.54 -3.52 69.77
C GLU B 394 -23.15 -2.80 68.47
N LEU B 395 -22.07 -2.03 68.48
CA LEU B 395 -21.67 -1.19 67.32
C LEU B 395 -21.64 -1.96 65.99
N ALA B 396 -21.24 -3.22 66.03
CA ALA B 396 -21.28 -4.07 64.83
C ALA B 396 -22.70 -4.30 64.29
N THR B 397 -23.67 -4.48 65.21
CA THR B 397 -25.09 -4.70 64.83
C THR B 397 -25.68 -3.41 64.20
N LYS B 398 -25.49 -2.25 64.85
CA LYS B 398 -25.87 -0.93 64.26
C LYS B 398 -25.37 -0.76 62.81
N ILE B 399 -24.06 -0.99 62.58
CA ILE B 399 -23.51 -0.83 61.22
C ILE B 399 -24.20 -1.85 60.30
N LEU B 400 -24.14 -3.14 60.65
CA LEU B 400 -24.82 -4.20 59.87
C LEU B 400 -26.26 -3.87 59.52
N ASN B 401 -27.03 -3.35 60.48
CA ASN B 401 -28.43 -2.96 60.22
C ASN B 401 -28.57 -1.81 59.20
N ASP B 402 -27.97 -0.64 59.46
CA ASP B 402 -27.84 0.44 58.44
C ASP B 402 -27.48 -0.05 57.03
N ILE B 403 -26.61 -1.06 56.95
CA ILE B 403 -26.22 -1.68 55.68
C ILE B 403 -27.41 -2.40 55.04
N ASN B 404 -28.19 -3.10 55.87
CA ASN B 404 -29.42 -3.78 55.44
C ASN B 404 -30.62 -2.89 55.08
N LEU B 405 -30.51 -1.56 55.29
CA LEU B 405 -31.66 -0.65 55.08
C LEU B 405 -32.19 -0.54 53.63
N PRO B 406 -31.30 -0.42 52.62
CA PRO B 406 -31.77 -0.52 51.24
C PRO B 406 -32.09 -1.98 50.80
N PHE B 407 -31.41 -2.97 51.39
CA PHE B 407 -31.72 -4.39 51.11
C PHE B 407 -33.08 -4.81 51.60
N TYR B 408 -33.53 -4.25 52.71
CA TYR B 408 -34.88 -4.49 53.19
C TYR B 408 -35.97 -3.73 52.35
N LYS B 409 -35.71 -2.48 51.96
CA LYS B 409 -36.62 -1.76 51.04
C LYS B 409 -36.61 -2.39 49.64
N GLU B 410 -35.52 -3.08 49.27
CA GLU B 410 -35.50 -3.86 48.02
C GLU B 410 -36.41 -5.08 48.12
N TYR B 411 -36.34 -5.79 49.23
CA TYR B 411 -37.20 -6.96 49.43
C TYR B 411 -38.69 -6.61 49.57
N ASP B 412 -38.98 -5.43 50.11
CA ASP B 412 -40.37 -4.97 50.28
C ASP B 412 -41.00 -4.51 48.97
N ASP B 413 -40.28 -3.70 48.19
CA ASP B 413 -40.71 -3.35 46.82
C ASP B 413 -41.01 -4.58 45.98
N ASP B 414 -40.19 -5.60 46.15
CA ASP B 414 -40.29 -6.85 45.40
C ASP B 414 -41.47 -7.69 45.81
N ILE B 415 -41.69 -7.85 47.10
CA ILE B 415 -42.78 -8.72 47.56
C ILE B 415 -44.20 -8.06 47.48
N ASN B 416 -44.28 -6.73 47.43
CA ASN B 416 -45.56 -6.03 47.20
C ASN B 416 -46.01 -6.23 45.78
N GLU B 417 -45.06 -6.06 44.86
CA GLU B 417 -45.25 -6.41 43.46
C GLU B 417 -45.49 -7.90 43.18
N VAL B 418 -45.16 -8.81 44.12
CA VAL B 418 -45.51 -10.25 44.02
C VAL B 418 -46.98 -10.46 44.33
N LEU B 419 -47.40 -9.81 45.42
CA LEU B 419 -48.76 -9.90 45.94
C LEU B 419 -49.69 -9.36 44.89
N GLU B 420 -49.50 -8.08 44.52
CA GLU B 420 -50.28 -7.38 43.48
C GLU B 420 -50.39 -8.18 42.20
N GLN B 421 -49.31 -8.85 41.81
CA GLN B 421 -49.30 -9.68 40.60
C GLN B 421 -50.13 -10.96 40.80
N LEU B 422 -50.18 -11.47 42.05
CA LEU B 422 -51.06 -12.60 42.42
C LEU B 422 -52.57 -12.27 42.75
N PHE B 423 -52.85 -11.08 43.32
CA PHE B 423 -54.20 -10.45 43.31
C PHE B 423 -54.69 -10.52 41.86
N ASN B 424 -53.98 -9.82 40.98
CA ASN B 424 -54.49 -9.52 39.64
C ASN B 424 -54.37 -10.62 38.59
N ARG B 425 -53.86 -11.82 38.95
CA ARG B 425 -54.02 -13.01 38.08
C ARG B 425 -54.76 -14.19 38.71
N ILE B 426 -55.08 -14.15 40.00
CA ILE B 426 -56.10 -15.05 40.54
C ILE B 426 -57.50 -14.42 40.31
N LYS B 427 -57.60 -13.08 40.39
CA LYS B 427 -58.87 -12.36 40.11
C LYS B 427 -59.19 -12.23 38.61
N TYR B 428 -58.21 -12.50 37.74
CA TYR B 428 -58.46 -12.65 36.30
C TYR B 428 -58.69 -14.12 35.89
N LEU B 429 -57.87 -15.04 36.41
CA LEU B 429 -57.99 -16.45 36.05
C LEU B 429 -59.28 -17.11 36.63
N ARG B 430 -59.72 -16.68 37.82
CA ARG B 430 -60.85 -17.32 38.58
C ARG B 430 -62.15 -16.50 38.79
N ILE B 431 -62.18 -15.27 38.27
CA ILE B 431 -63.34 -14.38 38.29
C ILE B 431 -63.45 -13.77 36.88
N ASP B 432 -64.66 -13.63 36.34
CA ASP B 432 -64.86 -12.84 35.12
C ASP B 432 -64.41 -11.39 35.35
N ASP B 433 -63.52 -10.92 34.49
CA ASP B 433 -63.31 -9.50 34.26
C ASP B 433 -63.60 -9.36 32.75
N HIS B 434 -62.60 -9.69 31.94
CA HIS B 434 -62.74 -9.86 30.50
C HIS B 434 -62.77 -11.36 30.15
N GLY B 435 -62.23 -12.24 31.01
CA GLY B 435 -62.13 -13.67 30.72
C GLY B 435 -62.41 -14.54 31.93
N PRO B 436 -63.68 -14.88 32.21
CA PRO B 436 -63.94 -15.84 33.30
C PRO B 436 -63.37 -17.20 32.93
N LYS B 437 -62.79 -17.90 33.89
CA LYS B 437 -62.38 -19.29 33.63
C LYS B 437 -62.30 -19.99 34.97
N GLN B 438 -63.46 -20.16 35.58
CA GLN B 438 -63.54 -20.32 37.03
C GLN B 438 -63.28 -21.76 37.57
N GLY B 439 -62.59 -22.63 36.81
CA GLY B 439 -62.20 -23.97 37.30
C GLY B 439 -61.42 -23.94 38.63
N PRO B 440 -61.99 -24.43 39.77
CA PRO B 440 -61.47 -24.15 41.14
C PRO B 440 -60.01 -24.55 41.54
N ILE B 441 -59.71 -25.83 41.83
CA ILE B 441 -58.32 -26.37 41.97
C ILE B 441 -58.32 -27.71 41.26
N THR B 442 -57.17 -28.21 40.86
CA THR B 442 -57.06 -29.59 40.37
C THR B 442 -55.66 -30.09 40.68
N LYS B 443 -55.39 -31.34 40.30
CA LYS B 443 -54.04 -31.74 39.87
C LYS B 443 -53.55 -30.66 38.87
N LYS B 444 -54.32 -30.45 37.79
CA LYS B 444 -53.99 -29.60 36.65
C LYS B 444 -54.78 -28.27 36.63
N LEU B 445 -54.98 -27.62 37.78
CA LEU B 445 -55.48 -26.23 37.80
C LEU B 445 -55.27 -25.54 39.17
N PRO B 446 -53.99 -25.44 39.64
CA PRO B 446 -53.70 -24.61 40.84
C PRO B 446 -53.86 -23.09 40.61
N LEU B 447 -53.66 -22.30 41.66
CA LEU B 447 -53.61 -20.82 41.55
C LEU B 447 -52.39 -20.33 40.78
N SER B 448 -51.23 -20.80 41.22
CA SER B 448 -49.95 -20.47 40.61
C SER B 448 -49.82 -21.27 39.36
N GLU B 449 -49.63 -20.58 38.24
CA GLU B 449 -49.11 -21.22 37.04
C GLU B 449 -47.72 -21.81 37.37
N PRO B 450 -47.50 -23.11 37.07
CA PRO B 450 -46.14 -23.61 36.94
C PRO B 450 -45.26 -22.67 36.12
N TYR B 451 -44.35 -22.00 36.84
CA TYR B 451 -43.30 -21.12 36.28
C TYR B 451 -42.02 -21.87 35.92
N PHE B 452 -41.84 -23.08 36.46
CA PHE B 452 -40.72 -23.92 36.10
C PHE B 452 -41.25 -25.32 35.86
N THR B 453 -40.64 -26.01 34.89
CA THR B 453 -40.90 -27.43 34.61
C THR B 453 -39.93 -28.28 35.49
N ARG B 454 -40.47 -29.31 36.15
CA ARG B 454 -39.77 -30.06 37.20
C ARG B 454 -39.57 -31.52 36.80
N PHE B 455 -38.32 -32.00 36.78
CA PHE B 455 -38.05 -33.40 36.44
C PHE B 455 -36.66 -33.94 36.86
N LYS B 456 -36.59 -35.25 37.06
CA LYS B 456 -35.33 -35.96 37.28
C LYS B 456 -34.71 -36.21 35.91
N ALA B 457 -33.45 -35.81 35.74
CA ALA B 457 -32.75 -36.02 34.49
C ALA B 457 -32.20 -37.44 34.37
N LYS B 458 -31.71 -37.76 33.18
CA LYS B 458 -30.95 -38.99 32.95
C LYS B 458 -29.65 -39.02 33.76
N ASP B 459 -29.05 -37.85 34.01
CA ASP B 459 -27.87 -37.77 34.91
C ASP B 459 -28.23 -37.91 36.40
N GLY B 460 -29.51 -38.13 36.72
CA GLY B 460 -29.94 -38.61 38.02
C GLY B 460 -30.48 -37.52 38.91
N GLU B 461 -30.00 -36.29 38.72
CA GLU B 461 -30.35 -35.19 39.60
C GLU B 461 -31.72 -34.63 39.27
N GLU B 462 -32.33 -33.98 40.26
CA GLU B 462 -33.49 -33.11 40.08
C GLU B 462 -33.07 -31.85 39.32
N TYR B 463 -34.00 -31.26 38.56
CA TYR B 463 -33.77 -29.98 37.86
C TYR B 463 -35.07 -29.16 37.80
N ALA B 464 -34.98 -27.91 37.37
CA ALA B 464 -36.16 -27.04 37.26
C ALA B 464 -35.98 -25.91 36.23
N LEU B 465 -36.25 -26.20 34.95
CA LEU B 465 -35.96 -25.24 33.86
C LEU B 465 -37.08 -24.21 33.80
N ALA B 466 -36.72 -22.93 33.66
CA ALA B 466 -37.72 -21.87 33.59
C ALA B 466 -38.41 -22.09 32.30
N ASN B 467 -39.74 -22.06 32.33
CA ASN B 467 -40.56 -22.07 31.10
C ASN B 467 -40.98 -20.65 30.73
N ASN B 468 -41.35 -20.46 29.48
CA ASN B 468 -41.24 -19.14 28.86
C ASN B 468 -42.60 -18.42 28.87
N GLY B 469 -42.59 -17.11 28.67
CA GLY B 469 -43.82 -16.36 28.59
C GLY B 469 -43.64 -14.99 27.99
N TRP B 470 -44.33 -14.00 28.55
CA TRP B 470 -44.21 -12.59 28.13
C TRP B 470 -44.64 -11.65 29.28
N ILE B 471 -44.33 -10.36 29.17
CA ILE B 471 -44.44 -9.42 30.31
C ILE B 471 -45.16 -8.16 29.90
N TRP B 472 -46.14 -7.73 30.69
CA TRP B 472 -47.09 -6.74 30.16
C TRP B 472 -46.39 -5.58 29.50
N ASP B 473 -45.65 -4.79 30.27
CA ASP B 473 -45.19 -3.51 29.76
C ASP B 473 -43.67 -3.48 29.64
N GLY B 474 -43.05 -4.62 29.36
CA GLY B 474 -41.59 -4.75 29.44
C GLY B 474 -40.86 -4.47 28.14
N ASN B 475 -39.69 -3.84 28.20
CA ASN B 475 -38.79 -3.81 27.05
C ASN B 475 -38.58 -5.25 26.61
N PRO B 476 -39.09 -5.61 25.43
CA PRO B 476 -39.04 -7.04 25.02
C PRO B 476 -37.64 -7.60 24.69
N LEU B 477 -36.66 -6.72 24.42
CA LEU B 477 -35.29 -7.13 24.06
C LEU B 477 -34.43 -7.62 25.23
N VAL B 478 -34.98 -7.63 26.45
CA VAL B 478 -34.20 -7.96 27.64
C VAL B 478 -34.66 -9.28 28.19
N ASP B 479 -33.91 -10.33 27.89
CA ASP B 479 -34.23 -11.66 28.39
C ASP B 479 -34.67 -11.54 29.84
N PHE B 480 -35.90 -11.90 30.15
CA PHE B 480 -36.42 -11.74 31.53
C PHE B 480 -35.95 -12.86 32.47
N ALA B 481 -35.52 -13.98 31.90
CA ALA B 481 -34.89 -15.08 32.63
C ALA B 481 -33.42 -14.83 32.92
N SER B 482 -32.83 -13.83 32.27
CA SER B 482 -31.47 -13.38 32.58
C SER B 482 -31.42 -12.71 33.96
N SER B 483 -30.23 -12.65 34.50
CA SER B 483 -30.00 -12.07 35.81
C SER B 483 -30.15 -10.56 35.82
N GLN B 484 -30.42 -9.94 34.66
CA GLN B 484 -30.83 -8.54 34.61
C GLN B 484 -32.20 -8.30 35.24
N SER B 485 -33.11 -9.27 35.12
CA SER B 485 -34.53 -9.07 35.50
C SER B 485 -34.93 -10.06 36.57
N LYS B 486 -35.81 -9.62 37.48
CA LYS B 486 -36.32 -10.44 38.57
C LYS B 486 -37.77 -10.82 38.27
N ALA B 487 -38.13 -10.94 37.00
CA ALA B 487 -39.52 -11.15 36.61
C ALA B 487 -40.11 -12.48 37.12
N TYR B 488 -39.31 -13.55 37.14
CA TYR B 488 -39.78 -14.85 37.59
C TYR B 488 -40.04 -14.86 39.10
N LEU B 489 -39.34 -14.00 39.83
CA LEU B 489 -39.45 -13.87 41.27
C LEU B 489 -40.57 -12.88 41.60
N ARG B 490 -40.56 -11.72 40.93
CA ARG B 490 -41.62 -10.69 41.05
C ARG B 490 -42.99 -11.11 40.48
N ARG B 491 -43.05 -12.29 39.84
CA ARG B 491 -44.26 -12.89 39.28
C ARG B 491 -44.88 -12.10 38.12
N GLU B 492 -44.02 -11.34 37.45
CA GLU B 492 -44.38 -10.49 36.32
C GLU B 492 -44.54 -11.27 35.00
N VAL B 493 -44.34 -12.59 35.01
CA VAL B 493 -44.42 -13.38 33.79
C VAL B 493 -45.82 -13.99 33.55
N ILE B 494 -46.26 -13.89 32.30
CA ILE B 494 -47.52 -14.40 31.85
C ILE B 494 -47.09 -15.67 31.15
N VAL B 495 -47.44 -16.83 31.72
CA VAL B 495 -46.65 -18.06 31.53
C VAL B 495 -47.23 -19.11 30.61
N TRP B 496 -46.49 -19.50 29.58
CA TRP B 496 -46.87 -20.71 28.82
C TRP B 496 -46.26 -21.94 29.50
N GLY B 497 -46.92 -22.40 30.56
CA GLY B 497 -46.50 -23.62 31.25
C GLY B 497 -46.30 -24.79 30.30
N ASP B 498 -47.08 -24.81 29.22
CA ASP B 498 -46.83 -25.82 28.19
C ASP B 498 -45.39 -25.92 27.67
N CYS B 499 -44.62 -24.82 27.70
CA CYS B 499 -43.31 -24.78 27.04
C CYS B 499 -42.17 -24.03 27.74
N VAL B 500 -40.98 -24.63 27.58
CA VAL B 500 -39.76 -24.42 28.39
C VAL B 500 -38.81 -23.46 27.69
N LYS B 501 -38.25 -22.50 28.41
CA LYS B 501 -37.44 -21.47 27.78
C LYS B 501 -36.07 -22.03 27.46
N LEU B 502 -35.52 -21.61 26.32
CA LEU B 502 -34.25 -22.12 25.83
C LEU B 502 -33.15 -21.06 25.97
N ARG B 503 -32.20 -21.40 26.85
CA ARG B 503 -31.01 -20.60 27.13
C ARG B 503 -29.96 -20.92 26.03
N TYR B 504 -29.94 -20.05 25.03
CA TYR B 504 -28.79 -19.95 24.17
C TYR B 504 -27.82 -19.13 25.00
N GLY B 505 -26.62 -18.95 24.51
CA GLY B 505 -25.66 -18.29 25.33
C GLY B 505 -25.37 -16.94 24.82
N LYS B 506 -24.09 -16.62 24.96
CA LYS B 506 -23.40 -15.63 24.16
C LYS B 506 -23.21 -16.18 22.74
N GLY B 507 -22.87 -17.47 22.64
CA GLY B 507 -22.83 -18.22 21.40
C GLY B 507 -23.04 -19.70 21.69
N PRO B 508 -22.57 -20.59 20.81
CA PRO B 508 -22.75 -22.01 21.10
C PRO B 508 -21.98 -22.53 22.33
N SER B 509 -20.85 -21.93 22.69
CA SER B 509 -20.09 -22.35 23.85
C SER B 509 -20.97 -22.58 25.05
N ASP B 510 -21.96 -21.71 25.32
CA ASP B 510 -22.76 -21.82 26.57
C ASP B 510 -23.85 -22.89 26.55
N SER B 511 -24.23 -23.43 25.39
CA SER B 511 -25.34 -24.42 25.34
C SER B 511 -25.26 -25.42 24.20
N PRO B 512 -24.02 -25.84 23.86
CA PRO B 512 -23.65 -26.37 22.53
C PRO B 512 -24.60 -27.44 21.98
N TYR B 513 -25.21 -28.24 22.86
CA TYR B 513 -26.15 -29.25 22.42
C TYR B 513 -27.37 -28.59 21.84
N LEU B 514 -27.89 -27.61 22.58
CA LEU B 514 -28.99 -26.79 22.08
C LEU B 514 -28.69 -26.27 20.69
N TRP B 515 -27.60 -25.53 20.54
CA TRP B 515 -27.29 -24.88 19.28
C TRP B 515 -27.13 -25.87 18.15
N GLU B 516 -26.79 -27.09 18.46
CA GLU B 516 -26.77 -28.11 17.42
C GLU B 516 -28.18 -28.55 16.97
N ARG B 517 -29.09 -28.86 17.92
CA ARG B 517 -30.50 -29.25 17.59
C ARG B 517 -31.18 -28.21 16.76
N MET B 518 -31.13 -26.99 17.23
CA MET B 518 -31.63 -25.89 16.50
C MET B 518 -30.96 -25.80 15.12
N SER B 519 -29.65 -26.09 14.99
CA SER B 519 -29.05 -26.20 13.64
C SER B 519 -29.64 -27.35 12.79
N LYS B 520 -29.65 -28.57 13.34
CA LYS B 520 -30.31 -29.74 12.73
C LYS B 520 -31.79 -29.51 12.33
N TYR B 521 -32.48 -28.72 13.13
CA TYR B 521 -33.89 -28.36 12.97
C TYR B 521 -34.10 -27.38 11.82
N VAL B 522 -33.42 -26.25 11.95
CA VAL B 522 -33.53 -25.19 10.96
C VAL B 522 -33.10 -25.66 9.57
N GLU B 523 -32.03 -26.45 9.52
CA GLU B 523 -31.64 -27.05 8.27
C GLU B 523 -32.79 -27.87 7.66
N MET B 524 -33.40 -28.75 8.46
CA MET B 524 -34.36 -29.73 7.94
C MET B 524 -35.49 -29.03 7.29
N ASN B 525 -36.02 -28.02 7.97
CA ASN B 525 -37.13 -27.26 7.41
C ASN B 525 -36.68 -26.44 6.20
N ALA B 526 -35.55 -25.73 6.31
CA ALA B 526 -35.01 -24.94 5.18
C ALA B 526 -34.94 -25.68 3.86
N ARG B 527 -34.57 -26.96 3.88
CA ARG B 527 -34.48 -27.69 2.61
C ARG B 527 -35.82 -28.20 2.04
N ILE B 528 -36.90 -28.12 2.83
CA ILE B 528 -38.28 -28.48 2.43
C ILE B 528 -39.08 -27.28 1.95
N PHE B 529 -39.05 -26.22 2.75
CA PHE B 529 -39.91 -25.06 2.56
C PHE B 529 -39.25 -23.95 1.78
N ASN B 530 -40.06 -23.06 1.23
CA ASN B 530 -39.53 -21.89 0.55
C ASN B 530 -39.17 -20.78 1.51
N GLY B 531 -39.56 -20.91 2.79
CA GLY B 531 -39.31 -19.86 3.76
C GLY B 531 -39.77 -20.20 5.17
N PHE B 532 -39.62 -19.24 6.08
CA PHE B 532 -40.04 -19.37 7.46
C PHE B 532 -40.90 -18.19 7.93
N ARG B 533 -41.66 -18.44 8.98
CA ARG B 533 -42.32 -17.41 9.72
C ARG B 533 -41.76 -17.51 11.09
N ILE B 534 -41.21 -16.41 11.59
CA ILE B 534 -40.56 -16.40 12.89
C ILE B 534 -41.47 -15.77 13.88
N ASP B 535 -42.05 -16.69 14.61
CA ASP B 535 -42.78 -16.46 15.82
C ASP B 535 -41.98 -15.56 16.78
N ASN B 536 -42.55 -14.42 17.17
CA ASN B 536 -42.12 -13.73 18.39
C ASN B 536 -40.61 -13.43 18.31
N CYS B 537 -40.25 -12.70 17.27
CA CYS B 537 -38.86 -12.54 16.86
C CYS B 537 -38.16 -11.62 17.82
N HIS B 538 -38.75 -10.46 18.04
CA HIS B 538 -38.28 -9.45 19.00
C HIS B 538 -37.88 -9.92 20.38
N SER B 539 -38.36 -11.10 20.77
CA SER B 539 -37.89 -11.79 22.00
C SER B 539 -37.01 -13.02 21.65
N THR B 540 -36.15 -12.87 20.65
CA THR B 540 -35.19 -13.88 20.28
C THR B 540 -33.95 -13.07 20.06
N PRO B 541 -32.92 -13.34 20.86
CA PRO B 541 -31.79 -12.40 20.80
C PRO B 541 -31.23 -12.31 19.38
N LEU B 542 -30.91 -11.10 18.93
CA LEU B 542 -30.38 -10.91 17.58
C LEU B 542 -29.36 -11.95 17.19
N HIS B 543 -28.32 -12.09 17.98
CA HIS B 543 -27.24 -12.98 17.62
C HIS B 543 -27.65 -14.41 17.37
N VAL B 544 -28.66 -14.88 18.11
CA VAL B 544 -29.29 -16.19 17.88
C VAL B 544 -30.03 -16.28 16.54
N GLY B 545 -30.93 -15.32 16.31
CA GLY B 545 -31.69 -15.23 15.09
C GLY B 545 -30.79 -15.20 13.88
N GLN B 546 -29.75 -14.39 13.97
CA GLN B 546 -28.78 -14.18 12.90
C GLN B 546 -28.10 -15.49 12.50
N TYR B 547 -27.53 -16.20 13.49
CA TYR B 547 -26.71 -17.39 13.22
C TYR B 547 -27.57 -18.52 12.63
N PHE B 548 -28.80 -18.74 13.16
CA PHE B 548 -29.74 -19.75 12.57
C PHE B 548 -30.37 -19.41 11.23
N LEU B 549 -30.75 -18.17 10.99
CA LEU B 549 -31.17 -17.82 9.64
C LEU B 549 -30.04 -17.94 8.60
N ASP B 550 -28.83 -17.56 8.98
CA ASP B 550 -27.64 -17.76 8.13
C ASP B 550 -27.38 -19.19 7.72
N VAL B 551 -27.64 -20.11 8.66
CA VAL B 551 -27.57 -21.56 8.45
C VAL B 551 -28.56 -22.04 7.40
N ALA B 552 -29.81 -21.60 7.59
CA ALA B 552 -30.86 -21.91 6.68
C ALA B 552 -30.51 -21.38 5.32
N ARG B 553 -30.19 -20.10 5.29
CA ARG B 553 -29.97 -19.39 4.05
C ARG B 553 -28.72 -19.96 3.28
N ARG B 554 -27.88 -20.69 4.00
CA ARG B 554 -26.84 -21.55 3.39
C ARG B 554 -27.41 -22.78 2.72
N VAL B 555 -28.37 -23.41 3.39
CA VAL B 555 -29.11 -24.52 2.78
C VAL B 555 -30.03 -24.09 1.60
N ASN B 556 -30.63 -22.91 1.72
CA ASN B 556 -31.63 -22.49 0.77
C ASN B 556 -31.42 -21.03 0.53
N PRO B 557 -30.67 -20.67 -0.52
CA PRO B 557 -30.34 -19.22 -0.68
C PRO B 557 -31.58 -18.31 -0.85
N ASN B 558 -32.64 -18.86 -1.42
CA ASN B 558 -33.80 -18.06 -1.67
C ASN B 558 -34.82 -18.21 -0.54
N LEU B 559 -34.36 -18.32 0.70
CA LEU B 559 -35.31 -18.42 1.82
C LEU B 559 -36.09 -17.14 1.93
N TYR B 560 -37.37 -17.21 2.26
CA TYR B 560 -38.24 -16.04 2.54
C TYR B 560 -38.52 -16.04 4.04
N VAL B 561 -38.31 -14.92 4.68
CA VAL B 561 -38.47 -14.89 6.13
C VAL B 561 -39.45 -13.78 6.45
N VAL B 562 -40.41 -14.08 7.31
CA VAL B 562 -41.49 -13.19 7.70
C VAL B 562 -41.54 -13.10 9.20
N ALA B 563 -41.55 -11.91 9.77
CA ALA B 563 -41.57 -11.77 11.22
C ALA B 563 -42.85 -11.19 11.78
N GLN B 564 -43.24 -11.72 12.94
CA GLN B 564 -44.14 -11.05 13.90
C GLN B 564 -43.18 -10.31 14.80
N LEU B 565 -43.10 -8.99 14.68
CA LEU B 565 -42.04 -8.27 15.36
C LEU B 565 -42.45 -6.88 15.77
N PHE B 566 -42.83 -6.72 17.04
CA PHE B 566 -42.93 -5.38 17.60
C PHE B 566 -41.94 -5.34 18.71
N SER B 567 -40.80 -4.74 18.35
CA SER B 567 -39.88 -4.21 19.30
C SER B 567 -40.33 -2.80 19.57
N GLY B 568 -39.64 -2.17 20.51
CA GLY B 568 -39.88 -0.76 20.88
C GLY B 568 -40.23 0.24 19.76
N SER B 569 -39.41 0.31 18.71
CA SER B 569 -39.53 1.33 17.70
C SER B 569 -39.48 0.80 16.29
N GLU B 570 -39.85 1.66 15.35
CA GLU B 570 -39.59 1.42 13.95
C GLU B 570 -38.11 1.33 13.81
N ALA B 571 -37.43 2.30 14.40
CA ALA B 571 -36.00 2.29 14.51
C ALA B 571 -35.40 0.91 14.87
N MET B 572 -35.90 0.22 15.88
CA MET B 572 -35.42 -1.14 16.17
C MET B 572 -35.82 -2.18 15.19
N ASP B 573 -37.03 -2.05 14.70
CA ASP B 573 -37.55 -3.04 13.79
C ASP B 573 -36.75 -3.06 12.49
N CYS B 574 -36.28 -1.87 12.10
CA CYS B 574 -35.32 -1.76 11.02
C CYS B 574 -34.08 -2.52 11.36
N LEU B 575 -33.53 -2.32 12.56
CA LEU B 575 -32.27 -3.02 12.98
C LEU B 575 -32.44 -4.53 12.87
N PHE B 576 -33.57 -5.06 13.31
CA PHE B 576 -33.75 -6.50 13.26
C PHE B 576 -33.81 -7.01 11.85
N VAL B 577 -34.51 -6.29 11.01
CA VAL B 577 -34.66 -6.66 9.61
C VAL B 577 -33.29 -6.65 8.90
N GLU B 578 -32.56 -5.55 9.09
CA GLU B 578 -31.18 -5.41 8.70
C GLU B 578 -30.40 -6.65 8.98
N ARG B 579 -30.33 -7.02 10.22
CA ARG B 579 -29.35 -7.98 10.58
C ARG B 579 -29.75 -9.39 10.34
N LEU B 580 -31.01 -9.68 10.47
CA LEU B 580 -31.46 -11.03 10.28
C LEU B 580 -31.70 -11.34 8.80
N GLY B 581 -31.79 -10.31 7.98
CA GLY B 581 -32.28 -10.48 6.60
C GLY B 581 -33.75 -10.84 6.54
N ILE B 582 -34.54 -10.22 7.42
CA ILE B 582 -35.97 -10.43 7.37
C ILE B 582 -36.38 -9.86 6.03
N SER B 583 -37.28 -10.57 5.37
CA SER B 583 -37.81 -10.10 4.11
C SER B 583 -39.09 -9.31 4.33
N SER B 584 -39.91 -9.69 5.31
CA SER B 584 -41.26 -9.16 5.46
C SER B 584 -41.65 -9.01 6.90
N LEU B 585 -42.13 -7.84 7.27
CA LEU B 585 -42.85 -7.67 8.55
C LEU B 585 -44.40 -7.87 8.45
N ILE B 586 -44.94 -8.62 9.41
CA ILE B 586 -46.39 -8.92 9.47
C ILE B 586 -47.19 -7.79 10.11
N ARG B 587 -48.30 -7.45 9.50
CA ARG B 587 -49.23 -6.45 10.05
C ARG B 587 -50.68 -7.02 10.10
N GLU B 588 -51.47 -6.54 11.06
CA GLU B 588 -52.76 -7.12 11.42
C GLU B 588 -53.77 -5.99 11.27
N ALA B 589 -54.77 -6.22 10.41
CA ALA B 589 -55.90 -5.27 10.19
C ALA B 589 -56.90 -5.36 11.34
N MET B 590 -57.06 -6.58 11.83
CA MET B 590 -57.93 -6.85 12.96
C MET B 590 -57.63 -6.13 14.25
N GLN B 591 -56.53 -5.39 14.25
CA GLN B 591 -56.11 -4.67 15.41
C GLN B 591 -56.66 -3.30 15.37
N ALA B 592 -57.24 -2.90 14.23
CA ALA B 592 -57.82 -1.57 14.15
C ALA B 592 -59.08 -1.53 15.02
N TRP B 593 -59.16 -0.57 15.95
CA TRP B 593 -60.28 -0.46 16.89
C TRP B 593 -61.46 0.13 16.15
N SER B 594 -61.26 1.32 15.58
CA SER B 594 -62.28 2.08 14.89
C SER B 594 -62.16 2.03 13.37
N GLU B 595 -62.95 2.83 12.65
CA GLU B 595 -62.81 2.94 11.19
C GLU B 595 -61.58 3.73 10.84
N GLU B 596 -61.37 4.83 11.55
CA GLU B 596 -60.20 5.66 11.30
C GLU B 596 -58.90 4.96 11.63
N GLU B 597 -58.85 4.20 12.74
CA GLU B 597 -57.68 3.39 13.03
C GLU B 597 -57.33 2.49 11.83
N LEU B 598 -58.31 2.00 11.09
CA LEU B 598 -58.06 1.21 9.89
C LEU B 598 -57.73 2.04 8.67
N SER B 599 -58.36 3.19 8.49
CA SER B 599 -58.01 3.99 7.33
C SER B 599 -56.55 4.41 7.41
N ARG B 600 -56.05 4.62 8.64
CA ARG B 600 -54.65 4.88 8.91
C ARG B 600 -53.76 3.67 8.63
N LEU B 601 -54.01 2.49 9.20
CA LEU B 601 -53.19 1.32 8.85
C LEU B 601 -53.09 1.15 7.36
N VAL B 602 -54.18 1.39 6.64
CA VAL B 602 -54.24 1.10 5.21
C VAL B 602 -53.43 2.10 4.45
N HIS B 603 -53.42 3.31 4.96
CA HIS B 603 -52.59 4.36 4.43
C HIS B 603 -51.09 4.19 4.75
N ARG B 604 -50.69 3.55 5.86
CA ARG B 604 -49.27 3.17 5.99
C ARG B 604 -48.87 2.20 4.89
N HIS B 605 -49.62 1.12 4.72
CA HIS B 605 -49.25 0.10 3.72
C HIS B 605 -49.86 0.30 2.31
N GLY B 606 -50.36 1.51 2.03
CA GLY B 606 -50.80 1.90 0.69
C GLY B 606 -49.66 1.95 -0.33
N GLY B 607 -48.81 2.96 -0.25
CA GLY B 607 -47.86 3.28 -1.31
C GLY B 607 -47.69 4.76 -1.18
N ARG B 608 -47.14 5.45 -2.15
CA ARG B 608 -46.80 6.86 -1.92
C ARG B 608 -47.94 7.70 -2.40
N PRO B 609 -48.01 8.97 -2.04
CA PRO B 609 -48.96 9.91 -2.57
C PRO B 609 -49.21 9.92 -4.06
N ILE B 610 -50.34 10.47 -4.48
CA ILE B 610 -50.51 10.56 -5.88
C ILE B 610 -49.78 11.81 -6.31
N GLY B 611 -48.93 11.59 -7.32
CA GLY B 611 -48.17 12.63 -7.97
C GLY B 611 -46.91 13.02 -7.24
N SER B 612 -46.53 12.19 -6.25
CA SER B 612 -45.26 12.24 -5.50
C SER B 612 -44.12 12.58 -6.41
N TYR B 613 -43.15 13.30 -5.82
CA TYR B 613 -41.93 13.69 -6.58
C TYR B 613 -41.03 12.56 -6.89
N LYS B 614 -40.37 12.67 -8.04
CA LYS B 614 -39.52 11.59 -8.52
C LYS B 614 -38.08 11.96 -8.44
N PHE B 615 -37.28 11.05 -7.93
CA PHE B 615 -35.84 11.31 -7.85
C PHE B 615 -35.10 11.35 -9.21
N VAL B 616 -34.28 12.40 -9.32
CA VAL B 616 -33.28 12.59 -10.34
C VAL B 616 -32.06 13.01 -9.57
N PRO B 617 -30.85 12.70 -10.13
CA PRO B 617 -29.63 13.36 -9.77
C PRO B 617 -29.66 14.75 -10.29
N LEU B 618 -29.31 15.66 -9.40
CA LEU B 618 -29.34 17.07 -9.67
C LEU B 618 -27.95 17.68 -9.53
N ASP B 619 -27.71 18.57 -8.55
CA ASP B 619 -26.46 19.35 -8.48
C ASP B 619 -25.59 18.95 -7.29
N ASP B 620 -25.72 17.70 -6.85
CA ASP B 620 -24.98 17.18 -5.71
C ASP B 620 -24.25 15.91 -6.10
N PHE B 621 -24.13 15.72 -7.40
CA PHE B 621 -23.44 14.58 -7.96
C PHE B 621 -22.23 15.06 -8.77
N PRO B 622 -21.31 14.15 -8.89
CA PRO B 622 -20.30 14.43 -9.83
C PRO B 622 -20.77 13.93 -11.19
N TYR B 623 -20.66 14.77 -12.19
CA TYR B 623 -20.77 14.35 -13.59
C TYR B 623 -19.38 14.09 -14.21
N PRO B 624 -18.92 12.86 -14.16
CA PRO B 624 -17.70 12.53 -14.84
C PRO B 624 -17.78 12.85 -16.26
N ALA B 625 -16.76 13.48 -16.82
CA ALA B 625 -16.75 13.79 -18.25
C ALA B 625 -16.76 12.51 -19.03
N ASP B 626 -16.32 11.42 -18.42
CA ASP B 626 -16.18 10.17 -19.12
C ASP B 626 -17.21 9.17 -18.73
N VAL B 627 -18.32 9.59 -18.09
CA VAL B 627 -19.42 8.66 -17.68
C VAL B 627 -20.14 8.21 -18.92
N LYS B 628 -20.71 7.01 -18.87
CA LYS B 628 -21.46 6.44 -20.01
C LYS B 628 -22.63 7.32 -20.37
N ILE B 629 -23.10 7.21 -21.60
CA ILE B 629 -24.38 7.79 -21.97
C ILE B 629 -25.26 6.72 -22.66
N ASP B 630 -26.56 6.80 -22.45
CA ASP B 630 -27.49 5.89 -23.05
C ASP B 630 -28.24 6.77 -24.02
N GLU B 631 -27.78 6.79 -25.28
CA GLU B 631 -27.94 7.97 -26.12
C GLU B 631 -29.40 8.30 -26.33
N GLU B 632 -30.28 7.30 -26.57
CA GLU B 632 -31.75 7.57 -26.54
C GLU B 632 -32.47 6.54 -25.64
N TYR B 633 -32.03 6.50 -24.37
CA TYR B 633 -32.55 5.58 -23.35
C TYR B 633 -33.00 4.20 -23.81
N CYS B 634 -32.14 3.50 -24.52
CA CYS B 634 -32.44 2.20 -25.13
C CYS B 634 -31.57 1.04 -24.63
N ALA B 635 -30.92 1.20 -23.48
CA ALA B 635 -29.99 0.19 -22.95
C ALA B 635 -30.71 -1.01 -22.39
N TYR B 636 -31.79 -0.76 -21.66
CA TYR B 636 -32.32 -1.73 -20.73
C TYR B 636 -33.24 -2.65 -21.56
N ASN B 637 -32.91 -3.94 -21.52
CA ASN B 637 -33.60 -4.90 -22.30
C ASN B 637 -34.47 -5.70 -21.35
N PRO B 638 -35.79 -5.81 -21.63
CA PRO B 638 -36.77 -6.26 -20.62
C PRO B 638 -36.47 -7.58 -19.97
N ASP B 639 -35.88 -8.48 -20.74
CA ASP B 639 -35.46 -9.80 -20.30
C ASP B 639 -34.22 -9.82 -19.47
N ASP B 640 -33.46 -8.75 -19.53
CA ASP B 640 -32.21 -8.64 -18.73
C ASP B 640 -32.42 -8.15 -17.28
N HIS B 641 -33.56 -7.52 -17.00
CA HIS B 641 -33.98 -7.21 -15.65
C HIS B 641 -33.05 -6.26 -14.96
N SER B 642 -32.71 -5.29 -15.75
CA SER B 642 -31.60 -4.41 -15.45
C SER B 642 -32.10 -3.39 -14.47
N VAL B 643 -31.43 -3.14 -13.36
CA VAL B 643 -31.85 -1.99 -12.56
C VAL B 643 -31.47 -0.73 -13.32
N LYS B 644 -32.46 0.13 -13.62
CA LYS B 644 -32.31 1.25 -14.56
C LYS B 644 -31.89 2.58 -13.98
N CYS B 645 -31.09 3.30 -14.73
CA CYS B 645 -30.73 4.65 -14.34
C CYS B 645 -31.89 5.56 -14.68
N VAL B 646 -31.94 6.69 -13.99
CA VAL B 646 -33.02 7.62 -14.23
C VAL B 646 -32.94 8.09 -15.68
N SER B 647 -31.78 8.41 -16.18
CA SER B 647 -31.70 9.14 -17.45
C SER B 647 -30.91 8.42 -18.56
N GLU B 648 -30.67 9.22 -19.61
CA GLU B 648 -29.64 8.89 -20.57
C GLU B 648 -28.26 8.75 -19.89
N ILE B 649 -27.95 9.63 -18.95
CA ILE B 649 -26.61 9.64 -18.40
C ILE B 649 -26.51 8.64 -17.25
N MET B 650 -25.51 7.81 -17.27
CA MET B 650 -25.60 6.56 -16.59
C MET B 650 -25.10 6.46 -15.14
N ILE B 651 -25.36 7.49 -14.38
CA ILE B 651 -25.22 7.43 -12.92
C ILE B 651 -26.09 6.27 -12.41
N PRO B 652 -25.63 5.44 -11.47
CA PRO B 652 -26.61 4.37 -11.22
C PRO B 652 -27.79 4.67 -10.31
N LYS B 653 -28.76 3.78 -10.36
CA LYS B 653 -29.91 3.82 -9.44
C LYS B 653 -29.36 3.91 -8.03
N THR B 654 -29.63 4.98 -7.29
CA THR B 654 -29.13 5.02 -5.92
C THR B 654 -29.70 3.89 -5.07
N LEU B 655 -28.95 3.51 -4.02
CA LEU B 655 -29.43 2.54 -3.02
C LEU B 655 -29.74 3.32 -1.76
N THR B 656 -31.00 3.68 -1.52
CA THR B 656 -31.45 4.32 -0.30
C THR B 656 -32.38 3.44 0.50
N ALA B 657 -32.37 3.75 1.80
CA ALA B 657 -33.32 3.21 2.76
C ALA B 657 -34.75 3.45 2.37
N THR B 658 -35.45 2.32 2.29
CA THR B 658 -36.85 2.17 2.18
C THR B 658 -37.29 1.35 3.37
N PRO B 659 -38.53 1.56 3.90
CA PRO B 659 -38.98 0.89 5.12
C PRO B 659 -39.23 -0.52 4.86
N PRO B 660 -39.21 -1.37 5.87
CA PRO B 660 -39.26 -2.80 5.55
C PRO B 660 -40.58 -3.26 4.98
N HIS B 661 -40.49 -4.25 4.12
CA HIS B 661 -41.62 -4.77 3.45
C HIS B 661 -42.60 -5.39 4.43
N ALA B 662 -43.86 -5.10 4.12
CA ALA B 662 -44.97 -5.38 4.97
C ALA B 662 -45.67 -6.56 4.38
N LEU B 663 -46.21 -7.40 5.24
CA LEU B 663 -47.13 -8.43 4.84
C LEU B 663 -48.41 -8.28 5.68
N PHE B 664 -49.45 -7.72 5.06
CA PHE B 664 -50.69 -7.34 5.74
C PHE B 664 -51.67 -8.54 5.81
N MET B 665 -51.98 -8.92 7.03
CA MET B 665 -52.98 -9.95 7.30
C MET B 665 -54.41 -9.35 7.58
N ASP B 666 -55.35 -9.60 6.64
CA ASP B 666 -56.72 -9.21 6.86
C ASP B 666 -57.19 -9.77 8.22
N CYS B 667 -56.68 -10.96 8.58
CA CYS B 667 -56.91 -11.54 9.91
C CYS B 667 -55.94 -12.71 10.15
N THR B 668 -55.24 -12.68 11.27
CA THR B 668 -54.26 -13.72 11.64
C THR B 668 -54.93 -14.82 12.38
N HIS B 669 -54.17 -15.85 12.72
CA HIS B 669 -54.67 -17.01 13.51
C HIS B 669 -54.65 -16.82 15.01
N ASP B 670 -54.33 -15.61 15.47
CA ASP B 670 -54.41 -15.19 16.88
C ASP B 670 -55.40 -14.05 17.05
N ASN B 671 -56.08 -13.68 15.96
CA ASN B 671 -57.06 -12.58 15.90
C ASN B 671 -58.52 -13.06 16.15
N GLU B 672 -59.20 -12.39 17.09
CA GLU B 672 -60.66 -12.46 17.22
C GLU B 672 -61.27 -12.05 15.91
N THR B 673 -62.31 -12.79 15.54
CA THR B 673 -62.88 -12.78 14.19
C THR B 673 -63.76 -11.57 14.00
N PRO B 674 -63.99 -11.14 12.72
CA PRO B 674 -64.87 -9.97 12.52
C PRO B 674 -66.27 -10.21 13.05
N ASN B 675 -66.69 -11.47 13.01
CA ASN B 675 -67.83 -11.83 13.82
C ASN B 675 -67.71 -11.38 15.31
N GLN B 676 -66.56 -11.61 15.93
CA GLN B 676 -66.37 -11.30 17.34
C GLN B 676 -66.18 -9.83 17.58
N LYS B 677 -65.31 -9.19 16.79
CA LYS B 677 -64.82 -7.84 17.07
C LYS B 677 -65.58 -6.75 16.31
N ARG B 678 -66.11 -7.10 15.14
CA ARG B 678 -67.01 -6.20 14.41
C ARG B 678 -68.32 -6.91 14.04
N THR B 679 -68.46 -7.37 12.80
CA THR B 679 -69.71 -8.05 12.31
C THR B 679 -69.25 -8.92 11.15
N VAL B 680 -69.82 -10.08 10.87
CA VAL B 680 -69.29 -10.88 9.73
C VAL B 680 -69.24 -10.12 8.47
N GLU B 681 -70.11 -9.13 8.37
CA GLU B 681 -70.30 -8.39 7.13
C GLU B 681 -69.10 -7.55 6.73
N ASP B 682 -68.32 -7.14 7.74
CA ASP B 682 -67.07 -6.40 7.57
C ASP B 682 -66.03 -7.34 7.00
N THR B 683 -66.15 -8.66 7.21
CA THR B 683 -65.21 -9.60 6.53
C THR B 683 -64.89 -9.21 5.05
N LEU B 684 -65.85 -8.65 4.32
CA LEU B 684 -65.61 -8.22 2.95
C LEU B 684 -64.82 -6.90 2.84
N PRO B 685 -65.39 -5.78 3.26
CA PRO B 685 -64.70 -4.54 2.97
C PRO B 685 -63.33 -4.45 3.66
N ASN B 686 -63.23 -5.02 4.85
CA ASN B 686 -61.95 -5.06 5.50
C ASN B 686 -60.89 -5.78 4.64
N ALA B 687 -61.24 -6.99 4.18
CA ALA B 687 -60.35 -7.79 3.32
C ALA B 687 -59.91 -7.16 2.00
N ALA B 688 -60.77 -6.29 1.48
CA ALA B 688 -60.57 -5.63 0.18
C ALA B 688 -59.63 -4.50 0.41
N LEU B 689 -59.91 -3.71 1.44
CA LEU B 689 -59.04 -2.62 1.82
C LEU B 689 -57.57 -3.08 1.94
N VAL B 690 -57.36 -4.14 2.68
CA VAL B 690 -56.08 -4.75 2.82
C VAL B 690 -55.59 -5.16 1.47
N ALA B 691 -56.35 -5.95 0.75
CA ALA B 691 -55.93 -6.40 -0.61
C ALA B 691 -55.52 -5.27 -1.54
N PHE B 692 -56.16 -4.14 -1.38
CA PHE B 692 -55.86 -2.95 -2.16
C PHE B 692 -54.57 -2.26 -1.81
N CYS B 693 -53.97 -2.62 -0.68
CA CYS B 693 -52.62 -2.16 -0.31
C CYS B 693 -51.59 -2.73 -1.25
N SER B 694 -50.53 -1.99 -1.40
CA SER B 694 -49.38 -2.41 -2.20
C SER B 694 -48.31 -3.02 -1.32
N SER B 695 -48.37 -4.33 -1.12
CA SER B 695 -47.66 -5.01 -0.08
C SER B 695 -48.10 -6.42 -0.20
N ALA B 696 -47.49 -7.35 0.48
CA ALA B 696 -47.98 -8.68 0.42
C ALA B 696 -49.19 -8.67 1.32
N ILE B 697 -50.03 -9.68 1.13
CA ILE B 697 -51.14 -9.89 2.01
C ILE B 697 -51.30 -11.36 2.36
N GLY B 698 -52.05 -11.59 3.41
CA GLY B 698 -52.45 -12.93 3.74
C GLY B 698 -53.72 -13.00 4.59
N SER B 699 -54.11 -14.23 4.91
CA SER B 699 -55.28 -14.47 5.70
C SER B 699 -55.18 -15.83 6.30
N VAL B 700 -55.69 -15.94 7.52
CA VAL B 700 -55.89 -17.24 8.12
C VAL B 700 -57.10 -17.97 7.53
N TYR B 701 -56.94 -19.29 7.44
CA TYR B 701 -58.05 -20.11 7.05
C TYR B 701 -59.21 -19.86 7.98
N GLY B 702 -60.39 -19.85 7.38
CA GLY B 702 -61.59 -19.58 8.08
C GLY B 702 -61.96 -18.12 7.96
N TYR B 703 -61.08 -17.20 7.61
CA TYR B 703 -61.53 -15.82 7.66
C TYR B 703 -62.51 -15.61 6.53
N ASP B 704 -62.02 -15.88 5.32
CA ASP B 704 -62.82 -15.85 4.12
C ASP B 704 -64.10 -16.73 4.31
N GLU B 705 -63.93 -17.86 5.00
CA GLU B 705 -65.01 -18.84 5.25
C GLU B 705 -66.03 -18.41 6.33
N VAL B 706 -65.82 -17.24 6.89
CA VAL B 706 -66.72 -16.66 7.84
C VAL B 706 -66.96 -17.62 9.02
N PHE B 707 -65.86 -18.04 9.67
CA PHE B 707 -65.92 -18.78 10.95
C PHE B 707 -66.29 -17.79 12.06
N PRO B 708 -67.04 -18.27 13.07
CA PRO B 708 -67.62 -17.41 14.10
C PRO B 708 -66.65 -16.96 15.21
N GLN B 709 -66.00 -17.89 15.86
CA GLN B 709 -65.13 -17.59 16.98
C GLN B 709 -63.76 -17.90 16.43
N LEU B 710 -62.77 -17.09 16.82
CA LEU B 710 -61.38 -17.46 16.70
C LEU B 710 -61.18 -18.83 17.27
N LEU B 711 -60.40 -19.65 16.58
CA LEU B 711 -60.15 -21.04 17.00
C LEU B 711 -58.96 -21.19 17.98
N ASP B 712 -59.27 -21.62 19.20
CA ASP B 712 -58.31 -21.79 20.29
C ASP B 712 -57.28 -22.85 19.90
N LEU B 713 -56.02 -22.44 19.77
CA LEU B 713 -54.96 -23.30 19.21
C LEU B 713 -54.74 -24.65 19.90
N VAL B 714 -55.17 -24.73 21.16
CA VAL B 714 -54.87 -25.84 22.04
C VAL B 714 -56.07 -26.77 22.05
N GLN B 715 -57.19 -26.26 22.56
CA GLN B 715 -58.36 -27.06 22.94
C GLN B 715 -59.15 -27.57 21.75
N GLU B 716 -58.97 -26.93 20.60
CA GLU B 716 -59.73 -27.28 19.40
C GLU B 716 -59.44 -28.67 18.89
N LYS B 717 -60.52 -29.27 18.42
CA LYS B 717 -60.61 -30.67 18.19
C LYS B 717 -60.89 -31.04 16.75
N ARG B 718 -61.66 -30.23 16.03
CA ARG B 718 -62.34 -30.69 14.82
C ARG B 718 -61.55 -30.47 13.52
N THR B 719 -62.14 -30.88 12.40
CA THR B 719 -61.62 -30.55 11.07
C THR B 719 -62.31 -29.28 10.52
N TYR B 720 -61.66 -28.65 9.55
CA TYR B 720 -62.26 -27.59 8.73
C TYR B 720 -63.36 -28.20 7.85
N SER B 721 -64.48 -27.48 7.66
CA SER B 721 -65.57 -27.93 6.72
C SER B 721 -65.07 -28.10 5.31
N CYS B 722 -65.60 -29.07 4.58
CA CYS B 722 -65.29 -29.18 3.17
C CYS B 722 -66.12 -28.23 2.32
N ALA B 723 -67.02 -27.47 2.95
CA ALA B 723 -67.95 -26.58 2.28
C ALA B 723 -67.27 -25.59 1.34
N GLU B 724 -67.30 -25.91 0.04
CA GLU B 724 -66.57 -25.11 -0.95
C GLU B 724 -67.27 -23.75 -1.22
N ASN B 725 -66.48 -22.80 -1.71
CA ASN B 725 -66.92 -21.46 -2.09
C ASN B 725 -67.73 -20.67 -1.09
N THR B 726 -67.55 -20.96 0.21
CA THR B 726 -68.14 -20.23 1.34
C THR B 726 -67.81 -18.74 1.29
N GLY B 727 -68.53 -17.96 2.07
CA GLY B 727 -68.22 -16.55 2.32
C GLY B 727 -67.61 -15.72 1.22
N ILE B 728 -66.33 -15.47 1.36
CA ILE B 728 -65.64 -14.46 0.59
C ILE B 728 -64.74 -15.02 -0.54
N SER B 729 -64.66 -16.34 -0.65
CA SER B 729 -63.99 -17.04 -1.74
C SER B 729 -64.12 -16.38 -3.08
N LYS B 730 -65.32 -16.25 -3.63
CA LYS B 730 -65.46 -15.59 -4.92
C LYS B 730 -64.70 -14.23 -4.89
N VAL B 731 -64.83 -13.44 -3.82
CA VAL B 731 -64.22 -12.11 -3.76
C VAL B 731 -62.68 -12.11 -3.63
N LYS B 732 -62.07 -13.07 -2.92
CA LYS B 732 -60.58 -13.16 -2.89
C LYS B 732 -60.01 -13.61 -4.23
N THR B 733 -60.56 -14.69 -4.80
CA THR B 733 -60.23 -15.05 -6.17
C THR B 733 -60.14 -13.82 -7.08
N LEU B 734 -61.06 -12.89 -6.93
CA LEU B 734 -61.07 -11.72 -7.78
C LEU B 734 -59.97 -10.77 -7.39
N LEU B 735 -59.86 -10.50 -6.11
CA LEU B 735 -58.82 -9.65 -5.58
C LEU B 735 -57.37 -10.18 -5.89
N ASN B 736 -57.08 -11.42 -5.49
CA ASN B 736 -55.87 -12.06 -5.85
C ASN B 736 -55.59 -12.16 -7.39
N ASN B 737 -56.56 -12.56 -8.21
CA ASN B 737 -56.31 -12.56 -9.66
C ASN B 737 -56.06 -11.19 -10.14
N MET B 738 -56.69 -10.21 -9.51
CA MET B 738 -56.55 -8.86 -9.98
C MET B 738 -55.14 -8.40 -9.75
N ARG B 739 -54.64 -8.63 -8.54
CA ARG B 739 -53.28 -8.25 -8.16
C ARG B 739 -52.23 -8.90 -9.02
N GLU B 740 -52.36 -10.20 -9.26
CA GLU B 740 -51.55 -10.84 -10.31
C GLU B 740 -51.47 -10.05 -11.62
N GLU B 741 -52.57 -9.66 -12.25
CA GLU B 741 -52.45 -8.75 -13.41
C GLU B 741 -51.55 -7.50 -13.13
N ILE B 742 -51.70 -6.84 -12.01
CA ILE B 742 -50.82 -5.75 -11.65
C ILE B 742 -49.33 -6.18 -11.43
N ALA B 743 -49.10 -7.41 -10.96
CA ALA B 743 -47.77 -7.88 -10.48
C ALA B 743 -46.63 -7.47 -11.37
N SER B 744 -46.78 -7.83 -12.64
CA SER B 744 -45.77 -7.57 -13.66
C SER B 744 -45.17 -6.17 -13.47
N GLU B 745 -46.04 -5.16 -13.51
CA GLU B 745 -45.66 -3.76 -13.75
C GLU B 745 -44.76 -3.17 -12.62
N ALA B 746 -45.34 -2.74 -11.49
CA ALA B 746 -44.61 -1.90 -10.49
C ALA B 746 -43.49 -2.57 -9.65
N VAL B 747 -42.29 -2.04 -9.78
CA VAL B 747 -41.09 -2.61 -9.17
C VAL B 747 -40.73 -1.85 -7.88
N ASP B 748 -40.37 -0.59 -8.05
CA ASP B 748 -39.72 0.22 -7.03
C ASP B 748 -40.75 1.11 -6.29
N ILE B 749 -40.42 1.45 -5.05
CA ILE B 749 -41.22 2.31 -4.17
C ILE B 749 -41.89 3.53 -4.87
N GLU B 750 -41.18 4.18 -5.79
CA GLU B 750 -41.70 5.38 -6.43
C GLU B 750 -42.88 5.10 -7.41
N ASP B 751 -43.15 3.81 -7.67
CA ASP B 751 -44.04 3.38 -8.78
C ASP B 751 -45.51 3.18 -8.52
N SER B 752 -45.87 2.67 -7.34
CA SER B 752 -47.26 2.55 -7.05
C SER B 752 -47.65 3.58 -5.98
N GLU B 753 -48.41 4.56 -6.47
CA GLU B 753 -49.00 5.63 -5.69
C GLU B 753 -50.48 5.29 -5.30
N MET B 754 -51.07 6.13 -4.46
CA MET B 754 -52.32 5.87 -3.80
C MET B 754 -52.91 7.07 -3.08
N HIS B 755 -54.23 6.97 -2.90
CA HIS B 755 -54.99 7.85 -2.01
C HIS B 755 -56.06 7.15 -1.19
N VAL B 756 -56.05 7.41 0.11
CA VAL B 756 -57.05 6.84 1.02
C VAL B 756 -57.88 7.93 1.71
N HIS B 757 -59.16 7.67 1.90
CA HIS B 757 -60.13 8.63 2.49
C HIS B 757 -61.15 7.88 3.34
N HIS B 758 -61.29 8.28 4.60
CA HIS B 758 -62.27 7.74 5.53
C HIS B 758 -63.34 8.80 5.67
N ASP B 759 -64.59 8.39 5.52
CA ASP B 759 -65.70 9.32 5.71
C ASP B 759 -66.73 8.51 6.40
N GLY B 760 -66.86 8.81 7.66
CA GLY B 760 -67.74 8.04 8.46
C GLY B 760 -67.33 6.59 8.39
N GLN B 761 -68.17 5.79 7.76
CA GLN B 761 -68.02 4.35 7.82
C GLN B 761 -67.59 3.87 6.49
N TYR B 762 -67.41 4.84 5.58
CA TYR B 762 -66.87 4.58 4.26
C TYR B 762 -65.36 4.78 4.31
N ILE B 763 -64.61 3.88 3.63
CA ILE B 763 -63.21 4.08 3.27
C ILE B 763 -63.10 3.96 1.75
N THR B 764 -62.31 4.86 1.19
CA THR B 764 -62.17 5.07 -0.22
C THR B 764 -60.69 4.91 -0.62
N PHE B 765 -60.36 3.85 -1.34
CA PHE B 765 -58.94 3.53 -1.68
C PHE B 765 -58.62 3.59 -3.19
N HIS B 766 -58.03 4.70 -3.64
CA HIS B 766 -57.48 4.80 -5.02
C HIS B 766 -56.06 4.21 -5.07
N ARG B 767 -55.85 3.22 -5.90
CA ARG B 767 -54.60 2.49 -6.04
C ARG B 767 -54.09 2.68 -7.48
N THR B 768 -53.41 3.78 -7.72
CA THR B 768 -52.70 4.09 -8.99
C THR B 768 -51.35 3.35 -9.24
N ASN B 769 -50.98 3.27 -10.52
CA ASN B 769 -49.59 3.05 -11.06
C ASN B 769 -49.03 4.37 -11.63
N ALA B 770 -47.82 4.78 -11.21
CA ALA B 770 -47.33 6.14 -11.49
C ALA B 770 -46.63 6.28 -12.84
N LYS B 771 -46.32 5.16 -13.48
CA LYS B 771 -45.72 5.17 -14.80
C LYS B 771 -46.73 5.43 -15.87
N ASN B 772 -47.87 4.69 -15.80
CA ASN B 772 -48.88 4.52 -16.91
C ASN B 772 -50.30 4.99 -16.65
N GLY B 773 -50.73 5.27 -15.43
CA GLY B 773 -52.08 5.82 -15.20
C GLY B 773 -53.22 4.88 -14.81
N LYS B 774 -53.01 3.57 -14.87
CA LYS B 774 -54.02 2.63 -14.45
C LYS B 774 -54.25 2.71 -12.98
N GLY B 775 -55.53 2.96 -12.64
CA GLY B 775 -55.99 3.03 -11.25
C GLY B 775 -56.91 1.87 -10.96
N TRP B 776 -57.12 1.57 -9.68
CA TRP B 776 -58.33 0.91 -9.19
C TRP B 776 -58.86 1.73 -8.08
N TYR B 777 -60.17 1.86 -8.01
CA TYR B 777 -60.81 2.66 -6.99
C TYR B 777 -61.68 1.71 -6.29
N LEU B 778 -61.74 1.86 -4.98
CA LEU B 778 -62.51 0.96 -4.13
C LEU B 778 -63.33 1.81 -3.19
N VAL B 779 -64.62 1.55 -3.13
CA VAL B 779 -65.44 2.07 -2.04
C VAL B 779 -65.87 0.94 -1.19
N ALA B 780 -65.47 1.06 0.07
CA ALA B 780 -65.71 0.04 1.04
C ALA B 780 -66.54 0.72 2.07
N ARG B 781 -67.69 0.15 2.37
CA ARG B 781 -68.50 0.66 3.43
C ARG B 781 -68.41 -0.34 4.57
N THR B 782 -67.80 0.06 5.67
CA THR B 782 -67.47 -0.85 6.72
C THR B 782 -68.62 -1.13 7.68
N LYS B 783 -68.59 -2.30 8.32
CA LYS B 783 -69.56 -2.64 9.39
C LYS B 783 -68.75 -2.81 10.65
N PHE B 784 -68.26 -1.70 11.20
CA PHE B 784 -67.70 -1.79 12.55
C PHE B 784 -68.78 -2.07 13.60
N HIS B 785 -69.94 -1.44 13.43
CA HIS B 785 -71.13 -1.65 14.22
C HIS B 785 -72.34 -1.60 13.33
N SER B 786 -73.50 -2.06 13.78
CA SER B 786 -74.67 -1.74 13.02
C SER B 786 -74.96 -0.29 13.40
N SER B 787 -74.49 0.70 12.65
CA SER B 787 -74.69 2.11 13.04
C SER B 787 -75.51 2.99 12.05
N GLY B 788 -76.51 2.41 11.41
CA GLY B 788 -77.45 3.17 10.60
C GLY B 788 -77.07 3.62 9.20
N ASP B 789 -77.70 4.71 8.77
CA ASP B 789 -77.77 5.12 7.37
C ASP B 789 -76.87 6.30 7.14
N GLN B 790 -76.01 6.16 6.15
CA GLN B 790 -75.07 7.20 5.80
C GLN B 790 -74.86 7.21 4.31
N MET B 791 -74.76 8.43 3.83
CA MET B 791 -74.80 8.69 2.45
C MET B 791 -73.50 9.38 2.11
N LEU B 792 -72.60 8.59 1.51
CA LEU B 792 -71.37 9.11 0.94
C LEU B 792 -71.65 10.11 -0.17
N PRO B 793 -70.84 11.19 -0.22
CA PRO B 793 -71.03 12.23 -1.25
C PRO B 793 -70.50 11.88 -2.63
N ARG B 794 -71.06 12.57 -3.61
CA ARG B 794 -70.67 12.38 -4.98
C ARG B 794 -69.14 12.38 -4.95
N ILE B 795 -68.55 11.22 -5.25
CA ILE B 795 -67.10 11.01 -5.47
C ILE B 795 -66.60 11.70 -6.73
N LYS B 796 -65.60 12.57 -6.64
CA LYS B 796 -65.03 13.21 -7.86
C LYS B 796 -63.55 12.85 -8.25
N LEU B 797 -63.32 12.22 -9.41
CA LEU B 797 -61.95 11.98 -9.94
C LEU B 797 -61.56 13.09 -10.91
N SER B 798 -60.29 13.38 -11.11
CA SER B 798 -59.91 14.44 -12.03
C SER B 798 -59.09 13.93 -13.21
N GLN B 799 -59.35 14.53 -14.36
CA GLN B 799 -58.83 13.99 -15.58
C GLN B 799 -58.68 12.45 -15.48
N THR B 800 -59.75 11.78 -15.12
CA THR B 800 -59.76 10.33 -15.03
C THR B 800 -61.06 9.71 -15.56
N LYS B 801 -60.94 8.47 -16.01
CA LYS B 801 -62.02 7.72 -16.58
C LYS B 801 -62.23 6.55 -15.65
N ALA B 802 -63.49 6.14 -15.53
CA ALA B 802 -63.89 5.05 -14.66
C ALA B 802 -64.80 3.98 -15.33
N THR B 803 -64.72 2.79 -14.73
CA THR B 803 -65.30 1.56 -15.25
C THR B 803 -65.74 0.74 -14.07
N PHE B 804 -67.02 0.38 -14.07
CA PHE B 804 -67.50 -0.52 -13.07
C PHE B 804 -66.74 -1.82 -13.32
N LYS B 805 -66.21 -2.42 -12.26
CA LYS B 805 -65.59 -3.74 -12.32
C LYS B 805 -66.40 -4.71 -11.50
N ALA B 806 -66.69 -4.40 -10.25
CA ALA B 806 -67.55 -5.28 -9.44
C ALA B 806 -68.12 -4.58 -8.23
N ALA B 807 -69.13 -5.21 -7.66
CA ALA B 807 -69.75 -4.76 -6.43
C ALA B 807 -70.39 -5.94 -5.73
N PHE B 808 -70.44 -5.88 -4.41
CA PHE B 808 -70.89 -6.98 -3.58
C PHE B 808 -71.42 -6.45 -2.26
N SER B 809 -72.20 -7.29 -1.63
CA SER B 809 -72.61 -7.03 -0.31
C SER B 809 -72.63 -8.37 0.40
N LEU B 810 -71.95 -8.42 1.54
CA LEU B 810 -72.02 -9.58 2.37
C LEU B 810 -73.13 -9.36 3.39
N GLU B 811 -74.01 -10.36 3.48
CA GLU B 811 -75.29 -10.33 4.23
C GLU B 811 -75.40 -11.57 5.09
N ARG B 812 -75.83 -11.38 6.34
CA ARG B 812 -75.96 -12.50 7.23
C ARG B 812 -77.36 -13.28 7.08
N THR B 813 -77.26 -14.53 6.60
CA THR B 813 -78.32 -15.49 6.40
C THR B 813 -78.76 -16.16 7.72
N GLY B 814 -77.99 -16.02 8.78
CA GLY B 814 -78.33 -16.56 10.10
C GLY B 814 -77.10 -16.96 10.91
N ASP B 815 -77.31 -17.79 11.92
CA ASP B 815 -76.20 -18.24 12.80
C ASP B 815 -75.47 -19.46 12.30
N ALA B 816 -74.26 -19.60 12.84
CA ALA B 816 -73.36 -20.72 12.67
C ALA B 816 -74.00 -22.06 13.08
N PRO B 817 -73.88 -23.10 12.24
CA PRO B 817 -74.19 -24.45 12.73
C PRO B 817 -73.31 -24.87 13.91
N ILE B 818 -73.68 -25.94 14.62
CA ILE B 818 -72.93 -26.40 15.80
C ILE B 818 -72.66 -27.91 15.72
N SER B 819 -71.42 -28.28 15.43
CA SER B 819 -71.00 -29.68 15.29
C SER B 819 -69.84 -30.02 16.23
N ASP B 820 -69.86 -31.24 16.75
CA ASP B 820 -68.84 -31.77 17.64
C ASP B 820 -67.58 -32.11 16.89
N GLU B 821 -67.71 -32.53 15.63
CA GLU B 821 -66.53 -32.92 14.82
C GLU B 821 -66.38 -32.19 13.46
N ILE B 822 -66.89 -30.96 13.33
CA ILE B 822 -66.64 -30.16 12.10
C ILE B 822 -66.92 -28.65 12.31
N ILE B 823 -65.97 -27.84 11.87
CA ILE B 823 -65.94 -26.40 12.18
C ILE B 823 -66.50 -25.74 10.96
N GLU B 824 -67.61 -25.02 11.10
CA GLU B 824 -68.20 -24.35 9.93
C GLU B 824 -68.49 -22.88 10.01
N GLY B 825 -68.74 -22.31 8.84
CA GLY B 825 -69.05 -20.92 8.73
C GLY B 825 -70.45 -20.50 9.18
N ILE B 826 -70.56 -19.20 9.36
CA ILE B 826 -71.82 -18.50 9.36
C ILE B 826 -72.36 -18.58 7.93
N PRO B 827 -73.70 -18.76 7.80
CA PRO B 827 -74.47 -18.61 6.56
C PRO B 827 -74.38 -17.20 5.98
N THR B 828 -73.98 -17.10 4.73
CA THR B 828 -73.78 -15.80 4.12
C THR B 828 -74.18 -15.84 2.64
N LYS B 829 -75.05 -14.88 2.28
CA LYS B 829 -75.22 -14.39 0.91
C LYS B 829 -74.05 -13.50 0.54
N LEU B 830 -73.68 -13.52 -0.72
CA LEU B 830 -72.76 -12.52 -1.25
C LEU B 830 -73.39 -12.05 -2.54
N ARG B 831 -74.11 -10.94 -2.41
CA ARG B 831 -75.00 -10.49 -3.47
C ARG B 831 -74.42 -9.33 -4.21
N GLU B 832 -74.53 -9.42 -5.53
CA GLU B 832 -73.87 -8.47 -6.41
C GLU B 832 -74.70 -7.23 -6.50
N LEU B 833 -74.09 -6.07 -6.69
CA LEU B 833 -74.79 -4.79 -6.66
C LEU B 833 -74.62 -3.95 -7.91
N THR B 834 -75.45 -2.89 -7.95
CA THR B 834 -75.74 -2.08 -9.16
C THR B 834 -76.30 -0.72 -8.73
N GLY B 835 -76.38 0.17 -9.72
CA GLY B 835 -77.06 1.46 -9.61
C GLY B 835 -76.07 2.56 -9.36
N PHE B 836 -74.78 2.24 -9.69
CA PHE B 836 -73.60 3.13 -9.57
C PHE B 836 -73.51 3.95 -10.81
N ASP B 837 -73.71 5.27 -10.70
CA ASP B 837 -73.82 6.20 -11.85
C ASP B 837 -72.50 6.92 -12.06
N ILE B 838 -71.83 6.51 -13.16
CA ILE B 838 -70.51 7.02 -13.54
C ILE B 838 -70.74 8.11 -14.53
N GLY B 839 -70.19 9.29 -14.29
CA GLY B 839 -70.48 10.47 -15.06
C GLY B 839 -69.19 11.21 -15.41
N PHE B 840 -68.82 11.23 -16.68
CA PHE B 840 -67.68 12.00 -17.12
C PHE B 840 -68.03 13.36 -17.73
N ASP B 841 -67.62 14.48 -17.15
CA ASP B 841 -67.89 15.80 -17.76
C ASP B 841 -66.88 16.14 -18.90
N GLU B 842 -67.29 16.15 -20.18
CA GLU B 842 -66.31 16.35 -21.30
C GLU B 842 -65.57 17.67 -21.30
N ASN B 843 -65.95 18.58 -20.43
CA ASN B 843 -65.38 19.90 -20.38
C ASN B 843 -64.57 20.17 -19.11
N THR B 844 -64.95 19.61 -17.98
CA THR B 844 -64.06 19.54 -16.81
C THR B 844 -63.04 18.40 -16.92
N LYS B 845 -63.37 17.37 -17.69
CA LYS B 845 -62.67 16.08 -17.70
C LYS B 845 -62.74 15.39 -16.35
N GLU B 846 -63.81 15.63 -15.61
CA GLU B 846 -64.01 15.12 -14.27
C GLU B 846 -64.90 13.91 -14.35
N THR B 847 -64.66 12.89 -13.57
CA THR B 847 -65.60 11.83 -13.45
C THR B 847 -66.27 11.99 -12.08
N SER B 848 -67.60 11.82 -12.03
CA SER B 848 -68.39 11.85 -10.76
C SER B 848 -68.90 10.45 -10.52
N ILE B 849 -68.87 9.94 -9.31
CA ILE B 849 -69.38 8.61 -9.12
C ILE B 849 -70.41 8.73 -8.03
N LEU B 850 -71.63 8.25 -8.33
CA LEU B 850 -72.75 8.25 -7.40
C LEU B 850 -73.09 6.81 -6.99
N LEU B 851 -73.22 6.63 -5.69
CA LEU B 851 -73.59 5.36 -5.13
C LEU B 851 -75.11 5.33 -5.08
N PRO B 852 -75.66 4.15 -5.35
CA PRO B 852 -77.06 3.89 -5.12
C PRO B 852 -77.36 3.79 -3.62
N GLN B 853 -78.62 4.05 -3.23
CA GLN B 853 -79.00 3.98 -1.85
C GLN B 853 -79.02 2.55 -1.40
N ASP B 854 -79.17 1.60 -2.30
CA ASP B 854 -78.90 0.25 -1.91
C ASP B 854 -77.39 0.03 -1.93
N PHE B 855 -76.81 0.13 -0.74
CA PHE B 855 -75.38 -0.11 -0.52
C PHE B 855 -75.13 -0.33 0.97
N PRO B 856 -75.55 -1.48 1.47
CA PRO B 856 -75.51 -1.69 2.88
C PRO B 856 -74.13 -1.80 3.41
N GLN B 857 -73.92 -1.28 4.61
CA GLN B 857 -72.66 -1.50 5.27
C GLN B 857 -72.36 -2.99 5.15
N GLY B 858 -71.12 -3.28 4.77
CA GLY B 858 -70.63 -4.62 4.41
C GLY B 858 -70.48 -4.74 2.91
N SER B 859 -70.07 -3.66 2.23
CA SER B 859 -70.14 -3.65 0.77
C SER B 859 -68.94 -3.01 0.06
N ILE B 860 -68.89 -3.25 -1.24
CA ILE B 860 -67.76 -2.88 -2.04
C ILE B 860 -68.26 -2.46 -3.40
N VAL B 861 -67.64 -1.45 -3.98
CA VAL B 861 -67.61 -1.32 -5.44
C VAL B 861 -66.13 -1.10 -5.87
N ILE B 862 -65.64 -1.89 -6.81
CA ILE B 862 -64.35 -1.66 -7.43
C ILE B 862 -64.60 -1.04 -8.80
N PHE B 863 -64.01 0.11 -9.04
CA PHE B 863 -63.89 0.65 -10.41
C PHE B 863 -62.43 0.43 -10.94
N GLU B 864 -62.24 0.26 -12.26
CA GLU B 864 -60.92 0.38 -12.85
C GLU B 864 -60.90 1.80 -13.33
N THR B 865 -59.74 2.42 -13.17
CA THR B 865 -59.48 3.82 -13.50
C THR B 865 -58.43 3.97 -14.59
N GLN B 866 -58.38 5.13 -15.22
CA GLN B 866 -57.26 5.46 -16.07
C GLN B 866 -57.08 6.99 -16.18
N GLN B 867 -55.98 7.52 -15.68
CA GLN B 867 -55.71 8.95 -15.73
C GLN B 867 -55.51 9.42 -17.13
N LEU B 868 -55.83 10.66 -17.39
CA LEU B 868 -55.93 11.13 -18.78
C LEU B 868 -54.73 11.90 -19.15
N GLY B 869 -53.98 11.43 -20.15
CA GLY B 869 -52.69 12.03 -20.56
C GLY B 869 -51.47 11.15 -20.34
N ILE B 870 -51.63 9.99 -19.73
CA ILE B 870 -50.56 9.11 -19.50
C ILE B 870 -50.79 7.75 -20.08
N ASP B 871 -49.82 7.25 -20.84
CA ASP B 871 -49.77 5.84 -21.37
C ASP B 871 -48.44 5.25 -20.96
N ASP B 872 -48.08 4.08 -21.46
CA ASP B 872 -46.71 3.55 -21.22
C ASP B 872 -45.68 4.47 -21.85
N SER B 873 -45.96 4.84 -23.09
CA SER B 873 -45.15 5.78 -23.87
C SER B 873 -44.50 6.96 -23.12
N LEU B 874 -45.28 7.80 -22.46
CA LEU B 874 -44.74 8.95 -21.69
C LEU B 874 -43.42 8.72 -20.97
N ASP B 875 -43.32 7.62 -20.24
CA ASP B 875 -42.16 7.50 -19.34
C ASP B 875 -40.82 7.67 -20.08
N HIS B 876 -40.62 6.81 -21.06
CA HIS B 876 -39.50 6.93 -21.96
C HIS B 876 -39.31 8.30 -22.64
N PHE B 877 -40.32 8.84 -23.28
CA PHE B 877 -40.20 10.11 -23.98
C PHE B 877 -39.69 11.26 -23.07
N ILE B 878 -39.99 11.18 -21.79
CA ILE B 878 -39.44 12.16 -20.81
C ILE B 878 -37.96 11.94 -20.48
N ARG B 879 -37.61 10.67 -20.42
CA ARG B 879 -36.24 10.30 -20.16
C ARG B 879 -35.35 10.27 -21.40
N SER B 880 -35.63 10.96 -22.51
CA SER B 880 -34.75 10.80 -23.71
C SER B 880 -34.55 11.99 -24.63
N GLY B 881 -33.46 11.92 -25.40
CA GLY B 881 -32.99 13.01 -26.28
C GLY B 881 -32.46 14.29 -25.68
N ALA B 882 -32.23 14.33 -24.37
CA ALA B 882 -31.81 15.57 -23.70
C ALA B 882 -30.31 15.74 -23.97
N ILE B 883 -29.57 14.65 -23.80
CA ILE B 883 -28.28 14.54 -24.43
C ILE B 883 -28.26 15.07 -25.88
N LYS B 884 -28.97 14.51 -26.85
CA LYS B 884 -28.75 15.07 -28.15
C LYS B 884 -29.10 16.54 -28.30
N ALA B 885 -29.99 17.09 -27.48
CA ALA B 885 -30.25 18.55 -27.50
C ALA B 885 -29.06 19.42 -27.10
N THR B 886 -28.47 19.05 -25.95
CA THR B 886 -27.29 19.73 -25.41
C THR B 886 -26.00 19.53 -26.16
N GLU B 887 -25.87 18.44 -26.89
CA GLU B 887 -24.80 18.28 -27.88
C GLU B 887 -24.24 19.55 -28.58
N LYS B 888 -25.02 20.58 -28.80
CA LYS B 888 -24.45 21.76 -29.44
C LYS B 888 -24.09 22.87 -28.50
N LEU B 889 -24.16 22.64 -27.22
CA LEU B 889 -23.92 23.72 -26.27
C LEU B 889 -22.43 24.07 -26.17
N SER B 890 -22.14 25.33 -25.86
CA SER B 890 -20.84 25.73 -25.45
C SER B 890 -20.88 26.11 -23.99
N LEU B 891 -19.76 26.55 -23.47
CA LEU B 891 -19.68 27.00 -22.10
C LEU B 891 -20.15 28.46 -21.97
N GLU B 892 -20.32 29.13 -23.10
CA GLU B 892 -21.07 30.37 -23.10
C GLU B 892 -22.55 30.00 -23.03
N SER B 893 -23.02 29.22 -24.00
CA SER B 893 -24.44 29.00 -24.15
C SER B 893 -25.05 28.26 -22.93
N ILE B 894 -24.26 27.41 -22.25
CA ILE B 894 -24.73 26.82 -20.99
C ILE B 894 -25.11 27.88 -19.99
N ASN B 895 -24.52 29.07 -20.01
CA ASN B 895 -24.94 30.14 -19.05
C ASN B 895 -26.42 30.47 -19.21
N TYR B 896 -26.79 30.62 -20.48
CA TYR B 896 -28.12 31.05 -20.82
C TYR B 896 -29.20 30.01 -20.41
N VAL B 897 -28.93 28.73 -20.66
CA VAL B 897 -29.83 27.67 -20.26
C VAL B 897 -29.94 27.54 -18.76
N LEU B 898 -28.86 27.82 -18.03
CA LEU B 898 -28.81 27.42 -16.64
C LEU B 898 -28.81 28.51 -15.63
N TYR B 899 -28.31 29.68 -15.93
CA TYR B 899 -27.96 30.60 -14.84
C TYR B 899 -28.71 31.92 -15.05
N ARG B 900 -28.05 33.05 -15.33
CA ARG B 900 -28.77 34.33 -15.61
C ARG B 900 -29.52 34.85 -14.41
N ALA B 901 -28.80 35.57 -13.57
CA ALA B 901 -29.39 36.37 -12.50
C ALA B 901 -30.43 37.29 -13.11
N GLU B 902 -31.37 37.78 -12.30
CA GLU B 902 -32.52 38.46 -12.90
C GLU B 902 -32.12 39.65 -13.71
N GLN B 903 -31.15 40.42 -13.24
CA GLN B 903 -30.78 41.64 -13.94
C GLN B 903 -30.02 41.35 -15.20
N GLU B 904 -29.31 40.23 -15.18
CA GLU B 904 -28.69 39.69 -16.38
C GLU B 904 -29.83 39.44 -17.40
N GLU B 905 -30.97 38.93 -16.96
CA GLU B 905 -32.14 38.74 -17.86
C GLU B 905 -32.93 40.02 -18.25
N TYR B 906 -33.05 41.01 -17.37
CA TYR B 906 -33.58 42.30 -17.83
C TYR B 906 -32.67 42.91 -18.86
N ASP B 907 -31.36 42.73 -18.72
CA ASP B 907 -30.44 43.22 -19.73
C ASP B 907 -30.65 42.62 -21.15
N TYR B 908 -31.03 41.35 -21.26
CA TYR B 908 -31.24 40.75 -22.59
C TYR B 908 -32.58 41.10 -23.22
N SER B 909 -33.51 41.41 -22.35
CA SER B 909 -34.88 41.61 -22.72
C SER B 909 -35.29 43.08 -22.67
N GLU B 910 -34.32 44.00 -22.70
CA GLU B 910 -34.57 45.43 -22.51
C GLU B 910 -35.70 45.81 -21.49
N GLY B 911 -35.75 45.13 -20.34
CA GLY B 911 -36.62 45.52 -19.24
C GLY B 911 -37.85 44.68 -18.99
N ARG B 912 -38.35 43.98 -20.00
CA ARG B 912 -39.67 43.34 -19.90
C ARG B 912 -39.72 41.88 -19.36
N SER B 913 -38.58 41.17 -19.25
CA SER B 913 -38.65 39.71 -18.96
C SER B 913 -38.36 39.28 -17.53
N GLY B 914 -37.10 39.13 -17.14
CA GLY B 914 -36.81 38.65 -15.80
C GLY B 914 -37.22 37.24 -15.37
N ALA B 915 -37.32 37.11 -14.03
CA ALA B 915 -37.47 35.85 -13.28
C ALA B 915 -38.90 35.57 -12.71
N TYR B 916 -39.26 34.30 -12.60
CA TYR B 916 -40.66 33.91 -12.33
C TYR B 916 -40.97 33.99 -10.87
N ASP B 917 -41.98 34.75 -10.48
CA ASP B 917 -42.33 34.89 -9.05
C ASP B 917 -43.23 33.77 -8.62
N ILE B 918 -42.70 32.80 -7.88
CA ILE B 918 -43.51 31.74 -7.38
C ILE B 918 -44.36 32.37 -6.31
N PRO B 919 -45.72 32.27 -6.44
CA PRO B 919 -46.70 32.73 -5.44
C PRO B 919 -46.53 32.12 -4.06
N ASP B 920 -46.34 33.01 -3.09
CA ASP B 920 -46.03 32.70 -1.68
C ASP B 920 -44.61 32.22 -1.35
N TYR B 921 -43.67 32.33 -2.28
CA TYR B 921 -42.26 31.94 -2.05
C TYR B 921 -41.33 33.09 -2.37
N GLY B 922 -41.45 33.59 -3.59
CA GLY B 922 -40.65 34.69 -4.06
C GLY B 922 -40.02 34.14 -5.31
N LYS B 923 -39.20 34.97 -5.94
CA LYS B 923 -38.41 34.53 -7.07
C LYS B 923 -37.14 33.62 -6.78
N PRO B 924 -36.92 32.64 -7.67
CA PRO B 924 -35.63 32.06 -7.67
C PRO B 924 -34.63 33.09 -8.18
N VAL B 925 -33.43 32.59 -8.30
CA VAL B 925 -32.24 33.39 -8.20
C VAL B 925 -31.57 33.49 -9.57
N TYR B 926 -31.55 32.38 -10.29
CA TYR B 926 -31.31 32.34 -11.71
C TYR B 926 -32.65 32.13 -12.43
N CYS B 927 -32.88 32.90 -13.48
CA CYS B 927 -34.02 32.65 -14.37
C CYS B 927 -33.94 31.24 -14.96
N GLY B 928 -32.70 30.83 -15.29
CA GLY B 928 -32.37 29.49 -15.85
C GLY B 928 -32.48 28.28 -14.92
N LEU B 929 -32.22 27.07 -15.44
CA LEU B 929 -32.63 25.91 -14.71
C LEU B 929 -32.06 25.87 -13.30
N GLN B 930 -30.89 26.42 -13.06
CA GLN B 930 -30.24 26.32 -11.70
C GLN B 930 -31.17 26.82 -10.65
N GLY B 931 -31.87 27.91 -11.00
CA GLY B 931 -32.89 28.51 -10.12
C GLY B 931 -33.88 27.50 -9.59
N TRP B 932 -34.42 26.69 -10.51
CA TRP B 932 -35.42 25.70 -10.19
C TRP B 932 -34.77 24.58 -9.43
N VAL B 933 -33.60 24.13 -9.88
CA VAL B 933 -32.92 22.98 -9.24
C VAL B 933 -32.49 23.30 -7.82
N SER B 934 -32.11 24.54 -7.56
CA SER B 934 -31.82 24.95 -6.20
C SER B 934 -33.01 24.79 -5.24
N ILE B 935 -34.22 25.14 -5.71
CA ILE B 935 -35.45 24.96 -4.93
C ILE B 935 -36.00 23.52 -4.96
N LEU B 936 -35.97 22.85 -6.11
CA LEU B 936 -36.58 21.52 -6.24
C LEU B 936 -35.95 20.41 -5.42
N ARG B 937 -34.71 20.60 -4.97
CA ARG B 937 -33.90 19.48 -4.53
C ARG B 937 -34.32 19.00 -3.19
N LYS B 938 -34.41 19.93 -2.25
CA LYS B 938 -34.98 19.67 -0.95
C LYS B 938 -36.40 19.17 -1.13
N ILE B 939 -37.18 19.83 -2.00
CA ILE B 939 -38.56 19.39 -2.37
C ILE B 939 -38.64 17.88 -2.80
N ILE B 940 -37.82 17.46 -3.78
CA ILE B 940 -37.86 16.08 -4.20
C ILE B 940 -37.51 15.21 -3.00
N PHE B 941 -36.56 15.68 -2.20
CA PHE B 941 -36.04 14.90 -1.11
C PHE B 941 -37.12 14.65 -0.12
N TYR B 942 -37.90 15.66 0.23
CA TYR B 942 -38.92 15.52 1.30
C TYR B 942 -40.36 15.17 0.81
N ASN B 943 -40.45 14.85 -0.50
CA ASN B 943 -41.70 14.78 -1.23
C ASN B 943 -42.68 15.85 -0.84
N ASP B 944 -42.22 17.09 -0.70
CA ASP B 944 -43.08 18.22 -0.27
C ASP B 944 -43.99 18.67 -1.40
N LEU B 945 -45.17 18.04 -1.49
CA LEU B 945 -46.19 18.42 -2.45
C LEU B 945 -46.92 19.63 -1.94
N ALA B 946 -46.74 19.93 -0.67
CA ALA B 946 -47.21 21.18 -0.11
C ALA B 946 -46.47 22.46 -0.51
N HIS B 947 -45.33 22.37 -1.16
CA HIS B 947 -44.53 23.56 -1.35
C HIS B 947 -45.25 24.54 -2.30
N PRO B 948 -45.11 25.84 -2.04
CA PRO B 948 -45.69 26.87 -2.90
C PRO B 948 -45.47 26.67 -4.37
N LEU B 949 -44.25 26.33 -4.73
CA LEU B 949 -43.93 25.75 -6.04
C LEU B 949 -44.80 24.56 -6.37
N SER B 950 -44.79 23.50 -5.57
CA SER B 950 -45.72 22.39 -5.83
C SER B 950 -47.20 22.85 -6.12
N ASN B 951 -47.69 23.79 -5.31
CA ASN B 951 -49.01 24.38 -5.51
C ASN B 951 -49.11 25.04 -6.88
N ASN B 952 -48.47 26.19 -7.06
CA ASN B 952 -48.49 26.91 -8.34
C ASN B 952 -48.30 26.00 -9.57
N LEU B 953 -47.56 24.91 -9.40
CA LEU B 953 -47.33 23.97 -10.51
C LEU B 953 -48.51 23.13 -10.92
N ARG B 954 -49.50 23.02 -10.05
CA ARG B 954 -50.80 22.52 -10.50
C ARG B 954 -51.87 23.56 -10.55
N ASN B 955 -51.84 24.55 -9.67
CA ASN B 955 -52.74 25.71 -9.87
C ASN B 955 -52.77 26.18 -11.33
N GLY B 956 -51.70 25.93 -12.06
CA GLY B 956 -51.69 26.09 -13.52
C GLY B 956 -50.41 25.57 -14.16
N HIS B 957 -50.14 26.07 -15.35
CA HIS B 957 -49.05 25.63 -16.23
C HIS B 957 -48.10 26.81 -16.56
N TRP B 958 -47.99 27.82 -15.70
CA TRP B 958 -47.31 29.07 -16.12
C TRP B 958 -45.84 28.84 -16.05
N ALA B 959 -45.38 28.24 -14.94
CA ALA B 959 -43.96 27.88 -14.86
C ALA B 959 -43.58 26.99 -16.02
N VAL B 960 -44.42 26.01 -16.35
CA VAL B 960 -44.10 25.09 -17.41
C VAL B 960 -43.75 25.87 -18.68
N ASP B 961 -44.56 26.89 -18.97
CA ASP B 961 -44.34 27.67 -20.17
C ASP B 961 -43.21 28.73 -20.06
N TYR B 962 -43.02 29.31 -18.87
CA TYR B 962 -41.89 30.21 -18.62
C TYR B 962 -40.54 29.57 -18.91
N VAL B 963 -40.38 28.32 -18.48
CA VAL B 963 -39.16 27.56 -18.73
C VAL B 963 -38.80 27.51 -20.21
N VAL B 964 -39.79 27.26 -21.03
CA VAL B 964 -39.56 27.16 -22.45
C VAL B 964 -39.52 28.50 -23.12
N ASN B 965 -40.13 29.52 -22.56
CA ASN B 965 -40.22 30.81 -23.28
C ASN B 965 -39.07 31.79 -23.06
N ARG B 966 -38.44 31.70 -21.87
CA ARG B 966 -37.23 32.47 -21.53
C ARG B 966 -36.28 32.40 -22.72
N LEU B 967 -36.10 31.17 -23.20
CA LEU B 967 -35.07 30.84 -24.17
C LEU B 967 -35.25 31.57 -25.51
N ASP B 968 -36.43 32.14 -25.75
CA ASP B 968 -36.63 33.06 -26.89
C ASP B 968 -35.56 34.13 -26.89
N LEU B 969 -35.22 34.63 -25.71
CA LEU B 969 -34.19 35.65 -25.57
C LEU B 969 -32.78 35.26 -26.07
N TYR B 970 -32.43 34.01 -25.84
CA TYR B 970 -31.11 33.52 -26.10
C TYR B 970 -31.12 32.43 -27.17
N LYS B 971 -32.00 32.57 -28.14
CA LYS B 971 -32.34 31.45 -29.02
C LYS B 971 -31.23 31.18 -30.01
N ASP B 972 -30.60 32.25 -30.47
CA ASP B 972 -29.55 32.15 -31.47
C ASP B 972 -28.23 31.60 -30.88
N LYS B 973 -28.02 31.72 -29.57
CA LYS B 973 -26.78 31.25 -28.96
C LYS B 973 -26.65 29.74 -29.13
N GLU B 974 -25.43 29.27 -29.30
CA GLU B 974 -25.17 27.93 -29.85
C GLU B 974 -25.87 26.84 -29.06
N GLY B 975 -26.75 26.12 -29.75
CA GLY B 975 -27.35 24.90 -29.25
C GLY B 975 -28.42 25.13 -28.23
N VAL B 976 -28.85 26.40 -28.07
CA VAL B 976 -29.91 26.77 -27.14
C VAL B 976 -31.24 26.41 -27.79
N ALA B 977 -31.43 26.88 -29.02
CA ALA B 977 -32.56 26.47 -29.86
C ALA B 977 -32.93 25.00 -29.61
N GLU B 978 -31.94 24.12 -29.80
CA GLU B 978 -32.23 22.69 -29.72
C GLU B 978 -32.67 22.29 -28.34
N VAL B 979 -32.04 22.89 -27.33
CA VAL B 979 -32.43 22.63 -25.92
C VAL B 979 -33.88 23.01 -25.59
N GLN B 980 -34.26 24.21 -26.05
CA GLN B 980 -35.61 24.77 -25.89
C GLN B 980 -36.57 23.84 -26.52
N GLU B 981 -36.35 23.47 -27.77
CA GLU B 981 -37.21 22.46 -28.41
C GLU B 981 -37.32 21.09 -27.64
N TRP B 982 -36.28 20.60 -27.02
CA TRP B 982 -36.48 19.39 -26.17
C TRP B 982 -37.46 19.70 -25.07
N LEU B 983 -37.27 20.86 -24.45
CA LEU B 983 -38.02 21.24 -23.31
C LEU B 983 -39.45 21.52 -23.74
N ARG B 984 -39.68 22.25 -24.84
CA ARG B 984 -41.11 22.41 -25.28
C ARG B 984 -41.79 21.09 -25.53
N SER B 985 -41.14 20.17 -26.24
CA SER B 985 -41.79 18.88 -26.50
C SER B 985 -42.18 18.14 -25.23
N ARG B 986 -41.34 18.22 -24.23
CA ARG B 986 -41.60 17.48 -23.02
C ARG B 986 -42.56 18.26 -22.18
N MET B 987 -42.46 19.58 -22.22
CA MET B 987 -43.38 20.44 -21.47
C MET B 987 -44.77 20.35 -22.09
N GLU B 988 -44.87 20.65 -23.37
CA GLU B 988 -46.10 20.44 -24.12
C GLU B 988 -46.85 19.18 -23.68
N ARG B 989 -46.12 18.08 -23.54
CA ARG B 989 -46.71 16.77 -23.30
C ARG B 989 -47.18 16.55 -21.88
N ILE B 990 -46.42 17.13 -20.98
CA ILE B 990 -46.70 17.22 -19.58
C ILE B 990 -47.96 17.97 -19.32
N LYS B 991 -48.21 19.05 -20.05
CA LYS B 991 -49.43 19.85 -19.86
C LYS B 991 -50.72 19.12 -20.25
N GLN B 992 -50.60 18.07 -21.05
CA GLN B 992 -51.69 17.11 -21.21
C GLN B 992 -51.88 16.15 -19.98
N LEU B 993 -51.27 16.44 -18.83
CA LEU B 993 -51.49 15.64 -17.64
C LEU B 993 -52.41 16.31 -16.64
N PRO B 994 -53.08 15.46 -15.84
CA PRO B 994 -53.88 15.95 -14.73
C PRO B 994 -53.12 16.99 -13.93
N SER B 995 -53.77 18.11 -13.55
CA SER B 995 -53.15 19.17 -12.72
C SER B 995 -52.18 18.54 -11.73
N TYR B 996 -52.68 17.56 -11.01
CA TYR B 996 -51.91 17.00 -9.92
C TYR B 996 -50.62 16.23 -10.29
N LEU B 997 -50.34 15.93 -11.56
CA LEU B 997 -49.09 15.20 -11.88
C LEU B 997 -48.06 16.18 -12.33
N VAL B 998 -48.45 17.40 -12.67
CA VAL B 998 -47.50 18.38 -13.24
C VAL B 998 -46.45 18.85 -12.26
N PRO B 999 -46.61 18.68 -10.95
CA PRO B 999 -45.37 18.97 -10.21
C PRO B 999 -44.26 17.96 -10.40
N SER B 1000 -44.61 16.69 -10.20
CA SER B 1000 -43.70 15.54 -10.35
C SER B 1000 -42.91 15.61 -11.67
N PHE B 1001 -43.64 15.68 -12.78
CA PHE B 1001 -43.05 15.62 -14.11
C PHE B 1001 -42.23 16.85 -14.49
N PHE B 1002 -42.64 18.02 -14.06
CA PHE B 1002 -41.83 19.22 -14.30
C PHE B 1002 -40.46 19.16 -13.59
N ALA B 1003 -40.46 18.64 -12.38
CA ALA B 1003 -39.23 18.40 -11.65
C ALA B 1003 -38.31 17.56 -12.50
N LEU B 1004 -38.81 16.42 -12.91
CA LEU B 1004 -38.02 15.44 -13.64
C LEU B 1004 -37.53 16.02 -15.02
N VAL B 1005 -38.37 16.78 -15.71
CA VAL B 1005 -38.04 17.28 -17.04
C VAL B 1005 -36.94 18.33 -16.93
N VAL B 1006 -36.85 18.99 -15.79
CA VAL B 1006 -35.86 20.00 -15.55
C VAL B 1006 -34.59 19.32 -15.07
N GLY B 1007 -34.73 18.58 -14.02
CA GLY B 1007 -33.62 17.82 -13.49
C GLY B 1007 -32.82 17.07 -14.52
N ILE B 1008 -33.53 16.52 -15.50
CA ILE B 1008 -32.86 15.77 -16.56
C ILE B 1008 -31.98 16.67 -17.44
N MET B 1009 -32.58 17.72 -17.99
CA MET B 1009 -31.87 18.66 -18.84
C MET B 1009 -30.78 19.37 -18.04
N TYR B 1010 -30.98 19.61 -16.75
CA TYR B 1010 -29.92 20.21 -15.96
C TYR B 1010 -28.71 19.30 -15.93
N GLY B 1011 -28.88 18.01 -15.59
CA GLY B 1011 -27.76 17.05 -15.62
C GLY B 1011 -27.08 16.95 -17.01
N CYS B 1012 -27.78 16.54 -18.04
CA CYS B 1012 -27.27 16.72 -19.35
C CYS B 1012 -26.49 18.00 -19.58
N CYS B 1013 -27.04 19.13 -19.13
CA CYS B 1013 -26.36 20.42 -19.35
C CYS B 1013 -25.06 20.52 -18.61
N ARG B 1014 -25.00 19.91 -17.44
CA ARG B 1014 -23.83 19.98 -16.57
C ARG B 1014 -22.79 18.99 -17.00
N LEU B 1015 -23.18 17.74 -17.26
CA LEU B 1015 -22.30 16.75 -17.89
C LEU B 1015 -21.67 17.32 -19.13
N ARG B 1016 -22.45 18.11 -19.85
CA ARG B 1016 -21.94 18.85 -21.00
C ARG B 1016 -20.89 19.90 -20.63
N ALA B 1017 -21.05 20.57 -19.49
CA ALA B 1017 -19.97 21.44 -19.01
C ALA B 1017 -18.65 20.68 -18.68
N MET B 1018 -18.69 19.60 -17.92
CA MET B 1018 -17.45 18.90 -17.55
C MET B 1018 -16.77 18.34 -18.79
N GLN B 1019 -17.53 17.93 -19.77
CA GLN B 1019 -16.94 17.41 -20.98
C GLN B 1019 -16.12 18.42 -21.73
N LEU B 1020 -16.46 19.70 -21.63
CA LEU B 1020 -15.76 20.72 -22.41
C LEU B 1020 -14.64 21.34 -21.63
N MET B 1021 -14.71 21.26 -20.32
CA MET B 1021 -13.63 21.68 -19.49
C MET B 1021 -12.56 20.58 -19.43
N SER B 1022 -11.39 21.00 -18.97
CA SER B 1022 -10.25 20.14 -18.74
C SER B 1022 -10.47 18.93 -17.88
N ASP B 1023 -9.60 17.94 -18.02
CA ASP B 1023 -9.74 16.70 -17.27
C ASP B 1023 -9.58 16.87 -15.78
N ASN B 1024 -8.76 17.81 -15.35
CA ASN B 1024 -8.54 17.95 -13.93
C ASN B 1024 -9.85 18.30 -13.22
N VAL B 1025 -10.73 18.99 -13.96
CA VAL B 1025 -12.09 19.26 -13.54
C VAL B 1025 -13.04 18.09 -13.91
N GLY B 1026 -13.12 17.74 -15.17
CA GLY B 1026 -13.83 16.58 -15.58
C GLY B 1026 -13.79 15.34 -14.71
N LYS B 1027 -12.76 15.07 -13.93
CA LYS B 1027 -12.76 13.77 -13.24
C LYS B 1027 -12.52 13.87 -11.78
N SER B 1028 -12.89 15.03 -11.27
CA SER B 1028 -12.74 15.30 -9.90
C SER B 1028 -14.07 15.22 -9.22
N THR B 1029 -14.00 15.47 -7.92
CA THR B 1029 -15.10 15.60 -7.00
C THR B 1029 -16.06 16.65 -7.39
N VAL B 1030 -17.24 16.45 -6.77
CA VAL B 1030 -18.33 17.42 -6.75
C VAL B 1030 -17.88 18.78 -6.34
N PHE B 1031 -17.30 18.89 -5.15
CA PHE B 1031 -16.95 20.18 -4.64
C PHE B 1031 -16.30 21.03 -5.73
N VAL B 1032 -15.46 20.37 -6.55
CA VAL B 1032 -14.59 21.05 -7.53
C VAL B 1032 -15.38 21.43 -8.76
N GLN B 1033 -16.18 20.49 -9.26
CA GLN B 1033 -17.04 20.80 -10.41
C GLN B 1033 -17.98 21.97 -10.03
N SER B 1034 -18.58 21.85 -8.85
CA SER B 1034 -19.40 22.90 -8.33
C SER B 1034 -18.64 24.22 -8.41
N LEU B 1035 -17.39 24.25 -7.93
CA LEU B 1035 -16.56 25.44 -8.09
C LEU B 1035 -16.37 25.79 -9.57
N ALA B 1036 -15.94 24.83 -10.38
CA ALA B 1036 -15.79 25.04 -11.84
C ALA B 1036 -16.99 25.68 -12.55
N MET B 1037 -18.22 25.29 -12.15
CA MET B 1037 -19.47 25.76 -12.84
C MET B 1037 -19.66 27.28 -12.61
N THR B 1038 -19.20 27.70 -11.46
CA THR B 1038 -19.20 29.06 -11.12
C THR B 1038 -18.55 29.95 -12.18
N SER B 1039 -17.65 29.36 -12.97
CA SER B 1039 -17.09 29.98 -14.22
C SER B 1039 -18.18 30.31 -15.20
N ILE B 1040 -19.05 29.32 -15.45
CA ILE B 1040 -20.14 29.45 -16.39
C ILE B 1040 -21.21 30.45 -15.87
N GLN B 1041 -21.36 30.66 -14.57
CA GLN B 1041 -22.20 31.76 -14.10
C GLN B 1041 -21.75 33.14 -14.55
N MET B 1042 -20.45 33.27 -14.52
CA MET B 1042 -19.78 34.55 -14.62
C MET B 1042 -19.46 34.98 -16.05
N VAL B 1043 -19.30 34.01 -16.94
CA VAL B 1043 -18.90 34.28 -18.30
C VAL B 1043 -20.05 33.98 -19.26
N SER B 1044 -20.68 35.10 -19.68
CA SER B 1044 -21.78 35.17 -20.65
C SER B 1044 -21.72 36.49 -21.41
N ALA B 1045 -22.37 36.56 -22.58
CA ALA B 1045 -22.43 37.83 -23.39
C ALA B 1045 -23.57 38.72 -22.92
N MET B 1046 -23.50 40.01 -23.21
CA MET B 1046 -24.54 40.91 -22.72
C MET B 1046 -25.04 41.77 -23.84
N LYS B 1047 -26.00 42.63 -23.53
CA LYS B 1047 -26.40 43.70 -24.44
C LYS B 1047 -25.83 45.01 -23.98
N SER B 1048 -25.89 45.29 -22.69
CA SER B 1048 -25.44 46.60 -22.17
C SER B 1048 -23.95 46.73 -22.02
N THR B 1049 -23.19 45.66 -22.22
CA THR B 1049 -21.75 45.69 -21.97
C THR B 1049 -20.94 44.51 -22.54
N SER B 1050 -19.64 44.69 -22.50
CA SER B 1050 -18.71 43.73 -23.07
C SER B 1050 -17.28 44.09 -22.64
N ILE B 1051 -16.31 43.70 -23.47
CA ILE B 1051 -14.87 43.91 -23.22
C ILE B 1051 -14.16 44.53 -24.44
N LEU B 1052 -14.63 44.14 -25.63
CA LEU B 1052 -14.44 44.88 -26.87
C LEU B 1052 -15.58 45.91 -26.97
N PRO B 1053 -15.33 47.13 -27.51
CA PRO B 1053 -16.37 48.16 -27.54
C PRO B 1053 -17.28 48.19 -28.78
N ASP B 1054 -16.83 47.61 -29.89
CA ASP B 1054 -17.61 47.54 -31.15
C ASP B 1054 -18.49 46.28 -31.19
N GLN B 1055 -18.08 45.23 -30.48
CA GLN B 1055 -18.85 44.00 -30.37
C GLN B 1055 -19.28 43.75 -28.92
N ASN B 1056 -20.27 42.87 -28.76
CA ASN B 1056 -20.65 42.33 -27.46
C ASN B 1056 -20.34 40.86 -27.46
N ILE B 1057 -19.36 40.46 -26.65
CA ILE B 1057 -18.99 39.05 -26.55
C ILE B 1057 -18.95 38.62 -25.09
N ALA B 1058 -18.58 37.37 -24.90
CA ALA B 1058 -18.46 36.79 -23.59
C ALA B 1058 -17.51 37.61 -22.75
N ALA B 1059 -18.09 38.20 -21.72
CA ALA B 1059 -17.38 39.01 -20.76
C ALA B 1059 -17.63 38.53 -19.34
N MET B 1060 -16.60 38.59 -18.49
CA MET B 1060 -16.63 37.93 -17.17
C MET B 1060 -17.02 38.94 -16.10
N ALA B 1061 -18.03 38.58 -15.32
CA ALA B 1061 -18.53 39.45 -14.30
C ALA B 1061 -17.77 39.22 -13.02
N ALA B 1062 -17.68 40.26 -12.22
CA ALA B 1062 -17.05 40.17 -10.91
C ALA B 1062 -17.81 39.34 -9.94
N GLY B 1063 -19.14 39.40 -10.03
CA GLY B 1063 -20.04 38.69 -9.09
C GLY B 1063 -21.50 38.98 -9.41
N LEU B 1064 -22.37 38.03 -9.07
CA LEU B 1064 -23.82 38.13 -9.29
C LEU B 1064 -24.54 38.41 -7.97
N PRO B 1065 -25.49 39.35 -7.90
CA PRO B 1065 -26.03 40.10 -9.04
C PRO B 1065 -25.56 41.53 -9.03
N HIS B 1066 -24.75 41.91 -8.05
CA HIS B 1066 -24.38 43.32 -7.90
C HIS B 1066 -23.40 43.83 -9.00
N PHE B 1067 -22.65 42.93 -9.64
CA PHE B 1067 -21.68 43.31 -10.66
C PHE B 1067 -21.88 42.48 -11.88
N SER B 1068 -22.99 42.72 -12.56
CA SER B 1068 -23.33 41.96 -13.74
C SER B 1068 -23.68 42.78 -14.95
N THR B 1069 -23.90 44.08 -14.81
CA THR B 1069 -24.54 44.83 -15.87
C THR B 1069 -24.02 46.23 -16.00
N ASN B 1070 -24.30 46.79 -17.18
CA ASN B 1070 -23.94 48.16 -17.56
C ASN B 1070 -22.47 48.39 -17.28
N TYR B 1071 -22.16 49.39 -16.45
CA TYR B 1071 -20.87 50.00 -16.39
C TYR B 1071 -20.14 49.40 -15.24
N MET B 1072 -20.48 48.15 -14.90
CA MET B 1072 -20.20 47.55 -13.60
C MET B 1072 -19.97 46.03 -13.59
N ARG B 1073 -19.86 45.41 -14.75
CA ARG B 1073 -19.70 43.97 -14.82
C ARG B 1073 -18.22 43.66 -14.65
N CYS B 1074 -17.39 44.25 -15.52
CA CYS B 1074 -15.98 43.91 -15.62
C CYS B 1074 -15.15 44.83 -14.77
N TRP B 1075 -14.29 44.27 -13.93
CA TRP B 1075 -13.23 45.05 -13.25
C TRP B 1075 -11.86 44.42 -13.52
N GLY B 1076 -10.91 45.20 -14.00
CA GLY B 1076 -9.59 44.67 -14.38
C GLY B 1076 -8.99 43.89 -13.26
N ARG B 1077 -9.02 44.47 -12.06
CA ARG B 1077 -8.64 43.74 -10.87
C ARG B 1077 -9.28 42.31 -10.81
N ASP B 1078 -10.61 42.28 -10.75
CA ASP B 1078 -11.39 41.03 -10.60
C ASP B 1078 -11.23 40.01 -11.75
N VAL B 1079 -11.02 40.47 -12.98
CA VAL B 1079 -10.96 39.55 -14.11
C VAL B 1079 -9.68 38.74 -13.98
N PHE B 1080 -8.57 39.44 -13.72
CA PHE B 1080 -7.25 38.83 -13.79
C PHE B 1080 -6.87 38.05 -12.54
N ILE B 1081 -7.40 38.41 -11.36
CA ILE B 1081 -7.37 37.50 -10.19
C ILE B 1081 -8.19 36.24 -10.47
N SER B 1082 -9.28 36.37 -11.23
CA SER B 1082 -10.13 35.21 -11.56
C SER B 1082 -9.59 34.34 -12.70
N LEU B 1083 -8.96 34.98 -13.69
CA LEU B 1083 -8.63 34.33 -14.95
C LEU B 1083 -7.98 32.93 -14.79
N ARG B 1084 -7.06 32.78 -13.83
CA ARG B 1084 -6.34 31.51 -13.69
C ARG B 1084 -7.27 30.42 -13.27
N GLY B 1085 -8.04 30.72 -12.22
CA GLY B 1085 -8.96 29.74 -11.64
C GLY B 1085 -10.05 29.26 -12.57
N LEU B 1086 -10.78 30.23 -13.13
CA LEU B 1086 -12.05 29.98 -13.79
C LEU B 1086 -11.88 29.68 -15.28
N LEU B 1087 -10.91 30.35 -15.91
CA LEU B 1087 -10.60 30.16 -17.33
C LEU B 1087 -9.44 29.20 -17.64
N LEU B 1088 -8.38 29.20 -16.85
CA LEU B 1088 -7.22 28.40 -17.20
C LEU B 1088 -7.24 27.00 -16.63
N THR B 1089 -7.47 26.92 -15.32
CA THR B 1089 -7.67 25.65 -14.55
C THR B 1089 -8.70 24.71 -15.20
N THR B 1090 -9.63 25.34 -15.90
CA THR B 1090 -10.80 24.70 -16.49
C THR B 1090 -10.66 24.36 -17.98
N GLY B 1091 -9.69 24.92 -18.69
CA GLY B 1091 -9.53 24.59 -20.12
C GLY B 1091 -10.07 25.61 -21.11
N ARG B 1092 -10.52 26.76 -20.59
CA ARG B 1092 -11.06 27.86 -21.39
C ARG B 1092 -9.97 28.83 -21.84
N TYR B 1093 -8.96 28.31 -22.53
CA TYR B 1093 -7.76 29.08 -22.85
C TYR B 1093 -8.18 30.15 -23.80
N GLU B 1094 -8.96 29.77 -24.84
CA GLU B 1094 -9.47 30.70 -25.86
C GLU B 1094 -10.13 31.92 -25.26
N GLU B 1095 -10.81 31.71 -24.15
CA GLU B 1095 -11.51 32.79 -23.45
C GLU B 1095 -10.54 33.74 -22.73
N ALA B 1096 -9.67 33.14 -21.92
CA ALA B 1096 -8.59 33.86 -21.25
C ALA B 1096 -7.89 34.81 -22.21
N LYS B 1097 -7.52 34.28 -23.38
CA LYS B 1097 -6.89 35.07 -24.40
C LYS B 1097 -7.72 36.29 -24.76
N GLU B 1098 -9.01 36.10 -25.02
CA GLU B 1098 -9.89 37.21 -25.43
C GLU B 1098 -9.95 38.31 -24.41
N HIS B 1099 -9.88 37.94 -23.13
CA HIS B 1099 -9.95 38.90 -22.03
C HIS B 1099 -8.70 39.72 -21.85
N ILE B 1100 -7.56 39.01 -21.86
CA ILE B 1100 -6.20 39.62 -21.76
C ILE B 1100 -5.98 40.69 -22.86
N LEU B 1101 -6.17 40.25 -24.11
CA LEU B 1101 -6.13 41.11 -25.30
C LEU B 1101 -7.17 42.21 -25.30
N ALA B 1102 -8.34 41.99 -24.72
CA ALA B 1102 -9.35 43.04 -24.70
C ALA B 1102 -8.97 44.12 -23.71
N PHE B 1103 -8.44 43.74 -22.55
CA PHE B 1103 -7.97 44.75 -21.58
C PHE B 1103 -6.63 45.42 -21.99
N ALA B 1104 -5.76 44.67 -22.69
CA ALA B 1104 -4.55 45.23 -23.23
C ALA B 1104 -4.81 46.56 -23.92
N LYS B 1105 -5.78 46.59 -24.83
CA LYS B 1105 -6.20 47.78 -25.59
C LYS B 1105 -6.29 49.07 -24.75
N THR B 1106 -6.80 48.89 -23.54
CA THR B 1106 -7.16 49.95 -22.60
C THR B 1106 -6.03 50.71 -21.95
N LEU B 1107 -4.85 50.09 -21.86
CA LEU B 1107 -3.70 50.65 -21.13
C LEU B 1107 -3.47 52.17 -21.40
N LYS B 1108 -3.00 52.85 -20.35
CA LYS B 1108 -2.77 54.30 -20.33
C LYS B 1108 -2.20 54.58 -18.92
N HIS B 1109 -1.43 55.65 -18.78
CA HIS B 1109 -0.74 55.94 -17.50
C HIS B 1109 0.18 54.77 -17.15
N GLY B 1110 0.64 54.08 -18.20
CA GLY B 1110 1.35 52.83 -18.07
C GLY B 1110 0.72 51.81 -17.16
N LEU B 1111 -0.59 51.87 -16.91
CA LEU B 1111 -1.26 50.81 -16.16
C LEU B 1111 -2.65 50.54 -16.73
N ILE B 1112 -3.33 49.57 -16.13
CA ILE B 1112 -4.56 49.03 -16.68
C ILE B 1112 -5.72 49.52 -15.76
N PRO B 1113 -6.94 49.63 -16.34
CA PRO B 1113 -7.98 50.37 -15.70
C PRO B 1113 -8.72 49.48 -14.77
N ASN B 1114 -9.42 50.10 -13.83
CA ASN B 1114 -10.14 49.39 -12.82
C ASN B 1114 -11.40 48.84 -13.40
N LEU B 1115 -12.24 49.76 -13.86
CA LEU B 1115 -13.53 49.49 -14.43
C LEU B 1115 -13.25 49.67 -15.93
N LEU B 1116 -13.82 48.84 -16.79
CA LEU B 1116 -13.61 48.94 -18.23
C LEU B 1116 -14.98 49.02 -18.91
N ASP B 1117 -15.32 50.14 -19.53
CA ASP B 1117 -16.63 50.26 -20.20
C ASP B 1117 -16.45 49.59 -21.52
N ALA B 1118 -16.33 48.28 -21.53
CA ALA B 1118 -15.99 47.54 -22.76
C ALA B 1118 -14.86 48.21 -23.54
N GLY B 1119 -13.98 48.88 -22.81
CA GLY B 1119 -12.94 49.68 -23.42
C GLY B 1119 -13.50 50.86 -24.19
N ARG B 1120 -14.12 51.78 -23.48
CA ARG B 1120 -14.46 53.09 -24.01
C ARG B 1120 -14.95 53.98 -22.87
N ASN B 1121 -14.19 55.02 -22.54
CA ASN B 1121 -14.34 55.70 -21.22
C ASN B 1121 -14.31 54.73 -19.99
N PRO B 1122 -13.17 54.01 -19.82
CA PRO B 1122 -12.83 53.35 -18.56
C PRO B 1122 -12.16 54.32 -17.63
N ARG B 1123 -11.84 53.84 -16.43
CA ARG B 1123 -11.35 54.68 -15.33
C ARG B 1123 -10.12 54.07 -14.73
N TYR B 1124 -9.13 54.92 -14.48
CA TYR B 1124 -7.81 54.47 -14.05
C TYR B 1124 -7.56 55.02 -12.67
N ASN B 1125 -8.32 54.48 -11.73
CA ASN B 1125 -8.16 54.79 -10.30
C ASN B 1125 -7.54 53.58 -9.61
N ALA B 1126 -6.88 52.73 -10.40
CA ALA B 1126 -6.43 51.44 -9.95
C ALA B 1126 -4.97 51.21 -10.27
N ARG B 1127 -4.19 51.15 -9.20
CA ARG B 1127 -2.79 50.71 -9.21
C ARG B 1127 -2.64 49.16 -9.19
N ASP B 1128 -3.46 48.47 -8.37
CA ASP B 1128 -3.53 46.99 -8.28
C ASP B 1128 -3.39 46.29 -9.60
N ALA B 1129 -4.15 46.81 -10.54
CA ALA B 1129 -4.63 46.06 -11.67
C ALA B 1129 -3.56 45.62 -12.63
N ALA B 1130 -2.78 46.60 -13.10
CA ALA B 1130 -1.70 46.36 -14.06
C ALA B 1130 -0.90 45.12 -13.72
N TRP B 1131 -0.70 44.92 -12.43
CA TRP B 1131 0.14 43.85 -11.92
C TRP B 1131 -0.61 42.53 -11.88
N PHE B 1132 -1.82 42.53 -11.34
CA PHE B 1132 -2.67 41.33 -11.42
C PHE B 1132 -2.87 40.86 -12.86
N PHE B 1133 -2.89 41.83 -13.77
CA PHE B 1133 -2.97 41.64 -15.22
C PHE B 1133 -1.79 40.82 -15.72
N VAL B 1134 -0.63 41.38 -15.49
CA VAL B 1134 0.65 40.85 -16.00
C VAL B 1134 0.93 39.40 -15.50
N GLN B 1135 0.52 39.19 -14.26
CA GLN B 1135 0.56 37.90 -13.61
C GLN B 1135 -0.31 36.85 -14.31
N ALA B 1136 -1.46 37.28 -14.83
CA ALA B 1136 -2.35 36.40 -15.61
C ALA B 1136 -1.72 36.08 -16.96
N ILE B 1137 -1.08 37.10 -17.57
CA ILE B 1137 -0.30 36.90 -18.80
C ILE B 1137 0.74 35.78 -18.58
N GLN B 1138 1.39 35.79 -17.40
CA GLN B 1138 2.37 34.74 -17.04
C GLN B 1138 1.70 33.38 -16.95
N ASP B 1139 0.71 33.33 -16.05
CA ASP B 1139 -0.19 32.19 -15.83
C ASP B 1139 -0.69 31.54 -17.15
N TYR B 1140 -1.05 32.39 -18.10
CA TYR B 1140 -1.47 31.93 -19.42
C TYR B 1140 -0.32 31.26 -20.13
N VAL B 1141 0.83 31.96 -20.17
CA VAL B 1141 2.00 31.47 -20.92
C VAL B 1141 2.49 30.16 -20.30
N THR B 1142 2.49 30.11 -18.97
CA THR B 1142 2.76 28.87 -18.24
C THR B 1142 1.83 27.70 -18.60
N ILE B 1143 0.51 27.90 -18.49
CA ILE B 1143 -0.50 26.81 -18.56
C ILE B 1143 -0.98 26.47 -19.99
N VAL B 1144 -1.23 27.49 -20.80
CA VAL B 1144 -1.78 27.29 -22.11
C VAL B 1144 -0.67 26.60 -22.90
N PRO B 1145 -0.99 25.57 -23.69
CA PRO B 1145 0.09 25.01 -24.51
C PRO B 1145 0.63 25.98 -25.57
N GLY B 1146 1.95 26.14 -25.62
CA GLY B 1146 2.59 27.11 -26.51
C GLY B 1146 2.04 28.52 -26.38
N GLY B 1147 1.59 28.87 -25.19
CA GLY B 1147 0.98 30.17 -24.97
C GLY B 1147 1.91 31.35 -25.17
N VAL B 1148 3.23 31.12 -25.16
CA VAL B 1148 4.21 32.19 -25.44
C VAL B 1148 3.72 33.08 -26.57
N SER B 1149 3.15 32.44 -27.57
CA SER B 1149 2.62 33.08 -28.75
C SER B 1149 1.55 34.14 -28.54
N LEU B 1150 0.96 34.18 -27.36
CA LEU B 1150 0.18 35.34 -26.92
C LEU B 1150 0.96 36.64 -27.10
N LEU B 1151 2.23 36.62 -26.71
CA LEU B 1151 3.10 37.82 -26.70
C LEU B 1151 3.16 38.55 -28.02
N GLN B 1152 3.24 37.81 -29.12
CA GLN B 1152 3.28 38.41 -30.45
C GLN B 1152 1.91 38.89 -30.99
N GLU B 1153 0.83 38.60 -30.28
CA GLU B 1153 -0.52 38.96 -30.72
C GLU B 1153 -0.75 40.48 -30.66
N LYS B 1154 -1.05 41.07 -31.81
CA LYS B 1154 -1.29 42.51 -31.92
C LYS B 1154 -2.65 42.86 -31.36
N VAL B 1155 -2.79 44.08 -30.83
CA VAL B 1155 -4.12 44.65 -30.57
C VAL B 1155 -4.15 46.10 -30.95
N THR B 1156 -5.35 46.62 -31.15
CA THR B 1156 -5.58 48.03 -31.34
C THR B 1156 -5.47 48.65 -29.98
N ARG B 1157 -4.48 49.50 -29.80
CA ARG B 1157 -4.44 50.31 -28.61
C ARG B 1157 -5.55 51.35 -28.81
N ARG B 1158 -6.49 51.46 -27.88
CA ARG B 1158 -7.59 52.43 -28.04
C ARG B 1158 -7.47 53.54 -27.05
N PHE B 1159 -6.29 54.14 -27.06
CA PHE B 1159 -5.90 55.35 -26.33
C PHE B 1159 -4.42 55.67 -26.70
N PRO B 1160 -4.03 56.96 -26.85
CA PRO B 1160 -2.65 57.28 -27.34
C PRO B 1160 -1.51 57.00 -26.34
N LEU B 1161 -0.27 57.22 -26.80
CA LEU B 1161 0.93 56.69 -26.11
C LEU B 1161 1.49 57.57 -24.97
N ASP B 1162 1.45 58.91 -25.12
CA ASP B 1162 1.36 59.80 -23.95
C ASP B 1162 0.00 59.50 -23.31
N ASP B 1163 -0.24 60.04 -22.13
CA ASP B 1163 -1.47 59.71 -21.44
C ASP B 1163 -2.46 60.79 -21.76
N GLU B 1164 -2.81 60.87 -23.05
CA GLU B 1164 -3.58 61.99 -23.55
C GLU B 1164 -5.04 61.78 -23.16
N TYR B 1165 -5.80 62.87 -23.26
CA TYR B 1165 -7.18 62.93 -22.78
C TYR B 1165 -8.01 61.89 -23.52
N ILE B 1166 -9.28 61.80 -23.20
CA ILE B 1166 -10.17 60.83 -23.85
C ILE B 1166 -10.72 61.21 -25.26
N PRO B 1167 -9.97 60.91 -26.36
CA PRO B 1167 -10.70 60.88 -27.64
C PRO B 1167 -11.48 59.55 -27.78
N TYR B 1168 -12.78 59.51 -27.52
CA TYR B 1168 -13.46 58.19 -27.52
C TYR B 1168 -13.44 57.50 -28.91
N ASP B 1169 -13.88 58.21 -29.95
CA ASP B 1169 -14.04 57.60 -31.27
C ASP B 1169 -13.58 58.54 -32.37
N ASP B 1170 -12.33 59.00 -32.23
CA ASP B 1170 -11.68 59.82 -33.23
C ASP B 1170 -11.12 58.87 -34.28
N PRO B 1171 -10.42 59.44 -35.28
CA PRO B 1171 -9.38 58.66 -35.97
C PRO B 1171 -8.27 58.13 -35.01
N LYS B 1172 -8.06 58.83 -33.89
CA LYS B 1172 -7.03 58.54 -32.91
C LYS B 1172 -7.30 57.34 -32.00
N ALA B 1173 -8.30 56.50 -32.30
CA ALA B 1173 -8.60 55.32 -31.47
C ALA B 1173 -8.10 54.00 -32.08
N PHE B 1174 -8.68 53.55 -33.20
CA PHE B 1174 -8.15 52.40 -33.98
C PHE B 1174 -6.91 52.84 -34.77
N SER B 1175 -6.04 53.59 -34.13
CA SER B 1175 -5.03 54.36 -34.84
C SER B 1175 -3.72 53.60 -35.00
N TYR B 1176 -3.26 53.01 -33.90
CA TYR B 1176 -2.02 52.28 -33.88
C TYR B 1176 -2.16 51.07 -32.97
N SER B 1177 -1.20 50.17 -33.08
CA SER B 1177 -1.28 48.83 -32.48
C SER B 1177 -0.18 48.57 -31.43
N SER B 1178 -0.15 47.36 -30.89
CA SER B 1178 0.76 46.98 -29.83
C SER B 1178 0.76 45.47 -29.69
N THR B 1179 1.94 44.85 -29.74
CA THR B 1179 2.09 43.44 -29.36
C THR B 1179 1.89 43.35 -27.83
N ILE B 1180 1.36 42.23 -27.33
CA ILE B 1180 1.29 42.04 -25.87
C ILE B 1180 2.69 42.13 -25.25
N GLU B 1181 3.70 41.60 -25.94
CA GLU B 1181 5.14 41.82 -25.65
C GLU B 1181 5.43 43.27 -25.26
N GLU B 1182 5.21 44.20 -26.20
CA GLU B 1182 5.50 45.62 -25.93
C GLU B 1182 4.50 46.32 -25.00
N ILE B 1183 3.41 45.65 -24.62
CA ILE B 1183 2.49 46.12 -23.57
C ILE B 1183 2.97 45.80 -22.15
N ILE B 1184 3.55 44.62 -21.97
CA ILE B 1184 4.17 44.24 -20.70
C ILE B 1184 5.31 45.21 -20.45
N TYR B 1185 6.18 45.33 -21.46
CA TYR B 1185 7.29 46.27 -21.36
C TYR B 1185 6.73 47.62 -20.95
N GLU B 1186 5.82 48.13 -21.77
CA GLU B 1186 5.18 49.44 -21.61
C GLU B 1186 4.86 49.79 -20.16
N ILE B 1187 4.43 48.76 -19.41
CA ILE B 1187 4.08 48.91 -17.99
C ILE B 1187 5.37 49.19 -17.21
N LEU B 1188 6.23 48.18 -17.20
CA LEU B 1188 7.49 48.23 -16.46
C LEU B 1188 8.25 49.55 -16.70
N ASN B 1189 8.43 49.90 -17.97
CA ASN B 1189 9.16 51.09 -18.31
C ASN B 1189 8.48 52.33 -17.82
N ARG B 1190 7.18 52.46 -18.01
CA ARG B 1190 6.51 53.68 -17.60
C ARG B 1190 6.62 53.90 -16.09
N HIS B 1191 6.53 52.80 -15.34
CA HIS B 1191 6.66 52.83 -13.87
C HIS B 1191 8.06 53.28 -13.53
N ALA B 1192 9.04 52.55 -14.05
CA ALA B 1192 10.45 52.87 -13.83
C ALA B 1192 10.70 54.39 -13.87
N GLY B 1193 10.30 55.01 -14.97
CA GLY B 1193 10.43 56.45 -15.17
C GLY B 1193 9.37 57.35 -14.52
N GLY B 1194 8.66 56.84 -13.52
CA GLY B 1194 7.67 57.61 -12.80
C GLY B 1194 6.42 57.77 -13.61
N ILE B 1195 5.27 57.57 -12.95
CA ILE B 1195 3.98 57.97 -13.50
C ILE B 1195 3.41 59.08 -12.63
N LYS B 1196 2.62 59.93 -13.25
CA LYS B 1196 2.04 61.09 -12.60
C LYS B 1196 0.95 61.60 -13.49
N TYR B 1197 -0.28 61.62 -12.98
CA TYR B 1197 -1.42 62.06 -13.78
C TYR B 1197 -2.62 62.45 -12.92
N ARG B 1198 -3.37 63.43 -13.43
CA ARG B 1198 -4.66 63.83 -12.86
C ARG B 1198 -5.72 63.05 -13.58
N GLU B 1199 -6.40 62.15 -12.88
CA GLU B 1199 -7.41 61.32 -13.54
C GLU B 1199 -8.14 62.05 -14.65
N ALA B 1200 -8.05 61.53 -15.88
CA ALA B 1200 -8.78 62.06 -16.99
C ALA B 1200 -10.27 62.25 -16.61
N ASN B 1201 -10.77 63.47 -16.86
CA ASN B 1201 -12.18 63.91 -16.66
C ASN B 1201 -12.64 64.01 -15.20
N ALA B 1202 -11.76 64.51 -14.33
CA ALA B 1202 -12.03 64.63 -12.87
C ALA B 1202 -13.24 65.50 -12.53
N GLY B 1203 -13.63 65.45 -11.25
CA GLY B 1203 -14.72 66.27 -10.68
C GLY B 1203 -15.96 65.44 -10.38
N PRO B 1204 -16.92 66.03 -9.62
CA PRO B 1204 -18.17 65.40 -9.18
C PRO B 1204 -18.77 64.44 -10.18
N ASN B 1205 -18.65 64.75 -11.46
CA ASN B 1205 -19.17 63.90 -12.54
C ASN B 1205 -18.62 62.46 -12.58
N LEU B 1206 -17.33 62.31 -12.89
CA LEU B 1206 -16.68 60.97 -12.99
C LEU B 1206 -16.60 60.28 -11.63
N ASP B 1207 -16.49 61.05 -10.56
CA ASP B 1207 -16.62 60.51 -9.20
C ASP B 1207 -17.32 61.54 -8.28
N ARG B 1208 -18.38 61.09 -7.60
CA ARG B 1208 -19.20 61.94 -6.74
C ARG B 1208 -18.58 62.23 -5.39
N VAL B 1209 -17.56 61.49 -4.96
CA VAL B 1209 -17.05 61.66 -3.59
C VAL B 1209 -15.56 61.97 -3.44
N MET B 1210 -14.71 61.41 -4.31
CA MET B 1210 -13.27 61.76 -4.36
C MET B 1210 -13.07 63.25 -4.05
N LYS B 1211 -12.16 63.58 -3.15
CA LYS B 1211 -11.84 64.99 -2.86
C LYS B 1211 -10.97 65.49 -4.01
N ASP B 1212 -10.86 66.81 -4.17
CA ASP B 1212 -10.07 67.34 -5.27
C ASP B 1212 -8.60 66.86 -5.24
N GLU B 1213 -8.01 66.88 -4.04
CA GLU B 1213 -6.61 66.37 -3.77
C GLU B 1213 -6.35 64.96 -4.33
N GLY B 1214 -7.28 64.04 -4.07
CA GLY B 1214 -7.09 62.65 -4.40
C GLY B 1214 -7.00 62.38 -5.88
N PHE B 1215 -7.98 62.83 -6.64
CA PHE B 1215 -8.07 62.57 -8.09
C PHE B 1215 -6.75 62.38 -8.84
N ASN B 1216 -5.82 63.32 -8.65
CA ASN B 1216 -4.49 63.18 -9.28
C ASN B 1216 -3.59 62.22 -8.50
N VAL B 1217 -2.96 61.27 -9.21
CA VAL B 1217 -2.25 60.16 -8.55
C VAL B 1217 -0.84 59.94 -9.07
N GLU B 1218 -0.06 59.27 -8.23
CA GLU B 1218 1.34 59.06 -8.50
C GLU B 1218 1.73 57.66 -8.16
N VAL B 1219 2.68 57.15 -8.94
CA VAL B 1219 3.47 55.97 -8.60
C VAL B 1219 4.92 56.23 -9.03
N ASN B 1220 5.85 55.95 -8.11
CA ASN B 1220 7.26 56.20 -8.33
C ASN B 1220 8.10 55.10 -7.66
N VAL B 1221 9.10 54.58 -8.40
CA VAL B 1221 9.89 53.40 -7.99
C VAL B 1221 11.06 53.85 -7.13
N ASP B 1222 11.05 53.50 -5.85
CA ASP B 1222 12.15 53.82 -4.95
C ASP B 1222 13.37 52.96 -5.33
N TRP B 1223 14.32 53.58 -6.04
CA TRP B 1223 15.48 52.86 -6.62
C TRP B 1223 16.51 52.36 -5.61
N GLU B 1224 16.33 52.78 -4.35
CA GLU B 1224 17.08 52.25 -3.19
C GLU B 1224 16.67 50.78 -2.89
N THR B 1225 15.39 50.48 -3.02
CA THR B 1225 14.86 49.12 -2.74
C THR B 1225 14.32 48.36 -3.95
N GLY B 1226 14.00 49.09 -5.02
CA GLY B 1226 13.39 48.53 -6.20
C GLY B 1226 11.87 48.41 -6.13
N LEU B 1227 11.24 48.92 -5.07
CA LEU B 1227 9.81 48.68 -4.89
C LEU B 1227 8.92 49.87 -5.25
N ILE B 1228 7.69 49.55 -5.63
CA ILE B 1228 6.69 50.50 -6.10
C ILE B 1228 5.89 51.09 -4.95
N HIS B 1229 6.22 52.33 -4.63
CA HIS B 1229 5.38 53.17 -3.79
C HIS B 1229 4.42 53.97 -4.71
N GLY B 1230 3.17 54.17 -4.24
CA GLY B 1230 2.24 55.10 -4.89
C GLY B 1230 0.94 55.44 -4.17
N GLY B 1231 0.22 56.39 -4.76
CA GLY B 1231 -1.11 56.73 -4.29
C GLY B 1231 -1.05 57.95 -3.40
N SER B 1232 -2.07 58.07 -2.57
CA SER B 1232 -2.18 59.18 -1.63
C SER B 1232 -3.19 58.83 -0.55
N GLN B 1233 -3.28 59.67 0.46
CA GLN B 1233 -4.13 59.43 1.62
C GLN B 1233 -5.61 59.63 1.33
N PHE B 1234 -5.93 60.30 0.21
CA PHE B 1234 -7.31 60.44 -0.28
C PHE B 1234 -7.61 59.51 -1.49
N ASN B 1235 -7.03 58.29 -1.48
CA ASN B 1235 -7.03 57.37 -2.63
C ASN B 1235 -7.04 55.86 -2.34
N CYS B 1236 -7.63 55.12 -3.27
CA CYS B 1236 -7.77 53.67 -3.18
C CYS B 1236 -7.37 52.99 -4.46
N GLY B 1237 -6.07 52.88 -4.69
CA GLY B 1237 -5.55 52.11 -5.82
C GLY B 1237 -5.60 50.62 -5.57
N THR B 1238 -5.76 50.22 -4.32
CA THR B 1238 -5.83 48.81 -4.01
C THR B 1238 -7.26 48.31 -4.03
N TRP B 1239 -7.38 46.99 -3.99
CA TRP B 1239 -8.66 46.34 -3.90
C TRP B 1239 -9.41 46.62 -2.60
N MET B 1240 -8.73 47.13 -1.58
CA MET B 1240 -9.42 47.57 -0.37
C MET B 1240 -9.94 49.02 -0.51
N ASP B 1241 -10.92 49.20 -1.38
CA ASP B 1241 -11.26 50.52 -1.92
C ASP B 1241 -12.63 51.10 -1.57
N LYS B 1242 -12.93 51.23 -0.28
CA LYS B 1242 -14.18 51.89 0.09
C LYS B 1242 -13.86 53.34 0.20
N MET B 1243 -14.52 54.18 -0.61
CA MET B 1243 -14.39 55.62 -0.49
C MET B 1243 -15.54 56.11 0.37
N GLY B 1244 -15.25 56.37 1.64
CA GLY B 1244 -16.27 56.75 2.63
C GLY B 1244 -17.23 57.83 2.16
N GLU B 1245 -18.50 57.67 2.49
CA GLU B 1245 -19.57 58.49 1.92
C GLU B 1245 -20.56 59.08 2.94
N SER B 1246 -20.61 58.57 4.18
CA SER B 1246 -21.65 58.96 5.14
C SER B 1246 -21.50 60.41 5.58
N GLU B 1247 -22.68 61.01 5.82
CA GLU B 1247 -22.81 62.39 6.23
C GLU B 1247 -22.82 62.50 7.75
N LYS B 1248 -23.70 61.74 8.40
CA LYS B 1248 -23.88 61.81 9.85
C LYS B 1248 -22.66 61.32 10.67
N ALA B 1249 -21.82 60.47 10.09
CA ALA B 1249 -20.56 60.05 10.73
C ALA B 1249 -19.35 60.89 10.33
N ASN B 1250 -19.53 61.72 9.29
CA ASN B 1250 -18.55 62.70 8.85
C ASN B 1250 -17.37 62.14 8.06
N SER B 1251 -17.62 61.14 7.21
CA SER B 1251 -16.54 60.39 6.54
C SER B 1251 -16.48 60.55 5.01
N VAL B 1252 -16.97 61.68 4.50
CA VAL B 1252 -17.13 61.88 3.05
C VAL B 1252 -15.79 62.14 2.35
N GLY B 1253 -15.52 61.41 1.26
CA GLY B 1253 -14.26 61.54 0.50
C GLY B 1253 -12.98 61.10 1.21
N VAL B 1254 -13.15 60.48 2.39
CA VAL B 1254 -12.07 60.09 3.29
C VAL B 1254 -12.11 58.57 3.30
N PRO B 1255 -11.25 57.93 2.49
CA PRO B 1255 -11.33 56.49 2.33
C PRO B 1255 -10.98 55.74 3.63
N GLY B 1256 -11.52 54.53 3.79
CA GLY B 1256 -11.31 53.71 4.98
C GLY B 1256 -10.03 52.89 4.98
N THR B 1257 -9.49 52.66 3.78
CA THR B 1257 -8.27 51.89 3.62
C THR B 1257 -7.49 52.44 2.46
N PRO B 1258 -6.93 53.64 2.66
CA PRO B 1258 -5.96 54.05 1.66
C PRO B 1258 -4.82 53.06 1.79
N ARG B 1259 -4.23 52.67 0.67
CA ARG B 1259 -3.13 51.75 0.74
C ARG B 1259 -2.03 52.26 -0.16
N ASP B 1260 -1.53 53.41 0.28
CA ASP B 1260 -0.47 54.15 -0.41
C ASP B 1260 0.91 53.69 0.00
N GLY B 1261 1.88 54.08 -0.80
CA GLY B 1261 3.21 53.55 -0.67
C GLY B 1261 3.27 52.12 -1.14
N ALA B 1262 4.26 51.44 -0.57
CA ALA B 1262 4.64 50.13 -1.03
C ALA B 1262 3.60 49.10 -0.57
N ALA B 1263 2.65 48.82 -1.46
CA ALA B 1263 1.71 47.74 -1.24
C ALA B 1263 2.45 46.41 -1.39
N VAL B 1264 2.14 45.44 -0.53
CA VAL B 1264 2.87 44.16 -0.51
C VAL B 1264 2.66 43.33 -1.77
N GLU B 1265 1.38 43.10 -2.09
CA GLU B 1265 0.97 42.32 -3.28
C GLU B 1265 1.57 42.85 -4.55
N ILE B 1266 1.46 44.15 -4.74
CA ILE B 1266 1.98 44.86 -5.92
C ILE B 1266 3.45 44.54 -6.17
N ASN B 1267 4.24 44.61 -5.11
CA ASN B 1267 5.65 44.35 -5.23
C ASN B 1267 5.96 42.88 -5.39
N GLY B 1268 5.26 42.03 -4.68
CA GLY B 1268 5.34 40.62 -4.99
C GLY B 1268 4.96 40.33 -6.44
N LEU B 1269 4.03 41.07 -6.98
CA LEU B 1269 3.59 40.84 -8.36
C LEU B 1269 4.64 41.33 -9.38
N LEU B 1270 5.23 42.49 -9.06
CA LEU B 1270 6.32 43.05 -9.82
C LEU B 1270 7.48 42.06 -9.89
N LYS B 1271 7.79 41.42 -8.76
CA LYS B 1271 8.83 40.42 -8.70
C LYS B 1271 8.55 39.28 -9.67
N SER B 1272 7.44 38.59 -9.49
CA SER B 1272 6.99 37.57 -10.44
C SER B 1272 7.19 38.03 -11.86
N CYS B 1273 6.78 39.27 -12.15
CA CYS B 1273 6.76 39.77 -13.52
C CYS B 1273 8.16 39.89 -14.11
N LEU B 1274 9.08 40.50 -13.32
CA LEU B 1274 10.53 40.59 -13.64
C LEU B 1274 11.10 39.20 -13.84
N ARG B 1275 10.91 38.33 -12.88
CA ARG B 1275 11.37 36.98 -13.03
C ARG B 1275 10.98 36.34 -14.37
N PHE B 1276 9.74 36.53 -14.77
CA PHE B 1276 9.15 35.86 -15.94
C PHE B 1276 9.75 36.41 -17.23
N VAL B 1277 9.73 37.73 -17.38
CA VAL B 1277 10.34 38.40 -18.55
C VAL B 1277 11.83 38.10 -18.72
N LEU B 1278 12.52 37.90 -17.60
CA LEU B 1278 13.93 37.52 -17.63
C LEU B 1278 14.02 36.13 -18.23
N GLN B 1279 13.42 35.17 -17.55
CA GLN B 1279 13.30 33.84 -18.08
C GLN B 1279 12.84 33.81 -19.56
N LEU B 1280 12.01 34.78 -19.96
CA LEU B 1280 11.61 34.92 -21.37
C LEU B 1280 12.67 35.56 -22.26
N SER B 1281 13.38 36.59 -21.77
CA SER B 1281 14.52 37.20 -22.50
C SER B 1281 15.45 36.06 -22.90
N LYS B 1282 15.80 35.22 -21.92
CA LYS B 1282 16.56 33.99 -22.13
C LYS B 1282 16.13 33.05 -23.28
N ASP B 1283 14.90 33.10 -23.76
CA ASP B 1283 14.43 32.16 -24.82
C ASP B 1283 13.94 32.82 -26.13
N GLY B 1284 14.35 34.06 -26.37
CA GLY B 1284 13.96 34.80 -27.59
C GLY B 1284 12.60 35.51 -27.60
N LYS B 1285 11.77 35.27 -26.59
CA LYS B 1285 10.37 35.65 -26.63
C LYS B 1285 10.12 37.06 -26.13
N PHE B 1286 10.91 37.51 -25.16
CA PHE B 1286 10.97 38.91 -24.77
C PHE B 1286 12.27 39.45 -25.27
N LYS B 1287 12.30 40.75 -25.54
CA LYS B 1287 13.47 41.40 -26.19
C LYS B 1287 13.70 42.78 -25.57
N TYR B 1288 13.90 42.80 -24.27
CA TYR B 1288 14.08 44.05 -23.52
C TYR B 1288 14.90 43.76 -22.24
N THR B 1289 15.86 44.64 -21.95
CA THR B 1289 16.49 44.75 -20.59
C THR B 1289 16.51 46.18 -20.05
N GLU B 1290 15.63 46.95 -20.64
CA GLU B 1290 15.72 48.38 -20.76
C GLU B 1290 14.73 49.06 -19.80
N VAL B 1291 15.19 49.99 -18.99
CA VAL B 1291 14.27 50.85 -18.24
C VAL B 1291 14.93 52.17 -17.95
N THR B 1292 14.38 53.22 -18.51
CA THR B 1292 14.84 54.57 -18.23
C THR B 1292 14.16 55.07 -16.94
N LYS B 1293 14.95 55.76 -16.12
CA LYS B 1293 14.52 56.30 -14.83
C LYS B 1293 14.24 57.80 -14.96
N PRO B 1294 13.54 58.41 -13.96
CA PRO B 1294 13.04 59.79 -14.16
C PRO B 1294 14.12 60.85 -14.37
N ASP B 1295 15.39 60.54 -14.08
CA ASP B 1295 16.51 61.43 -14.49
C ASP B 1295 16.97 61.17 -15.92
N GLY B 1296 16.94 59.91 -16.36
CA GLY B 1296 17.47 59.53 -17.67
C GLY B 1296 18.33 58.28 -17.60
N SER B 1297 19.11 58.10 -16.53
CA SER B 1297 19.87 56.85 -16.23
C SER B 1297 19.10 55.52 -16.49
N LYS B 1298 19.81 54.42 -16.81
CA LYS B 1298 19.17 53.15 -17.29
C LYS B 1298 19.52 51.78 -16.63
N ILE B 1299 18.53 51.08 -16.04
CA ILE B 1299 18.77 49.79 -15.30
C ILE B 1299 18.40 48.51 -16.07
N SER B 1300 19.27 47.51 -15.94
CA SER B 1300 18.98 46.18 -16.42
C SER B 1300 17.78 45.68 -15.67
N LEU B 1301 16.78 45.19 -16.37
CA LEU B 1301 15.67 44.54 -15.68
C LEU B 1301 16.21 43.50 -14.68
N SER B 1302 17.28 42.82 -15.09
CA SER B 1302 17.92 41.80 -14.27
C SER B 1302 18.41 42.36 -12.94
N SER B 1303 18.97 43.59 -12.95
CA SER B 1303 19.33 44.27 -11.71
C SER B 1303 18.10 44.44 -10.81
N TRP B 1304 17.04 45.08 -11.35
CA TRP B 1304 15.74 45.31 -10.64
C TRP B 1304 15.31 44.06 -9.88
N ASN B 1305 15.42 42.92 -10.56
CA ASN B 1305 15.09 41.62 -9.97
C ASN B 1305 15.94 41.29 -8.77
N ASP B 1306 17.26 41.47 -8.94
CA ASP B 1306 18.22 41.25 -7.86
C ASP B 1306 18.04 42.29 -6.74
N LEU B 1307 17.63 43.51 -7.11
CA LEU B 1307 17.29 44.57 -6.16
C LEU B 1307 16.19 44.15 -5.19
N LEU B 1308 14.99 43.91 -5.69
CA LEU B 1308 13.91 43.46 -4.82
C LEU B 1308 14.30 42.24 -4.01
N GLN B 1309 14.80 41.23 -4.72
CA GLN B 1309 15.23 39.96 -4.13
C GLN B 1309 16.04 40.07 -2.80
N GLU B 1310 16.74 41.19 -2.57
CA GLU B 1310 17.44 41.44 -1.30
C GLU B 1310 16.69 42.45 -0.40
N ASN B 1311 16.19 43.52 -1.00
CA ASN B 1311 15.53 44.59 -0.25
C ASN B 1311 14.13 44.33 0.29
N PHE B 1312 13.34 43.51 -0.43
CA PHE B 1312 11.90 43.29 -0.12
C PHE B 1312 11.72 42.79 1.31
N GLU B 1313 12.13 41.54 1.57
CA GLU B 1313 11.94 40.92 2.89
C GLU B 1313 12.42 41.84 4.00
N ARG B 1314 13.61 42.44 3.81
CA ARG B 1314 14.13 43.51 4.64
C ARG B 1314 13.10 44.60 5.01
N CYS B 1315 12.62 45.33 4.01
CA CYS B 1315 11.56 46.35 4.21
C CYS B 1315 10.22 45.88 4.88
N PHE B 1316 9.75 44.68 4.53
CA PHE B 1316 8.43 44.19 4.94
C PHE B 1316 8.38 43.27 6.17
N TYR B 1317 9.43 42.49 6.42
CA TYR B 1317 9.41 41.56 7.57
C TYR B 1317 9.48 42.31 8.90
N VAL B 1318 8.88 41.72 9.92
CA VAL B 1318 8.94 42.20 11.31
C VAL B 1318 9.34 40.98 12.12
N PRO B 1319 10.58 40.95 12.65
CA PRO B 1319 11.05 39.71 13.27
C PRO B 1319 10.54 39.49 14.67
N LYS B 1320 10.65 38.25 15.09
CA LYS B 1320 10.02 37.76 16.30
C LYS B 1320 10.87 38.18 17.46
N ASN B 1321 12.17 37.98 17.28
CA ASN B 1321 13.20 38.37 18.23
C ASN B 1321 13.42 39.87 18.10
N LYS B 1322 13.18 40.60 19.19
CA LYS B 1322 13.42 42.03 19.27
C LYS B 1322 14.83 42.52 18.81
N GLU B 1323 15.86 41.66 18.92
CA GLU B 1323 17.26 42.02 18.60
C GLU B 1323 17.52 42.11 17.10
N ASP B 1324 16.89 41.26 16.32
CA ASP B 1324 17.07 41.27 14.85
C ASP B 1324 16.47 42.53 14.16
N ASP B 1325 15.62 43.29 14.86
CA ASP B 1325 15.07 44.60 14.39
C ASP B 1325 16.01 45.52 13.57
N ASN B 1326 17.29 45.57 13.97
CA ASN B 1326 18.32 46.34 13.25
C ASN B 1326 18.17 46.19 11.76
N LYS B 1327 18.19 44.93 11.31
CA LYS B 1327 18.30 44.63 9.90
C LYS B 1327 17.04 44.92 9.06
N PHE B 1328 15.90 45.22 9.71
CA PHE B 1328 14.59 45.16 9.05
C PHE B 1328 13.75 46.47 9.00
N GLU B 1329 14.34 47.60 9.40
CA GLU B 1329 13.72 48.90 9.18
C GLU B 1329 12.41 49.16 9.94
N ILE B 1330 12.45 49.42 11.25
CA ILE B 1330 11.22 49.70 12.04
C ILE B 1330 11.26 50.58 13.33
N ASP B 1331 10.05 50.82 13.87
CA ASP B 1331 9.76 51.53 15.12
C ASP B 1331 9.03 50.53 16.00
N ALA B 1332 9.47 50.38 17.24
CA ALA B 1332 8.87 49.45 18.19
C ALA B 1332 7.46 49.85 18.65
N THR B 1333 7.27 51.11 19.11
CA THR B 1333 5.95 51.56 19.65
C THR B 1333 4.85 51.65 18.59
N ILE B 1334 5.24 51.69 17.32
CA ILE B 1334 4.33 51.66 16.20
C ILE B 1334 4.46 50.27 15.60
N ILE B 1335 3.95 49.32 16.37
CA ILE B 1335 3.98 47.88 16.02
C ILE B 1335 2.72 47.28 16.62
N ASN B 1336 2.30 46.12 16.12
CA ASN B 1336 1.38 45.33 16.90
C ASN B 1336 2.05 44.02 17.19
N ARG B 1337 2.07 43.12 16.22
CA ARG B 1337 2.48 41.77 16.48
C ARG B 1337 3.74 41.62 15.70
N ARG B 1338 4.35 40.45 15.86
CA ARG B 1338 5.56 40.12 15.17
C ARG B 1338 5.55 38.72 14.61
N GLY B 1339 6.43 38.49 13.66
CA GLY B 1339 6.39 37.32 12.84
C GLY B 1339 5.52 37.59 11.64
N ILE B 1340 5.13 38.85 11.47
CA ILE B 1340 4.30 39.31 10.38
C ILE B 1340 5.19 39.66 9.19
N TYR B 1341 4.67 39.59 7.96
CA TYR B 1341 5.18 40.43 6.85
C TYR B 1341 4.18 41.56 6.73
N LYS B 1342 4.62 42.79 6.99
CA LYS B 1342 3.67 43.92 7.08
C LYS B 1342 2.84 44.12 5.78
N ASP B 1343 1.63 44.65 5.93
CA ASP B 1343 0.73 44.91 4.82
C ASP B 1343 1.11 46.10 3.92
N LEU B 1344 1.79 47.10 4.45
CA LEU B 1344 2.25 48.26 3.66
C LEU B 1344 3.66 48.66 4.11
N TYR B 1345 4.48 49.19 3.20
CA TYR B 1345 5.73 49.82 3.60
C TYR B 1345 5.67 51.31 3.25
N ARG B 1346 5.82 52.14 4.29
CA ARG B 1346 5.85 53.60 4.20
C ARG B 1346 4.60 54.23 3.56
N SER B 1347 3.45 53.85 4.12
CA SER B 1347 2.15 54.35 3.68
C SER B 1347 1.93 55.69 4.32
N GLY B 1348 0.72 56.22 4.16
CA GLY B 1348 0.40 57.53 4.67
C GLY B 1348 0.35 57.64 6.18
N LYS B 1349 -0.05 56.56 6.87
CA LYS B 1349 -0.13 56.61 8.33
C LYS B 1349 0.66 55.49 8.99
N PRO B 1350 1.58 55.86 9.90
CA PRO B 1350 2.62 54.97 10.46
C PRO B 1350 2.17 53.53 10.69
N TYR B 1351 1.20 53.31 11.58
CA TYR B 1351 0.85 51.96 12.03
C TYR B 1351 0.16 51.13 10.96
N GLU B 1352 -0.46 51.79 9.98
CA GLU B 1352 -1.17 51.03 8.93
C GLU B 1352 -0.23 50.13 8.12
N ASP B 1353 1.06 50.41 8.20
CA ASP B 1353 2.09 49.47 7.79
C ASP B 1353 2.02 48.22 8.63
N TYR B 1354 1.98 48.37 9.95
CA TYR B 1354 2.25 47.24 10.85
C TYR B 1354 1.03 46.37 11.24
N GLN B 1355 -0.05 46.47 10.47
CA GLN B 1355 -1.27 45.72 10.74
C GLN B 1355 -1.21 44.37 10.07
N PHE B 1356 -1.64 43.35 10.81
CA PHE B 1356 -1.66 41.99 10.27
C PHE B 1356 -2.81 41.88 9.31
N ARG B 1357 -2.52 41.53 8.05
CA ARG B 1357 -3.57 41.50 7.01
C ARG B 1357 -3.27 40.53 5.90
N PRO B 1358 -4.34 39.88 5.36
CA PRO B 1358 -4.19 38.71 4.49
C PRO B 1358 -3.59 38.90 3.06
N ASN B 1359 -2.93 40.05 2.82
CA ASN B 1359 -2.47 40.45 1.49
C ASN B 1359 -1.08 39.94 1.09
N PHE B 1360 -0.17 40.07 2.03
CA PHE B 1360 1.11 39.43 1.88
C PHE B 1360 1.05 38.01 1.33
N THR B 1361 -0.04 37.28 1.57
CA THR B 1361 -0.12 35.93 1.05
C THR B 1361 0.00 35.93 -0.43
N ILE B 1362 -0.42 37.03 -1.04
CA ILE B 1362 -0.42 37.13 -2.50
C ILE B 1362 1.01 37.06 -3.05
N ALA B 1363 1.87 37.89 -2.46
CA ALA B 1363 3.31 37.89 -2.71
C ALA B 1363 3.89 36.49 -2.48
N MET B 1364 3.52 35.86 -1.38
CA MET B 1364 4.07 34.54 -1.08
C MET B 1364 3.72 33.52 -2.12
N VAL B 1365 2.62 33.74 -2.84
CA VAL B 1365 2.22 32.78 -3.84
C VAL B 1365 2.89 33.09 -5.15
N VAL B 1366 2.77 34.33 -5.57
CA VAL B 1366 3.27 34.73 -6.88
C VAL B 1366 4.81 34.78 -7.05
N ALA B 1367 5.57 34.83 -5.93
CA ALA B 1367 7.00 35.12 -5.94
C ALA B 1367 7.65 34.80 -4.59
N PRO B 1368 7.68 33.54 -4.22
CA PRO B 1368 8.14 33.07 -2.92
C PRO B 1368 9.64 33.14 -2.71
N GLU B 1369 10.36 33.32 -3.79
CA GLU B 1369 11.78 33.60 -3.74
C GLU B 1369 12.12 34.77 -2.84
N LEU B 1370 11.21 35.73 -2.70
CA LEU B 1370 11.48 36.86 -1.82
C LEU B 1370 11.63 36.45 -0.36
N PHE B 1371 11.13 35.28 -0.01
CA PHE B 1371 10.80 34.94 1.35
C PHE B 1371 11.74 33.88 1.85
N THR B 1372 12.30 34.09 3.04
CA THR B 1372 13.08 33.04 3.67
C THR B 1372 12.07 32.06 4.24
N PRO B 1373 12.04 30.80 3.72
CA PRO B 1373 11.07 29.81 4.15
C PRO B 1373 10.67 29.91 5.62
N ASP B 1374 11.57 29.65 6.56
CA ASP B 1374 11.18 29.61 7.98
C ASP B 1374 10.42 30.84 8.46
N TYR B 1375 10.81 32.02 7.98
CA TYR B 1375 10.15 33.32 8.34
C TYR B 1375 8.71 33.42 7.87
N ALA B 1376 8.50 33.02 6.63
CA ALA B 1376 7.17 32.98 6.06
C ALA B 1376 6.29 31.94 6.76
N ALA B 1377 6.76 30.71 6.89
CA ALA B 1377 5.97 29.65 7.51
C ALA B 1377 5.51 30.04 8.91
N GLY B 1378 6.25 30.86 9.61
CA GLY B 1378 5.77 31.36 10.88
C GLY B 1378 4.64 32.37 10.73
N ALA B 1379 4.68 33.18 9.68
CA ALA B 1379 3.68 34.25 9.46
C ALA B 1379 2.37 33.63 9.00
N ILE B 1380 2.48 32.87 7.93
CA ILE B 1380 1.36 32.17 7.38
C ILE B 1380 0.69 31.26 8.39
N GLU B 1381 1.40 30.86 9.44
CA GLU B 1381 0.81 30.10 10.50
C GLU B 1381 0.03 30.99 11.46
N LEU B 1382 0.49 32.21 11.65
CA LEU B 1382 -0.27 33.16 12.49
C LEU B 1382 -1.54 33.53 11.80
N ALA B 1383 -1.47 33.74 10.49
CA ALA B 1383 -2.68 34.02 9.71
C ALA B 1383 -3.67 32.92 10.02
N ASP B 1384 -3.24 31.67 9.84
CA ASP B 1384 -4.07 30.51 10.09
C ASP B 1384 -4.71 30.52 11.45
N GLN B 1385 -4.11 31.15 12.45
CA GLN B 1385 -4.74 31.23 13.77
C GLN B 1385 -5.40 32.54 14.09
N VAL B 1386 -5.42 33.51 13.19
CA VAL B 1386 -5.82 34.88 13.57
C VAL B 1386 -6.67 35.58 12.52
N LEU B 1387 -6.12 35.60 11.31
CA LEU B 1387 -6.80 36.11 10.11
C LEU B 1387 -7.83 35.14 9.43
N ARG B 1388 -7.62 33.83 9.57
CA ARG B 1388 -8.46 32.86 8.91
C ARG B 1388 -9.82 32.67 9.55
N GLY B 1389 -10.85 33.20 8.89
CA GLY B 1389 -12.22 32.91 9.24
C GLY B 1389 -12.65 31.58 8.69
N PRO B 1390 -13.94 31.25 8.82
CA PRO B 1390 -14.33 29.91 8.50
C PRO B 1390 -14.53 29.74 6.97
N VAL B 1391 -15.00 30.75 6.27
CA VAL B 1391 -14.99 30.67 4.84
C VAL B 1391 -14.19 31.78 4.13
N GLY B 1392 -13.82 32.81 4.87
CA GLY B 1392 -13.03 33.88 4.32
C GLY B 1392 -11.97 34.36 5.30
N MET B 1393 -11.19 35.31 4.85
CA MET B 1393 -10.00 35.74 5.52
C MET B 1393 -10.34 37.08 6.12
N ARG B 1394 -10.17 37.21 7.43
CA ARG B 1394 -10.37 38.48 8.08
C ARG B 1394 -9.49 39.56 7.45
N THR B 1395 -10.10 40.65 7.04
CA THR B 1395 -9.39 41.73 6.34
C THR B 1395 -8.61 42.57 7.29
N LEU B 1396 -8.74 42.30 8.59
CA LEU B 1396 -7.93 42.95 9.58
C LEU B 1396 -7.90 42.22 10.91
N ASP B 1397 -6.74 42.24 11.54
CA ASP B 1397 -6.46 41.65 12.85
C ASP B 1397 -7.47 42.04 13.95
N PRO B 1398 -8.36 41.09 14.35
CA PRO B 1398 -9.37 41.28 15.42
C PRO B 1398 -8.96 42.08 16.63
N SER B 1399 -7.67 42.02 16.97
CA SER B 1399 -7.11 42.79 18.09
C SER B 1399 -7.13 44.29 17.89
N ASP B 1400 -7.20 44.75 16.65
CA ASP B 1400 -7.09 46.19 16.32
C ASP B 1400 -8.27 47.08 16.76
N TYR B 1401 -7.97 48.32 17.19
CA TYR B 1401 -8.98 49.31 17.70
C TYR B 1401 -10.10 49.50 16.70
N ASN B 1402 -9.73 49.55 15.42
CA ASN B 1402 -10.70 49.66 14.32
C ASN B 1402 -10.84 48.33 13.56
N TYR B 1403 -11.08 47.30 14.36
CA TYR B 1403 -11.65 46.04 13.88
C TYR B 1403 -13.13 46.20 14.14
N ARG B 1404 -13.89 46.48 13.09
CA ARG B 1404 -15.33 46.49 13.16
C ARG B 1404 -15.81 45.51 12.02
N PRO B 1405 -16.12 44.25 12.38
CA PRO B 1405 -16.25 43.18 11.40
C PRO B 1405 -17.64 42.93 10.81
N TYR B 1406 -18.47 43.94 10.75
CA TYR B 1406 -19.83 43.75 10.28
C TYR B 1406 -20.04 44.77 9.20
N TYR B 1407 -20.19 44.31 7.96
CA TYR B 1407 -20.39 45.22 6.82
C TYR B 1407 -21.86 45.53 6.74
N ASN B 1408 -22.21 46.77 7.06
CA ASN B 1408 -23.57 47.26 6.89
C ASN B 1408 -23.57 48.52 6.09
N ASN B 1409 -23.81 48.32 4.79
CA ASN B 1409 -23.75 49.35 3.78
C ASN B 1409 -24.94 50.31 3.81
N GLY B 1410 -25.99 49.96 4.55
CA GLY B 1410 -27.15 50.83 4.75
C GLY B 1410 -27.02 51.85 5.86
N GLU B 1411 -26.19 51.55 6.87
CA GLU B 1411 -26.08 52.35 8.11
C GLU B 1411 -25.96 53.82 7.82
N ASP B 1412 -26.90 54.62 8.34
CA ASP B 1412 -26.87 56.09 8.23
C ASP B 1412 -26.38 56.76 9.55
N SER B 1413 -25.57 56.04 10.34
CA SER B 1413 -25.14 56.47 11.68
C SER B 1413 -24.09 57.56 11.77
N ASP B 1414 -23.81 57.97 13.02
CA ASP B 1414 -22.69 58.83 13.39
C ASP B 1414 -21.46 58.07 13.90
N ASP B 1415 -21.27 56.83 13.42
CA ASP B 1415 -20.07 56.02 13.70
C ASP B 1415 -19.11 56.11 12.50
N PHE B 1416 -18.02 56.86 12.66
CA PHE B 1416 -17.01 57.06 11.61
C PHE B 1416 -16.54 55.75 10.98
N ALA B 1417 -16.50 54.69 11.79
CA ALA B 1417 -16.14 53.35 11.33
C ALA B 1417 -17.25 52.59 10.55
N THR B 1418 -18.43 52.41 11.18
CA THR B 1418 -19.50 51.52 10.63
C THR B 1418 -20.40 52.19 9.57
N SER B 1419 -20.46 53.52 9.53
CA SER B 1419 -21.45 54.21 8.71
C SER B 1419 -21.14 54.13 7.21
N LYS B 1420 -22.19 53.87 6.43
CA LYS B 1420 -22.14 53.60 4.98
C LYS B 1420 -20.98 52.71 4.59
N GLY B 1421 -20.87 51.61 5.31
CA GLY B 1421 -19.95 50.57 4.95
C GLY B 1421 -18.49 50.94 4.80
N ARG B 1422 -17.98 51.91 5.57
CA ARG B 1422 -16.53 52.15 5.67
C ARG B 1422 -15.81 50.86 6.07
N ASN B 1423 -16.50 50.03 6.85
CA ASN B 1423 -16.01 48.73 7.27
C ASN B 1423 -15.49 47.75 6.24
N TYR B 1424 -16.01 47.83 5.02
CA TYR B 1424 -15.84 46.80 3.96
C TYR B 1424 -14.51 46.00 4.04
N HIS B 1425 -13.42 46.69 4.33
CA HIS B 1425 -12.10 46.07 4.34
C HIS B 1425 -11.38 46.12 5.71
N GLN B 1426 -12.17 45.95 6.79
CA GLN B 1426 -11.67 46.11 8.18
C GLN B 1426 -12.14 45.02 9.14
N GLY B 1427 -12.32 43.78 8.64
CA GLY B 1427 -12.65 42.61 9.48
C GLY B 1427 -13.64 41.61 8.92
N PRO B 1428 -14.54 42.10 8.05
CA PRO B 1428 -15.19 41.30 7.06
C PRO B 1428 -14.28 40.31 6.36
N GLU B 1429 -14.81 39.14 6.14
CA GLU B 1429 -14.00 38.01 5.84
C GLU B 1429 -14.24 37.68 4.38
N TRP B 1430 -13.24 38.00 3.57
CA TRP B 1430 -13.33 37.84 2.13
C TRP B 1430 -12.88 36.47 1.70
N VAL B 1431 -13.30 36.00 0.53
CA VAL B 1431 -13.12 34.58 0.25
C VAL B 1431 -12.02 34.30 -0.77
N TRP B 1432 -11.80 35.23 -1.70
CA TRP B 1432 -10.62 35.11 -2.53
C TRP B 1432 -9.32 35.21 -1.70
N CYS B 1433 -9.34 36.01 -0.64
CA CYS B 1433 -8.26 36.00 0.29
C CYS B 1433 -7.92 34.60 0.85
N TYR B 1434 -8.92 33.77 1.15
CA TYR B 1434 -8.66 32.40 1.62
C TYR B 1434 -7.93 31.61 0.55
N GLY B 1435 -8.28 31.83 -0.70
CA GLY B 1435 -7.61 31.15 -1.78
C GLY B 1435 -6.12 31.42 -1.85
N TYR B 1436 -5.70 32.68 -1.68
CA TYR B 1436 -4.26 32.98 -1.60
C TYR B 1436 -3.74 32.34 -0.32
N PHE B 1437 -4.31 32.72 0.82
CA PHE B 1437 -3.88 32.11 2.08
C PHE B 1437 -3.63 30.60 2.03
N ILE B 1438 -4.55 29.85 1.47
CA ILE B 1438 -4.45 28.39 1.53
C ILE B 1438 -3.36 27.86 0.58
N ARG B 1439 -3.22 28.51 -0.58
CA ARG B 1439 -2.17 28.12 -1.57
C ARG B 1439 -0.86 28.27 -0.91
N ALA B 1440 -0.70 29.45 -0.31
CA ALA B 1440 0.50 29.82 0.36
C ALA B 1440 0.75 28.88 1.53
N TYR B 1441 -0.26 28.57 2.29
CA TYR B 1441 -0.09 27.76 3.50
C TYR B 1441 0.45 26.39 3.16
N HIS B 1442 0.01 25.90 2.02
CA HIS B 1442 0.42 24.60 1.54
C HIS B 1442 1.84 24.64 1.07
N TYR B 1443 2.17 25.66 0.27
CA TYR B 1443 3.51 25.75 -0.24
C TYR B 1443 4.54 25.75 0.89
N PHE B 1444 4.36 26.64 1.84
CA PHE B 1444 5.33 26.79 2.89
C PHE B 1444 5.25 25.74 3.97
N ASN B 1445 4.18 25.00 4.09
CA ASN B 1445 4.20 23.91 5.06
C ASN B 1445 4.89 22.73 4.39
N PHE B 1446 4.93 22.72 3.07
CA PHE B 1446 5.59 21.67 2.36
C PHE B 1446 7.14 21.83 2.28
N LEU B 1447 7.63 23.07 2.21
CA LEU B 1447 9.07 23.33 2.37
C LEU B 1447 9.45 23.18 3.83
N THR B 1448 8.98 24.08 4.67
CA THR B 1448 9.23 24.08 6.11
C THR B 1448 9.06 22.79 6.88
N ASN B 1449 7.90 22.16 6.84
CA ASN B 1449 7.66 21.10 7.84
C ASN B 1449 7.98 19.66 7.42
N PRO B 1450 8.67 18.90 8.29
CA PRO B 1450 9.04 17.57 7.83
C PRO B 1450 7.83 16.66 7.68
N LYS B 1451 6.94 16.65 8.67
CA LYS B 1451 5.80 15.69 8.67
C LYS B 1451 4.63 16.03 7.70
N CYS B 1452 4.72 17.22 7.08
CA CYS B 1452 4.00 17.59 5.89
C CYS B 1452 4.60 17.03 4.63
N GLN B 1453 5.64 16.20 4.69
CA GLN B 1453 6.22 15.67 3.47
C GLN B 1453 6.35 14.19 3.56
N VAL B 1454 6.50 13.56 2.40
CA VAL B 1454 6.71 12.13 2.33
C VAL B 1454 7.34 11.65 1.05
N GLU B 1455 8.04 10.51 1.14
CA GLU B 1455 8.76 9.98 0.01
C GLU B 1455 7.83 9.44 -1.06
N GLY B 1456 7.71 10.22 -2.13
CA GLY B 1456 6.98 9.79 -3.29
C GLY B 1456 7.64 8.73 -4.12
N SER B 1457 7.02 8.48 -5.26
CA SER B 1457 7.56 7.69 -6.36
C SER B 1457 8.84 8.39 -6.90
N ALA B 1458 9.96 7.65 -7.01
CA ALA B 1458 11.22 8.22 -7.56
C ALA B 1458 11.98 9.17 -6.62
N LYS B 1459 11.85 8.93 -5.31
CA LYS B 1459 12.47 9.75 -4.29
C LYS B 1459 12.27 11.22 -4.48
N LYS B 1460 11.21 11.62 -5.20
CA LYS B 1460 10.81 13.03 -5.22
C LYS B 1460 9.82 13.13 -4.08
N LEU B 1461 9.97 14.21 -3.36
CA LEU B 1461 9.14 14.47 -2.23
C LEU B 1461 7.77 14.95 -2.72
N LYS B 1462 6.75 14.47 -2.03
CA LYS B 1462 5.37 14.91 -2.21
C LYS B 1462 4.70 15.09 -0.85
N PRO B 1463 3.53 15.81 -0.78
CA PRO B 1463 3.00 16.14 0.55
C PRO B 1463 2.47 14.92 1.25
N SER B 1464 2.46 14.92 2.58
CA SER B 1464 2.02 13.71 3.30
C SER B 1464 0.53 13.79 3.48
N SER B 1465 -0.09 12.67 3.88
CA SER B 1465 -1.53 12.69 4.24
C SER B 1465 -1.77 13.73 5.35
N TYR B 1466 -0.91 13.79 6.34
CA TYR B 1466 -0.96 14.87 7.35
C TYR B 1466 -1.24 16.27 6.81
N LEU B 1467 -0.65 16.64 5.70
CA LEU B 1467 -0.77 18.02 5.22
C LEU B 1467 -2.04 18.16 4.48
N TYR B 1468 -2.34 17.19 3.60
CA TYR B 1468 -3.64 17.13 2.93
C TYR B 1468 -4.87 17.17 3.89
N ARG B 1469 -4.95 16.25 4.85
CA ARG B 1469 -5.82 16.43 6.02
C ARG B 1469 -5.96 17.89 6.52
N LYS B 1470 -4.88 18.62 6.74
CA LYS B 1470 -4.99 20.00 7.16
C LYS B 1470 -5.55 20.91 6.08
N LEU B 1471 -5.29 20.62 4.81
CA LEU B 1471 -5.85 21.39 3.70
C LEU B 1471 -7.31 21.12 3.54
N TYR B 1472 -7.68 19.85 3.57
CA TYR B 1472 -9.07 19.44 3.54
C TYR B 1472 -9.89 20.07 4.64
N SER B 1473 -9.52 19.90 5.88
CA SER B 1473 -10.16 20.61 6.97
C SER B 1473 -10.40 22.05 6.76
N ARG B 1474 -9.49 22.76 6.13
CA ARG B 1474 -9.69 24.20 5.93
C ARG B 1474 -10.50 24.51 4.65
N LEU B 1475 -11.10 23.48 4.05
CA LEU B 1475 -12.06 23.65 2.95
C LEU B 1475 -13.47 23.04 3.17
N LEU B 1476 -13.77 22.50 4.34
CA LEU B 1476 -15.11 22.04 4.67
C LEU B 1476 -16.16 23.13 4.66
N LYS B 1477 -15.91 24.25 5.28
CA LYS B 1477 -16.90 25.29 5.29
C LYS B 1477 -17.14 25.87 3.89
N HIS B 1478 -16.36 25.50 2.88
CA HIS B 1478 -16.57 25.97 1.48
C HIS B 1478 -17.39 24.94 0.73
N ARG B 1479 -17.12 23.68 1.00
CA ARG B 1479 -17.92 22.64 0.53
C ARG B 1479 -19.33 22.90 0.99
N GLU B 1480 -19.54 23.22 2.27
CA GLU B 1480 -20.90 23.37 2.79
C GLU B 1480 -21.47 24.62 2.23
N TRP B 1481 -20.73 25.69 2.20
CA TRP B 1481 -21.29 26.95 1.71
C TRP B 1481 -21.91 26.80 0.36
N ILE B 1482 -21.32 26.00 -0.49
CA ILE B 1482 -21.70 25.95 -1.89
C ILE B 1482 -22.86 24.94 -2.07
N GLU B 1483 -22.95 23.91 -1.23
CA GLU B 1483 -24.11 23.04 -1.17
C GLU B 1483 -25.27 23.85 -0.78
N ASN B 1484 -25.12 24.77 0.15
CA ASN B 1484 -26.27 25.44 0.70
C ASN B 1484 -26.42 26.83 0.23
N SER B 1485 -25.68 27.27 -0.78
CA SER B 1485 -26.10 28.51 -1.37
C SER B 1485 -27.24 28.22 -2.36
N PRO B 1486 -28.25 29.11 -2.40
CA PRO B 1486 -29.23 29.14 -3.44
C PRO B 1486 -28.62 29.41 -4.79
N TRP B 1487 -27.52 30.15 -4.83
CA TRP B 1487 -26.72 30.33 -6.08
C TRP B 1487 -25.71 29.13 -6.15
N ALA B 1488 -25.01 28.83 -7.24
CA ALA B 1488 -24.05 27.66 -7.03
C ALA B 1488 -23.02 28.12 -5.98
N GLY B 1489 -22.49 29.33 -6.12
CA GLY B 1489 -21.19 29.68 -5.57
C GLY B 1489 -20.91 30.08 -4.12
N LEU B 1490 -19.68 30.64 -3.95
CA LEU B 1490 -19.23 31.15 -2.66
C LEU B 1490 -19.39 32.61 -2.75
N ALA B 1491 -19.45 33.21 -1.57
CA ALA B 1491 -19.92 34.54 -1.42
C ALA B 1491 -18.82 35.41 -1.78
N GLU B 1492 -19.10 36.69 -1.78
CA GLU B 1492 -18.06 37.70 -1.91
C GLU B 1492 -17.23 37.72 -0.66
N LEU B 1493 -17.96 37.56 0.45
CA LEU B 1493 -17.69 38.27 1.66
C LEU B 1493 -18.62 37.81 2.77
N THR B 1494 -18.06 37.59 3.93
CA THR B 1494 -18.80 37.12 5.07
C THR B 1494 -18.61 38.10 6.24
N ASN B 1495 -19.44 38.03 7.25
CA ASN B 1495 -19.28 38.87 8.43
C ASN B 1495 -18.64 38.12 9.57
N LYS B 1496 -18.46 38.77 10.70
CA LYS B 1496 -17.71 38.15 11.78
C LYS B 1496 -18.00 36.67 11.96
N ASP B 1497 -16.96 35.87 11.86
CA ASP B 1497 -17.00 34.41 12.04
C ASP B 1497 -18.06 33.69 11.25
N GLY B 1498 -18.21 34.02 9.98
CA GLY B 1498 -19.04 33.18 9.08
C GLY B 1498 -20.46 33.62 8.85
N GLU B 1499 -20.94 34.51 9.70
CA GLU B 1499 -22.27 35.05 9.61
C GLU B 1499 -22.45 35.67 8.24
N VAL B 1500 -23.64 35.48 7.68
CA VAL B 1500 -23.93 35.89 6.32
C VAL B 1500 -24.11 37.39 6.26
N CYS B 1501 -23.47 37.99 5.29
CA CYS B 1501 -23.54 39.42 5.13
C CYS B 1501 -24.54 39.72 4.03
N ASN B 1502 -25.60 40.43 4.38
CA ASN B 1502 -26.73 40.57 3.46
C ASN B 1502 -26.41 41.40 2.24
N ASP B 1503 -25.40 42.27 2.34
CA ASP B 1503 -24.91 43.12 1.23
C ASP B 1503 -23.87 42.40 0.29
N SER B 1504 -23.16 41.42 0.82
CA SER B 1504 -22.22 40.60 0.03
C SER B 1504 -22.88 40.05 -1.21
N SER B 1505 -22.32 40.32 -2.38
CA SER B 1505 -22.73 39.59 -3.56
C SER B 1505 -22.68 38.11 -3.17
N PRO B 1506 -23.79 37.33 -3.33
CA PRO B 1506 -23.79 35.93 -2.84
C PRO B 1506 -23.07 34.93 -3.75
N THR B 1507 -22.68 35.34 -4.96
CA THR B 1507 -21.65 34.63 -5.73
C THR B 1507 -20.72 35.59 -6.34
N GLN B 1508 -19.46 35.43 -5.96
CA GLN B 1508 -18.41 36.25 -6.47
C GLN B 1508 -17.58 35.36 -7.36
N ALA B 1509 -16.90 35.99 -8.33
CA ALA B 1509 -16.07 35.31 -9.35
C ALA B 1509 -14.78 34.88 -8.73
N TRP B 1510 -14.08 35.85 -8.16
CA TRP B 1510 -12.82 35.55 -7.53
C TRP B 1510 -12.89 34.64 -6.28
N SER B 1511 -14.07 34.35 -5.75
CA SER B 1511 -14.11 33.61 -4.50
C SER B 1511 -13.82 32.17 -4.77
N THR B 1512 -14.26 31.72 -5.92
CA THR B 1512 -14.04 30.39 -6.34
C THR B 1512 -12.81 30.30 -7.26
N GLY B 1513 -12.53 31.33 -8.01
CA GLY B 1513 -11.32 31.29 -8.85
C GLY B 1513 -10.04 30.99 -8.05
N CYS B 1514 -9.92 31.68 -6.92
CA CYS B 1514 -8.80 31.48 -6.06
C CYS B 1514 -8.83 30.11 -5.38
N LEU B 1515 -9.95 29.45 -5.15
CA LEU B 1515 -9.87 28.08 -4.61
C LEU B 1515 -9.62 27.11 -5.72
N LEU B 1516 -9.96 27.47 -6.94
CA LEU B 1516 -9.65 26.56 -8.02
C LEU B 1516 -8.14 26.44 -8.22
N ASP B 1517 -7.44 27.60 -8.12
CA ASP B 1517 -5.96 27.73 -8.17
C ASP B 1517 -5.38 26.63 -7.30
N LEU B 1518 -5.76 26.60 -6.03
CA LEU B 1518 -5.21 25.59 -5.10
C LEU B 1518 -5.38 24.19 -5.67
N PHE B 1519 -6.57 23.85 -6.14
CA PHE B 1519 -6.72 22.49 -6.66
C PHE B 1519 -5.77 22.29 -7.81
N TYR B 1520 -5.59 23.32 -8.64
CA TYR B 1520 -4.74 23.19 -9.85
C TYR B 1520 -3.26 22.97 -9.52
N ASP B 1521 -2.76 23.74 -8.53
CA ASP B 1521 -1.45 23.55 -7.94
C ASP B 1521 -1.32 22.10 -7.56
N LEU B 1522 -2.00 21.61 -6.53
CA LEU B 1522 -1.92 20.18 -6.20
C LEU B 1522 -1.99 19.21 -7.43
N TRP B 1523 -2.72 19.56 -8.49
CA TRP B 1523 -2.90 18.66 -9.61
C TRP B 1523 -1.61 18.69 -10.43
N ILE B 1524 -1.24 19.87 -10.91
CA ILE B 1524 -0.07 20.06 -11.80
C ILE B 1524 1.24 19.70 -11.06
N SER B 1525 1.41 20.21 -9.85
CA SER B 1525 2.52 19.88 -9.00
C SER B 1525 2.74 18.42 -8.68
N TYR B 1526 1.73 17.59 -8.48
CA TYR B 1526 2.01 16.28 -7.90
C TYR B 1526 1.28 15.11 -8.53
N GLU B 1527 0.53 15.30 -9.61
CA GLU B 1527 -0.40 14.22 -10.05
C GLU B 1527 0.08 13.46 -11.31
N GLU B 1528 1.34 13.00 -11.26
CA GLU B 1528 2.05 12.37 -12.38
C GLU B 1528 3.25 11.56 -11.82
#